data_6TNZ
#
_entry.id   6TNZ
#
loop_
_entity.id
_entity.type
_entity.pdbx_description
1 polymer 'DNA polymerase delta catalytic subunit'
2 polymer 'DNA polymerase delta subunit 2'
3 polymer 'DNA polymerase delta subunit 3'
4 polymer 'DNA polymerase delta subunit 4'
5 polymer 'Proliferating cell nuclear antigen'
6 polymer 'Flap endonuclease 1'
7 polymer 'DNA primer'
8 polymer 'DNA template'
9 non-polymer 'ZINC ION'
10 non-polymer 'IRON/SULFUR CLUSTER'
11 non-polymer "THYMIDINE-5'-TRIPHOSPHATE"
#
loop_
_entity_poly.entity_id
_entity_poly.type
_entity_poly.pdbx_seq_one_letter_code
_entity_poly.pdbx_strand_id
1 'polypeptide(L)'
;MDGKRRPGPGPGVPPKRARGGLWDDDDAPRPSQFEEDLALMEEMEAEHRLQEQEEEELQSVLEGVADGQVPPSAIDPRWL
RPTPPALDPQTEPLIFQQLEIDHYVGPAQPVPGGPPPSRGSVPVLRAFGVTDEGFSVCCHIHGFAPYFYTPAPPGFGPEH
MGDLQRELNLAISRDSRGGRELTGPAVLAVELCSRESMFGYHGHGPSPFLRITVALPRLVAPARRLLEQGIRVAGLGTPS
FAPYEANVDFEIRFMVDTDIVGCNWLELPAGKYALRLKEKATQCQLEADVLWSDVVSHPPEGPWQRIAPLRVLSFDIECA
GRKGIFPEPERDPVIQICSLGLRWGEPEPFLRLALTLRPCAPILGAKVQSYEKEEDLLQAWSTFIRIMDPDVITGYNIQN
FDLPYLISRAQTLKVQTFPFLGRVAGLCSNIRDSSFQSKQTGRRDTKVVSMVGRVQMDMLQVLLREYKLRSYTLNAVSFH
FLGEQKEDVQHSIITDLQNGNDQTRRRLAVYCLKDAYLPLRLLERLMVLVNAVEMARVTGVPLSYLLSRGQQVKVVSQLL
RQAMHEGLLMPVVKSEGGEDYTGATVIEPLKGYYDVPIATLDFSSLYPSIMMAHNLCYTTLLRPGTAQKLGLTEDQFIRT
PTGDEFVKTSVRKGLLPQILENLLSARKRAKAELAKETDPLRRQVLDGRQLALKVSANSVYGFTGAQVGKLPCLEISQSV
TGFGRQMIEKTKQLVESKYTVENGYSTSAKVVYGDTDSVMCRFGVSSVAEAMALGREAADWVSGHFPSPIRLEFEKVYFP
YLLISKKRYAGLLFSSRPDAHDRMDCKGLEAVRRDNCPLVANLVTASLRRLLIDRDPEGAVAHAQDVISDLLCNRIDISQ
LVITKELTRAASDYAGKQAHVELAERMRKRDPGSAPSLGDRVPYVIISAAKGVAAYMKSEDPLFVLEHSLPIDTQYYLEQ
QLAKPLLRIFEPILGEGRAEAVLLRGDHTRCKTVLTGKVGGLLAFAKRRNCCIGCRTVLSHQGAVCEFCQPRESELYQKE
VSHLNALEERFSRLWTQCQRCQGSLHEDVICTSRDCPIFYMRKKVRKDLEDQEQLLRRFGPPGPEAW
;
A
2 'polypeptide(L)'
;MFSEQAAQRAHTLLSPPSANNATFARVPVATYTNSSQPFRLGERSFSRQYAHIYATRLIQMRPFLENRAQQHWGSGVGVK
KLCELQPEEKCCVVGTLFKAMPLQPSILREVSEEHNLLPQPPRSKYIHPDDELVLEDELQRIKLKGTIDVSKLVTGTVLA
VFGSVRDDGKFLVEDYCFADLAPQKPAPPLDTDRFVLLVSGLGLGGGGGESLLGTQLLVDVVTGQLGDEGEQCSAAHVSR
VILAGNLLSHSTQSRDSINKAKYLTKKTQAASVEAVKMLDEILLQLSASVPVDVMPGEFDPTNYTLPQQPLHPCMFPLAT
AYSTLQLVTNPYQATIDGVRFLGTSGQNVSDIFRYSSMEDHLEILEWTLRVRHISPTAPDTLGCYPFYKTDPFIFPECPH
VYFCGNTPSFGSKIIRGPEDQTVLLVTVPDFSATQTACLVNLRSLACQPISFSGFGAEDDDLGGLGLGP
;
B
3 'polypeptide(L)'
;MWSHPQFEKADQLYLENIDEFVTDQNKIVTYKWLSYTLGVHVNQAKQMLYDYVERKRKENSGAQLHVTYLVSGSLIQNGH
SCHKVAVVREDKLEAVKSKLAVTASIHVYSIQKAMLKDSGPLFNTDYDILKSNLQNCSKFSAIQCAAAVPRAPAESSSSS
KKFEQSHLHMSSETQANNELTTNGHGPPASKQVSQQPKGIMGMFASKAAAKTQETNKETKTEAKEVTNASAAGNKAPGKG
NMMSNFFGKAAMNKFKVNLDSEQAVKEEKIVEQPTVSVTEPKLATPAGLKKSSKKAEPVKVLQKEKKRGKRVALSDDETK
ETENMRKKRRRIKLPESDSSEDEVFPDSPGAYEAESPSPPPPPSPPLEPVPKTEPEPPSVKSSSGENKRKRKRVLKSKTY
LDGEGCIVTEKVYESESCTDSEEELNMKTSSVHRPPAMTVKKEPREERKGPKKGTAALGKANRQVSITGFFQRK
;
C
4 'polypeptide(L)'
;MHHHHHHSRAWRHPQFGGHHHHHHENLYFQSGRKRLITDSYPVVKRREGPAGHSKGELAPELGEEPQPRDEEEAELELLR
QFDLAWQYGPCTGITRLQRWCRAKQMGLEPPPEVWQVLKTHPGDPRFQCSLWHLYPL
;
D
5 'polypeptide(L)'
;GPHMFEARLVQGSILKKVLEALKDLINEACWDISSSGVNLQSMDSSHVSLVQLTLRSEGFDTYRCDRNLAMGVNLTSMSK
ILKCAGNEDIITLRAEDNADTLALVFEAPNQEKVSDYEMKLMDLDVEQLGIPEQEYSCVVKMPSGEFARICRDLSHIGDA
VVISCAKDGVKFSASGELGNGNIKLSQTSNVDKEEEAVTIEMNEPVQLTFALRYLNFFTKATPLSSTVTLSMSADVPLVV
EYKIADMGHLKYYLAPKIEDEEGS
;
E,F,G
6 'polypeptide(L)'
;MGIQGLAKLIADVAPSAIRENDIKSYFGRKVAIDASMSIYQFLIAVRQGGDVLQNEEGETTSHLMGMFYRTIRMMENGIK
PVYVFDGKPPQLKSGELAKRSERRAEAEKQLQQAQAAGAEQEVEKFTKRLVKVTKQHNDECKHLLSLMGIPYLDAPSEAE
ASCAALVKAGKVYAAATEDMACLTFGSPVLMRHLTASEAKKLPIQEFHLSRILQELGLNQEQFVDLCILLGSDYCESIRG
IGPKRAVDLIQKHKSIEEIVRRLDPNKYPVPENWLHKEAHQLFLEPEVLDPESVELKWSEPNEEELIKFMCGEKQFSEER
IRSGVKRLSKSRQGSTQGRLDDFFKVTGSLSSAKRKEPEPKGSTKKKAKTGAAGKFKRGK
;
H
7 'polydeoxyribonucleotide'
;(DA)(DG)(DC)(DT)(DA)(DT)(DG)(DA)(DC)(DC)(DA)(DT)(DG)(DA)(DT)(DT)(DA)(DC)(DG)(DA)
(DA)(DT)(DT)(DG)(DOC)
;
P
8 'polydeoxyribonucleotide'
;(DC)(DT)(DG)(DC)(DA)(DC)(DG)(DA)(DA)(DT)(DT)(DA)(DA)(DG)(DC)(DA)(DA)(DT)(DT)(DC)
(DG)(DT)(DA)(DA)(DT)(DC)(DA)(DT)(DG)(DG)(DT)(DC)(DA)(DT)(DA)(DG)(DC)(DT)
;
T
#
loop_
_chem_comp.id
_chem_comp.type
_chem_comp.name
_chem_comp.formula
DA DNA linking 2'-DEOXYADENOSINE-5'-MONOPHOSPHATE 'C10 H14 N5 O6 P'
DC DNA linking 2'-DEOXYCYTIDINE-5'-MONOPHOSPHATE 'C9 H14 N3 O7 P'
DG DNA linking 2'-DEOXYGUANOSINE-5'-MONOPHOSPHATE 'C10 H14 N5 O7 P'
DOC DNA linking 2',3'-DIDEOXYCYTIDINE-5'-MONOPHOSPHATE 'C9 H14 N3 O6 P'
DT DNA linking THYMIDINE-5'-MONOPHOSPHATE 'C10 H15 N2 O8 P'
SF4 non-polymer 'IRON/SULFUR CLUSTER' 'Fe4 S4'
TTP non-polymer THYMIDINE-5'-TRIPHOSPHATE 'C10 H17 N2 O14 P3'
ZN non-polymer 'ZINC ION' 'Zn 2'
#
# COMPACT_ATOMS: atom_id res chain seq x y z
N ARG A 78 21.67 -43.97 -9.94
CA ARG A 78 21.46 -44.54 -11.26
C ARG A 78 22.77 -44.64 -12.03
N TRP A 79 23.10 -43.64 -12.86
CA TRP A 79 24.38 -43.73 -13.53
C TRP A 79 25.52 -43.45 -12.57
N LEU A 80 26.59 -44.22 -12.71
CA LEU A 80 27.71 -44.24 -11.82
C LEU A 80 28.84 -43.42 -12.40
N ARG A 81 29.80 -43.07 -11.55
CA ARG A 81 31.00 -42.41 -12.03
C ARG A 81 31.88 -43.42 -12.76
N PRO A 82 32.74 -42.97 -13.68
CA PRO A 82 33.71 -43.88 -14.30
C PRO A 82 34.71 -44.40 -13.27
N THR A 83 35.32 -45.55 -13.59
CA THR A 83 36.16 -46.46 -12.83
C THR A 83 37.61 -45.98 -12.83
N PRO A 84 38.23 -45.83 -11.65
CA PRO A 84 39.63 -45.38 -11.59
C PRO A 84 40.58 -46.52 -11.88
N PRO A 85 41.22 -46.52 -13.06
CA PRO A 85 41.92 -47.72 -13.53
C PRO A 85 43.23 -48.11 -12.84
N ALA A 86 44.27 -47.28 -12.94
CA ALA A 86 45.64 -47.80 -12.86
C ALA A 86 46.58 -46.86 -12.12
N LEU A 87 46.08 -46.15 -11.11
CA LEU A 87 46.92 -45.18 -10.40
C LEU A 87 47.91 -45.90 -9.49
N ASP A 88 49.22 -45.68 -9.74
CA ASP A 88 50.29 -46.25 -8.92
C ASP A 88 51.03 -45.12 -8.22
N PRO A 89 51.08 -45.10 -6.89
CA PRO A 89 51.51 -43.86 -6.20
C PRO A 89 53.00 -43.60 -6.24
N GLN A 90 53.83 -44.62 -6.42
CA GLN A 90 55.28 -44.44 -6.42
C GLN A 90 55.82 -43.87 -7.73
N THR A 91 54.99 -43.74 -8.77
CA THR A 91 55.42 -43.20 -10.04
C THR A 91 54.53 -42.04 -10.49
N GLU A 92 53.22 -42.10 -10.21
CA GLU A 92 52.25 -41.16 -10.72
C GLU A 92 51.87 -40.14 -9.66
N PRO A 93 51.57 -38.91 -10.06
CA PRO A 93 51.03 -37.92 -9.12
C PRO A 93 49.51 -37.94 -9.11
N LEU A 94 48.94 -37.10 -8.22
CA LEU A 94 47.52 -36.78 -8.24
C LEU A 94 47.33 -35.31 -8.53
N ILE A 95 46.42 -34.99 -9.46
CA ILE A 95 46.05 -33.61 -9.76
C ILE A 95 44.53 -33.54 -9.68
N PHE A 96 44.00 -32.84 -8.68
CA PHE A 96 42.56 -32.73 -8.54
C PHE A 96 42.18 -31.36 -8.02
N GLN A 97 40.90 -31.02 -8.16
CA GLN A 97 40.39 -29.71 -7.79
C GLN A 97 39.44 -29.87 -6.62
N GLN A 98 39.70 -29.12 -5.55
CA GLN A 98 38.98 -29.29 -4.29
C GLN A 98 37.71 -28.45 -4.26
N LEU A 99 36.72 -28.97 -3.55
CA LEU A 99 35.49 -28.24 -3.27
C LEU A 99 35.31 -27.91 -1.80
N GLU A 100 35.34 -28.91 -0.92
CA GLU A 100 35.11 -28.67 0.49
C GLU A 100 36.32 -29.10 1.30
N ILE A 101 36.51 -28.41 2.42
CA ILE A 101 37.49 -28.77 3.43
C ILE A 101 36.74 -29.13 4.70
N ASP A 102 37.46 -29.75 5.64
CA ASP A 102 36.83 -30.19 6.86
C ASP A 102 37.88 -30.40 7.94
N HIS A 103 37.45 -30.20 9.17
CA HIS A 103 38.22 -30.45 10.38
C HIS A 103 37.78 -31.77 11.00
N TYR A 104 38.73 -32.48 11.61
CA TYR A 104 38.45 -33.82 12.11
C TYR A 104 39.45 -34.17 13.21
N VAL A 105 38.95 -34.56 14.37
CA VAL A 105 39.79 -34.97 15.51
C VAL A 105 39.91 -36.48 15.50
N GLY A 106 41.13 -36.98 15.40
CA GLY A 106 41.33 -38.33 14.93
C GLY A 106 42.29 -39.21 15.70
N PRO A 107 41.93 -40.50 15.79
CA PRO A 107 42.91 -41.54 16.14
C PRO A 107 43.70 -42.00 14.92
N ALA A 108 44.39 -43.15 15.07
CA ALA A 108 45.17 -43.81 14.01
C ALA A 108 46.32 -42.94 13.54
N GLN A 109 46.97 -42.31 14.50
CA GLN A 109 48.08 -41.40 14.27
C GLN A 109 49.29 -42.17 13.72
N PRO A 110 50.15 -41.51 12.95
CA PRO A 110 51.35 -42.19 12.46
C PRO A 110 52.37 -42.42 13.58
N VAL A 111 52.91 -43.62 13.60
CA VAL A 111 53.88 -44.00 14.63
C VAL A 111 55.26 -44.19 14.02
N SER A 121 49.83 -34.80 14.77
CA SER A 121 48.81 -34.25 15.66
C SER A 121 47.48 -35.00 15.57
N VAL A 122 46.64 -34.75 16.56
CA VAL A 122 45.28 -35.29 16.63
C VAL A 122 44.30 -34.59 15.67
N PRO A 123 44.36 -33.27 15.41
CA PRO A 123 43.48 -32.73 14.36
C PRO A 123 44.01 -33.00 12.95
N VAL A 124 43.26 -33.77 12.18
CA VAL A 124 43.61 -34.04 10.79
C VAL A 124 42.55 -33.43 9.87
N LEU A 125 43.00 -33.03 8.69
CA LEU A 125 42.20 -32.26 7.76
C LEU A 125 41.68 -33.13 6.61
N ARG A 126 40.47 -32.85 6.17
CA ARG A 126 39.86 -33.54 5.04
C ARG A 126 39.76 -32.58 3.86
N ALA A 127 39.96 -33.08 2.66
CA ALA A 127 39.78 -32.27 1.45
C ALA A 127 39.12 -33.10 0.37
N PHE A 128 37.97 -32.66 -0.11
CA PHE A 128 37.18 -33.40 -1.08
C PHE A 128 37.31 -32.73 -2.43
N GLY A 129 37.33 -33.52 -3.50
CA GLY A 129 37.54 -32.91 -4.81
C GLY A 129 37.29 -33.87 -5.94
N VAL A 130 37.51 -33.37 -7.15
CA VAL A 130 37.31 -34.14 -8.38
C VAL A 130 38.52 -34.01 -9.29
N THR A 131 38.81 -35.09 -10.01
CA THR A 131 39.91 -35.15 -10.96
C THR A 131 39.56 -34.40 -12.24
N ASP A 132 40.52 -34.32 -13.17
CA ASP A 132 40.27 -33.72 -14.47
C ASP A 132 39.47 -34.63 -15.40
N GLU A 133 39.05 -35.80 -14.93
CA GLU A 133 38.20 -36.71 -15.68
C GLU A 133 36.82 -36.89 -15.06
N GLY A 134 36.70 -36.95 -13.73
CA GLY A 134 35.43 -37.23 -13.12
C GLY A 134 35.39 -38.29 -12.03
N PHE A 135 36.53 -38.66 -11.48
CA PHE A 135 36.56 -39.48 -10.27
C PHE A 135 36.48 -38.59 -9.04
N SER A 136 35.99 -39.16 -7.93
CA SER A 136 35.87 -38.42 -6.68
C SER A 136 37.02 -38.79 -5.74
N VAL A 137 37.66 -37.78 -5.17
CA VAL A 137 38.89 -37.94 -4.41
C VAL A 137 38.71 -37.35 -3.02
N CYS A 138 38.91 -38.15 -1.99
CA CYS A 138 39.08 -37.65 -0.64
C CYS A 138 40.56 -37.64 -0.29
N CYS A 139 41.01 -36.63 0.46
CA CYS A 139 42.40 -36.49 0.82
C CYS A 139 42.50 -36.22 2.31
N HIS A 140 43.28 -37.03 3.02
CA HIS A 140 43.51 -36.87 4.45
C HIS A 140 44.87 -36.22 4.66
N ILE A 141 44.90 -35.11 5.38
CA ILE A 141 46.11 -34.31 5.58
C ILE A 141 46.46 -34.32 7.07
N HIS A 142 47.74 -34.54 7.39
CA HIS A 142 48.18 -34.79 8.75
C HIS A 142 49.28 -33.83 9.19
N GLY A 143 49.31 -33.55 10.49
CA GLY A 143 50.44 -32.91 11.12
C GLY A 143 50.37 -31.41 11.32
N PHE A 144 49.17 -30.86 11.48
CA PHE A 144 48.99 -29.41 11.57
C PHE A 144 48.26 -29.08 12.86
N ALA A 145 48.70 -28.00 13.52
CA ALA A 145 48.17 -27.62 14.82
C ALA A 145 48.06 -26.10 14.93
N PRO A 146 47.00 -25.60 15.56
CA PRO A 146 46.81 -24.14 15.64
C PRO A 146 47.80 -23.49 16.58
N TYR A 147 47.94 -22.17 16.42
CA TYR A 147 48.88 -21.41 17.22
C TYR A 147 48.41 -19.96 17.27
N PHE A 148 49.07 -19.16 18.09
CA PHE A 148 49.00 -17.69 17.97
C PHE A 148 50.28 -17.08 18.52
N TYR A 149 50.28 -15.77 18.70
CA TYR A 149 51.47 -15.04 19.11
C TYR A 149 51.12 -14.15 20.30
N THR A 150 52.15 -13.72 21.02
CA THR A 150 52.03 -12.88 22.21
C THR A 150 53.40 -12.24 22.46
N PRO A 151 53.50 -10.95 22.81
CA PRO A 151 54.83 -10.38 23.06
C PRO A 151 55.49 -10.97 24.31
N ALA A 152 56.81 -11.10 24.22
CA ALA A 152 57.62 -11.54 25.35
C ALA A 152 57.87 -10.36 26.28
N PRO A 153 57.41 -10.42 27.55
CA PRO A 153 57.50 -9.25 28.42
C PRO A 153 58.93 -8.97 28.82
N PRO A 154 59.29 -7.70 29.03
CA PRO A 154 60.68 -7.36 29.36
C PRO A 154 61.04 -7.69 30.81
N GLY A 155 61.31 -8.96 31.07
CA GLY A 155 61.82 -9.41 32.35
C GLY A 155 62.93 -10.41 32.13
N PHE A 156 63.34 -11.10 33.19
CA PHE A 156 64.37 -12.14 33.07
C PHE A 156 63.78 -13.46 32.63
N GLY A 157 62.47 -13.57 32.54
CA GLY A 157 61.82 -14.80 32.14
C GLY A 157 61.96 -15.19 30.68
N PRO A 158 61.27 -14.47 29.76
CA PRO A 158 61.05 -15.03 28.42
C PRO A 158 62.21 -14.80 27.46
N GLU A 159 63.36 -14.41 27.99
CA GLU A 159 64.61 -14.46 27.27
C GLU A 159 65.54 -15.53 27.82
N HIS A 160 65.06 -16.33 28.77
CA HIS A 160 65.82 -17.39 29.42
C HIS A 160 65.11 -18.71 29.19
N MET A 161 65.86 -19.73 28.74
CA MET A 161 65.26 -20.97 28.27
C MET A 161 64.61 -21.75 29.40
N GLY A 162 65.12 -21.59 30.62
CA GLY A 162 64.51 -22.21 31.77
C GLY A 162 63.09 -21.73 31.99
N ASP A 163 62.86 -20.43 31.81
CA ASP A 163 61.51 -19.89 31.95
C ASP A 163 60.66 -20.13 30.70
N LEU A 164 61.26 -20.33 29.54
CA LEU A 164 60.49 -20.76 28.36
C LEU A 164 59.88 -22.13 28.59
N GLN A 165 60.72 -23.10 28.96
CA GLN A 165 60.19 -24.43 29.25
C GLN A 165 59.39 -24.47 30.53
N ARG A 166 59.56 -23.48 31.42
CA ARG A 166 58.69 -23.38 32.58
C ARG A 166 57.33 -22.78 32.23
N GLU A 167 57.26 -21.95 31.18
CA GLU A 167 55.97 -21.58 30.62
C GLU A 167 55.29 -22.81 30.02
N LEU A 168 56.06 -23.68 29.37
CA LEU A 168 55.50 -24.96 28.95
C LEU A 168 55.10 -25.82 30.15
N ASN A 169 55.94 -25.83 31.20
CA ASN A 169 55.69 -26.64 32.39
C ASN A 169 54.50 -26.11 33.18
N LEU A 170 53.78 -27.04 33.82
CA LEU A 170 52.61 -26.73 34.63
C LEU A 170 53.00 -26.47 36.09
N ALA A 171 52.22 -25.61 36.73
CA ALA A 171 52.38 -25.31 38.15
C ALA A 171 51.67 -26.37 38.98
N ILE A 172 52.42 -27.06 39.84
CA ILE A 172 51.90 -28.23 40.55
C ILE A 172 51.18 -27.87 41.85
N SER A 173 50.96 -26.59 42.11
CA SER A 173 50.32 -26.17 43.36
C SER A 173 48.83 -26.51 43.34
N ARG A 174 48.22 -26.46 44.53
CA ARG A 174 46.79 -26.76 44.65
C ARG A 174 45.92 -25.61 44.19
N ASP A 175 46.37 -24.37 44.35
CA ASP A 175 45.61 -23.20 43.94
C ASP A 175 45.77 -22.86 42.46
N SER A 176 46.49 -23.68 41.69
CA SER A 176 46.63 -23.49 40.26
C SER A 176 45.70 -24.41 39.46
N ARG A 177 44.68 -24.95 40.14
CA ARG A 177 43.67 -25.77 39.49
C ARG A 177 42.81 -24.94 38.54
N GLY A 178 42.70 -23.63 38.79
CA GLY A 178 42.07 -22.75 37.82
C GLY A 178 43.00 -22.28 36.73
N GLY A 179 44.27 -22.71 36.76
CA GLY A 179 45.24 -22.21 35.80
C GLY A 179 46.09 -23.23 35.09
N ARG A 180 46.09 -24.48 35.57
CA ARG A 180 46.74 -25.56 34.84
C ARG A 180 45.86 -26.79 34.70
N GLU A 181 44.54 -26.65 34.68
CA GLU A 181 43.71 -27.80 34.38
C GLU A 181 43.07 -27.70 33.00
N LEU A 182 42.33 -26.61 32.76
CA LEU A 182 41.59 -26.48 31.50
C LEU A 182 42.54 -26.24 30.33
N THR A 183 43.71 -25.66 30.61
CA THR A 183 44.83 -25.75 29.69
C THR A 183 45.58 -27.06 29.87
N GLY A 184 46.12 -27.27 31.08
CA GLY A 184 46.70 -28.54 31.46
C GLY A 184 47.96 -28.90 30.70
N PRO A 185 48.21 -30.21 30.55
CA PRO A 185 49.37 -30.67 29.77
C PRO A 185 49.10 -30.71 28.27
N ALA A 186 49.33 -29.58 27.63
CA ALA A 186 49.18 -29.41 26.18
C ALA A 186 50.53 -28.89 25.67
N VAL A 187 50.87 -29.27 24.45
CA VAL A 187 52.14 -28.86 23.87
C VAL A 187 52.03 -27.46 23.26
N LEU A 188 51.84 -26.48 24.12
CA LEU A 188 51.76 -25.08 23.68
C LEU A 188 53.10 -24.66 23.09
N ALA A 189 54.16 -25.08 23.78
CA ALA A 189 55.58 -24.88 23.45
C ALA A 189 56.09 -23.46 23.62
N VAL A 190 57.37 -23.27 23.33
CA VAL A 190 57.98 -21.95 23.40
C VAL A 190 58.78 -21.68 22.14
N GLU A 191 58.55 -20.52 21.54
CA GLU A 191 59.29 -20.16 20.34
C GLU A 191 59.64 -18.69 20.39
N LEU A 192 60.79 -18.33 19.83
CA LEU A 192 61.19 -16.93 19.81
C LEU A 192 61.22 -16.49 18.35
N CYS A 193 60.60 -15.36 18.05
CA CYS A 193 60.63 -14.84 16.69
C CYS A 193 60.63 -13.33 16.77
N SER A 194 61.06 -12.68 15.69
CA SER A 194 61.21 -11.23 15.66
C SER A 194 60.21 -10.66 14.67
N ARG A 195 59.18 -9.97 15.18
CA ARG A 195 58.06 -9.50 14.36
C ARG A 195 57.65 -8.10 14.82
N GLU A 196 56.52 -7.63 14.30
CA GLU A 196 56.04 -6.29 14.55
C GLU A 196 54.52 -6.28 14.63
N SER A 197 53.98 -5.22 15.24
CA SER A 197 52.54 -5.02 15.29
C SER A 197 52.08 -4.12 14.14
N MET A 198 50.82 -4.31 13.74
CA MET A 198 50.29 -3.66 12.54
C MET A 198 50.03 -2.17 12.78
N PHE A 199 49.33 -1.87 13.87
CA PHE A 199 48.61 -0.61 14.04
C PHE A 199 49.57 0.54 14.29
N GLY A 200 49.58 1.52 13.41
CA GLY A 200 50.41 2.69 13.57
C GLY A 200 51.71 2.58 12.81
N TYR A 201 52.53 3.63 12.94
CA TYR A 201 53.88 3.62 12.40
C TYR A 201 54.84 4.06 13.50
N HIS A 202 55.60 3.12 14.03
CA HIS A 202 56.62 3.41 15.02
C HIS A 202 58.03 3.41 14.43
N GLY A 203 58.33 2.44 13.58
CA GLY A 203 59.62 2.44 12.90
C GLY A 203 59.75 1.22 12.01
N HIS A 204 60.94 1.09 11.41
CA HIS A 204 61.32 -0.06 10.61
C HIS A 204 61.90 -1.20 11.45
N GLY A 205 61.94 -1.07 12.77
CA GLY A 205 62.59 -2.02 13.62
C GLY A 205 61.63 -2.98 14.31
N PRO A 206 61.93 -4.28 14.23
CA PRO A 206 61.08 -5.29 14.88
C PRO A 206 61.39 -5.50 16.35
N SER A 207 60.74 -6.50 16.96
CA SER A 207 60.83 -6.75 18.40
C SER A 207 60.53 -8.22 18.64
N PRO A 208 61.03 -8.79 19.74
CA PRO A 208 60.77 -10.22 19.99
C PRO A 208 59.34 -10.49 20.43
N PHE A 209 58.74 -11.51 19.81
CA PHE A 209 57.44 -12.06 20.13
C PHE A 209 57.60 -13.55 20.38
N LEU A 210 56.69 -14.09 21.19
CA LEU A 210 56.60 -15.51 21.50
C LEU A 210 55.53 -16.14 20.62
N ARG A 211 55.86 -17.25 19.99
CA ARG A 211 54.91 -18.04 19.22
C ARG A 211 54.47 -19.24 20.06
N ILE A 212 53.17 -19.32 20.33
CA ILE A 212 52.61 -20.33 21.22
C ILE A 212 51.75 -21.24 20.37
N THR A 213 52.21 -22.47 20.17
CA THR A 213 51.36 -23.49 19.57
C THR A 213 50.40 -24.02 20.60
N VAL A 214 49.36 -24.73 20.14
CA VAL A 214 48.38 -25.41 20.97
C VAL A 214 48.14 -26.73 20.27
N ALA A 215 47.77 -27.76 21.03
CA ALA A 215 47.40 -29.02 20.40
C ALA A 215 46.09 -28.89 19.63
N LEU A 216 45.01 -28.58 20.33
CA LEU A 216 43.71 -28.64 19.68
C LEU A 216 43.18 -27.25 19.38
N PRO A 217 42.43 -27.10 18.29
CA PRO A 217 41.74 -25.83 18.04
C PRO A 217 40.70 -25.47 19.07
N ARG A 218 40.08 -26.44 19.74
CA ARG A 218 39.15 -26.13 20.83
C ARG A 218 39.87 -26.12 22.19
N LEU A 219 41.02 -25.44 22.21
CA LEU A 219 41.74 -25.13 23.44
C LEU A 219 42.37 -23.75 23.38
N VAL A 220 42.18 -23.00 22.29
CA VAL A 220 42.65 -21.61 22.24
C VAL A 220 41.69 -20.70 22.98
N ALA A 221 40.44 -21.13 23.19
CA ALA A 221 39.49 -20.34 23.95
C ALA A 221 39.69 -20.42 25.46
N PRO A 222 39.91 -21.60 26.10
CA PRO A 222 40.20 -21.54 27.54
C PRO A 222 41.58 -20.97 27.85
N ALA A 223 42.57 -21.15 26.97
CA ALA A 223 43.87 -20.56 27.17
C ALA A 223 43.79 -19.05 27.16
N ARG A 224 42.96 -18.50 26.27
CA ARG A 224 42.69 -17.07 26.27
C ARG A 224 41.93 -16.66 27.53
N ARG A 225 41.16 -17.58 28.11
CA ARG A 225 40.52 -17.28 29.37
C ARG A 225 41.40 -17.59 30.57
N LEU A 226 42.64 -18.05 30.33
CA LEU A 226 43.53 -18.39 31.42
C LEU A 226 44.90 -17.73 31.33
N LEU A 227 45.19 -17.00 30.25
CA LEU A 227 46.44 -16.27 30.15
C LEU A 227 46.26 -14.77 30.35
N GLU A 228 45.06 -14.26 30.16
CA GLU A 228 44.78 -12.83 30.32
C GLU A 228 44.12 -12.51 31.66
N GLN A 229 42.99 -13.14 31.97
CA GLN A 229 42.37 -13.03 33.28
C GLN A 229 42.65 -14.21 34.19
N GLY A 230 43.31 -15.25 33.68
CA GLY A 230 43.80 -16.32 34.53
C GLY A 230 45.13 -15.95 35.15
N ILE A 231 45.75 -16.94 35.77
CA ILE A 231 47.00 -16.69 36.47
C ILE A 231 48.17 -16.79 35.49
N ARG A 232 49.09 -15.84 35.60
CA ARG A 232 50.35 -15.89 34.86
C ARG A 232 51.51 -15.62 35.82
N VAL A 233 51.29 -15.90 37.10
CA VAL A 233 52.37 -15.95 38.07
C VAL A 233 53.01 -17.32 37.90
N ALA A 234 54.13 -17.35 37.18
CA ALA A 234 54.86 -18.61 36.99
C ALA A 234 56.35 -18.26 37.01
N GLY A 235 56.93 -18.30 38.21
CA GLY A 235 58.32 -17.97 38.45
C GLY A 235 58.75 -16.57 38.08
N LEU A 236 57.80 -15.64 37.94
CA LEU A 236 57.99 -14.30 37.39
C LEU A 236 58.71 -14.38 36.03
N GLY A 237 58.01 -15.00 35.09
CA GLY A 237 58.45 -14.90 33.72
C GLY A 237 57.56 -13.98 32.90
N THR A 238 56.26 -14.12 33.04
CA THR A 238 55.30 -13.34 32.24
C THR A 238 54.29 -12.70 33.18
N PRO A 239 54.59 -11.52 33.69
CA PRO A 239 53.62 -10.82 34.54
C PRO A 239 52.45 -10.32 33.71
N SER A 240 51.25 -10.44 34.29
CA SER A 240 50.04 -10.07 33.58
C SER A 240 49.95 -8.55 33.43
N PHE A 241 49.62 -8.08 32.22
CA PHE A 241 49.21 -8.93 31.08
C PHE A 241 49.96 -8.62 29.79
N ALA A 242 50.07 -9.63 28.94
CA ALA A 242 50.48 -9.47 27.56
C ALA A 242 49.33 -9.91 26.66
N PRO A 243 48.93 -9.11 25.68
CA PRO A 243 47.71 -9.44 24.92
C PRO A 243 47.94 -10.51 23.86
N TYR A 244 46.86 -11.12 23.41
CA TYR A 244 46.87 -12.10 22.35
C TYR A 244 46.76 -11.40 21.00
N GLU A 245 47.54 -11.88 20.03
CA GLU A 245 47.54 -11.34 18.69
C GLU A 245 47.35 -12.46 17.68
N ALA A 246 46.54 -12.18 16.66
CA ALA A 246 46.22 -13.09 15.55
C ALA A 246 45.55 -14.37 16.01
N ASN A 247 44.40 -14.22 16.66
CA ASN A 247 43.49 -15.32 16.92
C ASN A 247 42.48 -15.39 15.77
N VAL A 248 42.70 -16.36 14.86
CA VAL A 248 41.90 -16.49 13.64
C VAL A 248 41.36 -17.92 13.54
N ASP A 249 40.65 -18.22 12.46
CA ASP A 249 40.00 -19.51 12.29
C ASP A 249 40.98 -20.53 11.70
N PHE A 250 40.71 -21.81 12.01
CA PHE A 250 41.67 -22.88 11.78
C PHE A 250 41.90 -23.14 10.29
N GLU A 251 40.82 -23.39 9.55
CA GLU A 251 40.92 -23.63 8.12
C GLU A 251 41.43 -22.40 7.37
N ILE A 252 41.06 -21.20 7.84
CA ILE A 252 41.59 -19.98 7.24
C ILE A 252 43.08 -19.84 7.51
N ARG A 253 43.53 -20.28 8.69
CA ARG A 253 44.97 -20.25 9.00
C ARG A 253 45.75 -21.25 8.16
N PHE A 254 45.14 -22.43 7.90
CA PHE A 254 45.72 -23.41 6.99
C PHE A 254 45.87 -22.86 5.57
N MET A 255 44.82 -22.24 5.07
CA MET A 255 44.83 -21.71 3.71
C MET A 255 45.73 -20.49 3.57
N VAL A 256 45.84 -19.67 4.61
CA VAL A 256 46.78 -18.56 4.59
C VAL A 256 48.21 -19.09 4.65
N ASP A 257 48.44 -20.19 5.38
CA ASP A 257 49.75 -20.82 5.45
C ASP A 257 50.22 -21.34 4.10
N THR A 258 49.43 -22.19 3.45
CA THR A 258 49.92 -22.91 2.29
C THR A 258 49.55 -22.31 0.93
N ASP A 259 48.90 -21.13 0.90
CA ASP A 259 48.47 -20.43 -0.32
C ASP A 259 47.49 -21.25 -1.14
N ILE A 260 46.51 -21.82 -0.49
CA ILE A 260 45.43 -22.49 -1.19
C ILE A 260 44.16 -21.66 -1.03
N VAL A 261 43.43 -21.49 -2.14
CA VAL A 261 42.27 -20.61 -2.18
C VAL A 261 41.04 -21.46 -2.45
N GLY A 262 39.87 -20.82 -2.55
CA GLY A 262 38.66 -21.56 -2.85
C GLY A 262 38.70 -22.09 -4.27
N CYS A 263 38.31 -23.36 -4.43
CA CYS A 263 38.18 -24.06 -5.72
C CYS A 263 39.49 -24.03 -6.52
N ASN A 264 40.50 -24.67 -5.94
CA ASN A 264 41.88 -24.57 -6.38
C ASN A 264 42.38 -25.91 -6.92
N TRP A 265 43.46 -25.85 -7.70
CA TRP A 265 44.07 -27.06 -8.26
C TRP A 265 45.21 -27.51 -7.35
N LEU A 266 45.11 -28.74 -6.83
CA LEU A 266 46.02 -29.28 -5.83
C LEU A 266 46.70 -30.51 -6.39
N GLU A 267 47.98 -30.69 -6.05
CA GLU A 267 48.83 -31.71 -6.64
C GLU A 267 49.60 -32.44 -5.54
N LEU A 268 49.49 -33.77 -5.55
CA LEU A 268 50.30 -34.64 -4.71
C LEU A 268 51.39 -35.25 -5.56
N PRO A 269 52.67 -34.98 -5.27
CA PRO A 269 53.75 -35.47 -6.13
C PRO A 269 53.98 -36.97 -5.94
N ALA A 270 54.88 -37.51 -6.76
CA ALA A 270 55.10 -38.94 -6.83
C ALA A 270 55.90 -39.43 -5.62
N GLY A 271 55.44 -40.52 -5.03
CA GLY A 271 56.10 -41.07 -3.86
C GLY A 271 55.73 -40.43 -2.55
N LYS A 272 54.86 -39.42 -2.56
CA LYS A 272 54.52 -38.67 -1.37
C LYS A 272 53.23 -39.12 -0.71
N TYR A 273 52.35 -39.81 -1.43
CA TYR A 273 51.02 -40.12 -0.94
C TYR A 273 50.79 -41.62 -0.97
N ALA A 274 49.98 -42.10 -0.03
CA ALA A 274 49.71 -43.53 0.11
C ALA A 274 48.22 -43.75 0.07
N LEU A 275 47.74 -44.49 -0.95
CA LEU A 275 46.31 -44.71 -1.11
C LEU A 275 45.76 -45.74 -0.13
N ARG A 276 46.44 -46.87 0.04
CA ARG A 276 45.98 -47.96 0.89
C ARG A 276 46.51 -47.86 2.31
N LEU A 277 47.05 -46.72 2.70
CA LEU A 277 47.32 -46.48 4.11
C LEU A 277 46.02 -46.25 4.88
N LYS A 278 45.01 -45.70 4.20
CA LYS A 278 43.71 -45.43 4.80
C LYS A 278 42.72 -46.50 4.36
N GLU A 279 42.41 -47.42 5.27
CA GLU A 279 41.28 -48.31 5.07
C GLU A 279 40.00 -47.48 5.05
N LYS A 280 39.12 -47.80 4.10
CA LYS A 280 38.09 -46.88 3.61
C LYS A 280 37.06 -46.57 4.69
N ALA A 281 37.07 -45.32 5.15
CA ALA A 281 36.06 -44.82 6.08
C ALA A 281 35.08 -43.85 5.42
N THR A 282 35.44 -43.23 4.31
CA THR A 282 34.52 -42.47 3.48
C THR A 282 34.12 -43.33 2.28
N GLN A 283 33.35 -42.73 1.36
CA GLN A 283 32.80 -43.47 0.23
C GLN A 283 33.27 -42.96 -1.12
N CYS A 284 34.41 -42.27 -1.19
CA CYS A 284 34.91 -41.81 -2.48
C CYS A 284 35.72 -42.91 -3.16
N GLN A 285 36.14 -42.61 -4.39
CA GLN A 285 36.87 -43.60 -5.17
C GLN A 285 38.35 -43.63 -4.81
N LEU A 286 39.04 -42.51 -4.98
CA LEU A 286 40.44 -42.40 -4.58
C LEU A 286 40.52 -41.79 -3.19
N GLU A 287 41.24 -42.45 -2.29
CA GLU A 287 41.44 -41.93 -0.93
C GLU A 287 42.92 -41.91 -0.62
N ALA A 288 43.51 -40.72 -0.60
CA ALA A 288 44.92 -40.52 -0.33
C ALA A 288 45.12 -40.21 1.15
N ASP A 289 46.39 -40.21 1.58
CA ASP A 289 46.70 -40.01 2.99
C ASP A 289 48.08 -39.35 3.08
N VAL A 290 48.10 -38.01 3.14
CA VAL A 290 49.29 -37.23 2.82
C VAL A 290 49.68 -36.40 4.04
N LEU A 291 50.94 -35.98 4.10
CA LEU A 291 51.45 -35.04 5.10
C LEU A 291 51.36 -33.62 4.59
N TRP A 292 51.23 -32.66 5.51
CA TRP A 292 50.80 -31.32 5.14
C TRP A 292 51.87 -30.47 4.48
N SER A 293 53.08 -30.98 4.29
CA SER A 293 54.10 -30.22 3.60
C SER A 293 54.36 -30.72 2.19
N ASP A 294 53.61 -31.73 1.74
CA ASP A 294 53.86 -32.35 0.44
C ASP A 294 53.06 -31.72 -0.68
N VAL A 295 51.96 -31.04 -0.37
CA VAL A 295 51.03 -30.57 -1.38
C VAL A 295 51.65 -29.45 -2.21
N VAL A 296 51.21 -29.33 -3.46
CA VAL A 296 51.57 -28.20 -4.31
C VAL A 296 50.27 -27.54 -4.77
N SER A 297 50.21 -26.22 -4.60
CA SER A 297 49.05 -25.43 -4.98
C SER A 297 49.34 -24.72 -6.29
N HIS A 298 48.44 -24.86 -7.25
CA HIS A 298 48.63 -24.13 -8.50
C HIS A 298 47.78 -22.87 -8.50
N PRO A 299 48.37 -21.70 -8.72
CA PRO A 299 47.58 -20.47 -8.73
C PRO A 299 46.75 -20.39 -9.99
N PRO A 300 45.42 -20.17 -9.86
CA PRO A 300 44.56 -20.17 -11.04
C PRO A 300 44.81 -18.99 -11.98
N GLU A 301 45.46 -19.33 -13.11
CA GLU A 301 45.85 -18.46 -14.21
C GLU A 301 46.43 -19.34 -15.31
N GLY A 302 46.36 -18.91 -16.57
CA GLY A 302 46.81 -19.72 -17.67
C GLY A 302 45.94 -20.95 -17.89
N PRO A 303 46.57 -22.13 -17.99
CA PRO A 303 45.80 -23.37 -18.11
C PRO A 303 45.11 -23.80 -16.83
N TRP A 304 45.49 -23.24 -15.68
CA TRP A 304 44.90 -23.60 -14.40
C TRP A 304 43.67 -22.76 -14.08
N GLN A 305 43.03 -22.20 -15.09
CA GLN A 305 41.82 -21.39 -14.96
C GLN A 305 40.57 -22.14 -15.38
N ARG A 306 40.66 -23.47 -15.53
CA ARG A 306 39.53 -24.25 -15.99
C ARG A 306 38.56 -24.53 -14.85
N ILE A 307 37.53 -25.31 -15.13
CA ILE A 307 36.60 -25.83 -14.14
C ILE A 307 36.37 -27.31 -14.47
N ALA A 308 36.49 -28.17 -13.46
CA ALA A 308 36.27 -29.60 -13.63
C ALA A 308 34.80 -29.92 -13.94
N PRO A 309 34.50 -31.13 -14.45
CA PRO A 309 33.10 -31.52 -14.65
C PRO A 309 32.36 -31.97 -13.40
N LEU A 310 31.81 -31.01 -12.65
CA LEU A 310 31.05 -31.27 -11.44
C LEU A 310 29.68 -31.86 -11.76
N ARG A 311 29.05 -32.43 -10.74
CA ARG A 311 27.72 -33.04 -10.86
C ARG A 311 26.73 -32.25 -10.01
N VAL A 312 25.66 -31.78 -10.63
CA VAL A 312 24.67 -30.92 -9.98
C VAL A 312 23.33 -31.64 -9.96
N LEU A 313 22.68 -31.67 -8.80
CA LEU A 313 21.35 -32.23 -8.63
C LEU A 313 20.36 -31.13 -8.28
N SER A 314 19.12 -31.26 -8.77
CA SER A 314 17.99 -30.48 -8.26
C SER A 314 16.80 -31.39 -7.99
N PHE A 315 16.01 -31.07 -6.98
CA PHE A 315 14.88 -31.93 -6.65
C PHE A 315 13.72 -31.10 -6.13
N ASP A 316 12.56 -31.75 -6.03
CA ASP A 316 11.37 -31.14 -5.49
C ASP A 316 10.46 -32.24 -4.96
N ILE A 317 9.66 -31.93 -3.94
CA ILE A 317 8.78 -32.91 -3.31
C ILE A 317 7.33 -32.42 -3.35
N GLU A 318 6.41 -33.37 -3.12
CA GLU A 318 4.98 -33.08 -2.99
C GLU A 318 4.43 -33.74 -1.73
N CYS A 319 3.48 -33.07 -1.07
CA CYS A 319 2.79 -33.61 0.10
C CYS A 319 1.29 -33.45 -0.08
N ALA A 320 0.53 -34.30 0.60
CA ALA A 320 -0.92 -34.33 0.48
C ALA A 320 -1.53 -33.88 1.79
N GLY A 321 -2.18 -32.70 1.78
CA GLY A 321 -2.65 -32.06 2.99
C GLY A 321 -4.15 -32.19 3.20
N ARG A 322 -4.62 -31.47 4.22
CA ARG A 322 -6.04 -31.37 4.50
C ARG A 322 -6.57 -30.03 3.96
N LYS A 323 -7.86 -29.79 4.13
CA LYS A 323 -8.46 -28.56 3.63
C LYS A 323 -8.22 -27.44 4.64
N GLY A 324 -7.65 -26.34 4.16
CA GLY A 324 -7.24 -25.22 5.00
C GLY A 324 -5.89 -25.39 5.68
N ILE A 325 -5.60 -26.60 6.14
CA ILE A 325 -4.49 -26.88 7.04
C ILE A 325 -3.21 -27.03 6.22
N PHE A 326 -2.22 -26.17 6.50
CA PHE A 326 -0.91 -26.24 5.88
C PHE A 326 -0.20 -27.52 6.34
N PRO A 327 0.64 -28.12 5.50
CA PRO A 327 1.21 -29.44 5.82
C PRO A 327 2.13 -29.47 7.04
N GLU A 328 2.04 -30.59 7.77
CA GLU A 328 2.69 -30.79 9.06
C GLU A 328 3.38 -32.15 9.02
N PRO A 329 4.67 -32.23 9.40
CA PRO A 329 5.44 -33.48 9.19
C PRO A 329 5.05 -34.67 10.04
N GLU A 330 3.97 -34.58 10.82
CA GLU A 330 3.52 -35.68 11.64
C GLU A 330 2.17 -36.23 11.20
N ARG A 331 1.57 -35.65 10.17
CA ARG A 331 0.29 -36.14 9.64
C ARG A 331 0.24 -36.27 8.13
N ASP A 332 1.06 -35.55 7.38
CA ASP A 332 0.89 -35.44 5.93
C ASP A 332 1.99 -36.18 5.19
N PRO A 333 1.67 -37.24 4.46
CA PRO A 333 2.69 -38.05 3.81
C PRO A 333 3.38 -37.34 2.66
N VAL A 334 4.61 -37.74 2.39
CA VAL A 334 5.34 -37.29 1.21
C VAL A 334 5.00 -38.26 0.08
N ILE A 335 4.50 -37.75 -1.04
CA ILE A 335 3.91 -38.61 -2.05
C ILE A 335 4.71 -38.67 -3.35
N GLN A 336 5.51 -37.66 -3.67
CA GLN A 336 6.29 -37.70 -4.90
C GLN A 336 7.60 -36.95 -4.70
N ILE A 337 8.70 -37.52 -5.18
CA ILE A 337 10.00 -36.84 -5.22
C ILE A 337 10.49 -36.87 -6.65
N CYS A 338 10.97 -35.74 -7.16
CA CYS A 338 11.39 -35.65 -8.55
C CYS A 338 12.73 -34.96 -8.66
N SER A 339 13.63 -35.52 -9.48
CA SER A 339 15.05 -35.17 -9.49
C SER A 339 15.58 -35.01 -10.90
N LEU A 340 16.44 -34.00 -11.08
CA LEU A 340 17.11 -33.70 -12.34
C LEU A 340 18.61 -33.63 -12.06
N GLY A 341 19.44 -34.16 -12.96
CA GLY A 341 20.86 -34.17 -12.73
C GLY A 341 21.70 -33.95 -13.97
N LEU A 342 22.77 -33.16 -13.85
CA LEU A 342 23.61 -32.86 -15.00
C LEU A 342 25.07 -32.73 -14.63
N ARG A 343 25.93 -32.97 -15.62
CA ARG A 343 27.36 -32.67 -15.55
C ARG A 343 27.58 -31.26 -16.07
N TRP A 344 28.48 -30.53 -15.44
CA TRP A 344 28.58 -29.10 -15.70
C TRP A 344 29.41 -28.88 -16.95
N GLY A 345 28.86 -28.14 -17.90
CA GLY A 345 29.49 -27.89 -19.18
C GLY A 345 28.75 -28.47 -20.36
N GLU A 346 27.80 -29.35 -20.13
CA GLU A 346 27.02 -29.97 -21.17
C GLU A 346 25.63 -29.36 -21.22
N PRO A 347 25.14 -29.02 -22.43
CA PRO A 347 23.98 -28.11 -22.52
C PRO A 347 22.64 -28.73 -22.21
N GLU A 348 22.57 -30.01 -21.90
CA GLU A 348 21.34 -30.68 -21.48
C GLU A 348 21.65 -31.53 -20.27
N PRO A 349 20.63 -31.89 -19.48
CA PRO A 349 20.84 -32.86 -18.41
C PRO A 349 21.16 -34.25 -18.93
N PHE A 350 21.51 -35.13 -18.02
CA PHE A 350 21.65 -36.53 -18.35
C PHE A 350 20.83 -37.45 -17.49
N LEU A 351 20.21 -36.96 -16.43
CA LEU A 351 19.40 -37.85 -15.61
C LEU A 351 18.10 -37.15 -15.23
N ARG A 352 17.02 -37.93 -15.23
CA ARG A 352 15.66 -37.38 -15.08
C ARG A 352 14.81 -38.47 -14.43
N LEU A 353 14.59 -38.38 -13.12
CA LEU A 353 13.96 -39.46 -12.39
C LEU A 353 12.78 -38.95 -11.57
N ALA A 354 11.75 -39.78 -11.42
CA ALA A 354 10.57 -39.40 -10.67
C ALA A 354 10.06 -40.61 -9.88
N LEU A 355 9.92 -40.45 -8.57
CA LEU A 355 9.55 -41.55 -7.68
C LEU A 355 8.23 -41.21 -7.01
N THR A 356 7.22 -42.06 -7.25
CA THR A 356 5.85 -41.80 -6.85
C THR A 356 5.41 -42.85 -5.85
N LEU A 357 4.20 -42.70 -5.32
CA LEU A 357 3.75 -43.59 -4.24
C LEU A 357 2.50 -44.36 -4.62
N ARG A 358 2.01 -44.20 -5.81
CA ARG A 358 0.98 -45.13 -6.25
C ARG A 358 1.41 -45.58 -7.64
N PRO A 359 0.77 -46.56 -8.29
CA PRO A 359 1.15 -46.88 -9.68
C PRO A 359 0.77 -45.76 -10.64
N CYS A 360 1.65 -45.50 -11.58
CA CYS A 360 1.55 -44.30 -12.41
C CYS A 360 1.56 -44.66 -13.89
N ALA A 361 1.70 -43.68 -14.76
CA ALA A 361 1.71 -43.89 -16.20
C ALA A 361 3.00 -43.32 -16.80
N PRO A 362 3.52 -43.93 -17.86
CA PRO A 362 4.88 -43.60 -18.30
C PRO A 362 5.02 -42.23 -18.93
N ILE A 363 6.17 -41.63 -18.72
CA ILE A 363 6.52 -40.31 -19.24
C ILE A 363 7.73 -40.45 -20.13
N LEU A 364 7.67 -39.88 -21.32
CA LEU A 364 8.73 -40.04 -22.31
C LEU A 364 9.87 -39.10 -21.97
N GLY A 365 11.06 -39.66 -21.72
CA GLY A 365 12.23 -38.90 -21.35
C GLY A 365 12.68 -39.10 -19.91
N ALA A 366 11.92 -39.84 -19.10
CA ALA A 366 12.22 -40.00 -17.69
C ALA A 366 11.89 -41.42 -17.28
N LYS A 367 12.50 -41.85 -16.17
CA LYS A 367 12.19 -43.13 -15.56
C LYS A 367 11.15 -42.92 -14.48
N VAL A 368 10.28 -43.90 -14.30
CA VAL A 368 9.19 -43.83 -13.33
C VAL A 368 9.19 -45.14 -12.56
N GLN A 369 9.28 -45.07 -11.23
CA GLN A 369 9.16 -46.23 -10.36
C GLN A 369 8.06 -45.96 -9.35
N SER A 370 7.44 -47.03 -8.86
CA SER A 370 6.29 -46.90 -7.98
C SER A 370 6.41 -47.84 -6.80
N TYR A 371 5.90 -47.42 -5.65
CA TYR A 371 5.99 -48.17 -4.41
C TYR A 371 4.64 -48.15 -3.73
N GLU A 372 4.37 -49.14 -2.91
CA GLU A 372 3.10 -49.15 -2.19
C GLU A 372 3.20 -48.60 -0.78
N LYS A 373 4.38 -48.18 -0.34
CA LYS A 373 4.58 -47.67 1.01
C LYS A 373 5.66 -46.60 1.00
N GLU A 374 5.57 -45.66 1.94
CA GLU A 374 6.47 -44.51 1.95
C GLU A 374 7.87 -44.85 2.40
N GLU A 375 8.02 -45.92 3.19
CA GLU A 375 9.34 -46.36 3.65
C GLU A 375 10.23 -46.75 2.48
N ASP A 376 9.65 -47.44 1.49
CA ASP A 376 10.38 -47.80 0.29
C ASP A 376 10.75 -46.57 -0.53
N LEU A 377 9.89 -45.55 -0.52
CA LEU A 377 10.16 -44.34 -1.28
C LEU A 377 11.32 -43.54 -0.68
N LEU A 378 11.35 -43.40 0.65
CA LEU A 378 12.45 -42.69 1.29
C LEU A 378 13.75 -43.47 1.20
N GLN A 379 13.68 -44.81 1.33
CA GLN A 379 14.86 -45.64 1.17
C GLN A 379 15.42 -45.57 -0.24
N ALA A 380 14.55 -45.62 -1.25
CA ALA A 380 14.97 -45.56 -2.64
C ALA A 380 15.64 -44.23 -2.96
N TRP A 381 15.13 -43.14 -2.38
CA TRP A 381 15.77 -41.85 -2.64
C TRP A 381 17.13 -41.76 -1.96
N SER A 382 17.26 -42.31 -0.74
CA SER A 382 18.55 -42.28 -0.06
C SER A 382 19.60 -43.14 -0.78
N THR A 383 19.19 -44.29 -1.32
CA THR A 383 20.12 -45.13 -2.06
C THR A 383 20.54 -44.50 -3.38
N PHE A 384 19.61 -43.84 -4.08
CA PHE A 384 19.96 -43.12 -5.31
C PHE A 384 20.93 -41.98 -5.02
N ILE A 385 20.72 -41.27 -3.91
CA ILE A 385 21.59 -40.14 -3.63
C ILE A 385 22.96 -40.59 -3.13
N ARG A 386 23.07 -41.81 -2.58
CA ARG A 386 24.40 -42.36 -2.29
C ARG A 386 25.12 -42.79 -3.58
N ILE A 387 24.40 -43.44 -4.50
CA ILE A 387 25.05 -44.04 -5.66
C ILE A 387 25.45 -43.00 -6.71
N MET A 388 24.56 -42.05 -7.03
CA MET A 388 24.92 -41.00 -7.99
C MET A 388 26.04 -40.12 -7.46
N ASP A 389 26.03 -39.85 -6.15
CA ASP A 389 27.06 -39.14 -5.38
C ASP A 389 27.33 -37.75 -5.94
N PRO A 390 26.39 -36.80 -5.82
CA PRO A 390 26.54 -35.51 -6.49
C PRO A 390 27.48 -34.57 -5.75
N ASP A 391 28.01 -33.61 -6.51
CA ASP A 391 28.83 -32.56 -5.94
C ASP A 391 27.97 -31.50 -5.28
N VAL A 392 27.03 -30.93 -6.04
CA VAL A 392 26.25 -29.77 -5.62
C VAL A 392 24.77 -30.15 -5.58
N ILE A 393 24.06 -29.64 -4.57
CA ILE A 393 22.61 -29.83 -4.43
C ILE A 393 21.95 -28.46 -4.47
N THR A 394 21.03 -28.25 -5.41
CA THR A 394 20.28 -27.01 -5.50
C THR A 394 18.77 -27.29 -5.45
N GLY A 395 18.00 -26.22 -5.62
CA GLY A 395 16.56 -26.28 -5.47
C GLY A 395 16.03 -24.88 -5.20
N TYR A 396 14.80 -24.83 -4.72
CA TYR A 396 14.18 -23.57 -4.35
C TYR A 396 13.43 -23.79 -3.04
N ASN A 397 13.90 -23.12 -1.99
CA ASN A 397 13.42 -23.27 -0.62
C ASN A 397 13.54 -24.71 -0.12
N ILE A 398 14.68 -25.34 -0.42
CA ILE A 398 14.91 -26.70 0.05
C ILE A 398 15.39 -26.71 1.50
N GLN A 399 16.08 -25.65 1.94
CA GLN A 399 16.60 -25.56 3.31
C GLN A 399 15.47 -25.45 4.32
N ASN A 400 14.57 -24.50 4.12
CA ASN A 400 13.54 -24.22 5.10
C ASN A 400 12.27 -25.02 4.89
N PHE A 401 12.13 -25.75 3.79
CA PHE A 401 10.98 -26.63 3.71
C PHE A 401 11.31 -28.10 3.48
N ASP A 402 12.17 -28.43 2.50
CA ASP A 402 12.17 -29.79 1.94
C ASP A 402 12.92 -30.79 2.81
N LEU A 403 14.21 -30.51 3.08
CA LEU A 403 15.04 -31.44 3.84
C LEU A 403 14.59 -31.68 5.28
N PRO A 404 14.21 -30.67 6.09
CA PRO A 404 13.67 -31.00 7.42
C PRO A 404 12.33 -31.69 7.40
N TYR A 405 11.51 -31.47 6.37
CA TYR A 405 10.28 -32.26 6.23
C TYR A 405 10.62 -33.72 6.00
N LEU A 406 11.60 -34.01 5.14
CA LEU A 406 11.99 -35.40 4.89
C LEU A 406 12.58 -36.05 6.13
N ILE A 407 13.38 -35.29 6.87
CA ILE A 407 14.05 -35.82 8.06
C ILE A 407 13.05 -36.12 9.17
N SER A 408 12.10 -35.20 9.41
CA SER A 408 11.08 -35.43 10.42
C SER A 408 10.13 -36.54 10.02
N ARG A 409 9.81 -36.64 8.72
CA ARG A 409 8.93 -37.70 8.27
C ARG A 409 9.59 -39.06 8.35
N ALA A 410 10.91 -39.12 8.17
CA ALA A 410 11.61 -40.38 8.35
C ALA A 410 11.72 -40.76 9.82
N GLN A 411 11.86 -39.77 10.70
CA GLN A 411 11.87 -40.04 12.14
C GLN A 411 10.53 -40.57 12.64
N THR A 412 9.42 -40.10 12.08
CA THR A 412 8.12 -40.53 12.57
C THR A 412 7.80 -41.97 12.18
N LEU A 413 8.22 -42.40 11.00
CA LEU A 413 7.81 -43.70 10.47
C LEU A 413 8.76 -44.85 10.83
N LYS A 414 9.79 -44.58 11.64
CA LYS A 414 10.78 -45.56 12.11
C LYS A 414 11.51 -46.24 10.95
N VAL A 415 12.24 -45.43 10.20
CA VAL A 415 13.17 -45.92 9.18
C VAL A 415 14.56 -45.45 9.61
N GLN A 416 15.41 -46.39 10.00
CA GLN A 416 16.66 -46.04 10.67
C GLN A 416 17.75 -45.59 9.72
N THR A 417 17.67 -45.92 8.44
CA THR A 417 18.81 -45.82 7.54
C THR A 417 18.70 -44.56 6.66
N PHE A 418 17.66 -43.76 6.84
CA PHE A 418 17.50 -42.56 6.01
C PHE A 418 18.56 -41.48 6.25
N PRO A 419 18.76 -40.94 7.48
CA PRO A 419 19.48 -39.66 7.55
C PRO A 419 21.00 -39.74 7.47
N PHE A 420 21.54 -40.55 6.57
CA PHE A 420 22.98 -40.73 6.40
C PHE A 420 23.46 -40.13 5.09
N LEU A 421 22.83 -39.05 4.67
CA LEU A 421 23.02 -38.53 3.31
C LEU A 421 24.40 -38.04 2.90
N GLY A 422 25.30 -37.93 3.85
CA GLY A 422 26.57 -37.28 3.56
C GLY A 422 27.56 -38.23 2.92
N ARG A 423 28.84 -37.83 2.93
CA ARG A 423 29.88 -38.66 2.34
C ARG A 423 30.54 -39.59 3.35
N VAL A 424 30.61 -39.20 4.61
CA VAL A 424 31.25 -40.01 5.65
C VAL A 424 30.29 -41.13 6.04
N ALA A 425 30.82 -42.36 6.11
CA ALA A 425 29.98 -43.55 6.12
C ALA A 425 29.24 -43.75 7.45
N GLY A 426 29.75 -43.21 8.55
CA GLY A 426 29.13 -43.43 9.84
C GLY A 426 28.49 -42.22 10.51
N LEU A 427 28.00 -41.26 9.75
CA LEU A 427 27.55 -39.99 10.29
C LEU A 427 26.12 -39.71 9.87
N CYS A 428 25.26 -39.36 10.83
CA CYS A 428 23.88 -38.99 10.54
C CYS A 428 23.70 -37.48 10.67
N SER A 429 22.65 -36.98 10.02
CA SER A 429 22.43 -35.55 9.80
C SER A 429 21.41 -34.98 10.78
N ASN A 430 21.49 -33.67 11.00
CA ASN A 430 20.71 -33.02 12.05
C ASN A 430 20.35 -31.58 11.69
N ILE A 431 19.19 -31.15 12.20
CA ILE A 431 18.60 -29.84 11.89
C ILE A 431 19.05 -28.84 12.96
N ARG A 432 19.49 -27.66 12.54
CA ARG A 432 20.07 -26.69 13.47
C ARG A 432 19.78 -25.27 13.03
N ASP A 433 19.32 -24.43 13.95
CA ASP A 433 18.90 -23.09 13.61
C ASP A 433 20.08 -22.12 13.54
N SER A 434 19.94 -21.07 12.74
CA SER A 434 20.96 -20.03 12.63
C SER A 434 20.31 -18.74 12.19
N SER A 435 20.94 -17.62 12.56
CA SER A 435 20.46 -16.32 12.18
C SER A 435 21.60 -15.49 11.62
N PHE A 436 21.24 -14.57 10.72
CA PHE A 436 22.18 -13.62 10.14
C PHE A 436 21.51 -12.27 10.18
N GLN A 437 22.29 -11.22 10.46
CA GLN A 437 21.74 -9.88 10.41
C GLN A 437 22.80 -8.86 10.05
N SER A 438 22.39 -7.88 9.25
CA SER A 438 23.24 -6.77 8.86
C SER A 438 22.34 -5.62 8.44
N LYS A 439 22.91 -4.43 8.37
CA LYS A 439 22.19 -3.27 7.88
C LYS A 439 22.12 -3.21 6.36
N GLN A 440 22.67 -4.22 5.68
CA GLN A 440 22.72 -4.21 4.23
C GLN A 440 21.67 -5.12 3.63
N THR A 441 21.42 -6.26 4.26
CA THR A 441 20.41 -7.21 3.82
C THR A 441 19.30 -7.39 4.83
N GLY A 442 19.41 -6.77 6.00
CA GLY A 442 18.41 -7.01 7.03
C GLY A 442 18.75 -8.23 7.83
N ARG A 443 17.74 -8.87 8.42
CA ARG A 443 17.90 -10.02 9.30
C ARG A 443 17.09 -11.19 8.77
N ARG A 444 17.71 -12.37 8.71
CA ARG A 444 17.04 -13.58 8.26
C ARG A 444 17.42 -14.77 9.13
N ASP A 445 16.43 -15.62 9.40
CA ASP A 445 16.57 -16.79 10.25
C ASP A 445 16.29 -18.06 9.47
N THR A 446 17.28 -18.95 9.42
CA THR A 446 17.23 -20.10 8.55
C THR A 446 17.57 -21.33 9.40
N LYS A 447 17.16 -22.51 8.94
CA LYS A 447 17.65 -23.77 9.47
C LYS A 447 18.78 -24.24 8.57
N VAL A 448 19.67 -25.08 9.09
CA VAL A 448 20.67 -25.75 8.26
C VAL A 448 20.62 -27.23 8.59
N VAL A 449 21.00 -28.03 7.59
CA VAL A 449 21.05 -29.50 7.68
C VAL A 449 22.45 -29.92 7.26
N SER A 450 23.06 -30.85 8.01
CA SER A 450 24.48 -31.17 7.86
C SER A 450 24.69 -32.20 6.75
N MET A 451 25.57 -31.87 5.81
CA MET A 451 26.04 -32.75 4.75
C MET A 451 27.54 -32.53 4.60
N VAL A 452 28.36 -33.53 4.89
CA VAL A 452 29.81 -33.38 4.81
C VAL A 452 30.27 -33.86 3.43
N GLY A 453 31.14 -33.07 2.80
CA GLY A 453 31.55 -33.32 1.44
C GLY A 453 30.75 -32.57 0.40
N ARG A 454 29.43 -32.51 0.53
CA ARG A 454 28.55 -31.92 -0.46
C ARG A 454 28.28 -30.46 -0.14
N VAL A 455 27.92 -29.70 -1.18
CA VAL A 455 27.68 -28.26 -1.10
C VAL A 455 26.22 -27.98 -1.42
N GLN A 456 25.62 -27.02 -0.72
CA GLN A 456 24.23 -26.63 -0.91
C GLN A 456 24.13 -25.23 -1.50
N MET A 457 23.23 -25.07 -2.48
CA MET A 457 22.94 -23.74 -3.05
C MET A 457 21.43 -23.64 -3.26
N ASP A 458 20.72 -23.17 -2.24
CA ASP A 458 19.34 -22.76 -2.40
C ASP A 458 19.31 -21.47 -3.21
N MET A 459 18.60 -21.47 -4.34
CA MET A 459 18.57 -20.29 -5.20
C MET A 459 17.75 -19.15 -4.61
N LEU A 460 16.85 -19.46 -3.67
CA LEU A 460 16.07 -18.44 -2.99
C LEU A 460 16.97 -17.52 -2.18
N GLN A 461 17.94 -18.09 -1.47
CA GLN A 461 18.84 -17.27 -0.65
C GLN A 461 19.78 -16.43 -1.50
N VAL A 462 20.18 -16.93 -2.67
CA VAL A 462 21.01 -16.16 -3.59
C VAL A 462 20.22 -14.98 -4.15
N LEU A 463 18.94 -15.19 -4.47
CA LEU A 463 18.10 -14.08 -4.94
C LEU A 463 17.87 -13.06 -3.84
N LEU A 464 17.53 -13.53 -2.64
CA LEU A 464 17.27 -12.65 -1.51
C LEU A 464 18.50 -11.89 -1.05
N ARG A 465 19.69 -12.38 -1.34
CA ARG A 465 20.88 -11.64 -0.99
C ARG A 465 21.30 -10.67 -2.09
N GLU A 466 21.14 -11.02 -3.37
CA GLU A 466 21.74 -10.12 -4.35
C GLU A 466 20.74 -9.11 -4.89
N TYR A 467 19.47 -9.50 -5.04
CA TYR A 467 18.51 -8.75 -5.85
C TYR A 467 17.43 -8.12 -4.97
N LYS A 468 17.00 -6.91 -5.38
CA LYS A 468 15.96 -6.14 -4.69
C LYS A 468 14.72 -6.07 -5.59
N LEU A 469 13.78 -6.96 -5.35
CA LEU A 469 12.59 -7.12 -6.18
C LEU A 469 11.34 -6.90 -5.35
N ARG A 470 10.18 -7.10 -5.97
CA ARG A 470 8.88 -6.79 -5.41
C ARG A 470 8.20 -8.00 -4.80
N SER A 471 8.27 -9.14 -5.46
CA SER A 471 7.85 -10.40 -4.88
C SER A 471 8.92 -11.44 -5.16
N TYR A 472 9.12 -12.35 -4.23
CA TYR A 472 10.15 -13.39 -4.33
C TYR A 472 9.53 -14.78 -4.45
N THR A 473 8.46 -14.90 -5.20
CA THR A 473 7.89 -16.21 -5.49
C THR A 473 8.52 -16.74 -6.78
N LEU A 474 8.48 -18.06 -6.95
CA LEU A 474 9.07 -18.70 -8.13
C LEU A 474 8.39 -18.25 -9.41
N ASN A 475 7.07 -18.02 -9.35
CA ASN A 475 6.33 -17.50 -10.49
C ASN A 475 6.74 -16.07 -10.81
N ALA A 476 6.97 -15.25 -9.79
CA ALA A 476 7.30 -13.85 -10.01
C ALA A 476 8.72 -13.70 -10.56
N VAL A 477 9.68 -14.49 -10.07
CA VAL A 477 11.03 -14.34 -10.60
C VAL A 477 11.17 -15.06 -11.94
N SER A 478 10.35 -16.09 -12.18
CA SER A 478 10.35 -16.73 -13.49
C SER A 478 9.69 -15.85 -14.54
N PHE A 479 8.75 -14.99 -14.14
CA PHE A 479 8.28 -14.02 -15.12
C PHE A 479 9.28 -12.89 -15.30
N HIS A 480 9.89 -12.43 -14.20
CA HIS A 480 10.82 -11.31 -14.26
C HIS A 480 12.08 -11.65 -15.05
N PHE A 481 12.49 -12.91 -15.05
CA PHE A 481 13.71 -13.31 -15.75
C PHE A 481 13.47 -14.14 -17.00
N LEU A 482 12.42 -14.96 -17.05
CA LEU A 482 12.14 -15.78 -18.22
C LEU A 482 10.84 -15.43 -18.93
N GLY A 483 9.70 -15.45 -18.24
CA GLY A 483 8.44 -15.17 -18.92
C GLY A 483 7.21 -16.07 -18.80
N GLU A 484 6.98 -16.78 -17.70
CA GLU A 484 5.65 -17.39 -17.50
C GLU A 484 4.65 -16.32 -17.09
N HIS A 491 -2.98 -26.87 -2.89
CA HIS A 491 -2.59 -27.94 -1.98
C HIS A 491 -3.72 -28.92 -1.80
N SER A 492 -4.94 -28.44 -1.88
CA SER A 492 -6.08 -29.32 -1.65
C SER A 492 -6.63 -29.95 -2.92
N ILE A 493 -6.21 -29.45 -4.09
CA ILE A 493 -6.53 -30.07 -5.37
C ILE A 493 -5.63 -31.27 -5.62
N ILE A 494 -4.35 -31.14 -5.27
CA ILE A 494 -3.33 -32.19 -5.36
C ILE A 494 -3.73 -33.44 -4.59
N THR A 495 -4.38 -33.28 -3.45
CA THR A 495 -4.82 -34.43 -2.66
C THR A 495 -5.92 -35.22 -3.35
N ASP A 496 -6.66 -34.61 -4.28
CA ASP A 496 -7.58 -35.39 -5.09
C ASP A 496 -7.07 -35.70 -6.48
N LEU A 497 -5.95 -35.10 -6.92
CA LEU A 497 -5.27 -35.65 -8.09
C LEU A 497 -4.45 -36.87 -7.71
N GLN A 498 -4.26 -37.13 -6.42
CA GLN A 498 -3.50 -38.31 -6.03
C GLN A 498 -4.41 -39.43 -5.55
N ASN A 499 -5.61 -39.12 -5.07
CA ASN A 499 -6.56 -40.15 -4.68
C ASN A 499 -7.48 -40.56 -5.84
N GLY A 500 -7.04 -40.37 -7.09
CA GLY A 500 -7.89 -40.62 -8.23
C GLY A 500 -7.48 -41.77 -9.12
N ASN A 501 -6.93 -41.46 -10.29
CA ASN A 501 -6.47 -42.44 -11.25
C ASN A 501 -4.99 -42.20 -11.54
N ASP A 502 -4.47 -42.95 -12.49
CA ASP A 502 -3.04 -42.88 -12.77
C ASP A 502 -2.68 -41.90 -13.89
N GLN A 503 -3.64 -41.42 -14.69
CA GLN A 503 -3.31 -40.31 -15.58
C GLN A 503 -3.32 -38.97 -14.82
N THR A 504 -4.12 -38.86 -13.77
CA THR A 504 -4.02 -37.70 -12.88
C THR A 504 -2.68 -37.65 -12.17
N ARG A 505 -2.20 -38.80 -11.69
CA ARG A 505 -0.87 -38.89 -11.09
C ARG A 505 0.23 -38.62 -12.10
N ARG A 506 0.03 -39.01 -13.35
CA ARG A 506 1.00 -38.66 -14.39
C ARG A 506 1.03 -37.15 -14.65
N ARG A 507 -0.13 -36.49 -14.58
CA ARG A 507 -0.16 -35.03 -14.71
C ARG A 507 0.54 -34.33 -13.55
N LEU A 508 0.34 -34.88 -12.34
CA LEU A 508 1.01 -34.39 -11.14
C LEU A 508 2.53 -34.53 -11.23
N ALA A 509 3.01 -35.65 -11.80
CA ALA A 509 4.44 -35.87 -11.95
C ALA A 509 5.05 -34.94 -13.00
N VAL A 510 4.33 -34.66 -14.08
CA VAL A 510 4.87 -33.72 -15.07
C VAL A 510 4.96 -32.30 -14.50
N TYR A 511 3.97 -31.93 -13.68
CA TYR A 511 4.02 -30.64 -12.98
C TYR A 511 5.22 -30.54 -12.02
N CYS A 512 5.43 -31.61 -11.24
CA CYS A 512 6.54 -31.64 -10.29
C CYS A 512 7.90 -31.60 -10.98
N LEU A 513 8.02 -32.27 -12.13
CA LEU A 513 9.27 -32.25 -12.87
C LEU A 513 9.56 -30.89 -13.48
N LYS A 514 8.54 -30.16 -13.93
CA LYS A 514 8.75 -28.78 -14.40
C LYS A 514 9.21 -27.87 -13.26
N ASP A 515 8.61 -28.05 -12.07
CA ASP A 515 9.04 -27.32 -10.87
C ASP A 515 10.50 -27.61 -10.54
N ALA A 516 10.89 -28.89 -10.54
CA ALA A 516 12.26 -29.28 -10.25
C ALA A 516 13.25 -28.89 -11.35
N TYR A 517 12.77 -28.54 -12.54
CA TYR A 517 13.68 -28.12 -13.60
C TYR A 517 13.97 -26.63 -13.63
N LEU A 518 13.01 -25.79 -13.23
CA LEU A 518 13.21 -24.33 -13.28
C LEU A 518 14.46 -23.75 -12.56
N PRO A 519 14.87 -24.20 -11.34
CA PRO A 519 16.07 -23.58 -10.74
C PRO A 519 17.38 -23.92 -11.43
N LEU A 520 17.49 -25.06 -12.12
CA LEU A 520 18.68 -25.34 -12.94
C LEU A 520 18.85 -24.30 -14.05
N ARG A 521 17.77 -24.04 -14.79
CA ARG A 521 17.76 -23.03 -15.84
C ARG A 521 18.12 -21.65 -15.29
N LEU A 522 17.63 -21.34 -14.09
CA LEU A 522 17.98 -20.05 -13.49
C LEU A 522 19.43 -20.00 -13.06
N LEU A 523 19.97 -21.12 -12.58
CA LEU A 523 21.36 -21.17 -12.14
C LEU A 523 22.33 -21.03 -13.31
N GLU A 524 22.03 -21.67 -14.44
CA GLU A 524 22.94 -21.56 -15.57
C GLU A 524 22.72 -20.28 -16.37
N ARG A 525 21.52 -19.72 -16.33
CA ARG A 525 21.27 -18.53 -17.14
C ARG A 525 21.79 -17.27 -16.46
N LEU A 526 21.75 -17.19 -15.14
CA LEU A 526 22.11 -15.97 -14.45
C LEU A 526 23.59 -15.87 -14.15
N MET A 527 24.40 -16.85 -14.58
CA MET A 527 25.84 -16.93 -14.34
C MET A 527 26.16 -16.90 -12.85
N VAL A 528 25.42 -17.69 -12.09
CA VAL A 528 25.60 -17.74 -10.63
C VAL A 528 26.93 -18.39 -10.29
N LEU A 529 27.12 -19.63 -10.74
CA LEU A 529 28.20 -20.49 -10.24
C LEU A 529 29.56 -20.04 -10.74
N VAL A 530 29.61 -19.51 -11.96
CA VAL A 530 30.86 -18.98 -12.51
C VAL A 530 31.32 -17.76 -11.71
N ASN A 531 30.37 -16.92 -11.28
CA ASN A 531 30.71 -15.76 -10.48
C ASN A 531 31.07 -16.15 -9.04
N ALA A 532 30.46 -17.23 -8.52
CA ALA A 532 30.85 -17.71 -7.19
C ALA A 532 32.26 -18.28 -7.18
N VAL A 533 32.63 -19.01 -8.25
CA VAL A 533 33.99 -19.54 -8.35
C VAL A 533 35.01 -18.41 -8.52
N GLU A 534 34.68 -17.38 -9.32
CA GLU A 534 35.60 -16.26 -9.46
C GLU A 534 35.72 -15.43 -8.19
N MET A 535 34.63 -15.31 -7.43
CA MET A 535 34.70 -14.60 -6.15
C MET A 535 35.58 -15.34 -5.16
N ALA A 536 35.45 -16.68 -5.10
CA ALA A 536 36.28 -17.47 -4.21
C ALA A 536 37.74 -17.48 -4.66
N ARG A 537 38.01 -17.29 -5.95
CA ARG A 537 39.41 -17.23 -6.36
C ARG A 537 40.04 -15.86 -6.15
N VAL A 538 39.25 -14.79 -6.24
CA VAL A 538 39.84 -13.46 -6.04
C VAL A 538 39.97 -13.14 -4.55
N THR A 539 39.04 -13.60 -3.72
CA THR A 539 39.13 -13.26 -2.31
C THR A 539 39.93 -14.27 -1.48
N GLY A 540 39.86 -15.55 -1.81
CA GLY A 540 40.60 -16.55 -1.06
C GLY A 540 39.83 -17.19 0.08
N VAL A 541 38.51 -17.13 0.06
CA VAL A 541 37.68 -17.78 1.07
C VAL A 541 37.05 -19.01 0.42
N PRO A 542 36.64 -20.02 1.21
CA PRO A 542 35.97 -21.19 0.61
C PRO A 542 34.64 -20.91 -0.06
N LEU A 543 34.06 -21.95 -0.66
CA LEU A 543 32.82 -21.82 -1.41
C LEU A 543 31.57 -21.93 -0.55
N SER A 544 31.71 -22.35 0.70
CA SER A 544 30.55 -22.36 1.59
C SER A 544 30.39 -21.04 2.33
N TYR A 545 31.41 -20.19 2.34
CA TYR A 545 31.33 -18.94 3.07
C TYR A 545 30.58 -17.86 2.32
N LEU A 546 30.41 -18.02 1.00
CA LEU A 546 29.69 -17.03 0.21
C LEU A 546 28.18 -17.22 0.27
N LEU A 547 27.69 -18.09 1.14
CA LEU A 547 26.27 -18.27 1.35
C LEU A 547 25.87 -18.14 2.80
N SER A 548 26.81 -17.89 3.68
CA SER A 548 26.58 -17.88 5.11
C SER A 548 27.07 -16.62 5.80
N ARG A 549 28.05 -15.94 5.23
CA ARG A 549 28.78 -14.89 5.92
C ARG A 549 28.61 -13.55 5.21
N GLY A 550 29.35 -12.56 5.67
CA GLY A 550 29.23 -11.23 5.11
C GLY A 550 30.48 -10.78 4.40
N GLN A 551 30.81 -9.52 4.52
CA GLN A 551 31.94 -8.96 3.82
C GLN A 551 33.15 -8.72 4.73
N GLN A 552 33.19 -9.32 5.92
CA GLN A 552 34.33 -9.11 6.82
C GLN A 552 35.37 -10.21 6.68
N VAL A 553 34.94 -11.46 6.57
CA VAL A 553 35.87 -12.60 6.48
C VAL A 553 36.76 -12.48 5.26
N LYS A 554 36.26 -11.88 4.19
CA LYS A 554 37.00 -11.75 2.96
C LYS A 554 38.10 -10.68 3.08
N VAL A 555 37.81 -9.57 3.75
CA VAL A 555 38.82 -8.53 3.88
C VAL A 555 39.83 -8.88 4.97
N VAL A 556 39.41 -9.62 6.00
CA VAL A 556 40.35 -10.21 6.95
C VAL A 556 41.29 -11.18 6.25
N SER A 557 40.74 -12.03 5.36
CA SER A 557 41.53 -13.01 4.63
C SER A 557 42.57 -12.35 3.73
N GLN A 558 42.16 -11.34 2.95
CA GLN A 558 43.09 -10.66 2.05
C GLN A 558 44.15 -9.88 2.83
N LEU A 559 43.80 -9.30 3.99
CA LEU A 559 44.78 -8.55 4.75
C LEU A 559 45.81 -9.47 5.41
N LEU A 560 45.38 -10.63 5.90
CA LEU A 560 46.33 -11.61 6.42
C LEU A 560 47.25 -12.15 5.33
N ARG A 561 46.70 -12.40 4.13
CA ARG A 561 47.52 -12.90 3.03
C ARG A 561 48.51 -11.86 2.54
N GLN A 562 48.21 -10.57 2.72
CA GLN A 562 49.22 -9.56 2.40
C GLN A 562 50.15 -9.27 3.58
N ALA A 563 49.81 -9.71 4.79
CA ALA A 563 50.61 -9.42 5.96
C ALA A 563 51.75 -10.40 6.20
N MET A 564 51.67 -11.60 5.65
CA MET A 564 52.74 -12.57 5.84
C MET A 564 53.98 -12.23 5.02
N HIS A 565 53.88 -11.32 4.06
CA HIS A 565 54.97 -11.06 3.15
C HIS A 565 55.92 -9.96 3.61
N GLU A 566 55.61 -9.27 4.70
CA GLU A 566 56.52 -8.30 5.29
C GLU A 566 56.75 -8.53 6.79
N GLY A 567 56.07 -9.52 7.37
CA GLY A 567 56.27 -9.85 8.77
C GLY A 567 55.64 -8.89 9.76
N LEU A 568 54.31 -8.80 9.76
CA LEU A 568 53.58 -8.03 10.75
C LEU A 568 52.54 -8.92 11.41
N LEU A 569 52.12 -8.54 12.60
CA LEU A 569 51.06 -9.22 13.31
C LEU A 569 49.92 -8.25 13.56
N MET A 570 48.69 -8.79 13.58
CA MET A 570 47.52 -7.94 13.76
C MET A 570 47.17 -7.84 15.24
N PRO A 571 46.72 -6.69 15.71
CA PRO A 571 46.28 -6.57 17.11
C PRO A 571 44.79 -6.79 17.25
N VAL A 572 44.35 -6.81 18.50
CA VAL A 572 42.94 -6.96 18.83
C VAL A 572 42.49 -5.70 19.56
N VAL A 573 41.86 -4.77 18.86
CA VAL A 573 41.21 -3.63 19.49
C VAL A 573 39.71 -3.83 19.40
N LYS A 574 39.02 -3.58 20.51
CA LYS A 574 37.58 -3.72 20.59
C LYS A 574 37.06 -2.64 21.52
N SER A 575 36.06 -1.89 21.05
CA SER A 575 35.57 -0.73 21.77
C SER A 575 34.07 -0.62 21.59
N GLU A 576 33.36 -0.34 22.69
CA GLU A 576 31.92 -0.09 22.67
C GLU A 576 31.65 1.12 23.54
N GLY A 577 31.45 2.29 22.95
CA GLY A 577 31.55 2.49 21.51
C GLY A 577 31.89 3.93 21.19
N GLY A 578 32.50 4.16 20.02
CA GLY A 578 32.85 5.48 19.58
C GLY A 578 31.64 6.28 19.12
N GLU A 579 31.93 7.44 18.54
CA GLU A 579 30.88 8.28 18.01
C GLU A 579 30.87 8.25 16.49
N ASP A 580 29.86 8.88 15.92
CA ASP A 580 29.80 9.04 14.47
C ASP A 580 30.75 10.15 14.03
N TYR A 581 31.00 10.19 12.74
CA TYR A 581 31.76 11.24 12.09
C TYR A 581 30.91 11.81 10.97
N THR A 582 31.43 12.84 10.30
CA THR A 582 30.66 13.57 9.31
C THR A 582 30.81 12.93 7.94
N GLY A 583 29.69 12.62 7.28
CA GLY A 583 29.72 12.01 5.98
C GLY A 583 29.89 12.98 4.82
N ALA A 584 29.10 12.79 3.77
CA ALA A 584 29.33 13.42 2.48
C ALA A 584 28.53 14.71 2.31
N THR A 585 29.04 15.60 1.47
CA THR A 585 28.36 16.85 1.15
C THR A 585 27.41 16.68 -0.03
N VAL A 586 26.31 17.43 -0.01
CA VAL A 586 25.42 17.58 -1.17
C VAL A 586 25.34 19.08 -1.46
N ILE A 587 25.39 19.44 -2.75
CA ILE A 587 25.31 20.85 -3.13
C ILE A 587 23.84 21.26 -3.28
N GLU A 588 23.55 22.50 -2.88
CA GLU A 588 22.18 23.01 -2.93
C GLU A 588 21.71 23.19 -4.37
N PRO A 589 20.57 22.64 -4.74
CA PRO A 589 20.11 22.72 -6.13
C PRO A 589 19.62 24.10 -6.52
N LEU A 590 19.39 24.23 -7.82
CA LEU A 590 18.52 25.26 -8.40
C LEU A 590 17.37 24.50 -9.00
N LYS A 591 16.30 24.32 -8.21
CA LYS A 591 15.22 23.38 -8.50
C LYS A 591 14.46 23.80 -9.76
N GLY A 592 13.94 22.81 -10.49
CA GLY A 592 12.95 23.14 -11.52
C GLY A 592 12.84 22.25 -12.74
N TYR A 593 12.61 22.88 -13.88
CA TYR A 593 12.54 22.24 -15.18
C TYR A 593 13.53 22.96 -16.07
N TYR A 594 14.42 22.21 -16.69
CA TYR A 594 15.43 22.76 -17.57
C TYR A 594 15.19 22.23 -18.97
N ASP A 595 15.51 23.05 -19.97
CA ASP A 595 15.33 22.67 -21.37
C ASP A 595 16.52 23.09 -22.20
N VAL A 596 17.62 23.37 -21.52
CA VAL A 596 18.93 23.57 -22.14
C VAL A 596 19.85 22.52 -21.55
N PRO A 597 20.69 21.86 -22.38
CA PRO A 597 21.44 20.68 -21.93
C PRO A 597 22.41 20.91 -20.75
N ILE A 598 22.38 19.95 -19.83
CA ILE A 598 23.28 19.89 -18.67
C ILE A 598 24.19 18.68 -18.84
N ALA A 599 25.50 18.88 -18.65
CA ALA A 599 26.49 17.82 -18.78
C ALA A 599 27.00 17.35 -17.43
N THR A 600 27.14 16.03 -17.29
CA THR A 600 27.50 15.36 -16.04
C THR A 600 28.96 14.93 -16.07
N LEU A 601 29.72 15.36 -15.08
CA LEU A 601 31.12 15.00 -14.93
C LEU A 601 31.30 14.34 -13.58
N ASP A 602 31.93 13.16 -13.54
CA ASP A 602 32.09 12.54 -12.24
C ASP A 602 33.43 11.85 -12.13
N PHE A 603 33.80 11.55 -10.88
CA PHE A 603 34.99 10.79 -10.58
C PHE A 603 34.66 9.32 -10.50
N SER A 604 35.56 8.49 -11.01
CA SER A 604 35.39 7.04 -11.04
C SER A 604 36.28 6.39 -9.99
N SER A 605 35.69 5.48 -9.20
CA SER A 605 36.32 4.83 -8.04
C SER A 605 36.96 5.85 -7.10
N LEU A 606 36.09 6.64 -6.46
CA LEU A 606 36.54 7.83 -5.73
C LEU A 606 37.27 7.47 -4.45
N TYR A 607 36.61 6.75 -3.54
CA TYR A 607 37.24 6.46 -2.26
C TYR A 607 38.42 5.48 -2.32
N PRO A 608 38.40 4.39 -3.12
CA PRO A 608 39.63 3.60 -3.24
C PRO A 608 40.80 4.35 -3.84
N SER A 609 40.56 5.35 -4.69
CA SER A 609 41.68 6.10 -5.24
C SER A 609 42.18 7.19 -4.30
N ILE A 610 41.30 7.71 -3.44
CA ILE A 610 41.76 8.55 -2.33
C ILE A 610 42.68 7.75 -1.41
N MET A 611 42.25 6.54 -1.02
CA MET A 611 43.06 5.68 -0.17
C MET A 611 44.35 5.24 -0.87
N MET A 612 44.35 5.15 -2.19
CA MET A 612 45.56 4.78 -2.91
C MET A 612 46.56 5.92 -3.01
N ALA A 613 46.13 7.09 -3.48
CA ALA A 613 47.07 8.10 -3.95
C ALA A 613 47.51 9.10 -2.90
N HIS A 614 47.13 8.92 -1.64
CA HIS A 614 47.68 9.72 -0.55
C HIS A 614 48.30 8.84 0.53
N ASN A 615 48.45 7.55 0.26
CA ASN A 615 49.21 6.58 1.06
C ASN A 615 48.66 6.45 2.48
N LEU A 616 47.40 6.05 2.56
CA LEU A 616 46.68 5.91 3.81
C LEU A 616 46.58 4.44 4.14
N CYS A 617 46.94 4.06 5.37
CA CYS A 617 46.85 2.68 5.82
C CYS A 617 46.92 2.65 7.34
N TYR A 618 46.54 1.50 7.91
CA TYR A 618 46.83 1.18 9.31
C TYR A 618 48.31 1.32 9.59
N THR A 619 49.13 0.78 8.69
CA THR A 619 50.53 0.52 8.95
C THR A 619 51.39 1.76 8.68
N THR A 620 50.77 2.87 8.28
CA THR A 620 51.49 4.13 8.11
C THR A 620 50.78 5.31 8.75
N LEU A 621 49.82 5.06 9.63
CA LEU A 621 49.20 6.12 10.43
C LEU A 621 50.20 6.63 11.47
N LEU A 622 50.51 7.91 11.41
CA LEU A 622 51.48 8.51 12.31
C LEU A 622 50.76 9.05 13.54
N ARG A 623 51.18 8.58 14.73
CA ARG A 623 50.62 9.06 16.00
C ARG A 623 51.06 10.51 16.22
N PRO A 624 50.32 11.29 17.03
CA PRO A 624 50.64 12.73 17.14
C PRO A 624 52.01 13.05 17.76
N GLY A 625 52.61 12.13 18.49
CA GLY A 625 53.88 12.40 19.13
C GLY A 625 55.10 11.89 18.40
N THR A 626 54.96 10.82 17.62
CA THR A 626 56.15 10.16 17.08
C THR A 626 56.77 10.92 15.92
N ALA A 627 56.10 11.94 15.39
CA ALA A 627 56.79 12.86 14.50
C ALA A 627 57.85 13.64 15.26
N GLN A 628 57.52 14.05 16.47
CA GLN A 628 58.44 14.79 17.33
C GLN A 628 59.42 13.83 18.01
N LYS A 629 60.68 14.25 18.18
CA LYS A 629 61.20 15.58 17.85
C LYS A 629 61.94 15.63 16.53
N LEU A 630 61.61 14.73 15.60
CA LEU A 630 62.08 14.91 14.24
C LEU A 630 61.28 16.03 13.59
N GLY A 631 61.94 16.80 12.74
CA GLY A 631 61.27 17.98 12.17
C GLY A 631 61.02 17.90 10.68
N LEU A 632 61.24 16.73 10.08
CA LEU A 632 61.16 16.62 8.63
C LEU A 632 59.71 16.45 8.21
N THR A 633 59.09 17.55 7.81
CA THR A 633 57.69 17.57 7.35
C THR A 633 57.59 17.36 5.86
N GLU A 634 58.37 18.13 5.10
CA GLU A 634 58.33 18.13 3.63
C GLU A 634 58.75 16.78 3.08
N ASP A 635 57.90 16.26 2.18
CA ASP A 635 57.99 14.98 1.45
C ASP A 635 58.30 13.75 2.31
N GLN A 636 58.09 13.86 3.62
CA GLN A 636 58.08 12.68 4.48
C GLN A 636 56.70 12.41 5.05
N PHE A 637 55.92 13.45 5.37
CA PHE A 637 54.52 13.23 5.67
C PHE A 637 53.64 14.37 5.14
N ILE A 638 52.34 14.10 5.20
CA ILE A 638 51.29 14.98 4.73
C ILE A 638 50.28 15.19 5.86
N ARG A 639 49.36 16.12 5.64
CA ARG A 639 48.34 16.48 6.61
C ARG A 639 46.96 16.52 5.97
N THR A 640 45.97 16.04 6.69
CA THR A 640 44.61 15.84 6.20
C THR A 640 43.67 16.89 6.78
N PRO A 641 42.53 17.14 6.13
CA PRO A 641 41.57 18.14 6.66
C PRO A 641 40.99 17.83 8.03
N THR A 642 40.88 16.56 8.42
CA THR A 642 40.46 16.29 9.79
C THR A 642 41.59 16.54 10.77
N GLY A 643 42.84 16.27 10.38
CA GLY A 643 43.95 16.76 11.16
C GLY A 643 45.16 15.87 11.29
N ASP A 644 45.04 14.59 10.92
CA ASP A 644 46.09 13.59 11.08
C ASP A 644 47.31 13.92 10.22
N GLU A 645 48.40 13.21 10.49
CA GLU A 645 49.59 13.24 9.67
C GLU A 645 49.88 11.84 9.16
N PHE A 646 50.24 11.72 7.89
CA PHE A 646 50.44 10.41 7.26
C PHE A 646 51.72 10.43 6.45
N VAL A 647 52.50 9.36 6.57
CA VAL A 647 53.85 9.30 6.00
C VAL A 647 53.79 9.17 4.49
N LYS A 648 54.69 9.88 3.80
CA LYS A 648 54.82 9.77 2.35
C LYS A 648 55.28 8.37 1.94
N THR A 649 55.17 8.09 0.63
CA THR A 649 55.44 6.76 0.09
C THR A 649 56.91 6.48 -0.10
N SER A 650 57.78 7.46 0.11
CA SER A 650 59.22 7.26 0.07
C SER A 650 59.77 6.64 1.35
N VAL A 651 58.91 6.31 2.31
CA VAL A 651 59.31 5.61 3.52
C VAL A 651 58.61 4.26 3.64
N ARG A 652 57.28 4.24 3.44
CA ARG A 652 56.51 3.00 3.55
C ARG A 652 55.53 2.89 2.39
N LYS A 653 55.07 1.67 2.16
CA LYS A 653 53.93 1.37 1.31
C LYS A 653 52.89 0.68 2.16
N GLY A 654 51.65 1.13 2.06
CA GLY A 654 50.62 0.54 2.88
C GLY A 654 50.11 -0.77 2.33
N LEU A 655 49.27 -1.42 3.12
CA LEU A 655 48.71 -2.71 2.73
C LEU A 655 47.37 -2.59 2.04
N LEU A 656 46.57 -1.61 2.41
CA LEU A 656 45.28 -1.37 1.77
C LEU A 656 45.36 -0.79 0.35
N PRO A 657 46.37 0.04 -0.01
CA PRO A 657 46.62 0.29 -1.43
C PRO A 657 46.81 -0.94 -2.31
N GLN A 658 47.51 -1.97 -1.85
CA GLN A 658 47.79 -3.12 -2.71
C GLN A 658 46.56 -4.02 -2.87
N ILE A 659 45.82 -4.26 -1.79
CA ILE A 659 44.58 -5.02 -1.87
C ILE A 659 43.59 -4.31 -2.78
N LEU A 660 43.51 -2.98 -2.66
CA LEU A 660 42.59 -2.22 -3.49
C LEU A 660 43.02 -2.23 -4.96
N GLU A 661 44.33 -2.21 -5.22
CA GLU A 661 44.83 -2.23 -6.59
C GLU A 661 44.54 -3.56 -7.29
N ASN A 662 44.65 -4.67 -6.56
CA ASN A 662 44.26 -5.98 -7.10
C ASN A 662 42.76 -6.03 -7.43
N LEU A 663 41.91 -5.52 -6.51
CA LEU A 663 40.47 -5.55 -6.78
C LEU A 663 40.09 -4.64 -7.94
N LEU A 664 40.80 -3.52 -8.10
CA LEU A 664 40.52 -2.58 -9.16
C LEU A 664 40.90 -3.14 -10.53
N SER A 665 42.03 -3.87 -10.60
CA SER A 665 42.38 -4.53 -11.85
C SER A 665 41.40 -5.66 -12.21
N ALA A 666 40.89 -6.40 -11.21
CA ALA A 666 39.90 -7.44 -11.51
C ALA A 666 38.61 -6.85 -12.07
N ARG A 667 38.14 -5.73 -11.51
CA ARG A 667 36.94 -5.09 -12.04
C ARG A 667 37.18 -4.49 -13.43
N LYS A 668 38.39 -3.96 -13.66
CA LYS A 668 38.73 -3.42 -14.99
C LYS A 668 38.73 -4.51 -16.05
N ARG A 669 39.23 -5.72 -15.71
CA ARG A 669 39.18 -6.84 -16.64
C ARG A 669 37.74 -7.28 -16.90
N ALA A 670 36.88 -7.24 -15.87
CA ALA A 670 35.48 -7.59 -16.07
C ALA A 670 34.78 -6.60 -16.99
N LYS A 671 35.10 -5.31 -16.87
CA LYS A 671 34.49 -4.33 -17.76
C LYS A 671 35.02 -4.45 -19.19
N ALA A 672 36.32 -4.74 -19.33
CA ALA A 672 36.91 -4.97 -20.65
C ALA A 672 36.31 -6.18 -21.34
N GLU A 673 35.91 -7.20 -20.57
CA GLU A 673 35.16 -8.31 -21.15
C GLU A 673 33.72 -7.91 -21.47
N LEU A 674 33.13 -7.02 -20.65
CA LEU A 674 31.74 -6.64 -20.87
C LEU A 674 31.58 -5.73 -22.08
N ALA A 675 32.65 -5.07 -22.51
CA ALA A 675 32.56 -4.15 -23.65
C ALA A 675 32.45 -4.83 -25.01
N LYS A 676 32.18 -6.13 -25.09
CA LYS A 676 32.09 -6.84 -26.37
C LYS A 676 30.91 -7.82 -26.41
N GLU A 677 29.85 -7.55 -25.66
CA GLU A 677 28.64 -8.35 -25.71
C GLU A 677 27.55 -7.63 -26.49
N THR A 678 26.65 -8.41 -27.10
CA THR A 678 25.51 -7.87 -27.84
C THR A 678 24.16 -8.23 -27.24
N ASP A 679 24.08 -9.28 -26.44
CA ASP A 679 22.81 -9.71 -25.87
C ASP A 679 22.50 -8.84 -24.65
N PRO A 680 21.23 -8.44 -24.43
CA PRO A 680 20.96 -7.51 -23.32
C PRO A 680 21.03 -8.14 -21.94
N LEU A 681 20.44 -9.33 -21.74
CA LEU A 681 20.47 -9.96 -20.42
C LEU A 681 21.88 -10.40 -20.07
N ARG A 682 22.67 -10.79 -21.08
CA ARG A 682 24.06 -11.10 -20.82
C ARG A 682 24.84 -9.84 -20.46
N ARG A 683 24.50 -8.71 -21.09
CA ARG A 683 25.17 -7.44 -20.77
C ARG A 683 24.87 -7.01 -19.34
N GLN A 684 23.63 -7.20 -18.89
CA GLN A 684 23.35 -6.86 -17.50
C GLN A 684 23.90 -7.88 -16.51
N VAL A 685 24.12 -9.15 -16.89
CA VAL A 685 24.71 -10.02 -15.87
C VAL A 685 26.23 -9.81 -15.78
N LEU A 686 26.90 -9.38 -16.86
CA LEU A 686 28.28 -8.92 -16.70
C LEU A 686 28.36 -7.60 -15.94
N ASP A 687 27.32 -6.76 -16.08
CA ASP A 687 27.21 -5.57 -15.23
C ASP A 687 27.05 -5.98 -13.76
N GLY A 688 26.33 -7.06 -13.50
CA GLY A 688 26.21 -7.58 -12.15
C GLY A 688 27.53 -8.05 -11.57
N ARG A 689 28.35 -8.72 -12.39
CA ARG A 689 29.69 -9.15 -11.98
C ARG A 689 30.58 -7.95 -11.62
N GLN A 690 30.56 -6.91 -12.46
CA GLN A 690 31.44 -5.77 -12.17
C GLN A 690 30.92 -4.93 -11.00
N LEU A 691 29.60 -4.95 -10.80
CA LEU A 691 28.98 -4.27 -9.67
C LEU A 691 29.45 -4.93 -8.37
N ALA A 692 29.49 -6.27 -8.38
CA ALA A 692 29.94 -7.04 -7.22
C ALA A 692 31.41 -6.73 -6.89
N LEU A 693 32.25 -6.58 -7.92
CA LEU A 693 33.65 -6.26 -7.60
C LEU A 693 33.83 -4.82 -7.11
N LYS A 694 33.00 -3.88 -7.59
CA LYS A 694 33.05 -2.52 -7.05
C LYS A 694 32.51 -2.45 -5.62
N VAL A 695 31.50 -3.27 -5.28
CA VAL A 695 30.99 -3.34 -3.92
C VAL A 695 32.04 -3.90 -2.98
N SER A 696 32.82 -4.88 -3.44
CA SER A 696 33.92 -5.43 -2.63
C SER A 696 34.98 -4.37 -2.36
N ALA A 697 35.36 -3.60 -3.38
CA ALA A 697 36.37 -2.57 -3.18
C ALA A 697 35.90 -1.45 -2.26
N ASN A 698 34.60 -1.11 -2.28
CA ASN A 698 34.12 -0.07 -1.37
C ASN A 698 33.91 -0.58 0.05
N SER A 699 33.59 -1.87 0.21
CA SER A 699 33.48 -2.46 1.54
C SER A 699 34.83 -2.60 2.22
N VAL A 700 35.93 -2.59 1.45
CA VAL A 700 37.26 -2.45 2.04
C VAL A 700 37.38 -1.15 2.85
N TYR A 701 36.95 -0.02 2.27
CA TYR A 701 36.94 1.25 3.00
C TYR A 701 35.94 1.25 4.15
N GLY A 702 34.76 0.66 3.93
CA GLY A 702 33.76 0.61 4.99
C GLY A 702 34.11 -0.28 6.17
N PHE A 703 35.09 -1.17 5.99
CA PHE A 703 35.62 -1.95 7.10
C PHE A 703 36.25 -1.07 8.17
N THR A 704 36.90 0.02 7.76
CA THR A 704 37.66 0.84 8.69
C THR A 704 36.76 1.57 9.70
N GLY A 705 35.62 2.06 9.26
CA GLY A 705 34.77 2.84 10.13
C GLY A 705 33.75 2.08 10.95
N ALA A 706 33.73 0.75 10.92
CA ALA A 706 32.72 -0.03 11.61
C ALA A 706 33.17 -0.26 13.05
N GLN A 707 32.65 0.56 13.97
CA GLN A 707 33.05 0.52 15.37
C GLN A 707 32.60 -0.75 16.09
N VAL A 708 31.63 -1.47 15.53
CA VAL A 708 31.32 -2.83 15.94
C VAL A 708 31.83 -3.72 14.81
N GLY A 709 32.96 -4.38 15.04
CA GLY A 709 33.64 -5.05 13.95
C GLY A 709 34.81 -5.89 14.42
N LYS A 710 35.95 -5.79 13.74
CA LYS A 710 37.12 -6.51 14.22
C LYS A 710 38.36 -5.64 14.30
N LEU A 711 38.44 -4.55 13.51
CA LEU A 711 39.59 -3.65 13.60
C LEU A 711 39.29 -2.25 13.07
N PRO A 712 38.74 -1.34 13.92
CA PRO A 712 38.36 0.00 13.43
C PRO A 712 39.39 1.11 13.63
N CYS A 713 39.47 2.02 12.66
CA CYS A 713 40.43 3.13 12.67
C CYS A 713 39.82 4.43 12.12
N LEU A 714 38.77 4.93 12.79
CA LEU A 714 37.95 6.08 12.32
C LEU A 714 38.72 7.33 11.88
N GLU A 715 39.98 7.48 12.29
CA GLU A 715 40.85 8.52 11.76
C GLU A 715 40.96 8.46 10.23
N ILE A 716 41.08 7.23 9.71
CA ILE A 716 41.22 7.02 8.27
C ILE A 716 39.94 7.41 7.54
N SER A 717 38.79 6.96 8.07
CA SER A 717 37.49 7.28 7.49
C SER A 717 37.24 8.79 7.42
N GLN A 718 37.58 9.50 8.50
CA GLN A 718 37.45 10.95 8.51
C GLN A 718 38.35 11.62 7.48
N SER A 719 39.57 11.10 7.31
CA SER A 719 40.47 11.65 6.29
C SER A 719 39.92 11.44 4.87
N VAL A 720 39.28 10.29 4.65
CA VAL A 720 38.68 9.97 3.35
C VAL A 720 37.57 10.95 3.00
N THR A 721 36.59 11.13 3.90
CA THR A 721 35.47 12.00 3.55
C THR A 721 35.86 13.47 3.55
N GLY A 722 36.86 13.87 4.33
CA GLY A 722 37.38 15.23 4.21
C GLY A 722 38.01 15.50 2.87
N PHE A 723 38.76 14.52 2.34
CA PHE A 723 39.33 14.68 1.01
C PHE A 723 38.24 14.72 -0.07
N GLY A 724 37.18 13.93 0.12
CA GLY A 724 36.06 13.97 -0.81
C GLY A 724 35.39 15.33 -0.91
N ARG A 725 35.07 15.92 0.25
CA ARG A 725 34.44 17.24 0.29
C ARG A 725 35.31 18.31 -0.33
N GLN A 726 36.60 18.29 0.01
CA GLN A 726 37.55 19.25 -0.55
C GLN A 726 37.62 19.16 -2.07
N MET A 727 37.63 17.94 -2.61
CA MET A 727 37.78 17.79 -4.05
C MET A 727 36.52 18.18 -4.82
N ILE A 728 35.32 17.92 -4.27
CA ILE A 728 34.12 18.28 -5.03
C ILE A 728 33.91 19.80 -5.02
N GLU A 729 34.22 20.48 -3.91
CA GLU A 729 34.09 21.93 -3.98
C GLU A 729 35.17 22.54 -4.86
N LYS A 730 36.33 21.89 -4.95
CA LYS A 730 37.35 22.30 -5.92
C LYS A 730 36.83 22.18 -7.35
N THR A 731 36.12 21.09 -7.64
CA THR A 731 35.54 20.86 -8.96
C THR A 731 34.53 21.96 -9.32
N LYS A 732 33.66 22.32 -8.37
CA LYS A 732 32.61 23.29 -8.67
C LYS A 732 33.17 24.70 -8.87
N GLN A 733 34.11 25.10 -8.01
CA GLN A 733 34.79 26.38 -8.19
C GLN A 733 35.50 26.46 -9.54
N LEU A 734 36.19 25.38 -9.92
CA LEU A 734 36.98 25.40 -11.15
C LEU A 734 36.09 25.44 -12.39
N VAL A 735 35.03 24.63 -12.41
CA VAL A 735 34.14 24.57 -13.58
C VAL A 735 33.39 25.87 -13.77
N GLU A 736 32.83 26.44 -12.69
CA GLU A 736 32.13 27.70 -12.87
C GLU A 736 33.06 28.88 -13.07
N SER A 737 34.33 28.76 -12.70
CA SER A 737 35.20 29.92 -12.81
C SER A 737 35.90 30.03 -14.15
N LYS A 738 36.20 28.91 -14.83
CA LYS A 738 37.01 29.11 -16.02
C LYS A 738 36.23 29.51 -17.27
N TYR A 739 35.11 28.85 -17.57
CA TYR A 739 34.48 29.04 -18.88
C TYR A 739 33.43 30.14 -18.74
N THR A 740 33.82 31.35 -19.12
CA THR A 740 33.02 32.53 -18.83
C THR A 740 33.01 33.45 -20.05
N VAL A 741 32.22 34.53 -19.97
CA VAL A 741 32.03 35.42 -21.11
C VAL A 741 33.29 36.24 -21.38
N GLU A 742 34.06 36.57 -20.34
CA GLU A 742 35.27 37.35 -20.55
C GLU A 742 36.42 36.51 -21.04
N ASN A 743 36.37 35.18 -20.85
CA ASN A 743 37.47 34.30 -21.25
C ASN A 743 37.31 33.77 -22.65
N GLY A 744 36.62 34.49 -23.53
CA GLY A 744 36.51 34.14 -24.92
C GLY A 744 35.42 33.14 -25.24
N TYR A 745 34.85 32.49 -24.24
CA TYR A 745 33.83 31.48 -24.48
C TYR A 745 32.48 32.18 -24.72
N SER A 746 31.42 31.39 -24.86
CA SER A 746 30.12 31.96 -25.19
C SER A 746 29.42 32.52 -23.95
N THR A 747 29.12 31.64 -22.99
CA THR A 747 28.29 31.96 -21.83
C THR A 747 29.00 31.47 -20.58
N SER A 748 28.90 32.23 -19.49
CA SER A 748 29.42 31.75 -18.21
C SER A 748 28.52 30.65 -17.68
N ALA A 749 29.07 29.46 -17.50
CA ALA A 749 28.28 28.33 -17.04
C ALA A 749 28.01 28.46 -15.55
N LYS A 750 27.04 27.68 -15.07
CA LYS A 750 26.58 27.73 -13.69
C LYS A 750 26.18 26.33 -13.26
N VAL A 751 26.76 25.85 -12.14
CA VAL A 751 26.48 24.50 -11.67
C VAL A 751 25.12 24.46 -11.00
N VAL A 752 24.30 23.49 -11.40
CA VAL A 752 22.94 23.40 -10.86
C VAL A 752 22.86 22.35 -9.76
N TYR A 753 23.81 21.41 -9.70
CA TYR A 753 23.70 20.28 -8.78
C TYR A 753 25.04 19.56 -8.65
N GLY A 754 25.25 18.95 -7.47
CA GLY A 754 26.36 18.05 -7.20
C GLY A 754 26.14 17.20 -5.97
N ASP A 755 26.36 15.89 -6.07
CA ASP A 755 26.10 14.93 -4.99
C ASP A 755 27.33 14.04 -4.85
N THR A 756 28.36 14.54 -4.15
CA THR A 756 29.51 13.86 -3.53
C THR A 756 30.43 13.08 -4.46
N ASP A 757 30.02 12.82 -5.70
CA ASP A 757 30.95 12.29 -6.70
C ASP A 757 30.74 12.89 -8.06
N SER A 758 29.63 13.58 -8.31
CA SER A 758 29.27 14.04 -9.64
C SER A 758 28.96 15.53 -9.60
N VAL A 759 28.99 16.15 -10.77
CA VAL A 759 28.74 17.57 -10.95
C VAL A 759 27.90 17.70 -12.22
N MET A 760 26.76 18.36 -12.13
CA MET A 760 25.88 18.54 -13.28
C MET A 760 25.92 20.00 -13.70
N CYS A 761 26.83 20.33 -14.60
CA CYS A 761 27.03 21.72 -14.98
C CYS A 761 26.19 22.06 -16.20
N ARG A 762 25.56 23.23 -16.17
CA ARG A 762 24.69 23.71 -17.24
C ARG A 762 25.46 24.71 -18.08
N PHE A 763 25.64 24.40 -19.35
CA PHE A 763 26.63 25.08 -20.16
C PHE A 763 26.07 26.30 -20.90
N GLY A 764 24.86 26.18 -21.45
CA GLY A 764 24.19 27.30 -22.09
C GLY A 764 23.75 27.03 -23.52
N VAL A 765 24.53 26.23 -24.26
CA VAL A 765 24.17 25.94 -25.64
C VAL A 765 23.06 24.91 -25.67
N SER A 766 22.21 25.00 -26.70
CA SER A 766 21.12 24.04 -26.89
C SER A 766 21.41 23.04 -27.99
N SER A 767 22.66 22.93 -28.42
CA SER A 767 23.08 21.93 -29.39
C SER A 767 23.88 20.86 -28.67
N VAL A 768 23.44 19.61 -28.79
CA VAL A 768 23.98 18.51 -28.01
C VAL A 768 25.42 18.20 -28.43
N ALA A 769 25.77 18.49 -29.69
CA ALA A 769 27.14 18.28 -30.15
C ALA A 769 28.11 19.25 -29.47
N GLU A 770 27.74 20.51 -29.37
CA GLU A 770 28.62 21.50 -28.74
C GLU A 770 28.72 21.31 -27.23
N ALA A 771 27.62 20.87 -26.59
CA ALA A 771 27.66 20.54 -25.16
C ALA A 771 28.55 19.34 -24.90
N MET A 772 28.45 18.31 -25.75
CA MET A 772 29.31 17.14 -25.61
C MET A 772 30.77 17.48 -25.80
N ALA A 773 31.08 18.36 -26.77
CA ALA A 773 32.46 18.75 -27.03
C ALA A 773 33.06 19.54 -25.88
N LEU A 774 32.34 20.57 -25.39
CA LEU A 774 32.83 21.33 -24.24
C LEU A 774 32.87 20.51 -22.96
N GLY A 775 31.95 19.56 -22.78
CA GLY A 775 31.98 18.75 -21.57
C GLY A 775 33.15 17.80 -21.53
N ARG A 776 33.50 17.22 -22.68
CA ARG A 776 34.69 16.37 -22.73
C ARG A 776 35.96 17.20 -22.51
N GLU A 777 36.00 18.42 -23.06
CA GLU A 777 37.12 19.31 -22.79
C GLU A 777 37.22 19.66 -21.30
N ALA A 778 36.07 19.86 -20.64
CA ALA A 778 36.09 20.24 -19.22
C ALA A 778 36.55 19.09 -18.33
N ALA A 779 36.04 17.87 -18.59
CA ALA A 779 36.43 16.70 -17.81
C ALA A 779 37.92 16.45 -17.92
N ASP A 780 38.44 16.43 -19.15
CA ASP A 780 39.86 16.19 -19.34
C ASP A 780 40.70 17.35 -18.84
N TRP A 781 40.15 18.56 -18.80
CA TRP A 781 40.92 19.69 -18.30
C TRP A 781 41.06 19.64 -16.78
N VAL A 782 39.95 19.40 -16.09
CA VAL A 782 39.94 19.48 -14.64
C VAL A 782 40.71 18.32 -14.03
N SER A 783 40.75 17.16 -14.72
CA SER A 783 41.47 16.00 -14.20
C SER A 783 42.97 16.22 -14.01
N GLY A 784 43.56 17.22 -14.64
CA GLY A 784 44.99 17.44 -14.51
C GLY A 784 45.41 18.33 -13.34
N HIS A 785 44.79 18.13 -12.17
CA HIS A 785 45.06 18.90 -10.97
C HIS A 785 45.14 18.02 -9.74
N PHE A 786 45.65 16.81 -9.90
CA PHE A 786 45.50 15.78 -8.88
C PHE A 786 46.68 14.83 -8.98
N PRO A 787 46.87 13.97 -7.98
CA PRO A 787 47.67 12.75 -8.18
C PRO A 787 46.93 11.74 -9.04
N SER A 788 47.60 10.66 -9.33
CA SER A 788 46.94 9.59 -10.06
C SER A 788 46.70 8.39 -9.14
N PRO A 789 45.67 7.57 -9.36
CA PRO A 789 44.66 7.45 -10.41
C PRO A 789 43.41 8.32 -10.26
N ILE A 790 43.54 9.58 -9.86
CA ILE A 790 42.38 10.46 -9.76
C ILE A 790 42.08 11.04 -11.13
N ARG A 791 40.90 10.74 -11.66
CA ARG A 791 40.48 11.25 -12.95
C ARG A 791 38.98 11.53 -12.95
N LEU A 792 38.60 12.67 -13.52
CA LEU A 792 37.23 13.06 -13.78
C LEU A 792 36.87 12.67 -15.20
N GLU A 793 35.62 12.30 -15.45
CA GLU A 793 35.22 11.86 -16.77
C GLU A 793 33.81 12.36 -17.12
N PHE A 794 33.64 12.67 -18.41
CA PHE A 794 32.34 12.95 -18.98
C PHE A 794 31.48 11.70 -18.93
N GLU A 795 30.19 11.86 -18.68
CA GLU A 795 29.37 10.65 -18.65
C GLU A 795 28.09 10.71 -19.47
N LYS A 796 27.44 11.87 -19.58
CA LYS A 796 26.16 11.98 -20.25
C LYS A 796 25.84 13.44 -20.53
N VAL A 797 24.75 13.67 -21.26
CA VAL A 797 24.12 14.97 -21.44
C VAL A 797 22.62 14.76 -21.29
N TYR A 798 22.00 15.47 -20.36
CA TYR A 798 20.56 15.40 -20.16
C TYR A 798 19.87 16.53 -20.92
N PHE A 799 18.82 16.19 -21.66
CA PHE A 799 18.14 17.15 -22.52
C PHE A 799 16.72 16.70 -22.86
N PRO A 800 15.68 17.16 -22.15
CA PRO A 800 15.59 18.13 -21.05
C PRO A 800 15.89 17.55 -19.66
N TYR A 801 15.73 18.35 -18.59
CA TYR A 801 16.11 17.94 -17.25
C TYR A 801 15.02 18.34 -16.25
N LEU A 802 14.85 17.58 -15.18
CA LEU A 802 13.78 17.84 -14.22
C LEU A 802 14.27 17.56 -12.81
N LEU A 803 14.47 18.61 -12.01
CA LEU A 803 15.09 18.50 -10.69
C LEU A 803 14.06 18.85 -9.63
N ILE A 804 13.73 17.89 -8.76
CA ILE A 804 12.63 18.09 -7.82
C ILE A 804 13.14 18.42 -6.42
N SER A 805 14.11 17.68 -5.92
CA SER A 805 14.65 17.90 -4.58
C SER A 805 16.05 17.31 -4.54
N LYS A 806 16.57 17.07 -3.35
CA LYS A 806 17.78 16.29 -3.19
C LYS A 806 17.42 14.82 -3.37
N LYS A 807 18.23 14.12 -4.18
CA LYS A 807 18.08 12.69 -4.50
C LYS A 807 16.76 12.39 -5.22
N ARG A 808 16.23 13.35 -5.97
CA ARG A 808 15.01 13.16 -6.78
C ARG A 808 15.14 13.98 -8.05
N TYR A 809 15.34 13.30 -9.18
CA TYR A 809 15.38 14.00 -10.47
C TYR A 809 15.10 13.02 -11.60
N ALA A 810 15.05 13.57 -12.82
CA ALA A 810 14.73 12.81 -14.01
C ALA A 810 15.29 13.52 -15.23
N GLY A 811 15.49 12.76 -16.29
CA GLY A 811 16.02 13.34 -17.52
C GLY A 811 16.05 12.34 -18.65
N LEU A 812 16.54 12.78 -19.79
CA LEU A 812 16.68 11.94 -20.98
C LEU A 812 18.13 11.82 -21.41
N LEU A 813 18.52 10.62 -21.81
CA LEU A 813 19.91 10.17 -21.79
C LEU A 813 20.50 10.15 -23.19
N PHE A 814 21.64 10.81 -23.35
CA PHE A 814 22.39 10.87 -24.59
C PHE A 814 23.75 10.24 -24.33
N SER A 815 24.11 9.22 -25.11
CA SER A 815 25.44 8.63 -25.03
C SER A 815 26.39 9.16 -26.10
N SER A 816 25.93 9.19 -27.36
CA SER A 816 26.61 9.84 -28.46
C SER A 816 25.65 10.85 -29.07
N ARG A 817 26.08 11.54 -30.11
CA ARG A 817 25.06 12.27 -30.84
C ARG A 817 24.29 11.45 -31.88
N PRO A 818 24.90 10.69 -32.81
CA PRO A 818 24.09 10.01 -33.84
C PRO A 818 23.38 8.79 -33.31
N ASP A 819 23.84 8.25 -32.18
CA ASP A 819 23.01 7.50 -31.24
C ASP A 819 22.18 8.55 -30.51
N ALA A 820 20.92 8.70 -30.97
CA ALA A 820 20.14 9.90 -30.68
C ALA A 820 19.72 9.97 -29.20
N HIS A 821 18.92 9.00 -28.74
CA HIS A 821 18.66 8.96 -27.31
C HIS A 821 18.55 7.50 -26.87
N ASP A 822 18.87 7.26 -25.60
CA ASP A 822 18.92 5.91 -25.05
C ASP A 822 17.63 5.55 -24.31
N ARG A 823 17.30 6.31 -23.27
CA ARG A 823 16.17 6.05 -22.39
C ARG A 823 15.98 7.26 -21.48
N MET A 824 15.06 7.12 -20.53
CA MET A 824 14.92 8.06 -19.43
C MET A 824 15.80 7.67 -18.26
N ASP A 825 15.99 8.62 -17.35
CA ASP A 825 16.57 8.39 -16.03
C ASP A 825 15.61 8.91 -14.98
N CYS A 826 15.26 8.04 -14.03
CA CYS A 826 14.34 8.36 -12.94
C CYS A 826 15.06 8.08 -11.61
N LYS A 827 15.83 9.05 -11.13
CA LYS A 827 16.58 8.88 -9.89
C LYS A 827 15.69 9.24 -8.71
N GLY A 828 15.29 8.24 -7.95
CA GLY A 828 14.67 8.43 -6.67
C GLY A 828 13.16 8.50 -6.68
N LEU A 829 12.54 8.71 -7.84
CA LEU A 829 11.14 9.11 -7.90
C LEU A 829 10.21 7.92 -7.63
N GLU A 830 8.92 8.13 -7.85
CA GLU A 830 7.88 7.21 -7.42
C GLU A 830 7.72 6.01 -8.34
N ALA A 831 8.65 5.81 -9.29
CA ALA A 831 8.57 4.73 -10.26
C ALA A 831 9.56 3.61 -9.98
N VAL A 832 10.49 3.81 -9.05
CA VAL A 832 11.51 2.81 -8.74
C VAL A 832 11.41 2.31 -7.30
N ARG A 833 10.67 2.99 -6.44
CA ARG A 833 10.44 2.50 -5.09
C ARG A 833 9.36 1.43 -5.11
N ARG A 834 9.33 0.61 -4.06
CA ARG A 834 8.41 -0.51 -3.97
C ARG A 834 7.38 -0.35 -2.86
N ASP A 835 7.30 0.83 -2.25
CA ASP A 835 6.38 1.08 -1.13
C ASP A 835 4.99 1.52 -1.59
N ASN A 836 4.70 1.50 -2.89
CA ASN A 836 3.47 2.10 -3.41
C ASN A 836 2.72 1.06 -4.25
N CYS A 837 1.72 1.53 -4.97
CA CYS A 837 0.86 0.76 -5.85
C CYS A 837 1.46 0.70 -7.25
N PRO A 838 1.13 -0.33 -8.04
CA PRO A 838 1.57 -0.32 -9.45
C PRO A 838 0.89 0.75 -10.27
N LEU A 839 -0.35 1.11 -9.90
CA LEU A 839 -1.11 2.15 -10.57
C LEU A 839 -0.38 3.50 -10.53
N VAL A 840 0.20 3.83 -9.38
CA VAL A 840 0.85 5.13 -9.22
C VAL A 840 2.18 5.18 -9.97
N ALA A 841 2.97 4.10 -9.90
CA ALA A 841 4.25 4.04 -10.60
C ALA A 841 4.04 4.04 -12.11
N ASN A 842 3.00 3.35 -12.59
CA ASN A 842 2.67 3.37 -14.02
C ASN A 842 2.24 4.76 -14.47
N LEU A 843 1.40 5.43 -13.67
CA LEU A 843 0.98 6.79 -14.02
C LEU A 843 2.15 7.77 -14.03
N VAL A 844 3.11 7.60 -13.13
CA VAL A 844 4.26 8.51 -13.14
C VAL A 844 5.15 8.26 -14.36
N THR A 845 5.35 6.99 -14.73
CA THR A 845 6.13 6.68 -15.93
C THR A 845 5.46 7.19 -17.20
N ALA A 846 4.14 6.99 -17.31
CA ALA A 846 3.42 7.44 -18.51
C ALA A 846 3.34 8.95 -18.58
N SER A 847 3.24 9.64 -17.44
CA SER A 847 3.23 11.09 -17.46
C SER A 847 4.58 11.66 -17.86
N LEU A 848 5.68 11.10 -17.33
CA LEU A 848 6.99 11.56 -17.78
C LEU A 848 7.27 11.17 -19.23
N ARG A 849 6.66 10.10 -19.73
CA ARG A 849 6.80 9.78 -21.15
C ARG A 849 6.10 10.81 -22.02
N ARG A 850 4.82 11.08 -21.75
CA ARG A 850 4.08 12.05 -22.54
C ARG A 850 4.60 13.47 -22.34
N LEU A 851 5.30 13.73 -21.26
CA LEU A 851 5.73 15.08 -20.91
C LEU A 851 7.16 15.38 -21.32
N LEU A 852 8.01 14.36 -21.48
CA LEU A 852 9.41 14.57 -21.81
C LEU A 852 9.78 14.16 -23.23
N ILE A 853 9.06 13.20 -23.81
CA ILE A 853 9.34 12.70 -25.14
C ILE A 853 8.51 13.40 -26.21
N ASP A 854 7.21 13.54 -25.99
CA ASP A 854 6.34 14.20 -26.95
C ASP A 854 6.08 15.66 -26.64
N ARG A 855 6.36 16.09 -25.41
CA ARG A 855 6.22 17.46 -24.92
C ARG A 855 4.78 17.98 -25.08
N ASP A 856 3.82 17.10 -24.81
CA ASP A 856 2.44 17.49 -24.89
C ASP A 856 1.79 17.37 -23.53
N PRO A 857 1.61 18.50 -22.84
CA PRO A 857 0.92 18.50 -21.55
C PRO A 857 -0.59 18.24 -21.64
N GLU A 858 -1.21 18.40 -22.80
CA GLU A 858 -2.65 18.23 -22.90
C GLU A 858 -3.04 16.76 -22.94
N GLY A 859 -2.26 15.95 -23.65
CA GLY A 859 -2.41 14.51 -23.56
C GLY A 859 -2.07 13.97 -22.19
N ALA A 860 -1.16 14.63 -21.47
CA ALA A 860 -0.83 14.23 -20.12
C ALA A 860 -1.99 14.49 -19.16
N VAL A 861 -2.61 15.68 -19.27
CA VAL A 861 -3.80 16.00 -18.47
C VAL A 861 -4.94 15.05 -18.80
N ALA A 862 -5.15 14.76 -20.09
CA ALA A 862 -6.22 13.86 -20.48
C ALA A 862 -5.95 12.43 -20.00
N HIS A 863 -4.67 12.04 -19.94
CA HIS A 863 -4.30 10.74 -19.43
C HIS A 863 -4.59 10.62 -17.94
N ALA A 864 -4.15 11.61 -17.16
CA ALA A 864 -4.36 11.57 -15.72
C ALA A 864 -5.85 11.66 -15.39
N GLN A 865 -6.60 12.42 -16.19
CA GLN A 865 -8.06 12.45 -16.07
C GLN A 865 -8.69 11.10 -16.33
N ASP A 866 -8.24 10.37 -17.36
CA ASP A 866 -8.83 9.06 -17.63
C ASP A 866 -8.49 8.07 -16.53
N VAL A 867 -7.29 8.17 -15.95
CA VAL A 867 -6.92 7.26 -14.86
C VAL A 867 -7.79 7.51 -13.63
N ILE A 868 -8.00 8.79 -13.29
CA ILE A 868 -8.82 9.13 -12.12
C ILE A 868 -10.28 8.78 -12.37
N SER A 869 -10.77 8.98 -13.60
CA SER A 869 -12.15 8.69 -13.94
C SER A 869 -12.41 7.19 -13.90
N ASP A 870 -11.47 6.39 -14.41
CA ASP A 870 -11.65 4.95 -14.41
C ASP A 870 -11.45 4.39 -13.02
N LEU A 871 -10.73 5.11 -12.16
CA LEU A 871 -10.67 4.77 -10.75
C LEU A 871 -12.03 4.95 -10.08
N LEU A 872 -12.65 6.11 -10.25
CA LEU A 872 -13.90 6.40 -9.56
C LEU A 872 -15.09 5.63 -10.11
N CYS A 873 -15.02 5.21 -11.38
CA CYS A 873 -16.08 4.45 -12.02
C CYS A 873 -15.95 2.95 -11.80
N ASN A 874 -14.96 2.52 -11.01
CA ASN A 874 -14.77 1.15 -10.54
C ASN A 874 -14.52 0.18 -11.69
N ARG A 875 -13.55 0.54 -12.54
CA ARG A 875 -13.09 -0.34 -13.60
C ARG A 875 -11.58 -0.47 -13.62
N ILE A 876 -10.95 -0.57 -12.44
CA ILE A 876 -9.51 -0.75 -12.32
C ILE A 876 -9.25 -2.08 -11.61
N ASP A 877 -8.36 -2.88 -12.19
CA ASP A 877 -8.01 -4.20 -11.68
C ASP A 877 -7.34 -4.10 -10.30
N ILE A 878 -7.53 -5.14 -9.49
CA ILE A 878 -6.95 -5.15 -8.15
C ILE A 878 -5.49 -5.57 -8.13
N SER A 879 -4.91 -5.93 -9.28
CA SER A 879 -3.45 -6.03 -9.36
C SER A 879 -2.81 -4.67 -9.16
N GLN A 880 -3.45 -3.62 -9.65
CA GLN A 880 -2.91 -2.28 -9.59
C GLN A 880 -3.09 -1.64 -8.23
N LEU A 881 -3.76 -2.32 -7.29
CA LEU A 881 -4.07 -1.76 -5.99
C LEU A 881 -3.31 -2.41 -4.84
N VAL A 882 -2.44 -3.39 -5.10
CA VAL A 882 -1.76 -4.16 -4.06
C VAL A 882 -0.52 -3.42 -3.57
N ILE A 883 -0.40 -3.28 -2.26
CA ILE A 883 0.73 -2.64 -1.59
C ILE A 883 1.51 -3.73 -0.84
N THR A 884 2.84 -3.67 -0.88
CA THR A 884 3.66 -4.64 -0.16
C THR A 884 4.63 -3.94 0.79
N LYS A 885 4.81 -4.52 1.97
CA LYS A 885 5.77 -3.99 2.94
C LYS A 885 6.49 -5.13 3.64
N GLU A 886 7.75 -4.88 4.01
CA GLU A 886 8.64 -5.87 4.59
C GLU A 886 8.43 -6.00 6.09
N LEU A 887 8.26 -7.22 6.58
CA LEU A 887 8.06 -7.49 8.00
C LEU A 887 9.41 -7.73 8.67
N THR A 888 9.94 -6.69 9.29
CA THR A 888 11.28 -6.71 9.87
C THR A 888 11.21 -7.25 11.31
N ARG A 889 12.26 -7.01 12.08
CA ARG A 889 12.34 -7.37 13.50
C ARG A 889 11.14 -6.89 14.30
N ALA A 890 10.66 -7.75 15.22
CA ALA A 890 9.33 -7.61 15.76
C ALA A 890 9.19 -6.53 16.82
N ALA A 891 10.29 -6.00 17.36
CA ALA A 891 10.18 -5.05 18.48
C ALA A 891 10.03 -3.62 17.97
N SER A 892 10.68 -3.29 16.85
CA SER A 892 10.46 -1.98 16.23
C SER A 892 9.03 -1.85 15.75
N ASP A 893 8.44 -2.94 15.27
CA ASP A 893 7.03 -3.00 14.92
C ASP A 893 6.15 -3.24 16.14
N TYR A 894 6.72 -3.55 17.30
CA TYR A 894 6.00 -3.41 18.56
C TYR A 894 5.90 -1.96 18.98
N ALA A 895 6.89 -1.14 18.62
CA ALA A 895 6.98 0.23 19.12
C ALA A 895 5.92 1.17 18.55
N GLY A 896 5.32 0.82 17.41
CA GLY A 896 4.32 1.68 16.77
C GLY A 896 3.47 0.92 15.77
N LYS A 897 2.17 1.17 15.76
CA LYS A 897 1.22 0.31 15.05
C LYS A 897 1.21 0.59 13.56
N GLN A 898 1.42 -0.45 12.77
CA GLN A 898 1.49 -0.40 11.32
C GLN A 898 0.37 -1.27 10.74
N ALA A 899 0.24 -1.22 9.42
CA ALA A 899 -0.83 -1.94 8.72
C ALA A 899 -0.46 -3.39 8.40
N HIS A 900 0.75 -3.60 7.85
CA HIS A 900 1.17 -4.93 7.44
C HIS A 900 1.44 -5.83 8.65
N VAL A 901 1.95 -5.24 9.73
CA VAL A 901 2.15 -5.99 10.97
C VAL A 901 0.81 -6.45 11.54
N GLU A 902 -0.20 -5.60 11.45
CA GLU A 902 -1.54 -5.95 11.91
C GLU A 902 -2.16 -7.05 11.06
N LEU A 903 -1.91 -7.02 9.74
CA LEU A 903 -2.45 -8.08 8.89
C LEU A 903 -1.74 -9.41 9.12
N ALA A 904 -0.42 -9.37 9.31
CA ALA A 904 0.36 -10.60 9.52
C ALA A 904 0.03 -11.24 10.86
N GLU A 905 0.04 -10.46 11.94
CA GLU A 905 -0.18 -11.03 13.27
C GLU A 905 -1.61 -11.50 13.46
N ARG A 906 -2.56 -10.94 12.73
CA ARG A 906 -3.90 -11.50 12.68
C ARG A 906 -3.88 -12.75 11.82
N MET A 907 -3.96 -13.92 12.46
CA MET A 907 -4.02 -15.17 11.71
C MET A 907 -5.34 -15.29 10.95
N ARG A 908 -5.44 -16.39 10.23
CA ARG A 908 -6.69 -16.78 9.60
C ARG A 908 -7.32 -17.94 10.35
N LYS A 909 -8.62 -18.11 10.13
CA LYS A 909 -9.32 -19.28 10.66
C LYS A 909 -8.95 -20.54 9.89
N ARG A 910 -8.57 -20.38 8.62
CA ARG A 910 -8.29 -21.53 7.77
C ARG A 910 -6.93 -22.14 8.07
N ASP A 911 -5.94 -21.31 8.41
CA ASP A 911 -4.55 -21.77 8.42
C ASP A 911 -3.72 -20.99 9.43
N PRO A 912 -3.59 -21.52 10.66
CA PRO A 912 -2.56 -20.99 11.57
C PRO A 912 -1.23 -21.68 11.43
N GLY A 913 -0.81 -21.97 10.19
CA GLY A 913 0.44 -22.66 9.91
C GLY A 913 1.12 -22.16 8.66
N SER A 914 0.48 -21.18 8.00
CA SER A 914 1.07 -20.47 6.88
C SER A 914 0.75 -18.99 7.07
N ALA A 915 1.77 -18.23 7.37
CA ALA A 915 1.62 -16.83 7.74
C ALA A 915 2.98 -16.21 7.49
N PRO A 916 3.07 -14.89 7.32
CA PRO A 916 4.37 -14.26 7.13
C PRO A 916 5.28 -14.43 8.34
N SER A 917 6.55 -14.67 8.05
CA SER A 917 7.58 -14.76 9.07
C SER A 917 8.44 -13.49 9.02
N LEU A 918 9.52 -13.48 9.80
CA LEU A 918 10.41 -12.33 9.86
C LEU A 918 11.27 -12.28 8.61
N GLY A 919 11.24 -11.14 7.92
CA GLY A 919 12.09 -10.90 6.78
C GLY A 919 11.39 -10.88 5.43
N ASP A 920 10.18 -11.41 5.32
CA ASP A 920 9.50 -11.48 4.04
C ASP A 920 8.66 -10.23 3.80
N ARG A 921 7.86 -10.26 2.74
CA ARG A 921 7.03 -9.15 2.33
C ARG A 921 5.56 -9.54 2.44
N VAL A 922 4.76 -8.66 3.02
CA VAL A 922 3.33 -8.86 3.20
C VAL A 922 2.61 -8.00 2.17
N PRO A 923 1.75 -8.60 1.32
CA PRO A 923 0.89 -7.80 0.44
C PRO A 923 -0.51 -7.59 1.01
N TYR A 924 -1.09 -6.43 0.74
CA TYR A 924 -2.41 -6.05 1.28
C TYR A 924 -3.03 -5.01 0.36
N VAL A 925 -4.35 -4.85 0.49
CA VAL A 925 -5.10 -3.74 -0.08
C VAL A 925 -5.95 -3.12 1.03
N ILE A 926 -6.40 -1.88 0.79
CA ILE A 926 -7.14 -1.11 1.78
C ILE A 926 -8.60 -1.05 1.37
N ILE A 927 -9.48 -1.53 2.23
CA ILE A 927 -10.91 -1.55 1.98
C ILE A 927 -11.55 -0.34 2.66
N SER A 928 -12.78 -0.02 2.28
CA SER A 928 -13.46 1.15 2.81
C SER A 928 -14.22 0.81 4.09
N ALA A 929 -14.09 1.68 5.08
CA ALA A 929 -14.83 1.58 6.34
C ALA A 929 -14.92 2.99 6.92
N ALA A 930 -15.46 3.08 8.14
CA ALA A 930 -15.70 4.37 8.78
C ALA A 930 -14.80 4.61 9.99
N LYS A 931 -13.66 3.92 10.07
CA LYS A 931 -12.71 4.10 11.17
C LYS A 931 -11.57 4.94 10.61
N GLY A 932 -11.78 6.27 10.61
CA GLY A 932 -10.85 7.19 9.99
C GLY A 932 -9.60 7.48 10.77
N VAL A 933 -9.57 7.13 12.06
CA VAL A 933 -8.38 7.33 12.88
C VAL A 933 -7.26 6.37 12.49
N ALA A 934 -7.60 5.25 11.84
CA ALA A 934 -6.67 4.15 11.65
C ALA A 934 -6.76 3.58 10.24
N ALA A 935 -5.69 3.71 9.47
CA ALA A 935 -5.55 3.00 8.22
C ALA A 935 -4.99 1.59 8.42
N TYR A 936 -4.65 1.23 9.65
CA TYR A 936 -4.26 -0.13 9.99
C TYR A 936 -5.45 -0.99 10.42
N MET A 937 -6.66 -0.45 10.35
CA MET A 937 -7.86 -1.23 10.63
C MET A 937 -8.63 -1.56 9.36
N LYS A 938 -8.14 -1.14 8.20
CA LYS A 938 -8.82 -1.33 6.93
C LYS A 938 -8.02 -2.19 5.95
N SER A 939 -7.04 -2.95 6.41
CA SER A 939 -6.17 -3.70 5.51
C SER A 939 -6.55 -5.16 5.48
N GLU A 940 -6.44 -5.78 4.30
CA GLU A 940 -6.91 -7.14 4.08
C GLU A 940 -6.04 -7.83 3.05
N ASP A 941 -5.93 -9.16 3.18
CA ASP A 941 -5.25 -9.99 2.20
C ASP A 941 -5.93 -9.92 0.84
N PRO A 942 -5.17 -9.87 -0.25
CA PRO A 942 -5.79 -9.86 -1.60
C PRO A 942 -6.62 -11.08 -1.92
N LEU A 943 -6.22 -12.28 -1.48
CA LEU A 943 -7.04 -13.45 -1.75
C LEU A 943 -8.30 -13.46 -0.89
N PHE A 944 -8.25 -12.89 0.31
CA PHE A 944 -9.44 -12.86 1.15
C PHE A 944 -10.47 -11.87 0.62
N VAL A 945 -10.03 -10.71 0.12
CA VAL A 945 -10.97 -9.78 -0.48
C VAL A 945 -11.41 -10.29 -1.85
N LEU A 946 -10.63 -11.19 -2.46
CA LEU A 946 -11.09 -11.89 -3.65
C LEU A 946 -12.26 -12.83 -3.35
N GLU A 947 -12.06 -13.76 -2.41
CA GLU A 947 -13.10 -14.77 -2.16
C GLU A 947 -14.27 -14.21 -1.36
N HIS A 948 -14.12 -13.08 -0.66
CA HIS A 948 -15.19 -12.57 0.18
C HIS A 948 -15.78 -11.24 -0.30
N SER A 949 -15.20 -10.63 -1.34
CA SER A 949 -15.77 -9.51 -2.11
C SER A 949 -16.06 -8.29 -1.23
N LEU A 950 -14.98 -7.71 -0.71
CA LEU A 950 -15.13 -6.48 0.05
C LEU A 950 -14.86 -5.26 -0.83
N PRO A 951 -15.54 -4.13 -0.63
CA PRO A 951 -15.35 -2.96 -1.49
C PRO A 951 -14.01 -2.28 -1.24
N ILE A 952 -13.72 -1.30 -2.09
CA ILE A 952 -12.43 -0.61 -2.10
C ILE A 952 -12.67 0.86 -1.77
N ASP A 953 -11.73 1.46 -1.02
CA ASP A 953 -11.80 2.85 -0.61
C ASP A 953 -11.20 3.71 -1.71
N THR A 954 -12.02 4.17 -2.64
CA THR A 954 -11.52 4.98 -3.75
C THR A 954 -11.07 6.36 -3.32
N GLN A 955 -11.54 6.87 -2.18
CA GLN A 955 -11.10 8.17 -1.72
C GLN A 955 -9.73 8.12 -1.04
N TYR A 956 -9.45 7.00 -0.37
CA TYR A 956 -8.11 6.73 0.16
C TYR A 956 -7.09 6.70 -0.96
N TYR A 957 -7.36 5.93 -2.01
CA TYR A 957 -6.46 5.85 -3.16
C TYR A 957 -6.40 7.15 -3.93
N LEU A 958 -7.47 7.96 -3.89
CA LEU A 958 -7.44 9.21 -4.64
C LEU A 958 -6.63 10.29 -3.93
N GLU A 959 -6.83 10.49 -2.62
CA GLU A 959 -6.14 11.60 -1.98
C GLU A 959 -4.84 11.23 -1.28
N GLN A 960 -4.62 9.95 -0.97
CA GLN A 960 -3.44 9.54 -0.22
C GLN A 960 -2.39 8.85 -1.07
N GLN A 961 -2.78 8.03 -2.03
CA GLN A 961 -1.79 7.41 -2.92
C GLN A 961 -1.43 8.29 -4.12
N LEU A 962 -2.43 8.72 -4.90
CA LEU A 962 -2.18 9.36 -6.18
C LEU A 962 -1.78 10.82 -6.12
N ALA A 963 -2.46 11.62 -5.29
CA ALA A 963 -2.57 13.05 -5.54
C ALA A 963 -1.26 13.78 -5.32
N LYS A 964 -0.59 13.53 -4.21
CA LYS A 964 0.63 14.26 -3.91
C LYS A 964 1.85 13.96 -4.79
N PRO A 965 2.13 12.73 -5.29
CA PRO A 965 3.19 12.61 -6.32
C PRO A 965 2.92 13.40 -7.59
N LEU A 966 1.65 13.45 -8.02
CA LEU A 966 1.28 14.27 -9.17
C LEU A 966 1.51 15.74 -8.90
N LEU A 967 1.22 16.21 -7.68
CA LEU A 967 1.50 17.61 -7.36
C LEU A 967 3.00 17.88 -7.23
N ARG A 968 3.81 16.86 -6.93
CA ARG A 968 5.26 17.04 -7.08
C ARG A 968 5.65 17.28 -8.53
N ILE A 969 5.17 16.42 -9.43
CA ILE A 969 5.68 16.43 -10.80
C ILE A 969 5.12 17.58 -11.62
N PHE A 970 3.83 17.88 -11.51
CA PHE A 970 3.19 18.74 -12.49
C PHE A 970 3.32 20.22 -12.21
N GLU A 971 3.63 20.59 -10.97
CA GLU A 971 3.79 22.00 -10.62
C GLU A 971 4.97 22.75 -11.26
N PRO A 972 6.22 22.23 -11.30
CA PRO A 972 7.35 23.12 -11.69
C PRO A 972 7.33 23.64 -13.13
N ILE A 973 6.53 23.07 -14.00
CA ILE A 973 6.44 23.55 -15.37
C ILE A 973 5.52 24.76 -15.47
N LEU A 974 4.63 24.94 -14.50
CA LEU A 974 3.62 25.99 -14.51
C LEU A 974 3.59 26.64 -13.13
N GLY A 975 2.53 27.37 -12.82
CA GLY A 975 2.45 27.98 -11.51
C GLY A 975 1.67 27.17 -10.48
N GLU A 976 0.85 27.86 -9.69
CA GLU A 976 -0.12 27.21 -8.83
C GLU A 976 -1.50 27.14 -9.47
N GLY A 977 -1.66 27.71 -10.67
CA GLY A 977 -2.82 27.42 -11.48
C GLY A 977 -2.77 26.04 -12.09
N ARG A 978 -1.63 25.37 -11.97
CA ARG A 978 -1.49 23.97 -12.38
C ARG A 978 -2.01 23.01 -11.33
N ALA A 979 -1.81 23.34 -10.05
CA ALA A 979 -2.50 22.62 -8.99
C ALA A 979 -4.01 22.74 -9.16
N GLU A 980 -4.49 23.94 -9.45
CA GLU A 980 -5.91 24.12 -9.76
C GLU A 980 -6.32 23.49 -11.08
N ALA A 981 -5.40 23.34 -12.03
CA ALA A 981 -5.75 22.71 -13.30
C ALA A 981 -5.95 21.20 -13.14
N VAL A 982 -5.08 20.53 -12.38
CA VAL A 982 -5.30 19.12 -12.13
C VAL A 982 -6.39 18.89 -11.09
N LEU A 983 -6.56 19.79 -10.13
CA LEU A 983 -7.67 19.64 -9.21
C LEU A 983 -9.00 20.08 -9.80
N LEU A 984 -8.99 20.74 -10.97
CA LEU A 984 -10.18 21.02 -11.74
C LEU A 984 -10.45 19.96 -12.80
N ARG A 985 -9.39 19.31 -13.29
CA ARG A 985 -9.51 18.17 -14.17
C ARG A 985 -9.99 16.94 -13.39
N GLY A 986 -9.65 16.88 -12.11
CA GLY A 986 -10.39 16.10 -11.17
C GLY A 986 -11.83 16.58 -11.05
N ASP A 987 -12.06 17.90 -10.94
CA ASP A 987 -13.41 18.41 -10.62
C ASP A 987 -14.43 18.16 -11.72
N HIS A 988 -14.01 18.18 -12.98
CA HIS A 988 -14.95 17.81 -14.03
C HIS A 988 -15.18 16.30 -14.04
N THR A 989 -14.25 15.54 -13.48
CA THR A 989 -14.27 14.09 -13.50
C THR A 989 -14.53 13.46 -12.13
N ARG A 990 -14.53 14.25 -11.05
CA ARG A 990 -14.92 13.73 -9.74
C ARG A 990 -16.43 13.57 -9.60
N CYS A 991 -17.21 14.20 -10.47
CA CYS A 991 -18.66 14.15 -10.35
C CYS A 991 -19.27 12.92 -11.01
N LYS A 992 -18.41 11.99 -11.43
CA LYS A 992 -18.85 10.72 -12.05
C LYS A 992 -18.37 9.55 -11.18
N THR A 993 -19.22 9.07 -10.27
CA THR A 993 -18.84 7.96 -9.35
C THR A 993 -19.83 6.79 -9.51
N VAL A 994 -19.32 5.56 -9.49
CA VAL A 994 -20.18 4.35 -9.62
C VAL A 994 -20.34 3.71 -8.23
N LEU A 995 -21.57 3.31 -7.89
CA LEU A 995 -21.86 2.69 -6.58
C LEU A 995 -20.87 1.55 -6.32
N GLY A 1001 -25.26 -8.59 5.87
CA GLY A 1001 -26.41 -8.91 6.69
C GLY A 1001 -27.70 -8.41 6.09
N LEU A 1002 -27.81 -7.08 6.01
CA LEU A 1002 -28.98 -6.45 5.41
C LEU A 1002 -29.00 -6.61 3.90
N LEU A 1003 -27.84 -6.89 3.28
CA LEU A 1003 -27.71 -6.94 1.82
C LEU A 1003 -28.56 -8.02 1.18
N ALA A 1004 -28.97 -9.04 1.94
CA ALA A 1004 -29.77 -10.11 1.37
C ALA A 1004 -31.22 -9.70 1.18
N PHE A 1005 -31.72 -8.77 2.00
CA PHE A 1005 -33.14 -8.38 1.98
C PHE A 1005 -33.37 -7.26 0.96
N ALA A 1006 -33.04 -7.59 -0.29
CA ALA A 1006 -33.16 -6.66 -1.40
C ALA A 1006 -34.61 -6.53 -1.86
N LYS A 1007 -34.90 -5.46 -2.56
CA LYS A 1007 -36.16 -5.31 -3.26
C LYS A 1007 -35.98 -5.30 -4.77
N ARG A 1008 -34.80 -4.91 -5.24
CA ARG A 1008 -34.40 -4.88 -6.64
C ARG A 1008 -35.34 -4.03 -7.49
N ARG A 1009 -35.37 -2.74 -7.16
CA ARG A 1009 -36.19 -1.80 -7.89
C ARG A 1009 -35.62 -1.56 -9.28
N ASN A 1010 -36.47 -1.71 -10.29
CA ASN A 1010 -36.06 -1.44 -11.66
C ASN A 1010 -35.98 0.06 -11.89
N CYS A 1011 -35.28 0.45 -12.96
CA CYS A 1011 -35.02 1.85 -13.23
C CYS A 1011 -35.01 2.10 -14.72
N CYS A 1012 -35.44 3.31 -15.11
CA CYS A 1012 -35.45 3.72 -16.50
C CYS A 1012 -34.02 3.88 -17.00
N ILE A 1013 -33.76 3.36 -18.20
CA ILE A 1013 -32.43 3.38 -18.78
C ILE A 1013 -32.07 4.79 -19.27
N GLY A 1014 -33.06 5.64 -19.50
CA GLY A 1014 -32.82 6.96 -20.03
C GLY A 1014 -32.58 8.05 -19.01
N CYS A 1015 -33.39 8.09 -17.93
CA CYS A 1015 -33.40 9.24 -17.02
C CYS A 1015 -33.41 8.83 -15.56
N ARG A 1016 -33.26 7.54 -15.27
CA ARG A 1016 -33.02 6.96 -13.93
C ARG A 1016 -34.18 7.21 -12.97
N THR A 1017 -35.39 6.91 -13.40
CA THR A 1017 -36.54 7.12 -12.53
C THR A 1017 -37.11 5.76 -12.13
N VAL A 1018 -37.07 5.46 -10.84
CA VAL A 1018 -37.60 4.19 -10.37
C VAL A 1018 -39.10 4.16 -10.62
N LEU A 1019 -39.60 3.02 -11.11
CA LEU A 1019 -41.03 2.91 -11.38
C LEU A 1019 -41.53 1.47 -11.38
N SER A 1020 -42.83 1.31 -11.19
CA SER A 1020 -43.48 0.00 -11.23
C SER A 1020 -43.48 -0.46 -12.68
N HIS A 1021 -43.35 -1.79 -12.86
CA HIS A 1021 -43.26 -2.60 -14.11
C HIS A 1021 -41.84 -2.83 -14.61
N GLN A 1022 -41.66 -3.86 -15.45
CA GLN A 1022 -40.34 -4.25 -15.95
C GLN A 1022 -39.82 -3.64 -17.25
N GLY A 1023 -40.63 -2.83 -17.95
CA GLY A 1023 -40.14 -2.26 -19.20
C GLY A 1023 -38.97 -1.30 -18.98
N ALA A 1024 -38.00 -1.39 -19.88
CA ALA A 1024 -36.78 -0.59 -19.82
C ALA A 1024 -36.89 0.93 -19.98
N VAL A 1025 -37.79 1.39 -20.85
CA VAL A 1025 -37.87 2.82 -21.13
C VAL A 1025 -38.97 3.48 -20.31
N CYS A 1026 -38.77 4.77 -20.08
CA CYS A 1026 -39.69 5.63 -19.35
C CYS A 1026 -40.71 6.21 -20.32
N GLU A 1027 -41.88 6.60 -19.80
CA GLU A 1027 -42.97 7.03 -20.68
C GLU A 1027 -42.68 8.38 -21.31
N PHE A 1028 -41.86 9.20 -20.66
CA PHE A 1028 -41.47 10.47 -21.26
C PHE A 1028 -40.32 10.29 -22.23
N CYS A 1029 -39.47 9.32 -21.94
CA CYS A 1029 -38.32 9.03 -22.83
C CYS A 1029 -38.52 7.66 -23.51
N GLN A 1030 -39.59 7.53 -24.30
CA GLN A 1030 -39.90 6.27 -25.01
C GLN A 1030 -39.55 6.41 -26.49
N PRO A 1031 -39.83 7.57 -27.13
CA PRO A 1031 -39.52 7.78 -28.54
C PRO A 1031 -38.04 7.46 -28.83
N ARG A 1032 -37.14 8.06 -28.06
CA ARG A 1032 -35.67 7.84 -28.24
C ARG A 1032 -35.30 6.48 -27.65
N GLU A 1033 -35.84 5.39 -28.23
CA GLU A 1033 -35.57 4.05 -27.77
C GLU A 1033 -34.67 3.27 -28.72
N SER A 1034 -34.77 3.53 -30.02
CA SER A 1034 -33.85 2.92 -30.98
C SER A 1034 -32.43 3.39 -30.74
N GLU A 1035 -32.25 4.66 -30.38
CA GLU A 1035 -30.94 5.17 -30.01
C GLU A 1035 -30.45 4.63 -28.67
N LEU A 1036 -31.36 4.38 -27.72
CA LEU A 1036 -30.99 3.80 -26.44
C LEU A 1036 -30.75 2.29 -26.51
N TYR A 1037 -31.31 1.60 -27.51
CA TYR A 1037 -30.89 0.23 -27.78
C TYR A 1037 -29.57 0.21 -28.51
N GLN A 1038 -29.36 1.18 -29.39
CA GLN A 1038 -28.13 1.25 -30.15
C GLN A 1038 -27.03 1.46 -29.13
N LYS A 1039 -27.33 2.28 -28.13
CA LYS A 1039 -26.37 2.53 -27.07
C LYS A 1039 -26.46 1.40 -26.07
N GLU A 1040 -25.30 0.82 -25.79
CA GLU A 1040 -25.15 -0.31 -24.85
C GLU A 1040 -25.05 -1.68 -25.55
N VAL A 1041 -25.42 -1.80 -26.82
CA VAL A 1041 -25.12 -3.04 -27.53
C VAL A 1041 -23.70 -3.00 -28.06
N SER A 1042 -23.15 -1.80 -28.29
CA SER A 1042 -21.73 -1.61 -28.53
C SER A 1042 -20.89 -1.74 -27.28
N HIS A 1043 -21.52 -1.86 -26.11
CA HIS A 1043 -20.84 -2.20 -24.88
C HIS A 1043 -20.84 -3.71 -24.64
N LEU A 1044 -22.00 -4.36 -24.84
CA LEU A 1044 -22.04 -5.83 -24.84
C LEU A 1044 -21.08 -6.42 -25.86
N ASN A 1045 -21.00 -5.84 -27.07
CA ASN A 1045 -20.07 -6.24 -28.11
C ASN A 1045 -18.61 -6.17 -27.70
N ALA A 1046 -18.24 -5.20 -26.87
CA ALA A 1046 -16.86 -5.08 -26.43
C ALA A 1046 -16.55 -5.91 -25.19
N LEU A 1047 -17.56 -6.31 -24.43
CA LEU A 1047 -17.33 -7.27 -23.36
C LEU A 1047 -17.17 -8.69 -23.89
N GLU A 1048 -17.93 -9.03 -24.93
CA GLU A 1048 -17.79 -10.32 -25.61
C GLU A 1048 -16.40 -10.51 -26.19
N GLU A 1049 -15.80 -9.44 -26.70
CA GLU A 1049 -14.48 -9.53 -27.28
C GLU A 1049 -13.40 -9.69 -26.23
N ARG A 1050 -13.67 -9.30 -24.99
CA ARG A 1050 -12.69 -9.41 -23.91
C ARG A 1050 -12.76 -10.74 -23.18
N PHE A 1051 -13.96 -11.34 -23.08
CA PHE A 1051 -14.09 -12.71 -22.56
C PHE A 1051 -13.20 -13.71 -23.32
N SER A 1052 -13.25 -13.68 -24.64
CA SER A 1052 -12.61 -14.69 -25.48
C SER A 1052 -11.10 -14.55 -25.56
N ARG A 1053 -10.57 -13.33 -25.52
CA ARG A 1053 -9.12 -13.17 -25.55
C ARG A 1053 -8.45 -13.66 -24.28
N LEU A 1054 -9.15 -13.64 -23.15
CA LEU A 1054 -8.62 -14.04 -21.86
C LEU A 1054 -8.79 -15.52 -21.58
N TRP A 1055 -9.97 -16.09 -21.84
CA TRP A 1055 -10.15 -17.47 -21.41
C TRP A 1055 -9.51 -18.50 -22.34
N THR A 1056 -8.94 -18.07 -23.45
CA THR A 1056 -8.17 -18.96 -24.29
C THR A 1056 -6.67 -18.74 -24.13
N GLN A 1057 -6.26 -17.67 -23.45
CA GLN A 1057 -4.87 -17.44 -23.10
C GLN A 1057 -4.40 -18.40 -22.01
N CYS A 1058 -5.30 -18.76 -21.10
CA CYS A 1058 -4.99 -19.76 -20.08
C CYS A 1058 -4.73 -21.13 -20.68
N GLN A 1059 -5.37 -21.43 -21.81
CA GLN A 1059 -5.15 -22.71 -22.49
C GLN A 1059 -3.78 -22.80 -23.13
N ARG A 1060 -3.21 -21.67 -23.56
CA ARG A 1060 -1.87 -21.66 -24.14
C ARG A 1060 -0.78 -21.51 -23.08
N CYS A 1061 -1.08 -20.89 -21.94
CA CYS A 1061 -0.15 -20.84 -20.84
C CYS A 1061 -0.14 -22.16 -20.06
N GLN A 1062 -1.20 -22.94 -20.17
CA GLN A 1062 -1.27 -24.21 -19.48
C GLN A 1062 -0.61 -25.33 -20.28
N GLY A 1063 -0.70 -25.27 -21.61
CA GLY A 1063 -0.13 -26.30 -22.45
C GLY A 1063 -1.13 -27.09 -23.26
N SER A 1064 -2.28 -27.42 -22.68
CA SER A 1064 -3.26 -28.31 -23.27
C SER A 1064 -4.48 -27.55 -23.78
N LEU A 1065 -5.11 -28.09 -24.82
CA LEU A 1065 -6.38 -27.57 -25.33
C LEU A 1065 -7.55 -28.48 -25.02
N HIS A 1066 -7.35 -29.59 -24.33
CA HIS A 1066 -8.41 -30.56 -24.14
C HIS A 1066 -8.77 -30.82 -22.70
N GLU A 1067 -8.08 -30.21 -21.74
CA GLU A 1067 -8.36 -30.42 -20.32
C GLU A 1067 -8.47 -29.10 -19.59
N ASP A 1068 -9.00 -29.17 -18.36
CA ASP A 1068 -9.37 -28.01 -17.57
C ASP A 1068 -8.16 -27.18 -17.15
N VAL A 1069 -8.41 -25.90 -16.90
CA VAL A 1069 -7.39 -25.00 -16.38
C VAL A 1069 -7.50 -24.97 -14.86
N ILE A 1070 -6.38 -25.14 -14.17
CA ILE A 1070 -6.29 -24.96 -12.72
C ILE A 1070 -5.04 -24.15 -12.45
N CYS A 1071 -5.19 -22.85 -12.29
CA CYS A 1071 -4.05 -21.99 -12.01
C CYS A 1071 -4.61 -20.78 -11.31
N THR A 1072 -4.42 -20.72 -10.00
CA THR A 1072 -4.89 -19.59 -9.21
C THR A 1072 -3.69 -18.74 -8.79
N SER A 1073 -2.77 -18.54 -9.73
CA SER A 1073 -1.52 -17.83 -9.48
C SER A 1073 -1.74 -16.37 -9.13
N ARG A 1074 -1.51 -16.01 -7.86
CA ARG A 1074 -1.77 -14.67 -7.35
C ARG A 1074 -0.83 -13.62 -7.91
N ASP A 1075 0.24 -14.00 -8.58
CA ASP A 1075 1.13 -13.03 -9.19
C ASP A 1075 0.84 -12.84 -10.67
N CYS A 1076 -0.18 -13.54 -11.22
CA CYS A 1076 -0.58 -13.37 -12.61
C CYS A 1076 -1.73 -12.38 -12.69
N PRO A 1077 -1.62 -11.35 -13.54
CA PRO A 1077 -2.79 -10.51 -13.82
C PRO A 1077 -3.95 -11.26 -14.46
N ILE A 1078 -3.65 -12.33 -15.20
CA ILE A 1078 -4.63 -13.21 -15.84
C ILE A 1078 -5.67 -13.70 -14.85
N PHE A 1079 -5.24 -14.23 -13.71
CA PHE A 1079 -6.16 -14.60 -12.65
C PHE A 1079 -6.79 -13.33 -12.10
N TYR A 1080 -8.08 -13.40 -11.77
CA TYR A 1080 -9.03 -12.40 -11.25
C TYR A 1080 -9.32 -11.26 -12.22
N MET A 1081 -8.64 -11.16 -13.35
CA MET A 1081 -9.11 -10.41 -14.49
C MET A 1081 -9.97 -11.29 -15.39
N ARG A 1082 -9.80 -12.61 -15.28
CA ARG A 1082 -10.69 -13.53 -15.97
C ARG A 1082 -11.93 -13.81 -15.16
N LYS A 1083 -11.98 -13.31 -13.93
CA LYS A 1083 -13.12 -13.59 -13.06
C LYS A 1083 -14.18 -12.50 -13.13
N LYS A 1084 -13.78 -11.25 -13.34
CA LYS A 1084 -14.72 -10.14 -13.33
C LYS A 1084 -15.48 -9.96 -14.65
N VAL A 1085 -14.92 -10.41 -15.77
CA VAL A 1085 -15.58 -10.26 -17.05
C VAL A 1085 -16.76 -11.21 -17.17
N ARG A 1086 -16.72 -12.35 -16.47
CA ARG A 1086 -17.89 -13.22 -16.36
C ARG A 1086 -19.07 -12.49 -15.75
N LYS A 1087 -18.82 -11.65 -14.73
CA LYS A 1087 -19.89 -10.94 -14.05
C LYS A 1087 -20.35 -9.69 -14.79
N ASP A 1088 -19.40 -8.97 -15.42
CA ASP A 1088 -19.78 -7.87 -16.33
C ASP A 1088 -20.68 -8.38 -17.45
N LEU A 1089 -20.32 -9.51 -18.04
CA LEU A 1089 -21.12 -10.09 -19.10
C LEU A 1089 -22.46 -10.61 -18.58
N GLU A 1090 -22.46 -11.18 -17.37
CA GLU A 1090 -23.69 -11.65 -16.73
C GLU A 1090 -24.70 -10.52 -16.52
N ASP A 1091 -24.21 -9.38 -16.05
CA ASP A 1091 -25.01 -8.16 -15.86
C ASP A 1091 -25.49 -7.42 -17.14
N GLN A 1092 -24.60 -7.28 -18.13
CA GLN A 1092 -24.88 -6.60 -19.37
C GLN A 1092 -25.74 -7.44 -20.32
N GLU A 1093 -25.70 -8.77 -20.18
CA GLU A 1093 -26.61 -9.61 -20.94
C GLU A 1093 -28.03 -9.53 -20.41
N GLN A 1094 -28.19 -9.39 -19.10
CA GLN A 1094 -29.52 -9.31 -18.50
C GLN A 1094 -30.15 -7.94 -18.63
N LEU A 1095 -29.35 -6.89 -18.85
CA LEU A 1095 -29.94 -5.57 -19.07
C LEU A 1095 -30.59 -5.47 -20.44
N LEU A 1096 -30.14 -6.26 -21.42
CA LEU A 1096 -30.71 -6.20 -22.76
C LEU A 1096 -31.90 -7.12 -22.95
N ARG A 1097 -32.21 -7.97 -21.97
CA ARG A 1097 -33.42 -8.76 -21.98
C ARG A 1097 -34.60 -8.01 -21.38
N ARG A 1098 -34.37 -6.74 -21.04
CA ARG A 1098 -35.42 -5.82 -20.64
C ARG A 1098 -36.23 -5.60 -21.94
N PHE A 1099 -35.48 -5.43 -23.04
CA PHE A 1099 -36.01 -5.30 -24.38
C PHE A 1099 -36.48 -6.72 -24.71
N GLY A 1100 -37.41 -6.85 -25.65
N GLY A 1100 -37.41 -6.85 -25.65
CA GLY A 1100 -37.89 -8.18 -25.95
CA GLY A 1100 -37.89 -8.18 -25.95
C GLY A 1100 -36.86 -9.00 -26.69
C GLY A 1100 -36.86 -9.00 -26.69
N PRO A 1101 -37.26 -10.18 -27.16
CA PRO A 1101 -36.38 -10.97 -28.02
C PRO A 1101 -36.49 -10.52 -29.46
N PRO A 1102 -35.41 -10.62 -30.24
CA PRO A 1102 -35.50 -10.21 -31.65
C PRO A 1102 -36.15 -11.24 -32.57
N GLY A 1103 -36.76 -12.29 -32.02
CA GLY A 1103 -37.47 -13.27 -32.83
C GLY A 1103 -37.90 -14.46 -31.99
N PRO A 1104 -38.58 -15.42 -32.62
CA PRO A 1104 -38.91 -16.66 -31.92
C PRO A 1104 -37.71 -17.60 -31.89
N GLU A 1105 -37.86 -18.68 -31.12
CA GLU A 1105 -36.81 -19.68 -31.02
C GLU A 1105 -37.29 -21.13 -31.01
N ALA A 1106 -38.58 -21.40 -31.07
CA ALA A 1106 -39.11 -22.76 -31.01
C ALA A 1106 -39.63 -23.26 -32.35
N TRP A 1107 -39.37 -22.53 -33.43
CA TRP A 1107 -39.86 -22.87 -34.75
C TRP A 1107 -39.09 -24.04 -35.34
N MET B 1 -29.02 -17.28 -70.04
CA MET B 1 -29.65 -17.12 -68.74
C MET B 1 -30.63 -15.95 -68.72
N PHE B 2 -30.16 -14.82 -68.21
CA PHE B 2 -30.96 -13.64 -67.90
C PHE B 2 -30.90 -12.60 -69.01
N SER B 3 -29.68 -12.18 -69.36
CA SER B 3 -29.51 -11.16 -70.39
C SER B 3 -29.78 -11.71 -71.78
N GLU B 4 -29.75 -13.03 -71.94
CA GLU B 4 -30.20 -13.64 -73.19
C GLU B 4 -31.71 -13.45 -73.37
N GLN B 5 -32.48 -13.71 -72.31
CA GLN B 5 -33.93 -13.57 -72.37
C GLN B 5 -34.36 -12.11 -72.38
N ALA B 6 -33.51 -11.20 -71.89
CA ALA B 6 -33.89 -9.80 -71.81
C ALA B 6 -33.94 -9.08 -73.16
N ALA B 7 -33.50 -9.73 -74.24
CA ALA B 7 -33.60 -9.15 -75.57
C ALA B 7 -34.59 -9.90 -76.45
N GLN B 8 -35.36 -10.83 -75.89
CA GLN B 8 -36.19 -11.76 -76.63
C GLN B 8 -37.50 -11.16 -77.14
N ARG B 9 -37.66 -9.83 -77.14
CA ARG B 9 -38.93 -9.21 -77.49
C ARG B 9 -38.72 -7.98 -78.35
N ALA B 10 -39.77 -7.17 -78.50
CA ALA B 10 -39.69 -5.92 -79.25
C ALA B 10 -39.52 -4.74 -78.31
N HIS B 11 -38.96 -3.65 -78.86
CA HIS B 11 -38.58 -2.49 -78.08
C HIS B 11 -39.52 -1.34 -78.40
N THR B 12 -40.16 -0.78 -77.37
CA THR B 12 -41.24 0.17 -77.53
C THR B 12 -40.92 1.57 -77.07
N LEU B 13 -39.76 1.81 -76.46
CA LEU B 13 -39.62 2.94 -75.57
C LEU B 13 -38.96 4.16 -76.21
N LEU B 14 -38.49 4.05 -77.44
CA LEU B 14 -38.09 5.25 -78.18
C LEU B 14 -39.21 5.70 -79.11
N SER B 15 -40.37 5.97 -78.53
CA SER B 15 -41.61 6.18 -79.28
C SER B 15 -42.45 7.23 -78.55
N PRO B 16 -43.34 7.93 -79.27
CA PRO B 16 -44.32 8.82 -78.60
C PRO B 16 -45.30 8.02 -77.74
N PRO B 17 -46.06 8.68 -76.85
CA PRO B 17 -46.92 7.95 -75.91
C PRO B 17 -47.98 7.07 -76.56
N SER B 18 -48.46 6.11 -75.76
CA SER B 18 -49.35 5.07 -76.22
C SER B 18 -50.55 4.98 -75.30
N ALA B 19 -51.47 4.10 -75.67
CA ALA B 19 -52.67 3.93 -74.86
C ALA B 19 -52.39 3.08 -73.63
N ASN B 20 -51.75 1.93 -73.81
CA ASN B 20 -51.43 1.03 -72.72
C ASN B 20 -49.93 0.82 -72.63
N ASN B 21 -49.46 0.53 -71.43
CA ASN B 21 -48.12 0.00 -71.19
C ASN B 21 -48.27 -1.25 -70.34
N ALA B 22 -47.42 -2.25 -70.62
CA ALA B 22 -47.58 -3.56 -70.01
C ALA B 22 -47.20 -3.54 -68.54
N THR B 23 -47.83 -4.43 -67.78
CA THR B 23 -47.48 -4.74 -66.40
C THR B 23 -47.31 -6.24 -66.26
N PHE B 24 -46.83 -6.67 -65.10
CA PHE B 24 -46.44 -8.04 -64.87
C PHE B 24 -46.82 -8.44 -63.45
N ALA B 25 -46.32 -9.60 -63.01
CA ALA B 25 -46.53 -10.05 -61.65
C ALA B 25 -45.29 -10.78 -61.14
N ARG B 26 -45.06 -10.65 -59.83
CA ARG B 26 -43.93 -11.31 -59.18
C ARG B 26 -44.22 -12.80 -59.05
N VAL B 27 -43.22 -13.62 -59.31
CA VAL B 27 -43.40 -15.07 -59.34
C VAL B 27 -43.53 -15.60 -57.90
N PRO B 28 -44.35 -16.61 -57.67
CA PRO B 28 -44.58 -17.09 -56.31
C PRO B 28 -43.41 -17.89 -55.75
N VAL B 29 -43.33 -17.90 -54.43
CA VAL B 29 -42.21 -18.41 -53.64
C VAL B 29 -42.79 -19.58 -52.84
N ALA B 30 -43.53 -20.45 -53.53
CA ALA B 30 -44.41 -21.45 -52.93
C ALA B 30 -43.71 -22.55 -52.11
N THR B 31 -42.40 -22.52 -51.90
CA THR B 31 -41.75 -23.36 -50.90
C THR B 31 -40.56 -22.63 -50.31
N TYR B 32 -40.47 -22.61 -48.99
CA TYR B 32 -39.35 -22.04 -48.26
C TYR B 32 -39.34 -22.67 -46.87
N THR B 33 -38.14 -22.88 -46.33
CA THR B 33 -38.00 -23.47 -45.01
C THR B 33 -36.67 -23.04 -44.41
N ASN B 34 -36.73 -22.33 -43.29
CA ASN B 34 -35.52 -21.99 -42.57
C ASN B 34 -35.13 -23.15 -41.67
N SER B 35 -33.88 -23.58 -41.78
CA SER B 35 -33.35 -24.69 -41.00
C SER B 35 -32.04 -24.30 -40.37
N SER B 36 -31.97 -23.07 -39.87
CA SER B 36 -30.81 -22.56 -39.16
C SER B 36 -31.04 -22.50 -37.66
N GLN B 37 -31.73 -23.48 -37.12
CA GLN B 37 -32.08 -23.53 -35.71
C GLN B 37 -30.91 -23.80 -34.75
N PRO B 38 -29.88 -24.59 -35.09
CA PRO B 38 -28.70 -24.65 -34.19
C PRO B 38 -27.91 -23.36 -34.04
N PHE B 39 -28.19 -22.30 -34.79
CA PHE B 39 -27.48 -21.05 -34.61
C PHE B 39 -28.30 -20.01 -33.84
N ARG B 40 -29.60 -20.24 -33.66
CA ARG B 40 -30.45 -19.36 -32.88
C ARG B 40 -30.38 -19.78 -31.42
N LEU B 41 -29.83 -18.91 -30.57
CA LEU B 41 -29.44 -19.25 -29.20
C LEU B 41 -30.41 -18.61 -28.21
N GLY B 42 -31.24 -19.43 -27.57
CA GLY B 42 -32.30 -18.95 -26.73
C GLY B 42 -31.94 -18.74 -25.26
N GLU B 43 -31.04 -19.56 -24.72
CA GLU B 43 -30.69 -19.52 -23.31
C GLU B 43 -29.49 -18.59 -23.03
N ARG B 44 -28.35 -18.85 -23.67
CA ARG B 44 -27.16 -17.99 -23.68
C ARG B 44 -26.61 -17.77 -22.26
N SER B 45 -26.13 -18.87 -21.68
CA SER B 45 -25.38 -18.85 -20.43
C SER B 45 -23.89 -18.89 -20.77
N PHE B 46 -23.15 -17.89 -20.32
CA PHE B 46 -21.70 -17.96 -20.29
C PHE B 46 -21.29 -18.73 -19.04
N SER B 47 -20.04 -18.52 -18.61
CA SER B 47 -19.44 -19.14 -17.41
C SER B 47 -19.20 -20.62 -17.61
N ARG B 48 -18.71 -20.98 -18.78
CA ARG B 48 -18.00 -22.22 -19.01
C ARG B 48 -16.61 -21.91 -19.53
N GLN B 49 -15.86 -22.94 -19.81
CA GLN B 49 -14.52 -22.82 -20.35
C GLN B 49 -14.43 -23.54 -21.69
N TYR B 50 -13.44 -23.15 -22.50
CA TYR B 50 -13.38 -23.55 -23.89
C TYR B 50 -12.87 -24.96 -24.13
N ALA B 51 -12.80 -25.79 -23.10
CA ALA B 51 -12.31 -27.14 -23.28
C ALA B 51 -13.41 -28.12 -23.60
N HIS B 52 -14.68 -27.77 -23.42
CA HIS B 52 -15.75 -28.67 -23.79
C HIS B 52 -15.95 -28.75 -25.29
N ILE B 53 -15.47 -27.78 -26.04
CA ILE B 53 -15.68 -27.72 -27.47
C ILE B 53 -14.70 -28.63 -28.23
N TYR B 54 -13.40 -28.59 -27.87
CA TYR B 54 -12.40 -29.43 -28.51
C TYR B 54 -12.64 -30.91 -28.28
N ALA B 55 -13.12 -31.27 -27.09
CA ALA B 55 -13.36 -32.67 -26.76
C ALA B 55 -14.49 -33.25 -27.59
N THR B 56 -15.60 -32.51 -27.75
CA THR B 56 -16.70 -33.03 -28.55
C THR B 56 -16.38 -32.97 -30.04
N ARG B 57 -15.54 -32.02 -30.46
CA ARG B 57 -15.05 -32.01 -31.84
C ARG B 57 -14.26 -33.28 -32.18
N LEU B 58 -13.33 -33.67 -31.31
CA LEU B 58 -12.57 -34.91 -31.55
C LEU B 58 -13.45 -36.15 -31.49
N ILE B 59 -14.34 -36.23 -30.50
CA ILE B 59 -15.18 -37.41 -30.33
C ILE B 59 -16.15 -37.57 -31.51
N GLN B 60 -16.61 -36.47 -32.08
CA GLN B 60 -17.50 -36.60 -33.23
C GLN B 60 -16.73 -36.84 -34.52
N MET B 61 -15.57 -36.20 -34.71
CA MET B 61 -14.83 -36.33 -35.96
C MET B 61 -13.96 -37.59 -36.06
N ARG B 62 -13.86 -38.41 -35.01
CA ARG B 62 -12.93 -39.54 -35.08
C ARG B 62 -13.37 -40.68 -36.02
N PRO B 63 -14.63 -41.19 -36.00
CA PRO B 63 -14.96 -42.30 -36.92
C PRO B 63 -14.88 -41.97 -38.40
N PHE B 64 -15.11 -40.72 -38.81
CA PHE B 64 -14.94 -40.34 -40.21
C PHE B 64 -13.50 -40.53 -40.65
N LEU B 65 -12.55 -40.14 -39.81
CA LEU B 65 -11.16 -40.24 -40.19
C LEU B 65 -10.64 -41.67 -40.11
N GLU B 66 -11.14 -42.48 -39.18
CA GLU B 66 -10.79 -43.89 -39.19
C GLU B 66 -11.30 -44.58 -40.45
N ASN B 67 -12.55 -44.32 -40.82
CA ASN B 67 -13.15 -44.94 -41.98
C ASN B 67 -12.55 -44.44 -43.29
N ARG B 68 -11.95 -43.26 -43.30
CA ARG B 68 -11.26 -42.85 -44.52
C ARG B 68 -9.82 -43.34 -44.58
N ALA B 69 -9.14 -43.47 -43.44
CA ALA B 69 -7.77 -44.00 -43.48
C ALA B 69 -7.73 -45.49 -43.79
N GLN B 70 -8.80 -46.23 -43.46
CA GLN B 70 -8.90 -47.62 -43.88
C GLN B 70 -8.86 -47.75 -45.40
N GLN B 71 -9.77 -47.08 -46.09
CA GLN B 71 -9.84 -47.19 -47.54
C GLN B 71 -8.86 -46.28 -48.25
N HIS B 72 -8.05 -45.52 -47.53
CA HIS B 72 -7.02 -44.73 -48.19
C HIS B 72 -5.63 -45.31 -48.03
N TRP B 73 -5.41 -46.19 -47.03
CA TRP B 73 -4.11 -46.82 -46.82
C TRP B 73 -4.19 -48.34 -46.67
N GLY B 74 -5.35 -48.94 -46.88
CA GLY B 74 -5.42 -50.38 -46.78
C GLY B 74 -6.01 -50.85 -45.47
N SER B 75 -6.84 -51.89 -45.53
CA SER B 75 -7.56 -52.41 -44.36
C SER B 75 -6.67 -53.23 -43.43
N GLY B 76 -5.39 -53.38 -43.72
CA GLY B 76 -4.43 -53.88 -42.76
C GLY B 76 -4.05 -52.76 -41.81
N VAL B 77 -4.95 -52.43 -40.91
CA VAL B 77 -4.94 -51.13 -40.24
C VAL B 77 -4.01 -51.14 -39.05
N GLY B 78 -3.42 -49.98 -38.80
CA GLY B 78 -2.52 -49.79 -37.68
C GLY B 78 -2.85 -48.56 -36.88
N VAL B 79 -4.14 -48.27 -36.70
CA VAL B 79 -4.55 -47.06 -35.98
C VAL B 79 -4.31 -47.26 -34.49
N LYS B 80 -3.69 -46.28 -33.85
CA LYS B 80 -3.24 -46.43 -32.47
C LYS B 80 -3.28 -45.10 -31.74
N LYS B 81 -3.53 -45.19 -30.43
CA LYS B 81 -3.51 -44.05 -29.54
C LYS B 81 -2.07 -43.51 -29.40
N LEU B 82 -1.96 -42.25 -29.01
CA LEU B 82 -0.66 -41.58 -29.02
C LEU B 82 0.27 -42.08 -27.93
N CYS B 83 -0.25 -42.76 -26.90
CA CYS B 83 0.61 -43.27 -25.83
C CYS B 83 1.10 -44.68 -26.06
N GLU B 84 0.41 -45.47 -26.87
CA GLU B 84 0.76 -46.88 -27.08
C GLU B 84 1.71 -47.09 -28.25
N LEU B 85 2.48 -46.07 -28.62
CA LEU B 85 3.40 -46.20 -29.72
C LEU B 85 4.75 -46.69 -29.25
N GLN B 86 5.29 -47.63 -29.96
CA GLN B 86 6.61 -48.23 -29.83
C GLN B 86 7.57 -47.54 -30.79
N PRO B 87 8.86 -47.47 -30.45
CA PRO B 87 9.82 -46.77 -31.31
C PRO B 87 9.99 -47.45 -32.66
N GLU B 88 9.93 -46.64 -33.72
CA GLU B 88 10.13 -47.03 -35.12
C GLU B 88 9.20 -48.18 -35.53
N GLU B 89 7.91 -47.86 -35.58
CA GLU B 89 6.87 -48.80 -36.00
C GLU B 89 5.80 -48.04 -36.78
N LYS B 90 5.29 -48.65 -37.85
CA LYS B 90 4.40 -47.97 -38.79
C LYS B 90 2.98 -47.95 -38.25
N CYS B 91 2.42 -46.75 -38.08
CA CYS B 91 1.08 -46.64 -37.51
C CYS B 91 0.39 -45.40 -38.04
N CYS B 92 -0.91 -45.31 -37.75
CA CYS B 92 -1.75 -44.18 -38.13
C CYS B 92 -2.34 -43.54 -36.86
N VAL B 93 -2.23 -42.21 -36.78
CA VAL B 93 -2.65 -41.43 -35.61
C VAL B 93 -3.71 -40.43 -36.04
N VAL B 94 -4.76 -40.27 -35.23
CA VAL B 94 -5.86 -39.34 -35.49
C VAL B 94 -5.88 -38.30 -34.38
N GLY B 95 -5.65 -37.03 -34.71
CA GLY B 95 -5.52 -36.00 -33.70
C GLY B 95 -5.90 -34.61 -34.15
N THR B 96 -5.54 -33.61 -33.33
CA THR B 96 -5.88 -32.21 -33.60
C THR B 96 -4.60 -31.40 -33.73
N LEU B 97 -4.53 -30.54 -34.73
CA LEU B 97 -3.34 -29.73 -34.89
C LEU B 97 -3.30 -28.61 -33.88
N PHE B 98 -2.09 -28.12 -33.62
CA PHE B 98 -1.88 -26.86 -32.96
C PHE B 98 -0.63 -26.26 -33.58
N LYS B 99 -0.78 -25.10 -34.19
CA LYS B 99 0.34 -24.42 -34.81
C LYS B 99 0.94 -23.45 -33.80
N ALA B 100 2.23 -23.58 -33.56
CA ALA B 100 2.91 -22.80 -32.53
C ALA B 100 3.62 -21.61 -33.19
N MET B 101 2.88 -20.57 -33.44
CA MET B 101 3.49 -19.46 -34.14
C MET B 101 3.83 -18.33 -33.18
N PRO B 102 5.05 -17.83 -33.21
CA PRO B 102 5.31 -16.48 -32.71
C PRO B 102 4.79 -15.47 -33.72
N LEU B 103 4.78 -14.21 -33.29
CA LEU B 103 4.24 -12.98 -33.91
C LEU B 103 2.71 -12.93 -33.80
N GLN B 104 2.04 -13.99 -33.30
CA GLN B 104 0.63 -13.92 -32.94
C GLN B 104 0.50 -13.13 -31.65
N PRO B 105 -0.31 -12.07 -31.62
CA PRO B 105 -0.31 -11.18 -30.46
C PRO B 105 -1.01 -11.79 -29.24
N SER B 106 -0.41 -11.56 -28.08
CA SER B 106 -0.98 -11.92 -26.79
C SER B 106 -1.48 -10.65 -26.13
N ILE B 107 -2.11 -10.81 -24.98
CA ILE B 107 -2.88 -9.71 -24.38
C ILE B 107 -1.96 -8.64 -23.83
N LEU B 108 -0.80 -9.05 -23.31
CA LEU B 108 0.15 -8.11 -22.73
C LEU B 108 1.54 -8.75 -22.70
N SER B 124 -2.31 -7.53 -44.33
CA SER B 124 -1.33 -7.96 -43.34
C SER B 124 -1.54 -9.41 -42.98
N LYS B 125 -0.50 -10.21 -43.16
CA LYS B 125 -0.47 -11.60 -42.74
C LYS B 125 0.40 -11.74 -41.50
N TYR B 126 0.27 -12.88 -40.83
CA TYR B 126 1.01 -13.12 -39.59
C TYR B 126 1.86 -14.39 -39.63
N ILE B 127 2.04 -14.99 -40.79
CA ILE B 127 2.88 -16.18 -40.91
C ILE B 127 4.36 -15.77 -40.83
N HIS B 128 5.16 -16.59 -40.18
CA HIS B 128 6.58 -16.35 -40.00
C HIS B 128 7.37 -17.53 -40.54
N PRO B 129 8.59 -17.30 -41.05
CA PRO B 129 9.41 -18.39 -41.63
C PRO B 129 9.71 -19.57 -40.70
N ASP B 130 9.67 -19.41 -39.39
CA ASP B 130 9.75 -20.57 -38.51
C ASP B 130 8.53 -20.61 -37.60
N ASP B 131 7.88 -21.78 -37.57
CA ASP B 131 6.72 -22.09 -36.74
C ASP B 131 6.47 -23.59 -36.85
N GLU B 132 6.13 -24.19 -35.73
CA GLU B 132 6.06 -25.63 -35.61
C GLU B 132 4.61 -26.10 -35.65
N LEU B 133 4.42 -27.35 -36.02
CA LEU B 133 3.12 -28.00 -35.88
C LEU B 133 3.21 -29.03 -34.76
N VAL B 134 2.12 -29.20 -34.03
CA VAL B 134 2.09 -30.16 -32.92
C VAL B 134 0.80 -30.95 -33.03
N LEU B 135 0.90 -32.27 -33.05
CA LEU B 135 -0.29 -33.11 -33.03
C LEU B 135 -0.65 -33.37 -31.59
N GLU B 136 -1.90 -33.10 -31.23
CA GLU B 136 -2.34 -33.14 -29.85
C GLU B 136 -3.57 -34.02 -29.76
N ASP B 137 -3.61 -34.86 -28.75
CA ASP B 137 -4.79 -35.59 -28.35
C ASP B 137 -5.17 -35.14 -26.93
N GLU B 138 -6.13 -35.84 -26.34
CA GLU B 138 -6.66 -35.44 -25.05
C GLU B 138 -5.64 -35.58 -23.92
N LEU B 139 -4.69 -36.51 -24.03
CA LEU B 139 -3.76 -36.78 -22.94
C LEU B 139 -2.39 -36.14 -23.12
N GLN B 140 -1.80 -36.17 -24.32
CA GLN B 140 -0.49 -35.56 -24.52
C GLN B 140 -0.31 -35.10 -25.95
N ARG B 141 0.84 -34.52 -26.23
CA ARG B 141 1.19 -33.92 -27.51
C ARG B 141 2.36 -34.65 -28.11
N ILE B 142 2.71 -34.29 -29.36
CA ILE B 142 3.96 -34.69 -30.00
C ILE B 142 4.28 -33.73 -31.14
N LYS B 143 5.58 -33.49 -31.34
CA LYS B 143 6.01 -32.65 -32.44
C LYS B 143 5.97 -33.43 -33.74
N LEU B 144 6.07 -32.69 -34.85
CA LEU B 144 5.89 -33.27 -36.17
C LEU B 144 6.87 -32.66 -37.14
N LYS B 145 7.58 -33.50 -37.89
CA LYS B 145 8.35 -33.04 -39.03
C LYS B 145 8.35 -34.14 -40.08
N GLY B 146 8.83 -33.79 -41.27
CA GLY B 146 8.78 -34.69 -42.39
C GLY B 146 8.20 -34.03 -43.63
N THR B 147 7.37 -34.77 -44.37
CA THR B 147 6.75 -34.26 -45.58
C THR B 147 5.35 -33.78 -45.22
N ILE B 148 5.26 -32.50 -44.86
CA ILE B 148 4.01 -31.87 -44.48
C ILE B 148 4.18 -30.37 -44.73
N ASP B 149 3.07 -29.70 -45.03
CA ASP B 149 3.12 -28.28 -45.34
C ASP B 149 3.06 -27.48 -44.05
N VAL B 150 3.97 -26.50 -43.92
CA VAL B 150 4.11 -25.84 -42.65
C VAL B 150 3.21 -24.60 -42.56
N SER B 151 2.87 -24.00 -43.70
CA SER B 151 2.19 -22.72 -43.72
C SER B 151 0.83 -22.76 -44.38
N LYS B 152 0.44 -23.88 -44.97
CA LYS B 152 -0.91 -24.02 -45.49
C LYS B 152 -1.91 -24.42 -44.43
N LEU B 153 -1.47 -24.99 -43.32
CA LEU B 153 -2.37 -25.52 -42.32
C LEU B 153 -2.47 -24.59 -41.11
N VAL B 154 -3.59 -24.67 -40.41
CA VAL B 154 -3.95 -23.76 -39.33
C VAL B 154 -4.31 -24.58 -38.11
N THR B 155 -4.25 -23.94 -36.94
CA THR B 155 -4.60 -24.60 -35.70
C THR B 155 -6.09 -24.85 -35.59
N GLY B 156 -6.46 -26.10 -35.31
CA GLY B 156 -7.84 -26.51 -35.16
C GLY B 156 -8.33 -27.55 -36.14
N THR B 157 -7.52 -28.00 -37.11
CA THR B 157 -7.93 -29.02 -38.05
C THR B 157 -7.70 -30.41 -37.48
N VAL B 158 -8.67 -31.30 -37.66
CA VAL B 158 -8.56 -32.68 -37.20
C VAL B 158 -8.28 -33.59 -38.39
N LEU B 159 -7.26 -34.45 -38.26
CA LEU B 159 -6.75 -35.22 -39.40
C LEU B 159 -6.12 -36.51 -38.93
N ALA B 160 -5.93 -37.43 -39.88
CA ALA B 160 -5.24 -38.69 -39.68
C ALA B 160 -3.87 -38.63 -40.36
N VAL B 161 -2.90 -39.37 -39.83
CA VAL B 161 -1.52 -39.23 -40.27
C VAL B 161 -0.81 -40.58 -40.15
N PHE B 162 0.25 -40.77 -40.96
CA PHE B 162 0.92 -42.05 -41.11
C PHE B 162 2.42 -41.92 -40.85
N GLY B 163 2.96 -42.75 -39.94
CA GLY B 163 4.39 -42.69 -39.71
C GLY B 163 4.84 -43.45 -38.48
N SER B 164 5.93 -42.96 -37.87
CA SER B 164 6.67 -43.69 -36.85
C SER B 164 7.28 -42.73 -35.84
N VAL B 165 7.40 -43.19 -34.59
CA VAL B 165 8.07 -42.43 -33.54
C VAL B 165 9.56 -42.67 -33.64
N ARG B 166 10.31 -41.58 -33.80
CA ARG B 166 11.75 -41.65 -33.95
C ARG B 166 12.42 -41.56 -32.57
N ASP B 167 13.72 -41.34 -32.56
CA ASP B 167 14.52 -41.45 -31.35
C ASP B 167 14.54 -40.20 -30.50
N ASP B 168 14.37 -39.02 -31.10
CA ASP B 168 14.37 -37.77 -30.36
C ASP B 168 13.00 -37.38 -29.84
N GLY B 169 12.06 -38.33 -29.78
CA GLY B 169 10.72 -38.06 -29.35
C GLY B 169 9.80 -37.49 -30.41
N LYS B 170 10.34 -37.05 -31.55
CA LYS B 170 9.52 -36.48 -32.61
C LYS B 170 8.88 -37.59 -33.43
N PHE B 171 8.16 -37.17 -34.46
CA PHE B 171 7.33 -38.04 -35.28
C PHE B 171 7.63 -37.72 -36.74
N LEU B 172 7.79 -38.76 -37.56
CA LEU B 172 8.13 -38.61 -38.97
C LEU B 172 6.92 -38.98 -39.80
N VAL B 173 6.49 -38.06 -40.65
CA VAL B 173 5.21 -38.16 -41.35
C VAL B 173 5.48 -38.49 -42.81
N GLU B 174 4.79 -39.51 -43.32
CA GLU B 174 4.83 -39.85 -44.73
C GLU B 174 3.66 -39.26 -45.51
N ASP B 175 2.43 -39.54 -45.08
CA ASP B 175 1.27 -38.92 -45.68
C ASP B 175 0.13 -38.85 -44.67
N TYR B 176 -0.85 -38.00 -44.98
CA TYR B 176 -1.89 -37.58 -44.07
C TYR B 176 -3.16 -37.31 -44.85
N CYS B 177 -4.31 -37.49 -44.19
CA CYS B 177 -5.58 -37.30 -44.87
C CYS B 177 -6.58 -36.56 -43.99
N PHE B 178 -7.42 -35.77 -44.67
CA PHE B 178 -8.52 -34.98 -44.12
C PHE B 178 -9.86 -35.74 -44.15
N ALA B 179 -10.86 -35.22 -43.45
CA ALA B 179 -12.20 -35.82 -43.35
C ALA B 179 -13.06 -35.97 -44.62
N ASP B 180 -13.03 -34.94 -45.49
CA ASP B 180 -13.77 -34.84 -46.79
C ASP B 180 -15.28 -34.47 -46.75
N LEU B 181 -15.91 -34.47 -47.93
CA LEU B 181 -17.31 -34.10 -48.11
C LEU B 181 -18.28 -35.11 -47.48
N ALA B 182 -19.41 -34.59 -47.05
CA ALA B 182 -20.49 -35.35 -46.44
C ALA B 182 -21.48 -35.78 -47.52
N PRO B 183 -22.41 -36.69 -47.22
CA PRO B 183 -23.40 -37.08 -48.24
C PRO B 183 -24.33 -35.96 -48.66
N GLN B 184 -24.95 -36.14 -49.83
CA GLN B 184 -25.76 -35.12 -50.49
C GLN B 184 -26.87 -35.80 -51.26
N LYS B 185 -28.10 -35.55 -50.86
CA LYS B 185 -29.25 -36.06 -51.58
C LYS B 185 -29.54 -35.19 -52.80
N PRO B 186 -30.09 -35.75 -53.87
CA PRO B 186 -30.33 -34.95 -55.07
C PRO B 186 -31.60 -34.13 -54.97
N ALA B 187 -31.59 -33.01 -55.67
CA ALA B 187 -32.64 -32.00 -55.75
C ALA B 187 -33.59 -32.28 -56.90
N PRO B 188 -34.86 -31.91 -56.78
CA PRO B 188 -35.78 -32.05 -57.91
C PRO B 188 -35.49 -31.01 -58.97
N PRO B 189 -35.68 -31.33 -60.25
CA PRO B 189 -35.51 -30.34 -61.30
C PRO B 189 -36.69 -29.40 -61.41
N LEU B 190 -36.45 -28.23 -61.99
CA LEU B 190 -37.42 -27.15 -62.03
C LEU B 190 -37.99 -27.01 -63.44
N ASP B 191 -39.16 -26.39 -63.54
CA ASP B 191 -39.84 -26.22 -64.83
C ASP B 191 -39.46 -24.91 -65.51
N THR B 192 -39.71 -23.78 -64.87
CA THR B 192 -39.33 -22.47 -65.38
C THR B 192 -38.26 -21.88 -64.48
N ASP B 193 -37.26 -21.25 -65.08
CA ASP B 193 -36.09 -20.79 -64.33
C ASP B 193 -36.44 -19.62 -63.43
N ARG B 194 -36.12 -19.76 -62.14
CA ARG B 194 -36.19 -18.69 -61.16
C ARG B 194 -34.79 -18.26 -60.76
N PHE B 195 -34.62 -16.97 -60.52
CA PHE B 195 -33.32 -16.41 -60.19
C PHE B 195 -33.29 -15.97 -58.74
N VAL B 196 -32.08 -15.79 -58.22
CA VAL B 196 -31.84 -15.30 -56.87
C VAL B 196 -30.68 -14.31 -56.92
N LEU B 197 -30.87 -13.14 -56.31
CA LEU B 197 -29.86 -12.09 -56.32
C LEU B 197 -29.11 -12.06 -54.99
N LEU B 198 -27.78 -11.89 -55.07
CA LEU B 198 -26.92 -11.84 -53.89
C LEU B 198 -26.08 -10.57 -53.93
N VAL B 199 -26.16 -9.80 -52.84
CA VAL B 199 -25.46 -8.53 -52.67
C VAL B 199 -24.78 -8.60 -51.31
N SER B 200 -23.69 -7.86 -51.14
CA SER B 200 -23.07 -7.73 -49.84
C SER B 200 -22.35 -6.38 -49.75
N GLY B 201 -22.37 -5.83 -48.54
CA GLY B 201 -21.52 -4.69 -48.21
C GLY B 201 -21.84 -3.38 -48.89
N LEU B 202 -23.05 -2.85 -48.64
CA LEU B 202 -23.43 -1.56 -49.23
C LEU B 202 -22.60 -0.43 -48.68
N GLY B 203 -22.27 -0.47 -47.40
CA GLY B 203 -21.41 0.54 -46.81
C GLY B 203 -22.07 1.87 -46.60
N LEU B 204 -23.29 1.86 -46.06
CA LEU B 204 -24.03 3.09 -45.81
C LEU B 204 -23.47 3.78 -44.58
N GLY B 205 -22.87 4.96 -44.77
CA GLY B 205 -22.19 5.67 -43.72
C GLY B 205 -20.93 6.30 -44.22
N GLY B 206 -20.43 5.81 -45.36
CA GLY B 206 -19.24 6.35 -45.98
C GLY B 206 -18.75 5.45 -47.10
N GLY B 207 -18.17 6.03 -48.15
CA GLY B 207 -17.69 5.22 -49.26
C GLY B 207 -18.01 5.69 -50.66
N GLY B 208 -18.52 6.91 -50.81
CA GLY B 208 -18.63 7.52 -52.12
C GLY B 208 -20.02 8.01 -52.45
N GLY B 209 -20.14 8.56 -53.66
CA GLY B 209 -21.41 9.01 -54.20
C GLY B 209 -21.80 8.22 -55.43
N GLU B 210 -20.80 7.65 -56.10
CA GLU B 210 -21.08 6.68 -57.15
C GLU B 210 -21.69 5.41 -56.59
N SER B 211 -21.39 5.10 -55.33
CA SER B 211 -22.06 4.00 -54.65
C SER B 211 -23.53 4.33 -54.41
N LEU B 212 -23.86 5.63 -54.25
CA LEU B 212 -25.25 6.02 -54.04
C LEU B 212 -26.08 5.81 -55.31
N LEU B 213 -25.59 6.29 -56.44
CA LEU B 213 -26.28 6.06 -57.72
C LEU B 213 -26.25 4.59 -58.10
N GLY B 214 -25.21 3.86 -57.71
CA GLY B 214 -25.19 2.42 -57.95
C GLY B 214 -26.26 1.69 -57.15
N THR B 215 -26.43 2.07 -55.88
CA THR B 215 -27.48 1.45 -55.06
C THR B 215 -28.87 1.82 -55.57
N GLN B 216 -29.02 3.06 -56.05
CA GLN B 216 -30.29 3.52 -56.61
C GLN B 216 -30.64 2.78 -57.90
N LEU B 217 -29.66 2.60 -58.79
CA LEU B 217 -29.90 1.86 -60.03
C LEU B 217 -30.18 0.39 -59.76
N LEU B 218 -29.54 -0.20 -58.75
CA LEU B 218 -29.78 -1.60 -58.41
C LEU B 218 -31.21 -1.81 -57.89
N VAL B 219 -31.66 -0.97 -56.95
CA VAL B 219 -33.02 -1.13 -56.42
C VAL B 219 -34.06 -0.75 -57.47
N ASP B 220 -33.71 0.17 -58.39
CA ASP B 220 -34.64 0.56 -59.44
C ASP B 220 -34.81 -0.54 -60.48
N VAL B 221 -33.76 -1.32 -60.72
CA VAL B 221 -33.86 -2.45 -61.65
C VAL B 221 -34.68 -3.58 -61.02
N VAL B 222 -34.38 -3.92 -59.76
CA VAL B 222 -35.06 -5.08 -59.18
C VAL B 222 -36.52 -4.78 -58.82
N THR B 223 -36.86 -3.52 -58.54
CA THR B 223 -38.25 -3.23 -58.18
C THR B 223 -39.16 -3.10 -59.38
N GLY B 224 -38.63 -2.80 -60.56
CA GLY B 224 -39.45 -2.78 -61.75
C GLY B 224 -39.73 -1.38 -62.23
N GLN B 225 -38.78 -0.49 -62.05
CA GLN B 225 -38.92 0.89 -62.47
C GLN B 225 -38.11 1.22 -63.71
N LEU B 226 -37.16 0.37 -64.08
CA LEU B 226 -36.14 0.73 -65.04
C LEU B 226 -36.12 -0.26 -66.20
N GLY B 227 -35.86 0.26 -67.39
CA GLY B 227 -35.69 -0.55 -68.57
C GLY B 227 -37.01 -0.93 -69.24
N ASP B 228 -36.87 -1.57 -70.39
CA ASP B 228 -37.99 -1.90 -71.27
C ASP B 228 -38.74 -3.11 -70.72
N GLU B 229 -39.66 -3.64 -71.53
CA GLU B 229 -40.39 -4.86 -71.18
C GLU B 229 -39.50 -6.09 -71.14
N GLY B 230 -38.32 -6.04 -71.77
CA GLY B 230 -37.36 -7.12 -71.59
C GLY B 230 -36.83 -7.18 -70.17
N GLU B 231 -36.27 -6.06 -69.69
CA GLU B 231 -35.77 -5.98 -68.33
C GLU B 231 -36.88 -6.16 -67.31
N GLN B 232 -38.08 -5.67 -67.61
CA GLN B 232 -39.16 -5.79 -66.65
C GLN B 232 -39.75 -7.18 -66.63
N CYS B 233 -39.65 -7.91 -67.75
CA CYS B 233 -40.04 -9.30 -67.74
C CYS B 233 -39.00 -10.17 -67.05
N SER B 234 -37.72 -9.76 -67.13
CA SER B 234 -36.68 -10.61 -66.58
C SER B 234 -36.42 -10.34 -65.10
N ALA B 235 -36.64 -9.11 -64.64
CA ALA B 235 -36.53 -8.81 -63.22
C ALA B 235 -37.77 -9.23 -62.45
N ALA B 236 -38.86 -9.54 -63.14
CA ALA B 236 -40.03 -10.08 -62.46
C ALA B 236 -39.84 -11.54 -62.09
N HIS B 237 -38.85 -12.21 -62.65
CA HIS B 237 -38.61 -13.61 -62.39
C HIS B 237 -37.67 -13.85 -61.22
N VAL B 238 -36.94 -12.81 -60.79
CA VAL B 238 -36.12 -12.85 -59.59
C VAL B 238 -37.01 -13.10 -58.39
N SER B 239 -36.83 -14.25 -57.74
CA SER B 239 -37.78 -14.67 -56.73
C SER B 239 -37.45 -14.12 -55.35
N ARG B 240 -36.17 -13.99 -55.00
CA ARG B 240 -35.74 -13.60 -53.66
C ARG B 240 -34.64 -12.57 -53.76
N VAL B 241 -34.29 -12.00 -52.60
CA VAL B 241 -33.15 -11.12 -52.43
C VAL B 241 -32.47 -11.46 -51.11
N ILE B 242 -31.16 -11.67 -51.13
CA ILE B 242 -30.38 -11.98 -49.92
C ILE B 242 -29.30 -10.92 -49.76
N LEU B 243 -29.34 -10.19 -48.65
CA LEU B 243 -28.31 -9.21 -48.29
C LEU B 243 -27.44 -9.81 -47.21
N ALA B 244 -26.14 -9.85 -47.44
CA ALA B 244 -25.25 -10.67 -46.61
C ALA B 244 -24.17 -9.81 -45.98
N GLY B 245 -24.51 -9.24 -44.83
CA GLY B 245 -23.55 -8.69 -43.91
C GLY B 245 -22.91 -7.38 -44.30
N ASN B 246 -22.39 -6.69 -43.28
CA ASN B 246 -21.60 -5.47 -43.44
C ASN B 246 -22.40 -4.35 -44.12
N LEU B 247 -23.64 -4.17 -43.66
CA LEU B 247 -24.54 -3.19 -44.25
C LEU B 247 -24.10 -1.76 -43.96
N LEU B 248 -23.54 -1.49 -42.78
CA LEU B 248 -23.04 -0.16 -42.42
C LEU B 248 -21.55 -0.24 -42.26
N SER B 249 -20.79 0.17 -43.27
CA SER B 249 -19.35 0.20 -43.09
C SER B 249 -19.00 1.42 -42.24
N HIS B 250 -18.19 1.22 -41.21
CA HIS B 250 -17.91 2.27 -40.25
C HIS B 250 -16.46 2.72 -40.33
N SER B 251 -16.27 4.04 -40.28
CA SER B 251 -14.95 4.62 -40.41
C SER B 251 -14.19 4.62 -39.09
N THR B 252 -14.88 4.93 -37.99
CA THR B 252 -14.32 4.91 -36.66
C THR B 252 -15.46 4.84 -35.66
N GLN B 253 -15.31 3.98 -34.64
CA GLN B 253 -16.33 3.91 -33.59
C GLN B 253 -16.12 5.01 -32.56
N SER B 254 -14.97 5.01 -31.89
CA SER B 254 -14.69 5.96 -30.83
C SER B 254 -13.23 6.39 -30.83
N ALA B 271 -23.43 9.47 -36.82
CA ALA B 271 -22.63 8.40 -37.41
C ALA B 271 -23.45 7.13 -37.56
N SER B 272 -23.62 6.41 -36.46
CA SER B 272 -24.33 5.13 -36.49
C SER B 272 -25.83 5.27 -36.31
N VAL B 273 -26.30 6.40 -35.78
CA VAL B 273 -27.74 6.60 -35.56
C VAL B 273 -28.45 7.03 -36.84
N GLU B 274 -27.85 7.91 -37.63
CA GLU B 274 -28.45 8.37 -38.87
C GLU B 274 -28.41 7.32 -39.99
N ALA B 275 -27.58 6.28 -39.85
CA ALA B 275 -27.45 5.28 -40.90
C ALA B 275 -28.58 4.25 -40.84
N VAL B 276 -29.10 3.98 -39.65
CA VAL B 276 -30.20 3.04 -39.52
C VAL B 276 -31.49 3.62 -40.09
N LYS B 277 -31.63 4.95 -40.13
CA LYS B 277 -32.76 5.57 -40.80
C LYS B 277 -32.75 5.29 -42.29
N MET B 278 -31.59 5.48 -42.92
CA MET B 278 -31.49 5.26 -44.36
C MET B 278 -31.59 3.78 -44.71
N LEU B 279 -31.05 2.92 -43.85
CA LEU B 279 -31.20 1.49 -44.06
C LEU B 279 -32.65 1.07 -43.92
N ASP B 280 -33.39 1.72 -43.03
CA ASP B 280 -34.82 1.46 -42.90
C ASP B 280 -35.58 1.89 -44.14
N GLU B 281 -35.20 3.03 -44.73
CA GLU B 281 -35.86 3.48 -45.96
C GLU B 281 -35.58 2.54 -47.13
N ILE B 282 -34.34 2.08 -47.28
CA ILE B 282 -33.98 1.16 -48.35
C ILE B 282 -34.69 -0.19 -48.18
N LEU B 283 -34.76 -0.69 -46.95
CA LEU B 283 -35.48 -1.93 -46.73
C LEU B 283 -36.99 -1.76 -46.89
N LEU B 284 -37.50 -0.54 -46.73
CA LEU B 284 -38.90 -0.28 -47.07
C LEU B 284 -39.12 -0.34 -48.57
N GLN B 285 -38.25 0.32 -49.35
CA GLN B 285 -38.38 0.33 -50.80
C GLN B 285 -38.15 -1.04 -51.42
N LEU B 286 -37.41 -1.92 -50.76
CA LEU B 286 -37.30 -3.30 -51.22
C LEU B 286 -38.39 -4.21 -50.68
N SER B 287 -38.92 -3.94 -49.49
CA SER B 287 -39.97 -4.79 -48.95
C SER B 287 -41.30 -4.60 -49.64
N ALA B 288 -41.42 -3.56 -50.47
CA ALA B 288 -42.64 -3.31 -51.22
C ALA B 288 -42.88 -4.38 -52.27
N SER B 289 -41.86 -4.79 -53.01
CA SER B 289 -42.02 -5.77 -54.09
C SER B 289 -41.50 -7.15 -53.75
N VAL B 290 -40.22 -7.31 -53.38
CA VAL B 290 -39.62 -8.63 -53.19
C VAL B 290 -39.62 -9.07 -51.74
N PRO B 291 -39.49 -10.38 -51.47
CA PRO B 291 -39.04 -10.83 -50.15
C PRO B 291 -37.53 -10.66 -49.96
N VAL B 292 -37.13 -10.23 -48.76
CA VAL B 292 -35.75 -9.86 -48.44
C VAL B 292 -35.32 -10.61 -47.18
N ASP B 293 -34.04 -11.02 -47.13
CA ASP B 293 -33.41 -11.63 -45.95
C ASP B 293 -32.16 -10.85 -45.59
N VAL B 294 -32.06 -10.39 -44.35
CA VAL B 294 -31.01 -9.48 -43.92
C VAL B 294 -30.16 -10.16 -42.84
N MET B 295 -28.83 -10.11 -43.02
CA MET B 295 -27.88 -10.78 -42.14
C MET B 295 -26.90 -9.79 -41.52
N PRO B 296 -26.55 -9.99 -40.25
CA PRO B 296 -25.58 -9.11 -39.60
C PRO B 296 -24.15 -9.43 -40.04
N GLY B 297 -23.29 -8.44 -39.92
CA GLY B 297 -21.95 -8.60 -40.42
C GLY B 297 -20.87 -8.22 -39.43
N GLU B 298 -19.72 -7.82 -39.95
CA GLU B 298 -18.58 -7.47 -39.11
C GLU B 298 -18.84 -6.21 -38.31
N PHE B 299 -19.32 -5.15 -38.96
CA PHE B 299 -19.90 -4.03 -38.22
C PHE B 299 -21.40 -4.03 -38.49
N ASP B 300 -22.17 -4.36 -37.47
CA ASP B 300 -23.62 -4.32 -37.43
C ASP B 300 -24.01 -4.41 -35.97
N PRO B 301 -25.09 -3.75 -35.54
CA PRO B 301 -25.44 -3.75 -34.10
C PRO B 301 -25.93 -5.08 -33.56
N THR B 302 -25.00 -6.04 -33.39
CA THR B 302 -25.26 -7.32 -32.76
C THR B 302 -24.07 -7.67 -31.87
N ASN B 303 -24.03 -8.93 -31.42
CA ASN B 303 -22.96 -9.45 -30.60
C ASN B 303 -21.69 -9.67 -31.44
N TYR B 304 -20.66 -10.21 -30.79
CA TYR B 304 -19.39 -10.44 -31.44
C TYR B 304 -19.11 -11.90 -31.73
N THR B 305 -19.60 -12.83 -30.90
CA THR B 305 -19.29 -14.24 -31.07
C THR B 305 -20.01 -14.79 -32.31
N LEU B 306 -19.63 -16.01 -32.70
CA LEU B 306 -19.89 -16.37 -34.09
C LEU B 306 -21.33 -16.77 -34.45
N PRO B 307 -22.11 -17.51 -33.65
CA PRO B 307 -23.53 -17.57 -34.01
C PRO B 307 -24.21 -16.26 -33.67
N GLN B 308 -24.08 -15.28 -34.58
CA GLN B 308 -24.66 -13.97 -34.40
C GLN B 308 -26.17 -14.01 -34.52
N GLN B 309 -26.84 -13.40 -33.56
CA GLN B 309 -28.28 -13.42 -33.41
C GLN B 309 -28.91 -12.33 -34.28
N PRO B 310 -30.20 -12.45 -34.60
CA PRO B 310 -30.82 -11.49 -35.52
C PRO B 310 -30.92 -10.09 -34.93
N LEU B 311 -31.01 -9.13 -35.84
CA LEU B 311 -31.15 -7.73 -35.47
C LEU B 311 -32.49 -7.47 -34.79
N HIS B 312 -32.46 -6.56 -33.82
CA HIS B 312 -33.67 -6.24 -33.07
C HIS B 312 -34.59 -5.37 -33.91
N PRO B 313 -35.90 -5.65 -33.95
CA PRO B 313 -36.80 -4.89 -34.84
C PRO B 313 -37.07 -3.46 -34.42
N CYS B 314 -36.58 -3.01 -33.26
CA CYS B 314 -36.89 -1.66 -32.78
C CYS B 314 -36.06 -0.58 -33.47
N MET B 315 -35.15 -0.94 -34.36
CA MET B 315 -34.40 0.04 -35.12
C MET B 315 -34.97 0.27 -36.51
N PHE B 316 -36.04 -0.43 -36.87
CA PHE B 316 -36.67 -0.33 -38.19
C PHE B 316 -38.16 -0.08 -37.99
N PRO B 317 -38.57 1.18 -37.86
CA PRO B 317 -40.01 1.48 -37.73
C PRO B 317 -40.79 1.25 -39.00
N LEU B 318 -40.26 1.71 -40.14
CA LEU B 318 -41.03 1.73 -41.37
C LEU B 318 -41.16 0.34 -41.99
N ALA B 319 -40.08 -0.43 -42.03
CA ALA B 319 -40.01 -1.64 -42.84
C ALA B 319 -40.66 -2.84 -42.17
N THR B 320 -41.07 -2.73 -40.92
CA THR B 320 -41.70 -3.83 -40.23
C THR B 320 -43.22 -3.80 -40.42
N ALA B 321 -43.72 -2.92 -41.30
CA ALA B 321 -45.11 -2.96 -41.69
C ALA B 321 -45.43 -4.19 -42.55
N TYR B 322 -44.49 -4.63 -43.37
CA TYR B 322 -44.69 -5.69 -44.33
C TYR B 322 -44.14 -7.01 -43.80
N SER B 323 -44.79 -8.10 -44.18
CA SER B 323 -44.32 -9.44 -43.83
C SER B 323 -43.44 -10.05 -44.91
N THR B 324 -42.86 -9.24 -45.79
CA THR B 324 -41.87 -9.75 -46.74
C THR B 324 -40.44 -9.52 -46.29
N LEU B 325 -40.21 -8.74 -45.24
CA LEU B 325 -38.87 -8.53 -44.71
C LEU B 325 -38.56 -9.54 -43.62
N GLN B 326 -37.39 -10.17 -43.68
CA GLN B 326 -36.99 -11.11 -42.63
C GLN B 326 -35.55 -10.84 -42.20
N LEU B 327 -35.32 -10.94 -40.90
CA LEU B 327 -34.01 -10.71 -40.28
C LEU B 327 -33.50 -12.03 -39.74
N VAL B 328 -32.32 -12.47 -40.20
CA VAL B 328 -31.87 -13.81 -39.89
C VAL B 328 -30.48 -13.84 -39.24
N THR B 329 -30.03 -15.05 -38.89
CA THR B 329 -28.71 -15.25 -38.22
C THR B 329 -27.56 -15.03 -39.20
N ASN B 330 -26.36 -14.68 -38.70
CA ASN B 330 -25.18 -14.48 -39.57
C ASN B 330 -24.86 -15.80 -40.29
N PRO B 331 -24.84 -16.96 -39.58
CA PRO B 331 -24.67 -18.25 -40.24
C PRO B 331 -26.08 -18.48 -40.81
N TYR B 332 -26.21 -18.86 -42.08
CA TYR B 332 -27.59 -18.93 -42.53
C TYR B 332 -27.74 -20.15 -43.42
N GLN B 333 -28.65 -21.03 -43.06
CA GLN B 333 -29.12 -22.10 -43.92
C GLN B 333 -30.51 -21.78 -44.42
N ALA B 334 -30.86 -22.33 -45.59
CA ALA B 334 -32.25 -22.28 -46.06
C ALA B 334 -32.46 -23.35 -47.13
N THR B 335 -33.72 -23.59 -47.45
CA THR B 335 -34.14 -24.45 -48.56
C THR B 335 -35.02 -23.64 -49.49
N ILE B 336 -34.42 -22.97 -50.46
CA ILE B 336 -35.12 -22.05 -51.35
C ILE B 336 -35.46 -22.84 -52.62
N ASP B 337 -36.70 -23.33 -52.68
CA ASP B 337 -37.30 -23.97 -53.86
C ASP B 337 -36.62 -25.31 -54.17
N GLY B 338 -36.27 -26.03 -53.10
CA GLY B 338 -35.63 -27.33 -53.24
C GLY B 338 -34.12 -27.28 -53.13
N VAL B 339 -33.53 -26.23 -53.68
CA VAL B 339 -32.09 -26.00 -53.59
C VAL B 339 -31.77 -25.48 -52.20
N ARG B 340 -30.83 -26.13 -51.51
CA ARG B 340 -30.46 -25.72 -50.16
C ARG B 340 -29.20 -24.88 -50.15
N PHE B 341 -29.25 -23.78 -49.41
CA PHE B 341 -28.23 -22.76 -49.33
C PHE B 341 -27.61 -22.76 -47.94
N LEU B 342 -26.33 -22.39 -47.86
CA LEU B 342 -25.66 -22.15 -46.59
C LEU B 342 -24.60 -21.10 -46.83
N GLY B 343 -24.51 -20.12 -45.94
CA GLY B 343 -23.54 -19.07 -46.16
C GLY B 343 -23.24 -18.29 -44.91
N THR B 344 -22.16 -17.52 -44.98
CA THR B 344 -21.72 -16.61 -43.95
C THR B 344 -21.45 -15.24 -44.56
N SER B 345 -21.11 -14.28 -43.70
CA SER B 345 -20.72 -12.95 -44.13
C SER B 345 -19.21 -12.77 -44.18
N GLY B 346 -18.47 -13.85 -44.36
CA GLY B 346 -17.07 -13.75 -44.71
C GLY B 346 -16.15 -13.42 -43.57
N GLN B 347 -16.33 -14.13 -42.46
CA GLN B 347 -15.56 -13.97 -41.25
C GLN B 347 -14.67 -15.16 -40.97
N ASN B 348 -15.06 -16.34 -41.42
CA ASN B 348 -14.19 -17.51 -41.37
C ASN B 348 -13.09 -17.44 -42.42
N VAL B 349 -13.42 -16.99 -43.63
CA VAL B 349 -12.50 -17.02 -44.76
C VAL B 349 -11.38 -16.01 -44.58
N SER B 350 -11.69 -14.83 -44.06
CA SER B 350 -10.63 -13.86 -43.83
C SER B 350 -9.79 -14.22 -42.61
N ASP B 351 -10.37 -14.95 -41.65
CA ASP B 351 -9.61 -15.42 -40.50
C ASP B 351 -8.58 -16.46 -40.92
N ILE B 352 -8.98 -17.39 -41.79
CA ILE B 352 -8.03 -18.35 -42.36
C ILE B 352 -6.99 -17.62 -43.21
N PHE B 353 -7.41 -16.56 -43.91
CA PHE B 353 -6.48 -15.76 -44.71
C PHE B 353 -5.43 -15.07 -43.86
N ARG B 354 -5.75 -14.76 -42.60
CA ARG B 354 -4.77 -14.10 -41.74
C ARG B 354 -3.62 -15.04 -41.37
N TYR B 355 -3.93 -16.26 -40.95
CA TYR B 355 -2.95 -17.17 -40.37
C TYR B 355 -2.64 -18.36 -41.28
N SER B 356 -2.54 -18.12 -42.58
CA SER B 356 -2.15 -19.15 -43.53
C SER B 356 -1.42 -18.47 -44.68
N SER B 357 -1.20 -19.23 -45.75
CA SER B 357 -0.46 -18.71 -46.89
C SER B 357 -1.27 -18.67 -48.17
N MET B 358 -2.46 -19.28 -48.19
CA MET B 358 -3.34 -19.22 -49.35
C MET B 358 -3.88 -17.82 -49.56
N GLU B 359 -3.99 -17.42 -50.83
CA GLU B 359 -4.48 -16.09 -51.21
C GLU B 359 -5.86 -16.12 -51.86
N ASP B 360 -6.11 -17.10 -52.71
CA ASP B 360 -7.34 -17.19 -53.47
C ASP B 360 -8.51 -17.52 -52.54
N HIS B 361 -9.48 -16.61 -52.46
CA HIS B 361 -10.61 -16.77 -51.54
C HIS B 361 -11.53 -17.91 -51.94
N LEU B 362 -11.64 -18.19 -53.24
CA LEU B 362 -12.41 -19.34 -53.70
C LEU B 362 -11.74 -20.65 -53.29
N GLU B 363 -10.40 -20.66 -53.29
CA GLU B 363 -9.64 -21.82 -52.85
C GLU B 363 -9.80 -22.06 -51.35
N ILE B 364 -9.76 -20.98 -50.57
CA ILE B 364 -9.94 -21.07 -49.12
C ILE B 364 -11.33 -21.55 -48.77
N LEU B 365 -12.33 -21.12 -49.55
CA LEU B 365 -13.69 -21.60 -49.36
C LEU B 365 -13.81 -23.10 -49.65
N GLU B 366 -13.15 -23.57 -50.71
CA GLU B 366 -13.16 -24.99 -51.02
C GLU B 366 -12.38 -25.81 -50.01
N TRP B 367 -11.28 -25.26 -49.48
CA TRP B 367 -10.50 -25.96 -48.46
C TRP B 367 -11.31 -26.14 -47.18
N THR B 368 -11.98 -25.06 -46.74
CA THR B 368 -12.97 -25.12 -45.67
C THR B 368 -14.01 -26.20 -45.90
N LEU B 369 -14.43 -26.37 -47.15
CA LEU B 369 -15.31 -27.49 -47.47
C LEU B 369 -14.61 -28.84 -47.33
N ARG B 370 -13.30 -28.90 -47.57
CA ARG B 370 -12.62 -30.19 -47.65
C ARG B 370 -12.36 -30.82 -46.28
N VAL B 371 -12.23 -30.02 -45.22
CA VAL B 371 -11.92 -30.51 -43.88
C VAL B 371 -13.18 -30.70 -43.04
N ARG B 372 -14.37 -30.53 -43.63
CA ARG B 372 -15.66 -30.76 -43.00
C ARG B 372 -15.91 -29.85 -41.81
N HIS B 373 -15.54 -28.57 -41.92
CA HIS B 373 -15.73 -27.63 -40.83
C HIS B 373 -15.82 -26.23 -41.40
N ILE B 374 -16.88 -25.50 -41.03
CA ILE B 374 -17.10 -24.14 -41.54
C ILE B 374 -16.01 -23.19 -41.06
N SER B 375 -15.60 -23.31 -39.80
CA SER B 375 -14.61 -22.40 -39.23
C SER B 375 -13.72 -23.19 -38.28
N PRO B 376 -12.63 -23.78 -38.78
CA PRO B 376 -11.76 -24.56 -37.90
C PRO B 376 -10.93 -23.71 -36.95
N THR B 377 -10.71 -22.44 -37.23
CA THR B 377 -9.92 -21.58 -36.33
C THR B 377 -10.80 -20.93 -35.27
N ALA B 378 -11.61 -21.73 -34.56
CA ALA B 378 -12.49 -21.21 -33.54
C ALA B 378 -12.72 -22.26 -32.45
N PRO B 379 -12.47 -21.93 -31.18
CA PRO B 379 -11.91 -20.65 -30.74
C PRO B 379 -10.40 -20.66 -30.54
N ASP B 380 -9.65 -20.05 -31.44
CA ASP B 380 -8.29 -19.70 -31.03
C ASP B 380 -7.91 -18.31 -31.49
N THR B 381 -8.44 -17.87 -32.63
CA THR B 381 -8.24 -16.52 -33.15
C THR B 381 -9.54 -15.91 -33.66
N LEU B 382 -10.65 -16.64 -33.58
CA LEU B 382 -11.98 -16.15 -33.93
C LEU B 382 -12.93 -16.59 -32.83
N GLY B 383 -13.57 -15.63 -32.17
CA GLY B 383 -14.32 -15.94 -30.97
C GLY B 383 -15.67 -16.59 -31.26
N CYS B 384 -16.05 -17.51 -30.39
CA CYS B 384 -17.35 -18.14 -30.50
C CYS B 384 -17.96 -18.26 -29.10
N TYR B 385 -19.16 -18.70 -29.07
CA TYR B 385 -19.82 -19.03 -27.83
C TYR B 385 -19.23 -20.32 -27.28
N PRO B 386 -19.11 -20.45 -25.95
CA PRO B 386 -18.66 -21.72 -25.37
C PRO B 386 -19.73 -22.79 -25.31
N PHE B 387 -19.96 -23.53 -26.39
CA PHE B 387 -20.91 -24.62 -26.39
C PHE B 387 -20.38 -25.76 -25.52
N TYR B 388 -21.27 -26.67 -25.14
CA TYR B 388 -20.80 -27.86 -24.44
C TYR B 388 -21.43 -29.16 -24.87
N LYS B 389 -22.52 -29.17 -25.63
CA LYS B 389 -23.17 -30.43 -25.94
C LYS B 389 -22.69 -31.01 -27.26
N THR B 390 -22.56 -30.17 -28.29
CA THR B 390 -22.23 -30.58 -29.64
C THR B 390 -21.67 -29.36 -30.35
N ASP B 391 -20.58 -29.54 -31.10
CA ASP B 391 -20.03 -28.48 -31.93
C ASP B 391 -20.90 -28.34 -33.17
N PRO B 392 -21.49 -27.18 -33.45
CA PRO B 392 -22.40 -27.05 -34.60
C PRO B 392 -21.75 -26.63 -35.91
N PHE B 393 -20.44 -26.48 -35.98
CA PHE B 393 -19.80 -26.06 -37.23
C PHE B 393 -19.34 -27.23 -38.09
N ILE B 394 -19.49 -28.45 -37.61
CA ILE B 394 -19.28 -29.63 -38.44
C ILE B 394 -20.45 -29.76 -39.41
N PHE B 395 -20.14 -29.93 -40.70
CA PHE B 395 -21.16 -30.18 -41.72
C PHE B 395 -21.85 -31.52 -41.48
N PRO B 396 -23.17 -31.56 -41.30
CA PRO B 396 -23.83 -32.86 -41.18
C PRO B 396 -24.38 -33.40 -42.49
N GLU B 397 -24.36 -32.57 -43.53
CA GLU B 397 -24.87 -32.90 -44.85
C GLU B 397 -24.11 -32.04 -45.85
N CYS B 398 -24.37 -32.22 -47.12
CA CYS B 398 -23.68 -31.39 -48.08
C CYS B 398 -24.63 -30.42 -48.74
N PRO B 399 -24.34 -29.12 -48.74
CA PRO B 399 -25.22 -28.16 -49.40
C PRO B 399 -25.03 -28.12 -50.90
N HIS B 400 -26.09 -27.76 -51.61
CA HIS B 400 -25.98 -27.63 -53.05
C HIS B 400 -25.28 -26.35 -53.45
N VAL B 401 -25.53 -25.25 -52.75
CA VAL B 401 -24.83 -23.99 -52.96
C VAL B 401 -24.16 -23.60 -51.65
N TYR B 402 -22.99 -22.98 -51.74
CA TYR B 402 -22.20 -22.61 -50.57
C TYR B 402 -21.46 -21.33 -50.91
N PHE B 403 -21.90 -20.21 -50.33
CA PHE B 403 -21.35 -18.90 -50.68
C PHE B 403 -20.60 -18.29 -49.50
N CYS B 404 -19.92 -17.19 -49.79
CA CYS B 404 -19.15 -16.46 -48.80
C CYS B 404 -19.63 -15.03 -48.80
N GLY B 405 -18.87 -14.16 -48.15
CA GLY B 405 -19.39 -12.85 -47.84
C GLY B 405 -18.69 -11.73 -48.57
N ASN B 406 -17.97 -10.90 -47.84
CA ASN B 406 -17.41 -9.68 -48.39
C ASN B 406 -16.04 -9.84 -49.03
N THR B 407 -15.93 -10.62 -50.16
CA THR B 407 -14.68 -10.92 -50.86
C THR B 407 -14.34 -9.82 -51.86
N PRO B 408 -13.05 -9.53 -52.08
CA PRO B 408 -12.70 -8.34 -52.88
C PRO B 408 -12.97 -8.44 -54.38
N SER B 409 -13.31 -9.62 -54.90
CA SER B 409 -13.58 -9.75 -56.33
C SER B 409 -14.49 -10.95 -56.56
N PHE B 410 -15.17 -10.93 -57.69
CA PHE B 410 -16.11 -11.99 -58.02
C PHE B 410 -15.36 -13.27 -58.37
N GLY B 411 -15.98 -14.40 -58.05
CA GLY B 411 -15.48 -15.69 -58.46
C GLY B 411 -16.55 -16.73 -58.27
N SER B 412 -16.52 -17.76 -59.11
CA SER B 412 -17.45 -18.88 -58.99
C SER B 412 -16.82 -20.11 -59.61
N LYS B 413 -17.31 -21.27 -59.19
CA LYS B 413 -16.68 -22.53 -59.57
C LYS B 413 -17.65 -23.67 -59.28
N ILE B 414 -17.39 -24.82 -59.90
CA ILE B 414 -18.12 -26.06 -59.61
C ILE B 414 -17.11 -27.11 -59.20
N ILE B 415 -17.39 -27.82 -58.11
CA ILE B 415 -16.48 -28.87 -57.66
C ILE B 415 -17.27 -30.17 -57.47
N ARG B 416 -16.53 -31.28 -57.57
CA ARG B 416 -17.09 -32.61 -57.49
C ARG B 416 -16.61 -33.31 -56.22
N GLY B 417 -17.41 -34.25 -55.76
CA GLY B 417 -17.03 -35.07 -54.64
C GLY B 417 -16.46 -36.40 -55.12
N PRO B 418 -16.05 -37.25 -54.17
CA PRO B 418 -15.72 -38.64 -54.52
C PRO B 418 -16.95 -39.41 -54.98
N GLU B 419 -18.03 -39.33 -54.22
CA GLU B 419 -19.31 -39.89 -54.63
C GLU B 419 -19.99 -38.93 -55.60
N ASP B 420 -21.26 -39.17 -55.89
CA ASP B 420 -22.01 -38.21 -56.67
C ASP B 420 -22.37 -37.00 -55.82
N GLN B 421 -21.43 -36.08 -55.68
CA GLN B 421 -21.64 -34.84 -54.92
C GLN B 421 -21.05 -33.69 -55.74
N THR B 422 -21.91 -32.77 -56.16
CA THR B 422 -21.49 -31.55 -56.85
C THR B 422 -21.91 -30.33 -56.04
N VAL B 423 -21.05 -29.33 -56.00
CA VAL B 423 -21.28 -28.14 -55.19
C VAL B 423 -20.87 -26.92 -56.01
N LEU B 424 -21.74 -25.92 -56.09
CA LEU B 424 -21.40 -24.64 -56.68
C LEU B 424 -20.87 -23.70 -55.59
N LEU B 425 -19.73 -23.06 -55.86
CA LEU B 425 -19.08 -22.17 -54.91
C LEU B 425 -19.04 -20.77 -55.49
N VAL B 426 -19.61 -19.80 -54.77
CA VAL B 426 -19.67 -18.40 -55.19
C VAL B 426 -18.99 -17.55 -54.13
N THR B 427 -18.19 -16.59 -54.56
CA THR B 427 -17.74 -15.53 -53.66
C THR B 427 -18.41 -14.24 -54.08
N VAL B 428 -19.10 -13.60 -53.15
CA VAL B 428 -19.89 -12.41 -53.43
C VAL B 428 -18.95 -11.21 -53.35
N PRO B 429 -18.96 -10.31 -54.32
CA PRO B 429 -18.08 -9.14 -54.21
C PRO B 429 -18.61 -8.11 -53.23
N ASP B 430 -17.86 -7.01 -53.09
CA ASP B 430 -18.20 -5.95 -52.15
C ASP B 430 -18.70 -4.75 -52.96
N PHE B 431 -19.92 -4.29 -52.65
CA PHE B 431 -20.60 -3.33 -53.52
C PHE B 431 -19.97 -1.95 -53.50
N SER B 432 -19.27 -1.59 -52.42
CA SER B 432 -18.79 -0.23 -52.28
C SER B 432 -17.64 0.09 -53.23
N ALA B 433 -16.86 -0.90 -53.66
CA ALA B 433 -15.79 -0.67 -54.61
C ALA B 433 -16.13 -1.11 -56.03
N THR B 434 -16.59 -2.35 -56.19
CA THR B 434 -16.81 -2.92 -57.52
C THR B 434 -18.17 -2.57 -58.10
N GLN B 435 -19.18 -2.43 -57.23
CA GLN B 435 -20.59 -2.24 -57.60
C GLN B 435 -21.10 -3.41 -58.45
N THR B 436 -20.98 -4.61 -57.90
CA THR B 436 -21.28 -5.86 -58.59
C THR B 436 -22.09 -6.76 -57.68
N ALA B 437 -23.17 -7.35 -58.21
CA ALA B 437 -23.96 -8.36 -57.51
C ALA B 437 -23.97 -9.65 -58.33
N CYS B 438 -24.62 -10.70 -57.81
CA CYS B 438 -24.61 -11.99 -58.49
C CYS B 438 -26.02 -12.53 -58.67
N LEU B 439 -26.31 -13.07 -59.86
CA LEU B 439 -27.55 -13.78 -60.15
C LEU B 439 -27.28 -15.27 -60.21
N VAL B 440 -28.02 -16.04 -59.43
CA VAL B 440 -27.91 -17.49 -59.42
C VAL B 440 -29.18 -18.05 -60.02
N ASN B 441 -29.05 -18.79 -61.10
CA ASN B 441 -30.15 -19.54 -61.69
C ASN B 441 -30.42 -20.77 -60.86
N LEU B 442 -31.70 -21.12 -60.69
CA LEU B 442 -32.07 -22.25 -59.85
C LEU B 442 -32.40 -23.50 -60.65
N ARG B 443 -32.30 -23.46 -61.96
CA ARG B 443 -32.52 -24.65 -62.77
C ARG B 443 -31.28 -25.10 -63.53
N SER B 444 -30.47 -24.18 -64.01
CA SER B 444 -29.20 -24.52 -64.64
C SER B 444 -28.05 -24.48 -63.65
N LEU B 445 -28.25 -23.82 -62.51
CA LEU B 445 -27.27 -23.66 -61.43
C LEU B 445 -25.99 -23.03 -61.93
N ALA B 446 -26.12 -21.81 -62.44
CA ALA B 446 -24.99 -21.02 -62.88
C ALA B 446 -25.10 -19.65 -62.24
N CYS B 447 -23.99 -18.92 -62.22
CA CYS B 447 -23.95 -17.61 -61.60
C CYS B 447 -23.39 -16.59 -62.58
N GLN B 448 -24.11 -15.49 -62.74
CA GLN B 448 -23.70 -14.41 -63.63
C GLN B 448 -23.54 -13.11 -62.85
N PRO B 449 -22.47 -12.35 -63.08
CA PRO B 449 -22.34 -11.04 -62.43
C PRO B 449 -23.23 -9.98 -63.08
N ILE B 450 -23.60 -8.98 -62.27
CA ILE B 450 -24.31 -7.79 -62.74
C ILE B 450 -23.55 -6.58 -62.21
N SER B 451 -23.29 -5.61 -63.07
CA SER B 451 -22.51 -4.46 -62.65
C SER B 451 -23.23 -3.19 -63.03
N PHE B 452 -23.10 -2.16 -62.20
CA PHE B 452 -23.80 -0.90 -62.32
C PHE B 452 -22.76 0.22 -62.32
N SER B 453 -22.88 1.15 -63.26
CA SER B 453 -21.92 2.24 -63.35
C SER B 453 -22.57 3.42 -64.05
N GLY B 454 -22.91 4.44 -63.29
CA GLY B 454 -23.28 5.70 -63.89
C GLY B 454 -22.06 6.44 -64.38
N PHE B 455 -22.27 7.42 -65.26
CA PHE B 455 -21.15 8.17 -65.76
C PHE B 455 -20.66 9.13 -64.68
N GLY B 456 -19.35 9.33 -64.65
CA GLY B 456 -18.74 10.16 -63.62
C GLY B 456 -18.39 11.52 -64.17
N ALA B 457 -17.39 12.17 -63.58
CA ALA B 457 -16.94 13.45 -64.10
C ALA B 457 -16.06 13.21 -65.31
N GLU B 458 -16.64 12.78 -66.42
CA GLU B 458 -15.86 12.27 -67.53
C GLU B 458 -16.04 13.17 -68.74
N ASP B 459 -14.92 13.66 -69.25
CA ASP B 459 -14.88 14.57 -70.37
C ASP B 459 -13.72 14.15 -71.25
N ASP B 460 -14.04 13.68 -72.47
CA ASP B 460 -13.05 13.08 -73.35
C ASP B 460 -12.45 14.07 -74.34
N ASP B 461 -12.29 15.33 -73.93
CA ASP B 461 -11.68 16.34 -74.78
C ASP B 461 -10.48 17.01 -74.13
N LEU B 462 -9.95 16.45 -73.06
CA LEU B 462 -8.83 17.06 -72.34
C LEU B 462 -7.50 16.53 -72.86
N ALA C 10 -54.39 17.45 -74.55
CA ALA C 10 -53.71 16.17 -74.53
C ALA C 10 -52.20 16.35 -74.63
N ASP C 11 -51.71 16.54 -75.85
CA ASP C 11 -50.27 16.68 -76.07
C ASP C 11 -49.79 18.04 -75.57
N GLN C 12 -50.59 19.09 -75.80
CA GLN C 12 -50.21 20.43 -75.37
C GLN C 12 -50.17 20.55 -73.85
N LEU C 13 -50.92 19.70 -73.14
CA LEU C 13 -50.90 19.68 -71.68
C LEU C 13 -49.50 19.38 -71.14
N TYR C 14 -48.98 18.18 -71.44
CA TYR C 14 -47.66 17.84 -70.93
C TYR C 14 -46.56 18.58 -71.68
N LEU C 15 -46.80 19.00 -72.92
CA LEU C 15 -45.80 19.77 -73.64
C LEU C 15 -45.57 21.13 -72.99
N GLU C 16 -46.66 21.81 -72.59
CA GLU C 16 -46.50 23.08 -71.89
C GLU C 16 -46.01 22.88 -70.46
N ASN C 17 -46.42 21.78 -69.81
CA ASN C 17 -45.91 21.50 -68.47
C ASN C 17 -44.41 21.28 -68.47
N ILE C 18 -43.89 20.52 -69.43
CA ILE C 18 -42.46 20.32 -69.54
C ILE C 18 -41.76 21.61 -69.94
N ASP C 19 -42.36 22.41 -70.82
CA ASP C 19 -41.73 23.66 -71.23
C ASP C 19 -41.72 24.69 -70.13
N GLU C 20 -42.58 24.59 -69.12
CA GLU C 20 -42.43 25.51 -67.99
C GLU C 20 -41.57 24.91 -66.88
N PHE C 21 -41.49 23.58 -66.79
CA PHE C 21 -40.63 22.96 -65.78
C PHE C 21 -39.16 23.09 -66.16
N VAL C 22 -38.84 23.03 -67.45
CA VAL C 22 -37.45 22.93 -67.87
C VAL C 22 -36.85 24.33 -68.06
N THR C 23 -37.47 25.14 -68.90
CA THR C 23 -36.85 26.35 -69.38
C THR C 23 -37.15 27.58 -68.53
N ASP C 24 -38.17 27.52 -67.69
CA ASP C 24 -38.55 28.67 -66.88
C ASP C 24 -38.09 28.56 -65.43
N GLN C 25 -38.44 27.48 -64.74
CA GLN C 25 -38.01 27.30 -63.37
C GLN C 25 -36.58 26.80 -63.24
N ASN C 26 -35.96 26.39 -64.36
CA ASN C 26 -34.56 25.99 -64.46
C ASN C 26 -34.26 24.79 -63.56
N LYS C 27 -35.00 23.73 -63.77
CA LYS C 27 -34.95 22.53 -62.94
C LYS C 27 -34.33 21.38 -63.73
N ILE C 28 -34.24 20.23 -63.07
CA ILE C 28 -33.70 19.01 -63.65
C ILE C 28 -34.77 17.95 -63.54
N VAL C 29 -35.20 17.42 -64.68
CA VAL C 29 -36.38 16.57 -64.78
C VAL C 29 -35.92 15.15 -65.10
N THR C 30 -36.03 14.26 -64.12
CA THR C 30 -35.88 12.84 -64.41
C THR C 30 -37.25 12.28 -64.78
N TYR C 31 -37.29 11.00 -65.13
CA TYR C 31 -38.56 10.38 -65.49
C TYR C 31 -39.40 10.11 -64.24
N LYS C 32 -38.76 9.82 -63.12
CA LYS C 32 -39.51 9.54 -61.89
C LYS C 32 -40.11 10.79 -61.29
N TRP C 33 -39.42 11.94 -61.42
CA TRP C 33 -40.00 13.21 -61.01
C TRP C 33 -41.18 13.58 -61.90
N LEU C 34 -41.07 13.32 -63.21
CA LEU C 34 -42.15 13.64 -64.13
C LEU C 34 -43.24 12.58 -64.10
N SER C 35 -43.05 11.51 -63.34
CA SER C 35 -44.14 10.58 -63.11
C SER C 35 -44.78 10.74 -61.74
N TYR C 36 -44.08 11.33 -60.78
CA TYR C 36 -44.69 11.72 -59.51
C TYR C 36 -45.36 13.08 -59.57
N THR C 37 -44.97 13.95 -60.49
CA THR C 37 -45.71 15.19 -60.68
C THR C 37 -47.05 14.92 -61.35
N LEU C 38 -47.03 14.32 -62.54
CA LEU C 38 -48.22 14.19 -63.36
C LEU C 38 -48.99 12.90 -63.14
N GLY C 39 -48.58 12.04 -62.21
CA GLY C 39 -49.31 10.83 -61.89
C GLY C 39 -49.35 9.78 -62.99
N VAL C 40 -48.23 9.55 -63.67
CA VAL C 40 -48.18 8.76 -64.89
C VAL C 40 -47.37 7.49 -64.60
N HIS C 41 -47.67 6.43 -65.36
CA HIS C 41 -46.81 5.26 -65.52
C HIS C 41 -45.39 5.64 -65.91
N VAL C 42 -44.43 4.77 -65.60
CA VAL C 42 -43.03 5.08 -65.79
C VAL C 42 -42.62 5.02 -67.26
N ASN C 43 -43.07 3.99 -67.97
CA ASN C 43 -42.76 3.85 -69.40
C ASN C 43 -43.41 4.94 -70.22
N GLN C 44 -44.65 5.30 -69.88
CA GLN C 44 -45.32 6.43 -70.53
C GLN C 44 -44.60 7.74 -70.27
N ALA C 45 -43.95 7.88 -69.12
CA ALA C 45 -43.19 9.09 -68.83
C ALA C 45 -41.94 9.17 -69.67
N LYS C 46 -41.27 8.03 -69.90
CA LYS C 46 -40.12 8.00 -70.80
C LYS C 46 -40.54 8.35 -72.23
N GLN C 47 -41.70 7.84 -72.65
CA GLN C 47 -42.24 8.16 -73.98
C GLN C 47 -42.59 9.65 -74.09
N MET C 48 -43.12 10.24 -73.01
CA MET C 48 -43.39 11.68 -72.98
C MET C 48 -42.12 12.49 -73.18
N LEU C 49 -41.05 12.12 -72.47
CA LEU C 49 -39.80 12.87 -72.58
C LEU C 49 -39.19 12.73 -73.96
N TYR C 50 -39.32 11.54 -74.58
CA TYR C 50 -38.81 11.38 -75.93
C TYR C 50 -39.63 12.18 -76.94
N ASP C 51 -40.95 12.27 -76.71
CA ASP C 51 -41.81 13.11 -77.55
C ASP C 51 -41.39 14.57 -77.49
N TYR C 52 -41.18 15.09 -76.27
CA TYR C 52 -40.78 16.49 -76.11
C TYR C 52 -39.44 16.78 -76.76
N VAL C 53 -38.46 15.88 -76.56
CA VAL C 53 -37.14 16.16 -77.12
C VAL C 53 -37.16 16.03 -78.64
N GLU C 54 -38.00 15.15 -79.19
CA GLU C 54 -38.05 15.01 -80.64
C GLU C 54 -38.72 16.21 -81.29
N ARG C 55 -39.79 16.71 -80.68
CA ARG C 55 -40.47 17.91 -81.19
C ARG C 55 -39.56 19.13 -81.15
N LYS C 56 -38.94 19.39 -79.99
CA LYS C 56 -38.13 20.58 -79.89
C LYS C 56 -36.75 20.45 -80.52
N ARG C 57 -36.32 19.24 -80.88
CA ARG C 57 -35.08 19.09 -81.63
C ARG C 57 -35.31 19.04 -83.13
N LYS C 58 -36.53 18.75 -83.57
CA LYS C 58 -36.90 18.86 -84.98
C LYS C 58 -37.31 20.27 -85.35
N GLU C 59 -37.86 21.02 -84.39
CA GLU C 59 -38.27 22.40 -84.64
C GLU C 59 -37.08 23.31 -84.95
N ASN C 60 -36.04 23.26 -84.12
CA ASN C 60 -35.10 24.36 -84.04
C ASN C 60 -33.65 23.98 -84.28
N SER C 61 -33.22 22.83 -83.75
CA SER C 61 -31.88 22.21 -83.81
C SER C 61 -30.83 22.93 -82.98
N GLY C 62 -31.13 24.08 -82.39
CA GLY C 62 -30.15 24.83 -81.64
C GLY C 62 -30.63 25.27 -80.26
N ALA C 63 -31.41 24.43 -79.60
CA ALA C 63 -31.97 24.80 -78.31
C ALA C 63 -30.92 24.71 -77.21
N GLN C 64 -31.31 25.12 -76.01
CA GLN C 64 -30.46 24.99 -74.83
C GLN C 64 -30.86 23.74 -74.08
N LEU C 65 -30.62 22.61 -74.73
CA LEU C 65 -31.19 21.34 -74.32
C LEU C 65 -30.09 20.29 -74.33
N HIS C 66 -29.97 19.57 -73.21
CA HIS C 66 -28.98 18.51 -73.01
C HIS C 66 -29.71 17.26 -72.57
N VAL C 67 -29.33 16.11 -73.12
CA VAL C 67 -29.99 14.85 -72.80
C VAL C 67 -28.99 13.89 -72.15
N THR C 68 -29.53 12.92 -71.41
CA THR C 68 -28.79 11.77 -70.87
C THR C 68 -29.67 10.55 -70.99
N TYR C 69 -29.11 9.46 -71.52
CA TYR C 69 -29.81 8.23 -71.84
C TYR C 69 -29.36 7.10 -70.90
N LEU C 70 -29.96 5.93 -71.08
CA LEU C 70 -29.52 4.73 -70.39
C LEU C 70 -29.36 3.61 -71.40
N VAL C 71 -28.25 2.88 -71.31
CA VAL C 71 -27.98 1.73 -72.17
C VAL C 71 -27.69 0.53 -71.28
N SER C 72 -28.33 -0.60 -71.59
CA SER C 72 -28.12 -1.84 -70.87
C SER C 72 -27.93 -2.98 -71.85
N GLY C 73 -27.20 -4.01 -71.43
CA GLY C 73 -27.08 -5.20 -72.24
C GLY C 73 -25.92 -6.07 -71.82
N SER C 74 -25.80 -7.20 -72.52
CA SER C 74 -24.77 -8.19 -72.21
C SER C 74 -23.38 -7.72 -72.63
N LEU C 75 -22.38 -8.45 -72.15
CA LEU C 75 -20.99 -8.22 -72.53
C LEU C 75 -20.18 -9.46 -72.15
N ILE C 76 -19.03 -9.63 -72.82
CA ILE C 76 -18.02 -10.60 -72.43
C ILE C 76 -16.68 -9.87 -72.32
N GLN C 77 -16.10 -9.90 -71.12
CA GLN C 77 -14.80 -9.28 -70.88
C GLN C 77 -13.69 -10.30 -71.10
N ASN C 78 -13.66 -11.35 -70.26
CA ASN C 78 -12.72 -12.46 -70.38
C ASN C 78 -13.52 -13.75 -70.24
N GLY C 79 -14.12 -14.20 -71.35
CA GLY C 79 -14.91 -15.42 -71.34
C GLY C 79 -16.31 -15.29 -70.78
N HIS C 80 -16.41 -14.80 -69.54
CA HIS C 80 -17.65 -14.76 -68.79
C HIS C 80 -18.64 -13.76 -69.36
N SER C 81 -19.92 -14.08 -69.22
CA SER C 81 -21.00 -13.20 -69.68
C SER C 81 -21.48 -12.35 -68.51
N CYS C 82 -21.18 -11.06 -68.57
CA CYS C 82 -21.71 -10.10 -67.60
C CYS C 82 -22.82 -9.29 -68.24
N HIS C 83 -23.47 -8.48 -67.42
CA HIS C 83 -24.60 -7.64 -67.83
C HIS C 83 -24.34 -6.23 -67.36
N LYS C 84 -24.04 -5.33 -68.28
CA LYS C 84 -23.60 -3.98 -67.97
C LYS C 84 -24.74 -2.99 -68.20
N VAL C 85 -24.98 -2.14 -67.20
CA VAL C 85 -26.04 -1.14 -67.21
C VAL C 85 -25.40 0.23 -66.93
N ALA C 86 -25.64 1.20 -67.81
CA ALA C 86 -24.95 2.47 -67.71
C ALA C 86 -25.86 3.64 -68.03
N VAL C 87 -25.69 4.73 -67.27
CA VAL C 87 -26.34 6.00 -67.55
C VAL C 87 -25.32 6.89 -68.25
N VAL C 88 -25.62 7.28 -69.49
CA VAL C 88 -24.63 7.79 -70.42
C VAL C 88 -25.04 9.19 -70.86
N ARG C 89 -24.05 10.00 -71.22
CA ARG C 89 -24.24 11.35 -71.72
C ARG C 89 -24.68 11.35 -73.18
N GLU C 90 -24.64 12.52 -73.82
CA GLU C 90 -25.16 12.71 -75.16
C GLU C 90 -24.11 12.60 -76.25
N ASP C 91 -22.82 12.57 -75.89
CA ASP C 91 -21.77 12.47 -76.90
C ASP C 91 -21.35 11.02 -77.15
N LYS C 92 -21.35 10.21 -76.10
CA LYS C 92 -20.62 8.95 -76.07
C LYS C 92 -21.52 7.74 -76.24
N LEU C 93 -22.71 7.92 -76.81
CA LEU C 93 -23.71 6.86 -76.84
C LEU C 93 -23.31 5.74 -77.81
N GLU C 94 -22.91 6.09 -79.03
CA GLU C 94 -22.74 5.10 -80.08
C GLU C 94 -21.52 4.21 -79.84
N ALA C 95 -20.46 4.77 -79.23
CA ALA C 95 -19.29 3.97 -78.91
C ALA C 95 -19.61 2.94 -77.84
N VAL C 96 -20.38 3.34 -76.82
CA VAL C 96 -20.84 2.42 -75.79
C VAL C 96 -21.80 1.39 -76.39
N LYS C 97 -22.56 1.78 -77.40
CA LYS C 97 -23.43 0.81 -78.05
C LYS C 97 -22.65 -0.21 -78.89
N SER C 98 -21.53 0.21 -79.48
CA SER C 98 -20.72 -0.70 -80.28
C SER C 98 -19.77 -1.56 -79.45
N LYS C 99 -19.47 -1.18 -78.21
CA LYS C 99 -18.68 -2.07 -77.36
C LYS C 99 -19.46 -3.30 -76.91
N LEU C 100 -20.78 -3.17 -76.79
CA LEU C 100 -21.61 -4.23 -76.24
C LEU C 100 -21.81 -5.36 -77.23
N ALA C 101 -22.22 -6.51 -76.71
CA ALA C 101 -22.50 -7.65 -77.58
C ALA C 101 -23.99 -7.69 -77.94
N VAL C 102 -24.85 -7.78 -76.93
CA VAL C 102 -26.30 -7.83 -77.12
C VAL C 102 -26.87 -6.57 -76.49
N THR C 103 -27.92 -6.03 -77.12
CA THR C 103 -28.60 -4.84 -76.64
C THR C 103 -29.97 -5.21 -76.09
N ALA C 104 -30.33 -4.64 -74.95
CA ALA C 104 -31.51 -5.07 -74.22
C ALA C 104 -32.41 -3.94 -73.72
N SER C 105 -31.94 -2.71 -73.62
CA SER C 105 -32.76 -1.62 -73.11
C SER C 105 -32.18 -0.28 -73.55
N ILE C 106 -32.99 0.53 -74.21
CA ILE C 106 -32.68 1.93 -74.49
C ILE C 106 -33.91 2.76 -74.17
N HIS C 107 -33.75 3.76 -73.31
CA HIS C 107 -34.73 4.84 -73.20
C HIS C 107 -34.00 6.10 -72.78
N VAL C 108 -34.76 7.09 -72.33
CA VAL C 108 -34.24 8.40 -71.97
C VAL C 108 -34.27 8.52 -70.45
N TYR C 109 -33.27 9.18 -69.89
CA TYR C 109 -33.16 9.35 -68.45
C TYR C 109 -33.41 10.78 -67.99
N SER C 110 -32.77 11.77 -68.60
CA SER C 110 -32.95 13.13 -68.10
C SER C 110 -32.66 14.15 -69.18
N ILE C 111 -33.14 15.37 -68.96
CA ILE C 111 -32.80 16.54 -69.76
C ILE C 111 -32.44 17.70 -68.85
N GLN C 112 -31.69 18.65 -69.41
CA GLN C 112 -31.08 19.71 -68.62
C GLN C 112 -31.14 21.02 -69.39
N LYS C 113 -30.92 22.12 -68.68
CA LYS C 113 -30.70 23.43 -69.30
C LYS C 113 -29.21 23.75 -69.42
N ALA C 114 -28.48 23.80 -68.31
CA ALA C 114 -27.06 24.13 -68.31
C ALA C 114 -26.25 22.97 -67.73
N MET C 115 -25.19 22.60 -68.45
CA MET C 115 -24.52 21.31 -68.29
C MET C 115 -23.87 21.12 -66.92
N LEU C 116 -24.12 19.95 -66.33
CA LEU C 116 -23.53 19.51 -65.06
C LEU C 116 -22.11 18.95 -65.28
N LYS C 117 -21.47 18.60 -64.16
CA LYS C 117 -20.10 18.09 -64.21
C LYS C 117 -19.97 16.61 -63.89
N ASP C 118 -20.84 16.07 -63.04
CA ASP C 118 -20.85 14.64 -62.77
C ASP C 118 -22.29 14.24 -62.46
N SER C 119 -22.47 13.02 -61.96
CA SER C 119 -23.78 12.47 -61.69
C SER C 119 -24.29 12.80 -60.30
N GLY C 120 -23.86 13.94 -59.75
CA GLY C 120 -24.23 14.39 -58.43
C GLY C 120 -25.70 14.62 -58.20
N PRO C 121 -26.29 15.64 -58.83
CA PRO C 121 -27.68 16.03 -58.48
C PRO C 121 -28.75 15.07 -58.98
N LEU C 122 -28.42 14.16 -59.88
CA LEU C 122 -29.39 13.18 -60.36
C LEU C 122 -29.77 12.16 -59.30
N PHE C 123 -29.04 12.08 -58.19
CA PHE C 123 -29.46 11.32 -57.04
C PHE C 123 -30.22 12.17 -56.03
N ASN C 124 -29.81 13.45 -55.89
CA ASN C 124 -30.50 14.39 -55.01
C ASN C 124 -31.95 14.58 -55.41
N THR C 125 -32.22 14.67 -56.72
CA THR C 125 -33.59 14.88 -57.20
C THR C 125 -34.49 13.69 -56.87
N ASP C 126 -34.05 12.49 -57.23
CA ASP C 126 -34.84 11.27 -56.98
C ASP C 126 -35.00 11.00 -55.49
N TYR C 127 -33.96 11.31 -54.70
CA TYR C 127 -34.04 11.13 -53.26
C TYR C 127 -35.04 12.09 -52.63
N ASP C 128 -35.02 13.37 -53.03
CA ASP C 128 -35.93 14.34 -52.43
C ASP C 128 -37.37 14.10 -52.83
N ILE C 129 -37.62 13.73 -54.10
CA ILE C 129 -38.99 13.44 -54.49
C ILE C 129 -39.49 12.12 -53.90
N LEU C 130 -38.58 11.22 -53.52
CA LEU C 130 -38.97 10.06 -52.71
C LEU C 130 -39.32 10.46 -51.29
N LYS C 131 -38.62 11.47 -50.75
CA LYS C 131 -38.65 11.77 -49.31
C LYS C 131 -40.02 12.21 -48.83
N SER C 132 -40.78 12.88 -49.69
CA SER C 132 -42.11 13.35 -49.31
C SER C 132 -43.21 12.43 -49.79
N ASN C 133 -42.87 11.40 -50.56
CA ASN C 133 -43.87 10.60 -51.24
C ASN C 133 -43.76 9.14 -50.83
N LEU C 134 -43.75 8.89 -49.52
CA LEU C 134 -43.21 7.66 -48.96
C LEU C 134 -44.20 6.51 -48.85
N GLN C 135 -45.50 6.77 -48.92
CA GLN C 135 -46.47 5.68 -48.85
C GLN C 135 -46.73 5.04 -50.22
N ASN C 136 -46.14 5.56 -51.28
CA ASN C 136 -46.24 4.93 -52.58
C ASN C 136 -44.89 4.91 -53.28
N CYS C 137 -44.39 3.70 -53.55
CA CYS C 137 -43.34 3.46 -54.52
C CYS C 137 -43.65 2.34 -55.50
N SER C 138 -44.47 1.37 -55.11
CA SER C 138 -44.99 0.34 -56.01
C SER C 138 -46.28 0.78 -56.70
N LYS C 139 -46.62 2.06 -56.62
CA LYS C 139 -47.86 2.57 -57.19
C LYS C 139 -47.78 2.63 -58.71
N PHE C 140 -46.69 3.15 -59.24
CA PHE C 140 -46.48 3.19 -60.69
C PHE C 140 -45.47 2.15 -61.16
N SER C 141 -45.31 1.03 -60.46
CA SER C 141 -44.35 0.01 -60.81
C SER C 141 -44.96 -1.04 -61.72
N ALA C 142 -44.14 -1.49 -62.69
CA ALA C 142 -44.56 -2.51 -63.65
C ALA C 142 -44.81 -3.88 -63.02
N ILE C 143 -44.29 -4.15 -61.82
CA ILE C 143 -44.46 -5.43 -61.16
C ILE C 143 -45.28 -5.21 -59.90
N GLN C 144 -46.39 -5.95 -59.78
CA GLN C 144 -47.30 -5.85 -58.65
C GLN C 144 -47.38 -7.22 -57.98
N CYS C 145 -46.60 -7.39 -56.93
CA CYS C 145 -46.65 -8.60 -56.11
C CYS C 145 -47.93 -8.62 -55.28
N ALA C 146 -48.18 -9.75 -54.64
CA ALA C 146 -49.44 -9.96 -53.95
C ALA C 146 -49.33 -10.15 -52.44
N ALA C 147 -48.28 -10.80 -51.95
CA ALA C 147 -48.14 -11.08 -50.53
C ALA C 147 -47.60 -9.90 -49.74
N ALA C 148 -47.21 -8.81 -50.40
CA ALA C 148 -46.65 -7.64 -49.71
C ALA C 148 -47.72 -6.58 -49.54
N VAL C 149 -48.46 -6.68 -48.45
CA VAL C 149 -49.47 -5.69 -48.04
C VAL C 149 -49.25 -5.46 -46.55
N PRO C 150 -49.38 -4.20 -46.03
CA PRO C 150 -49.05 -3.94 -44.63
C PRO C 150 -49.91 -4.68 -43.62
N ARG C 151 -49.28 -5.62 -42.92
CA ARG C 151 -49.94 -6.54 -42.00
C ARG C 151 -49.44 -6.42 -40.56
N ALA C 152 -48.14 -6.31 -40.36
CA ALA C 152 -47.57 -6.25 -39.03
C ALA C 152 -47.24 -4.82 -38.63
N GLU D 72 -24.06 -43.87 1.86
CA GLU D 72 -23.29 -42.64 2.07
C GLU D 72 -21.90 -42.99 2.63
N GLU D 73 -20.91 -42.18 2.25
CA GLU D 73 -19.46 -42.29 2.44
C GLU D 73 -18.83 -43.35 1.54
N ALA D 74 -19.66 -44.14 0.86
CA ALA D 74 -19.24 -44.98 -0.24
C ALA D 74 -19.83 -44.50 -1.56
N GLU D 75 -20.99 -43.84 -1.50
CA GLU D 75 -21.55 -43.15 -2.63
C GLU D 75 -20.83 -41.85 -2.94
N LEU D 76 -20.07 -41.30 -2.01
CA LEU D 76 -19.33 -40.07 -2.27
C LEU D 76 -17.96 -40.32 -2.88
N GLU D 77 -17.54 -41.57 -3.02
CA GLU D 77 -16.32 -41.87 -3.75
C GLU D 77 -16.57 -42.36 -5.17
N LEU D 78 -17.72 -42.98 -5.41
CA LEU D 78 -18.14 -43.34 -6.76
C LEU D 78 -18.33 -42.13 -7.65
N LEU D 79 -18.94 -41.07 -7.11
CA LEU D 79 -19.12 -39.85 -7.87
C LEU D 79 -17.81 -39.12 -8.07
N ARG D 80 -16.94 -39.15 -7.06
CA ARG D 80 -15.60 -38.58 -7.20
C ARG D 80 -14.73 -39.37 -8.16
N GLN D 81 -15.05 -40.65 -8.40
CA GLN D 81 -14.38 -41.44 -9.42
C GLN D 81 -14.95 -41.24 -10.82
N PHE D 82 -16.26 -41.02 -10.93
CA PHE D 82 -16.87 -40.65 -12.20
C PHE D 82 -16.41 -39.28 -12.68
N ASP D 83 -16.01 -38.41 -11.77
CA ASP D 83 -15.69 -37.04 -12.12
C ASP D 83 -14.28 -36.85 -12.68
N LEU D 84 -13.41 -37.85 -12.60
CA LEU D 84 -12.03 -37.70 -13.04
C LEU D 84 -11.64 -38.71 -14.10
N ALA D 85 -12.57 -39.53 -14.57
CA ALA D 85 -12.31 -40.44 -15.67
C ALA D 85 -12.35 -39.66 -16.97
N TRP D 86 -11.23 -39.67 -17.71
CA TRP D 86 -11.05 -38.82 -18.87
C TRP D 86 -11.85 -39.27 -20.09
N GLN D 87 -12.45 -40.46 -20.07
CA GLN D 87 -13.15 -40.93 -21.25
C GLN D 87 -14.61 -40.50 -21.30
N TYR D 88 -15.04 -39.63 -20.37
CA TYR D 88 -16.38 -39.07 -20.42
C TYR D 88 -16.40 -37.56 -20.65
N GLY D 89 -15.26 -36.89 -20.60
CA GLY D 89 -15.21 -35.48 -20.93
C GLY D 89 -14.53 -34.60 -19.90
N PRO D 90 -14.25 -33.33 -20.29
CA PRO D 90 -13.45 -32.40 -19.48
C PRO D 90 -14.25 -31.51 -18.54
N CYS D 91 -14.90 -32.12 -17.56
CA CYS D 91 -16.07 -31.48 -16.98
C CYS D 91 -15.81 -30.86 -15.61
N THR D 92 -15.52 -29.56 -15.62
CA THR D 92 -15.58 -28.65 -14.48
C THR D 92 -16.22 -27.33 -14.86
N GLY D 93 -17.34 -27.34 -15.56
CA GLY D 93 -18.08 -26.11 -15.68
C GLY D 93 -19.57 -26.30 -15.58
N ILE D 94 -20.00 -27.56 -15.57
CA ILE D 94 -21.40 -27.93 -15.76
C ILE D 94 -21.82 -28.81 -14.59
N THR D 95 -23.03 -29.33 -14.64
CA THR D 95 -23.54 -30.16 -13.57
C THR D 95 -23.01 -31.59 -13.77
N ARG D 96 -23.45 -32.50 -12.91
CA ARG D 96 -23.04 -33.90 -12.98
C ARG D 96 -23.97 -34.71 -13.86
N LEU D 97 -25.28 -34.46 -13.79
CA LEU D 97 -26.23 -35.20 -14.59
C LEU D 97 -26.23 -34.75 -16.04
N GLN D 98 -25.87 -33.49 -16.30
CA GLN D 98 -25.70 -33.05 -17.68
C GLN D 98 -24.55 -33.77 -18.36
N ARG D 99 -23.42 -33.96 -17.65
CA ARG D 99 -22.30 -34.71 -18.22
C ARG D 99 -22.65 -36.19 -18.37
N TRP D 100 -23.45 -36.74 -17.45
CA TRP D 100 -23.91 -38.12 -17.61
C TRP D 100 -24.78 -38.30 -18.84
N CYS D 101 -25.67 -37.35 -19.13
CA CYS D 101 -26.49 -37.47 -20.33
C CYS D 101 -25.74 -37.12 -21.62
N ARG D 102 -24.74 -36.24 -21.54
CA ARG D 102 -23.90 -35.93 -22.70
C ARG D 102 -23.14 -37.16 -23.16
N ALA D 103 -22.59 -37.92 -22.21
CA ALA D 103 -21.88 -39.13 -22.60
C ALA D 103 -22.83 -40.20 -23.12
N LYS D 104 -24.06 -40.24 -22.60
CA LYS D 104 -25.04 -41.24 -23.03
C LYS D 104 -25.54 -40.98 -24.45
N GLN D 105 -25.66 -39.70 -24.83
CA GLN D 105 -26.06 -39.34 -26.19
C GLN D 105 -25.07 -39.87 -27.22
N MET D 106 -23.81 -39.55 -26.98
CA MET D 106 -22.69 -40.05 -27.79
C MET D 106 -22.49 -41.54 -27.48
N GLY D 107 -23.08 -41.99 -26.37
CA GLY D 107 -23.01 -43.39 -25.90
C GLY D 107 -21.60 -43.93 -25.71
N LEU D 108 -20.74 -43.17 -25.06
CA LEU D 108 -19.37 -43.63 -24.87
C LEU D 108 -19.26 -44.93 -24.07
N GLU D 109 -20.01 -44.98 -22.93
CA GLU D 109 -20.22 -46.06 -21.90
C GLU D 109 -20.58 -45.56 -20.49
N PRO D 110 -21.61 -44.72 -20.35
CA PRO D 110 -21.92 -44.32 -18.97
C PRO D 110 -22.38 -45.53 -18.15
N PRO D 111 -21.94 -45.65 -16.89
CA PRO D 111 -22.36 -46.83 -16.12
C PRO D 111 -23.66 -46.58 -15.39
N PRO D 112 -24.53 -47.60 -15.25
CA PRO D 112 -25.84 -47.42 -14.63
C PRO D 112 -25.82 -47.53 -13.11
N GLU D 113 -24.86 -46.85 -12.49
CA GLU D 113 -24.81 -46.70 -11.04
C GLU D 113 -24.60 -45.26 -10.64
N VAL D 114 -23.89 -44.47 -11.44
CA VAL D 114 -23.77 -43.04 -11.24
C VAL D 114 -25.08 -42.34 -11.63
N TRP D 115 -25.99 -43.07 -12.29
CA TRP D 115 -27.37 -42.62 -12.43
C TRP D 115 -28.23 -42.97 -11.22
N GLN D 116 -28.04 -44.15 -10.64
CA GLN D 116 -28.94 -44.65 -9.61
C GLN D 116 -28.64 -44.10 -8.22
N VAL D 117 -27.72 -43.15 -8.09
CA VAL D 117 -27.64 -42.33 -6.89
C VAL D 117 -28.06 -40.90 -7.12
N LEU D 118 -28.19 -40.46 -8.38
CA LEU D 118 -28.72 -39.15 -8.70
C LEU D 118 -30.23 -39.17 -8.88
N LYS D 119 -30.88 -40.24 -8.48
CA LYS D 119 -32.33 -40.35 -8.49
C LYS D 119 -32.92 -40.56 -7.12
N THR D 120 -32.20 -41.22 -6.21
CA THR D 120 -32.66 -41.41 -4.85
C THR D 120 -32.21 -40.30 -3.92
N HIS D 121 -32.00 -39.10 -4.46
CA HIS D 121 -31.67 -37.92 -3.68
C HIS D 121 -32.45 -36.73 -4.24
N PRO D 122 -32.69 -35.71 -3.41
CA PRO D 122 -33.15 -34.43 -3.92
C PRO D 122 -32.01 -33.55 -4.39
N GLY D 123 -32.31 -32.27 -4.61
CA GLY D 123 -31.30 -31.30 -5.01
C GLY D 123 -30.32 -30.93 -3.90
N ASP D 124 -29.45 -31.88 -3.57
CA ASP D 124 -28.34 -31.67 -2.63
C ASP D 124 -27.13 -31.15 -3.38
N PRO D 125 -26.47 -30.10 -2.91
CA PRO D 125 -25.27 -29.59 -3.60
C PRO D 125 -24.00 -30.40 -3.40
N ARG D 126 -24.01 -31.49 -2.64
CA ARG D 126 -22.83 -32.34 -2.54
C ARG D 126 -22.99 -33.67 -3.25
N PHE D 127 -24.13 -33.90 -3.88
CA PHE D 127 -24.27 -34.92 -4.91
C PHE D 127 -24.36 -34.34 -6.30
N GLN D 128 -25.20 -33.33 -6.52
CA GLN D 128 -25.46 -32.84 -7.86
C GLN D 128 -24.57 -31.64 -8.22
N CYS D 129 -23.27 -31.79 -8.00
CA CYS D 129 -22.32 -30.74 -8.34
C CYS D 129 -20.93 -31.32 -8.58
N SER D 130 -20.15 -30.70 -9.46
CA SER D 130 -18.78 -31.11 -9.71
C SER D 130 -17.91 -30.83 -8.51
N LEU D 131 -16.85 -31.63 -8.37
CA LEU D 131 -15.85 -31.59 -7.30
C LEU D 131 -15.31 -30.21 -6.94
N TRP D 132 -15.05 -29.39 -7.93
CA TRP D 132 -14.47 -28.08 -7.70
C TRP D 132 -15.46 -26.97 -7.98
N HIS D 133 -16.72 -27.11 -7.53
CA HIS D 133 -17.74 -26.12 -7.86
C HIS D 133 -17.65 -24.90 -6.93
N LEU D 134 -16.81 -24.99 -5.90
CA LEU D 134 -16.18 -23.87 -5.22
C LEU D 134 -14.99 -23.43 -6.08
N TYR D 135 -13.93 -22.89 -5.45
CA TYR D 135 -12.60 -22.81 -6.09
C TYR D 135 -12.52 -21.90 -7.31
N PRO D 136 -12.16 -20.62 -7.13
CA PRO D 136 -12.42 -19.58 -8.15
C PRO D 136 -11.90 -19.79 -9.58
N LEU D 137 -11.31 -20.93 -9.90
CA LEU D 137 -11.07 -21.31 -11.30
C LEU D 137 -12.37 -21.33 -12.12
N MET E 4 -23.07 -8.43 55.75
CA MET E 4 -23.81 -8.01 54.57
C MET E 4 -23.98 -6.50 54.57
N PHE E 5 -23.26 -5.81 53.68
CA PHE E 5 -23.32 -4.35 53.64
C PHE E 5 -24.38 -3.90 52.66
N GLU E 6 -25.30 -3.05 53.14
CA GLU E 6 -26.40 -2.57 52.30
C GLU E 6 -26.80 -1.19 52.80
N ALA E 7 -26.51 -0.15 52.00
CA ALA E 7 -26.69 1.23 52.46
C ALA E 7 -27.34 2.08 51.36
N ARG E 8 -28.02 3.14 51.79
CA ARG E 8 -28.85 3.98 50.94
C ARG E 8 -28.45 5.44 51.11
N LEU E 9 -28.71 6.26 50.08
CA LEU E 9 -28.45 7.70 50.15
C LEU E 9 -29.38 8.40 49.17
N VAL E 10 -30.31 9.21 49.70
CA VAL E 10 -31.38 9.77 48.87
C VAL E 10 -30.89 11.00 48.12
N GLN E 11 -30.43 12.03 48.85
CA GLN E 11 -29.67 13.11 48.21
C GLN E 11 -28.29 12.56 47.92
N GLY E 12 -28.17 11.94 46.76
CA GLY E 12 -27.01 11.12 46.44
C GLY E 12 -26.04 11.74 45.49
N SER E 13 -26.25 13.02 45.17
CA SER E 13 -25.36 13.73 44.25
C SER E 13 -23.98 13.94 44.84
N ILE E 14 -23.89 13.87 46.17
CA ILE E 14 -22.63 14.08 46.88
C ILE E 14 -21.59 13.03 46.53
N LEU E 15 -22.02 11.80 46.17
CA LEU E 15 -21.05 10.77 45.84
C LEU E 15 -20.40 11.04 44.48
N LYS E 16 -21.23 11.43 43.50
CA LYS E 16 -20.75 11.97 42.23
C LYS E 16 -19.79 13.12 42.46
N LYS E 17 -20.16 14.00 43.40
CA LYS E 17 -19.39 15.20 43.66
C LYS E 17 -18.03 14.89 44.32
N VAL E 18 -17.97 13.88 45.20
CA VAL E 18 -16.69 13.57 45.85
C VAL E 18 -15.79 12.79 44.90
N LEU E 19 -16.35 11.84 44.13
CA LEU E 19 -15.47 11.07 43.25
C LEU E 19 -15.06 11.86 42.01
N GLU E 20 -15.83 12.90 41.64
CA GLU E 20 -15.34 13.84 40.66
C GLU E 20 -14.14 14.65 41.16
N ALA E 21 -14.07 14.91 42.46
CA ALA E 21 -12.94 15.59 43.06
C ALA E 21 -11.93 14.62 43.64
N LEU E 22 -11.99 13.34 43.26
CA LEU E 22 -11.09 12.33 43.80
C LEU E 22 -10.23 11.72 42.70
N LYS E 23 -10.79 11.64 41.49
CA LYS E 23 -10.16 10.82 40.46
C LYS E 23 -8.99 11.51 39.78
N ASP E 24 -8.98 12.84 39.73
CA ASP E 24 -7.85 13.53 39.12
C ASP E 24 -6.63 13.53 40.03
N LEU E 25 -6.85 13.45 41.34
CA LEU E 25 -5.76 13.39 42.32
C LEU E 25 -5.10 12.01 42.29
N ILE E 26 -5.85 10.98 42.62
CA ILE E 26 -5.33 9.66 42.92
C ILE E 26 -6.01 8.63 42.05
N ASN E 27 -5.33 7.51 41.80
CA ASN E 27 -5.86 6.46 40.95
C ASN E 27 -6.58 5.36 41.72
N GLU E 28 -6.38 5.27 43.03
CA GLU E 28 -6.96 4.19 43.81
C GLU E 28 -7.42 4.73 45.16
N ALA E 29 -8.20 3.92 45.87
CA ALA E 29 -8.64 4.29 47.21
C ALA E 29 -8.81 3.06 48.09
N CYS E 30 -8.49 3.25 49.38
CA CYS E 30 -8.64 2.23 50.42
C CYS E 30 -9.93 2.50 51.20
N TRP E 31 -11.00 1.84 50.81
CA TRP E 31 -12.31 2.06 51.39
C TRP E 31 -12.43 1.24 52.67
N ASP E 32 -12.44 1.93 53.82
CA ASP E 32 -12.57 1.30 55.13
C ASP E 32 -14.01 1.47 55.59
N ILE E 33 -14.80 0.41 55.47
CA ILE E 33 -16.17 0.40 55.92
C ILE E 33 -16.19 -0.12 57.35
N SER E 34 -16.51 0.75 58.30
CA SER E 34 -16.66 0.34 59.69
C SER E 34 -18.11 0.54 60.12
N SER E 35 -18.44 0.20 61.36
CA SER E 35 -19.77 0.49 61.85
C SER E 35 -19.98 1.97 62.10
N SER E 36 -18.90 2.76 62.16
CA SER E 36 -19.03 4.21 62.12
C SER E 36 -19.41 4.73 60.74
N GLY E 37 -19.29 3.90 59.70
CA GLY E 37 -19.75 4.28 58.38
C GLY E 37 -18.76 3.98 57.26
N VAL E 38 -18.58 4.95 56.37
CA VAL E 38 -17.66 4.82 55.24
C VAL E 38 -16.49 5.77 55.45
N ASN E 39 -15.27 5.24 55.45
CA ASN E 39 -14.12 6.07 55.67
C ASN E 39 -13.08 5.78 54.58
N LEU E 40 -12.19 6.75 54.40
CA LEU E 40 -11.11 6.63 53.41
C LEU E 40 -9.94 7.50 53.83
N GLN E 41 -8.89 6.87 54.34
CA GLN E 41 -7.59 7.51 54.42
C GLN E 41 -6.75 6.98 53.27
N SER E 42 -6.12 7.90 52.53
CA SER E 42 -5.29 7.49 51.41
C SER E 42 -4.29 8.60 51.10
N MET E 43 -3.05 8.22 50.81
CA MET E 43 -2.03 9.16 50.37
C MET E 43 -2.32 9.67 48.96
N ASP E 44 -1.45 10.55 48.48
CA ASP E 44 -1.49 10.93 47.07
C ASP E 44 -0.49 10.06 46.31
N SER E 45 -0.30 10.37 45.03
CA SER E 45 0.64 9.61 44.21
C SER E 45 2.00 10.27 44.16
N SER E 46 2.06 11.58 44.42
CA SER E 46 3.30 12.33 44.35
C SER E 46 4.02 12.44 45.70
N HIS E 47 3.47 11.81 46.75
CA HIS E 47 3.99 11.83 48.13
C HIS E 47 4.05 13.28 48.65
N VAL E 48 2.98 14.04 48.40
CA VAL E 48 2.84 15.37 48.96
C VAL E 48 1.53 15.58 49.73
N SER E 49 0.50 14.76 49.53
CA SER E 49 -0.85 15.08 49.98
C SER E 49 -1.60 13.83 50.42
N LEU E 50 -2.83 14.03 50.90
CA LEU E 50 -3.61 12.95 51.49
C LEU E 50 -5.09 13.33 51.52
N VAL E 51 -5.95 12.31 51.46
CA VAL E 51 -7.40 12.46 51.57
C VAL E 51 -7.91 11.65 52.75
N GLN E 52 -8.69 12.31 53.62
CA GLN E 52 -9.47 11.62 54.65
C GLN E 52 -10.93 11.96 54.41
N LEU E 53 -11.69 10.96 54.03
CA LEU E 53 -13.13 11.06 53.89
C LEU E 53 -13.77 10.35 55.06
N THR E 54 -14.65 11.04 55.78
CA THR E 54 -15.42 10.38 56.82
C THR E 54 -16.91 10.61 56.56
N LEU E 55 -17.66 9.50 56.59
CA LEU E 55 -19.09 9.45 56.36
C LEU E 55 -19.67 8.69 57.55
N ARG E 56 -20.27 9.42 58.48
CA ARG E 56 -20.91 8.79 59.61
C ARG E 56 -22.19 8.09 59.17
N SER E 57 -22.66 7.18 60.02
CA SER E 57 -23.90 6.46 59.75
C SER E 57 -25.12 7.36 59.90
N GLU E 58 -25.07 8.34 60.81
CA GLU E 58 -26.18 9.24 61.05
C GLU E 58 -26.41 10.22 59.93
N GLY E 59 -25.46 10.36 59.00
CA GLY E 59 -25.68 11.09 57.76
C GLY E 59 -26.26 10.27 56.63
N PHE E 60 -26.58 9.00 56.89
CA PHE E 60 -27.21 8.14 55.90
C PHE E 60 -28.71 8.02 56.18
N ASP E 61 -29.38 7.19 55.37
CA ASP E 61 -30.79 6.93 55.57
C ASP E 61 -31.05 5.59 56.22
N THR E 62 -30.60 4.51 55.57
CA THR E 62 -30.93 3.14 55.96
C THR E 62 -29.66 2.32 55.88
N TYR E 63 -29.38 1.53 56.91
CA TYR E 63 -28.03 1.03 57.14
C TYR E 63 -28.04 -0.40 57.66
N ARG E 64 -27.16 -1.22 57.11
CA ARG E 64 -26.87 -2.55 57.64
C ARG E 64 -25.40 -2.84 57.41
N CYS E 65 -24.60 -2.80 58.48
CA CYS E 65 -23.18 -3.12 58.41
C CYS E 65 -22.93 -4.27 59.38
N ASP E 66 -22.44 -5.39 58.87
CA ASP E 66 -22.14 -6.57 59.67
C ASP E 66 -20.66 -6.92 59.71
N ARG E 67 -19.82 -6.16 59.01
CA ARG E 67 -18.41 -6.47 58.85
C ARG E 67 -17.60 -5.19 58.82
N ASN E 68 -16.38 -5.25 59.36
CA ASN E 68 -15.40 -4.17 59.16
C ASN E 68 -14.72 -4.45 57.83
N LEU E 69 -15.37 -4.04 56.74
CA LEU E 69 -14.83 -4.28 55.41
C LEU E 69 -13.65 -3.35 55.14
N ALA E 70 -12.65 -3.88 54.44
CA ALA E 70 -11.49 -3.08 54.07
C ALA E 70 -11.15 -3.42 52.62
N MET E 71 -11.74 -2.67 51.69
CA MET E 71 -11.65 -2.99 50.27
C MET E 71 -10.88 -1.90 49.53
N GLY E 72 -10.69 -2.12 48.24
CA GLY E 72 -9.99 -1.16 47.41
C GLY E 72 -10.70 -0.90 46.10
N VAL E 73 -10.80 0.37 45.71
CA VAL E 73 -11.51 0.77 44.51
C VAL E 73 -10.53 1.47 43.55
N ASN E 74 -10.50 0.99 42.30
CA ASN E 74 -9.93 1.77 41.21
C ASN E 74 -10.87 2.92 40.88
N LEU E 75 -10.40 4.15 41.04
CA LEU E 75 -11.35 5.26 41.17
C LEU E 75 -11.96 5.71 39.84
N THR E 76 -11.15 5.82 38.78
CA THR E 76 -11.64 6.49 37.59
C THR E 76 -12.66 5.64 36.82
N SER E 77 -12.56 4.31 36.88
CA SER E 77 -13.58 3.47 36.28
C SER E 77 -14.89 3.54 37.06
N MET E 78 -14.77 3.61 38.40
CA MET E 78 -15.94 3.84 39.24
C MET E 78 -16.58 5.19 38.97
N SER E 79 -15.77 6.20 38.68
CA SER E 79 -16.29 7.52 38.30
C SER E 79 -16.97 7.48 36.94
N LYS E 80 -16.44 6.69 36.01
CA LYS E 80 -17.06 6.52 34.70
C LYS E 80 -18.39 5.80 34.82
N ILE E 81 -18.51 4.90 35.80
CA ILE E 81 -19.81 4.28 36.07
C ILE E 81 -20.74 5.26 36.77
N LEU E 82 -20.21 6.09 37.68
CA LEU E 82 -21.02 7.09 38.37
C LEU E 82 -21.48 8.22 37.44
N LYS E 83 -20.83 8.38 36.30
CA LYS E 83 -21.28 9.32 35.28
C LYS E 83 -22.55 8.89 34.56
N CYS E 84 -23.08 7.69 34.84
CA CYS E 84 -24.25 7.15 34.16
C CYS E 84 -25.52 7.29 34.99
N ALA E 85 -25.51 8.13 36.02
CA ALA E 85 -26.68 8.37 36.84
C ALA E 85 -26.79 9.84 37.15
N GLY E 86 -28.02 10.34 37.20
CA GLY E 86 -28.26 11.73 37.52
C GLY E 86 -28.00 12.03 38.99
N ASN E 87 -28.28 13.28 39.34
CA ASN E 87 -27.94 13.80 40.65
C ASN E 87 -29.11 13.76 41.63
N GLU E 88 -30.34 13.79 41.12
CA GLU E 88 -31.52 13.56 41.93
C GLU E 88 -31.72 12.08 42.22
N ASP E 89 -31.04 11.21 41.48
CA ASP E 89 -31.22 9.77 41.61
C ASP E 89 -30.62 9.24 42.92
N ILE E 90 -31.29 8.25 43.49
CA ILE E 90 -30.91 7.67 44.78
C ILE E 90 -29.77 6.68 44.55
N ILE E 91 -28.73 6.77 45.39
CA ILE E 91 -27.56 5.89 45.28
C ILE E 91 -27.63 4.84 46.38
N THR E 92 -27.54 3.56 46.00
CA THR E 92 -27.61 2.45 46.92
C THR E 92 -26.39 1.56 46.68
N LEU E 93 -25.75 1.10 47.74
CA LEU E 93 -24.62 0.19 47.62
C LEU E 93 -24.94 -1.13 48.31
N ARG E 94 -24.54 -2.24 47.68
CA ARG E 94 -24.70 -3.57 48.22
C ARG E 94 -23.39 -4.34 48.05
N ALA E 95 -23.08 -5.14 49.07
CA ALA E 95 -21.79 -5.80 49.17
C ALA E 95 -21.92 -7.06 50.02
N GLU E 96 -21.37 -8.15 49.49
CA GLU E 96 -21.27 -9.42 50.19
C GLU E 96 -19.81 -9.62 50.58
N ASP E 97 -19.58 -10.11 51.80
CA ASP E 97 -18.25 -10.21 52.36
C ASP E 97 -17.45 -11.37 51.77
N ASN E 98 -18.08 -12.22 50.97
CA ASN E 98 -17.40 -13.27 50.22
C ASN E 98 -17.31 -12.97 48.73
N ALA E 99 -18.30 -12.27 48.17
CA ALA E 99 -18.32 -11.94 46.75
C ALA E 99 -17.63 -10.60 46.54
N ASP E 100 -16.41 -10.64 45.99
CA ASP E 100 -15.56 -9.46 45.83
C ASP E 100 -16.03 -8.61 44.64
N THR E 101 -17.17 -7.96 44.84
CA THR E 101 -17.73 -7.05 43.85
C THR E 101 -18.52 -5.98 44.59
N LEU E 102 -18.82 -4.91 43.87
CA LEU E 102 -19.70 -3.86 44.36
C LEU E 102 -20.93 -3.83 43.47
N ALA E 103 -22.11 -3.91 44.11
CA ALA E 103 -23.39 -3.82 43.41
C ALA E 103 -23.98 -2.45 43.68
N LEU E 104 -23.95 -1.57 42.68
CA LEU E 104 -24.51 -0.24 42.77
C LEU E 104 -25.93 -0.29 42.24
N VAL E 105 -26.86 0.36 42.95
CA VAL E 105 -28.27 0.42 42.56
C VAL E 105 -28.65 1.88 42.50
N PHE E 106 -28.93 2.38 41.29
CA PHE E 106 -29.40 3.74 41.09
C PHE E 106 -30.92 3.70 40.94
N GLU E 107 -31.61 4.19 41.97
CA GLU E 107 -33.05 4.40 41.91
C GLU E 107 -33.36 5.74 41.28
N ALA E 108 -34.52 5.86 40.68
CA ALA E 108 -34.93 7.15 40.16
C ALA E 108 -35.85 7.84 41.14
N PRO E 109 -35.91 9.18 41.11
CA PRO E 109 -36.91 9.88 41.95
C PRO E 109 -38.33 9.62 41.50
N ASN E 110 -38.53 9.37 40.20
CA ASN E 110 -39.81 8.88 39.70
C ASN E 110 -39.88 7.36 39.64
N GLN E 111 -38.79 6.68 40.02
CA GLN E 111 -38.65 5.22 40.20
C GLN E 111 -38.82 4.40 38.92
N GLU E 112 -38.95 5.05 37.75
CA GLU E 112 -39.22 4.31 36.52
C GLU E 112 -37.95 3.78 35.88
N LYS E 113 -36.84 4.51 35.94
CA LYS E 113 -35.56 4.03 35.45
C LYS E 113 -34.80 3.41 36.62
N VAL E 114 -34.48 2.13 36.51
CA VAL E 114 -33.69 1.41 37.50
C VAL E 114 -32.34 1.09 36.89
N SER E 115 -31.26 1.34 37.64
CA SER E 115 -29.93 0.95 37.21
C SER E 115 -29.31 0.02 38.25
N ASP E 116 -28.53 -0.95 37.79
CA ASP E 116 -27.93 -1.94 38.68
C ASP E 116 -26.58 -2.36 38.09
N TYR E 117 -25.52 -1.68 38.53
CA TYR E 117 -24.20 -1.84 37.97
C TYR E 117 -23.31 -2.62 38.95
N GLU E 118 -22.22 -3.16 38.43
CA GLU E 118 -21.35 -4.05 39.19
C GLU E 118 -19.91 -3.78 38.80
N MET E 119 -19.08 -3.44 39.77
CA MET E 119 -17.65 -3.29 39.51
C MET E 119 -16.87 -4.32 40.32
N LYS E 120 -15.90 -4.96 39.66
CA LYS E 120 -15.13 -6.01 40.29
C LYS E 120 -14.07 -5.42 41.24
N LEU E 121 -13.48 -6.28 42.04
CA LEU E 121 -12.51 -5.88 43.06
C LEU E 121 -11.07 -6.19 42.63
N MET E 122 -10.14 -5.42 43.18
CA MET E 122 -8.72 -5.70 43.07
C MET E 122 -8.08 -5.54 44.44
N ASP E 123 -7.01 -6.30 44.67
CA ASP E 123 -6.38 -6.35 45.99
C ASP E 123 -5.59 -5.08 46.24
N LEU E 124 -5.35 -4.79 47.53
CA LEU E 124 -4.68 -3.57 47.94
C LEU E 124 -3.81 -3.84 49.16
N ASP E 125 -2.63 -3.24 49.15
CA ASP E 125 -1.69 -3.24 50.27
C ASP E 125 -1.15 -1.84 50.49
N VAL E 126 -2.08 -0.89 50.60
CA VAL E 126 -1.74 0.53 50.54
C VAL E 126 -1.08 0.96 51.85
N GLU E 127 -0.12 1.88 51.73
CA GLU E 127 0.52 2.47 52.90
C GLU E 127 -0.48 3.33 53.68
N GLN E 128 -0.23 3.52 54.95
CA GLN E 128 -1.14 4.23 55.84
C GLN E 128 -0.35 4.90 56.96
N LEU E 129 -0.41 6.23 57.01
CA LEU E 129 0.21 7.00 58.08
C LEU E 129 -0.84 7.83 58.81
N GLY E 130 -0.55 8.15 60.06
CA GLY E 130 -1.49 8.92 60.89
C GLY E 130 -1.19 10.40 60.85
N ILE E 131 -2.24 11.20 60.82
CA ILE E 131 -2.08 12.66 60.86
C ILE E 131 -1.78 13.07 62.31
N PRO E 132 -0.97 14.11 62.54
CA PRO E 132 -0.84 14.66 63.89
C PRO E 132 -2.02 15.57 64.21
N GLU E 133 -2.35 15.67 65.49
CA GLU E 133 -3.31 16.65 65.96
C GLU E 133 -2.59 17.73 66.76
N GLN E 134 -2.89 18.99 66.47
CA GLN E 134 -2.04 20.08 66.94
C GLN E 134 -2.85 21.37 66.93
N GLU E 135 -2.16 22.50 67.08
CA GLU E 135 -2.76 23.82 67.02
C GLU E 135 -2.50 24.40 65.64
N TYR E 136 -3.56 24.85 64.99
CA TYR E 136 -3.45 25.48 63.67
C TYR E 136 -3.61 26.98 63.86
N SER E 137 -2.49 27.70 63.67
CA SER E 137 -2.38 29.12 63.98
C SER E 137 -3.29 30.00 63.13
N CYS E 138 -3.80 29.50 62.00
CA CYS E 138 -4.74 30.24 61.19
C CYS E 138 -5.81 29.30 60.67
N VAL E 139 -7.06 29.54 61.09
CA VAL E 139 -8.21 28.83 60.53
C VAL E 139 -9.14 29.85 59.88
N VAL E 140 -9.39 29.67 58.59
CA VAL E 140 -10.13 30.64 57.79
C VAL E 140 -11.38 29.96 57.24
N LYS E 141 -12.54 30.56 57.48
CA LYS E 141 -13.79 30.15 56.85
C LYS E 141 -14.07 31.08 55.69
N MET E 142 -14.35 30.48 54.53
CA MET E 142 -14.39 31.19 53.25
C MET E 142 -15.49 30.57 52.41
N PRO E 143 -16.07 31.34 51.48
CA PRO E 143 -16.85 30.72 50.40
C PRO E 143 -15.94 29.91 49.48
N SER E 144 -16.44 28.73 49.06
CA SER E 144 -15.64 27.84 48.22
C SER E 144 -15.50 28.38 46.81
N GLY E 145 -16.57 28.97 46.26
CA GLY E 145 -16.52 29.50 44.92
C GLY E 145 -15.58 30.68 44.78
N GLU E 146 -15.60 31.60 45.76
CA GLU E 146 -14.66 32.71 45.78
C GLU E 146 -13.23 32.22 45.94
N PHE E 147 -13.01 31.18 46.76
CA PHE E 147 -11.67 30.64 46.96
C PHE E 147 -11.13 30.03 45.68
N ALA E 148 -11.95 29.25 44.98
CA ALA E 148 -11.55 28.67 43.69
C ALA E 148 -11.29 29.76 42.66
N ARG E 149 -12.12 30.81 42.67
CA ARG E 149 -11.96 31.93 41.77
C ARG E 149 -10.64 32.64 42.00
N ILE E 150 -10.26 32.83 43.27
CA ILE E 150 -9.04 33.54 43.61
C ILE E 150 -7.80 32.71 43.23
N CYS E 151 -7.78 31.42 43.56
CA CYS E 151 -6.59 30.63 43.27
C CYS E 151 -6.44 30.36 41.78
N ARG E 152 -7.56 30.28 41.05
CA ARG E 152 -7.48 30.19 39.59
C ARG E 152 -7.05 31.52 38.98
N ASP E 153 -7.43 32.64 39.59
CA ASP E 153 -6.94 33.94 39.17
C ASP E 153 -5.44 34.09 39.40
N LEU E 154 -4.91 33.37 40.39
CA LEU E 154 -3.47 33.34 40.62
C LEU E 154 -2.77 32.31 39.73
N SER E 155 -3.50 31.32 39.22
CA SER E 155 -2.90 30.28 38.37
C SER E 155 -2.34 30.83 37.06
N HIS E 156 -2.84 31.97 36.60
CA HIS E 156 -2.38 32.56 35.35
C HIS E 156 -1.26 33.56 35.57
N ILE E 157 -0.63 33.55 36.73
CA ILE E 157 0.53 34.40 37.01
C ILE E 157 1.76 33.51 37.12
N GLY E 158 1.73 32.58 38.07
CA GLY E 158 2.84 31.68 38.31
C GLY E 158 2.36 30.32 38.74
N ASP E 159 3.23 29.58 39.43
CA ASP E 159 3.02 28.16 39.71
C ASP E 159 2.85 27.84 41.19
N ALA E 160 3.70 28.39 42.06
CA ALA E 160 3.62 28.14 43.49
C ALA E 160 3.30 29.45 44.22
N VAL E 161 2.55 29.33 45.32
CA VAL E 161 1.99 30.47 46.03
C VAL E 161 2.73 30.63 47.36
N VAL E 162 2.87 31.88 47.80
CA VAL E 162 3.35 32.18 49.15
C VAL E 162 2.20 32.85 49.89
N ILE E 163 1.99 32.43 51.13
CA ILE E 163 0.86 32.90 51.94
C ILE E 163 1.42 33.59 53.17
N SER E 164 0.77 34.69 53.57
CA SER E 164 1.08 35.42 54.80
C SER E 164 -0.20 35.60 55.58
N CYS E 165 -0.29 34.95 56.74
CA CYS E 165 -1.50 34.89 57.54
C CYS E 165 -1.32 35.71 58.81
N ALA E 166 -2.09 36.78 58.95
CA ALA E 166 -1.90 37.73 60.03
C ALA E 166 -3.27 38.22 60.52
N LYS E 167 -3.25 39.28 61.33
CA LYS E 167 -4.44 39.69 62.06
C LYS E 167 -5.42 40.44 61.18
N ASP E 168 -5.00 41.55 60.57
CA ASP E 168 -5.93 42.38 59.82
C ASP E 168 -6.33 41.72 58.50
N GLY E 169 -5.35 41.48 57.63
CA GLY E 169 -5.65 40.82 56.38
C GLY E 169 -4.81 39.57 56.17
N VAL E 170 -5.15 38.81 55.14
CA VAL E 170 -4.36 37.66 54.72
C VAL E 170 -3.87 37.95 53.31
N LYS E 171 -2.65 37.49 53.00
CA LYS E 171 -1.88 37.96 51.86
C LYS E 171 -1.53 36.77 50.99
N PHE E 172 -2.19 36.66 49.83
CA PHE E 172 -1.90 35.58 48.89
C PHE E 172 -1.03 36.19 47.80
N SER E 173 0.28 35.92 47.84
CA SER E 173 1.22 36.48 46.89
C SER E 173 1.82 35.39 46.01
N ALA E 174 2.34 35.83 44.87
CA ALA E 174 2.94 34.94 43.89
C ALA E 174 3.82 35.77 42.96
N SER E 175 4.80 35.09 42.38
CA SER E 175 5.60 35.63 41.29
C SER E 175 5.16 34.94 40.02
N GLY E 176 5.71 35.40 38.90
CA GLY E 176 5.55 34.71 37.64
C GLY E 176 6.39 35.33 36.56
N GLU E 177 6.25 34.78 35.35
CA GLU E 177 6.98 35.25 34.18
C GLU E 177 6.55 36.64 33.72
N LEU E 178 5.45 37.16 34.25
CA LEU E 178 5.03 38.53 34.00
C LEU E 178 5.25 39.45 35.20
N GLY E 179 5.86 38.95 36.27
CA GLY E 179 6.12 39.78 37.42
C GLY E 179 5.41 39.35 38.69
N ASN E 180 5.26 40.27 39.64
CA ASN E 180 4.77 39.93 40.97
C ASN E 180 3.33 40.39 41.13
N GLY E 181 2.60 39.66 41.98
CA GLY E 181 1.24 40.04 42.29
C GLY E 181 0.84 39.44 43.62
N ASN E 182 -0.18 40.03 44.21
CA ASN E 182 -0.71 39.59 45.49
C ASN E 182 -2.09 40.18 45.70
N ILE E 183 -2.98 39.40 46.32
CA ILE E 183 -4.30 39.87 46.70
C ILE E 183 -4.43 39.80 48.22
N LYS E 184 -5.06 40.81 48.80
CA LYS E 184 -5.27 40.92 50.23
C LYS E 184 -6.73 40.68 50.56
N LEU E 185 -6.98 40.00 51.68
CA LEU E 185 -8.33 39.78 52.17
C LEU E 185 -8.43 40.23 53.62
N SER E 186 -9.67 40.41 54.07
CA SER E 186 -9.95 40.75 55.46
C SER E 186 -11.21 40.01 55.90
N GLN E 187 -11.45 40.03 57.21
CA GLN E 187 -12.75 39.60 57.72
C GLN E 187 -13.84 40.54 57.24
N THR E 188 -15.04 40.01 57.10
CA THR E 188 -16.19 40.79 56.67
C THR E 188 -17.13 40.98 57.86
N SER E 189 -17.28 42.23 58.29
CA SER E 189 -18.08 42.55 59.46
C SER E 189 -19.57 42.53 59.14
N GLU E 194 -23.24 33.50 56.88
CA GLU E 194 -23.55 32.13 57.27
C GLU E 194 -22.96 31.14 56.26
N GLU E 195 -22.88 31.56 55.00
CA GLU E 195 -22.17 30.81 53.97
C GLU E 195 -21.19 31.73 53.26
N GLU E 196 -21.59 32.99 53.08
CA GLU E 196 -20.78 34.00 52.44
C GLU E 196 -19.96 34.81 53.41
N ALA E 197 -20.13 34.58 54.71
CA ALA E 197 -19.28 35.20 55.70
C ALA E 197 -17.91 34.53 55.72
N VAL E 198 -16.89 35.33 56.00
CA VAL E 198 -15.52 34.84 56.13
C VAL E 198 -15.10 35.05 57.57
N THR E 199 -14.06 34.34 58.01
CA THR E 199 -13.44 34.59 59.30
C THR E 199 -12.02 34.07 59.28
N ILE E 200 -11.05 34.95 59.55
CA ILE E 200 -9.65 34.56 59.73
C ILE E 200 -9.38 34.55 61.23
N GLU E 201 -9.53 33.39 61.86
CA GLU E 201 -9.19 33.24 63.28
C GLU E 201 -7.69 32.98 63.39
N MET E 202 -7.02 33.83 64.15
CA MET E 202 -5.57 33.95 64.16
C MET E 202 -5.08 34.17 65.59
N ASN E 203 -3.98 33.50 65.94
CA ASN E 203 -3.23 33.81 67.16
C ASN E 203 -1.92 34.52 66.87
N GLU E 204 -1.12 33.98 65.94
CA GLU E 204 0.20 34.47 65.67
C GLU E 204 0.45 34.44 64.16
N PRO E 205 0.93 35.53 63.57
CA PRO E 205 1.06 35.59 62.12
C PRO E 205 2.21 34.72 61.60
N VAL E 206 2.00 34.14 60.42
CA VAL E 206 2.94 33.21 59.83
C VAL E 206 3.11 33.54 58.35
N GLN E 207 4.10 32.87 57.74
CA GLN E 207 4.33 32.89 56.31
C GLN E 207 4.70 31.48 55.88
N LEU E 208 4.14 31.02 54.78
CA LEU E 208 4.39 29.66 54.32
C LEU E 208 4.42 29.63 52.80
N THR E 209 4.98 28.55 52.27
CA THR E 209 4.97 28.29 50.84
C THR E 209 4.10 27.06 50.55
N PHE E 210 3.28 27.16 49.52
CA PHE E 210 2.44 26.04 49.11
C PHE E 210 2.41 25.98 47.59
N ALA E 211 1.88 24.89 47.07
CA ALA E 211 1.74 24.72 45.63
C ALA E 211 0.34 25.09 45.19
N LEU E 212 0.25 26.07 44.29
CA LEU E 212 -1.03 26.54 43.78
C LEU E 212 -1.72 25.52 42.89
N ARG E 213 -0.96 24.64 42.23
CA ARG E 213 -1.55 23.58 41.42
C ARG E 213 -2.26 22.56 42.30
N TYR E 214 -1.73 22.32 43.49
CA TYR E 214 -2.44 21.47 44.43
C TYR E 214 -3.63 22.21 45.06
N LEU E 215 -3.63 23.55 45.04
CA LEU E 215 -4.85 24.26 45.41
C LEU E 215 -5.92 24.14 44.34
N ASN E 216 -5.52 24.11 43.06
CA ASN E 216 -6.48 23.81 42.00
C ASN E 216 -7.01 22.38 42.12
N PHE E 217 -6.14 21.46 42.53
CA PHE E 217 -6.57 20.09 42.80
C PHE E 217 -7.50 20.01 44.00
N PHE E 218 -7.29 20.87 45.00
CA PHE E 218 -8.11 20.83 46.21
C PHE E 218 -9.44 21.54 46.01
N THR E 219 -9.49 22.54 45.12
CA THR E 219 -10.73 23.25 44.81
C THR E 219 -11.61 22.50 43.83
N LYS E 220 -11.24 21.27 43.46
CA LYS E 220 -12.14 20.42 42.70
C LYS E 220 -13.39 20.07 43.50
N ALA E 221 -13.31 20.16 44.83
CA ALA E 221 -14.44 20.03 45.73
C ALA E 221 -15.10 21.38 46.03
N THR E 222 -15.10 22.32 45.08
CA THR E 222 -15.80 23.59 45.27
C THR E 222 -17.30 23.44 45.55
N PRO E 223 -18.12 22.61 44.81
CA PRO E 223 -19.54 22.54 45.16
C PRO E 223 -19.87 21.60 46.31
N LEU E 224 -18.88 21.24 47.12
CA LEU E 224 -19.02 20.13 48.05
C LEU E 224 -19.43 20.52 49.47
N SER E 225 -19.66 21.80 49.75
CA SER E 225 -19.99 22.21 51.11
C SER E 225 -20.70 23.55 51.09
N SER E 226 -21.18 23.97 52.25
CA SER E 226 -21.51 25.37 52.43
C SER E 226 -20.26 26.25 52.31
N THR E 227 -19.34 26.10 53.25
CA THR E 227 -18.12 26.89 53.30
C THR E 227 -16.89 25.99 53.28
N VAL E 228 -15.79 26.53 52.79
CA VAL E 228 -14.49 25.88 52.85
C VAL E 228 -13.75 26.39 54.08
N THR E 229 -13.03 25.49 54.75
CA THR E 229 -12.15 25.85 55.85
C THR E 229 -10.71 25.61 55.45
N LEU E 230 -9.84 26.56 55.79
CA LEU E 230 -8.42 26.52 55.49
C LEU E 230 -7.67 26.55 56.81
N SER E 231 -7.05 25.44 57.19
CA SER E 231 -6.35 25.37 58.47
C SER E 231 -4.86 25.17 58.23
N MET E 232 -4.07 26.09 58.78
CA MET E 232 -2.61 26.04 58.65
C MET E 232 -1.96 26.42 59.97
N SER E 233 -0.71 25.99 60.11
CA SER E 233 0.20 26.44 61.16
C SER E 233 1.62 26.40 60.59
N ALA E 234 2.61 26.45 61.47
CA ALA E 234 4.00 26.52 61.05
C ALA E 234 4.53 25.15 60.62
N ASP E 235 4.95 25.05 59.35
CA ASP E 235 5.68 23.91 58.78
C ASP E 235 4.91 22.60 58.90
N VAL E 236 3.61 22.65 58.62
CA VAL E 236 2.74 21.48 58.80
C VAL E 236 1.83 21.36 57.57
N PRO E 237 1.23 20.18 57.36
CA PRO E 237 0.24 20.06 56.28
C PRO E 237 -0.97 20.97 56.46
N LEU E 238 -1.20 21.81 55.45
CA LEU E 238 -2.47 22.51 55.31
C LEU E 238 -3.60 21.51 55.18
N VAL E 239 -4.64 21.69 55.98
CA VAL E 239 -5.85 20.89 55.84
C VAL E 239 -6.95 21.79 55.30
N VAL E 240 -7.39 21.51 54.09
CA VAL E 240 -8.60 22.14 53.57
C VAL E 240 -9.76 21.22 53.94
N GLU E 241 -10.84 21.83 54.39
CA GLU E 241 -12.00 21.12 54.91
C GLU E 241 -13.21 21.48 54.07
N TYR E 242 -13.90 20.46 53.58
CA TYR E 242 -15.23 20.62 52.99
C TYR E 242 -16.18 19.79 53.85
N LYS E 243 -17.06 20.48 54.57
CA LYS E 243 -17.98 19.83 55.49
C LYS E 243 -19.15 19.28 54.70
N ILE E 244 -19.15 17.98 54.47
CA ILE E 244 -20.20 17.34 53.67
C ILE E 244 -21.47 17.36 54.50
N ALA E 245 -22.42 18.24 54.10
CA ALA E 245 -23.54 18.71 54.90
C ALA E 245 -24.45 17.58 55.39
N ASP E 246 -24.59 17.48 56.72
CA ASP E 246 -25.38 16.54 57.51
C ASP E 246 -24.77 15.13 57.49
N MET E 247 -23.69 14.96 56.73
CA MET E 247 -23.11 13.65 56.48
C MET E 247 -21.83 13.39 57.26
N GLY E 248 -20.89 14.33 57.22
CA GLY E 248 -19.56 14.09 57.73
C GLY E 248 -18.63 15.09 57.08
N HIS E 249 -17.38 14.72 56.80
CA HIS E 249 -16.51 15.75 56.22
C HIS E 249 -15.37 15.12 55.42
N LEU E 250 -14.87 15.91 54.48
CA LEU E 250 -13.73 15.54 53.66
C LEU E 250 -12.62 16.52 53.95
N LYS E 251 -11.45 15.98 54.28
CA LYS E 251 -10.30 16.79 54.62
C LYS E 251 -9.13 16.40 53.75
N TYR E 252 -8.58 17.38 53.05
CA TYR E 252 -7.41 17.17 52.21
C TYR E 252 -6.21 17.75 52.93
N TYR E 253 -5.22 16.91 53.19
CA TYR E 253 -3.95 17.32 53.78
C TYR E 253 -2.94 17.58 52.67
N LEU E 254 -2.16 18.64 52.82
CA LEU E 254 -1.04 18.93 51.93
C LEU E 254 0.19 19.18 52.80
N ALA E 255 1.16 18.26 52.72
CA ALA E 255 2.42 18.45 53.41
C ALA E 255 3.16 19.65 52.82
N PRO E 256 3.72 20.51 53.66
CA PRO E 256 4.18 21.82 53.18
C PRO E 256 5.52 21.71 52.45
N LYS E 257 5.97 22.84 51.94
CA LYS E 257 7.10 22.90 51.04
C LYS E 257 8.31 23.47 51.75
N ILE E 258 9.48 23.24 51.17
CA ILE E 258 10.72 23.81 51.70
C ILE E 258 11.54 24.36 50.54
N MET F 4 -40.18 21.24 -14.92
CA MET F 4 -39.66 22.15 -13.93
C MET F 4 -40.16 21.75 -12.54
N PHE F 5 -39.28 21.79 -11.55
CA PHE F 5 -39.62 21.52 -10.17
C PHE F 5 -39.49 22.78 -9.35
N GLU F 6 -40.47 23.03 -8.48
CA GLU F 6 -40.40 24.15 -7.55
C GLU F 6 -41.24 23.84 -6.32
N ALA F 7 -40.60 23.80 -5.17
CA ALA F 7 -41.30 23.60 -3.90
C ALA F 7 -41.05 24.80 -2.99
N ARG F 8 -41.97 25.03 -2.06
CA ARG F 8 -41.86 26.07 -1.07
C ARG F 8 -42.45 25.58 0.24
N LEU F 9 -41.67 25.70 1.31
CA LEU F 9 -41.99 25.19 2.62
C LEU F 9 -41.70 26.26 3.66
N VAL F 10 -42.59 26.41 4.64
CA VAL F 10 -42.46 27.54 5.55
C VAL F 10 -41.52 27.23 6.72
N GLN F 11 -41.41 25.97 7.12
CA GLN F 11 -40.57 25.60 8.26
C GLN F 11 -39.27 24.97 7.76
N GLY F 12 -38.27 25.83 7.54
CA GLY F 12 -36.97 25.34 7.12
C GLY F 12 -36.23 24.57 8.20
N SER F 13 -36.68 24.70 9.45
CA SER F 13 -36.10 23.98 10.58
C SER F 13 -36.24 22.47 10.39
N ILE F 14 -37.36 22.03 9.81
CA ILE F 14 -37.57 20.60 9.56
C ILE F 14 -36.55 20.10 8.55
N LEU F 15 -36.27 20.91 7.54
CA LEU F 15 -35.25 20.59 6.54
C LEU F 15 -33.86 20.51 7.16
N LYS F 16 -33.54 21.43 8.08
CA LYS F 16 -32.22 21.40 8.69
C LYS F 16 -32.05 20.24 9.67
N LYS F 17 -33.12 19.85 10.37
CA LYS F 17 -33.04 18.68 11.24
C LYS F 17 -32.85 17.39 10.45
N VAL F 18 -33.59 17.24 9.35
CA VAL F 18 -33.42 16.05 8.52
C VAL F 18 -32.05 16.04 7.84
N LEU F 19 -31.50 17.20 7.49
CA LEU F 19 -30.18 17.15 6.89
C LEU F 19 -29.08 16.94 7.92
N GLU F 20 -29.33 17.26 9.19
CA GLU F 20 -28.34 16.87 10.19
C GLU F 20 -28.58 15.48 10.74
N ALA F 21 -29.65 14.81 10.34
CA ALA F 21 -29.78 13.39 10.63
C ALA F 21 -28.74 12.54 9.91
N LEU F 22 -28.31 12.96 8.71
CA LEU F 22 -27.71 12.04 7.75
C LEU F 22 -26.31 12.39 7.26
N LYS F 23 -25.74 13.53 7.65
CA LYS F 23 -24.49 13.96 7.02
C LYS F 23 -23.27 13.20 7.53
N ASP F 24 -23.43 12.33 8.52
CA ASP F 24 -22.32 11.55 9.07
C ASP F 24 -22.32 10.11 8.61
N LEU F 25 -23.52 9.55 8.38
CA LEU F 25 -23.71 8.17 7.97
C LEU F 25 -23.63 7.99 6.46
N ILE F 26 -23.92 9.03 5.68
CA ILE F 26 -24.05 8.96 4.23
C ILE F 26 -23.22 10.08 3.62
N ASN F 27 -22.61 9.81 2.48
CA ASN F 27 -21.87 10.84 1.77
C ASN F 27 -22.51 11.25 0.46
N GLU F 28 -23.26 10.35 -0.20
CA GLU F 28 -23.86 10.58 -1.51
C GLU F 28 -25.26 10.02 -1.54
N ALA F 29 -26.18 10.70 -2.21
CA ALA F 29 -27.52 10.16 -2.32
C ALA F 29 -28.18 10.59 -3.62
N CYS F 30 -29.29 9.94 -3.94
CA CYS F 30 -30.11 10.28 -5.09
C CYS F 30 -31.54 10.56 -4.64
N TRP F 31 -32.02 11.76 -4.92
CA TRP F 31 -33.37 12.19 -4.59
C TRP F 31 -34.32 11.80 -5.72
N ASP F 32 -35.32 10.98 -5.40
CA ASP F 32 -36.36 10.58 -6.36
C ASP F 32 -37.52 11.55 -6.23
N ILE F 33 -37.45 12.63 -7.01
CA ILE F 33 -38.50 13.64 -7.05
C ILE F 33 -39.66 13.11 -7.89
N SER F 34 -40.85 13.10 -7.32
CA SER F 34 -42.01 12.60 -8.04
C SER F 34 -43.17 13.58 -7.84
N SER F 35 -44.33 13.20 -8.37
CA SER F 35 -45.56 13.94 -8.12
C SER F 35 -46.29 13.44 -6.88
N SER F 36 -45.68 12.56 -6.09
CA SER F 36 -46.23 12.15 -4.81
C SER F 36 -45.46 12.70 -3.62
N GLY F 37 -44.31 13.33 -3.82
CA GLY F 37 -43.54 13.89 -2.72
C GLY F 37 -42.06 13.88 -3.02
N VAL F 38 -41.26 13.84 -1.95
CA VAL F 38 -39.82 13.68 -2.04
C VAL F 38 -39.43 12.48 -1.17
N ASN F 39 -39.01 11.40 -1.81
CA ASN F 39 -38.78 10.12 -1.17
C ASN F 39 -37.33 9.71 -1.41
N LEU F 40 -36.74 9.01 -0.43
CA LEU F 40 -35.34 8.60 -0.53
C LEU F 40 -35.12 7.26 0.18
N GLN F 41 -34.26 6.44 -0.42
CA GLN F 41 -33.73 5.23 0.20
C GLN F 41 -32.22 5.24 0.02
N SER F 42 -31.50 4.75 1.02
CA SER F 42 -30.05 4.63 0.86
C SER F 42 -29.50 3.59 1.83
N MET F 43 -28.38 3.00 1.47
CA MET F 43 -27.56 2.24 2.42
C MET F 43 -26.46 3.14 2.96
N ASP F 44 -25.95 2.76 4.12
CA ASP F 44 -24.84 3.50 4.70
C ASP F 44 -23.54 3.14 3.99
N SER F 45 -22.46 3.84 4.36
CA SER F 45 -21.17 3.59 3.73
C SER F 45 -20.60 2.23 4.13
N SER F 46 -20.96 1.74 5.31
CA SER F 46 -20.44 0.46 5.80
C SER F 46 -21.20 -0.74 5.26
N HIS F 47 -22.25 -0.52 4.47
CA HIS F 47 -23.13 -1.56 3.92
C HIS F 47 -23.78 -2.41 5.01
N VAL F 48 -24.24 -1.75 6.08
CA VAL F 48 -24.89 -2.43 7.19
C VAL F 48 -26.34 -2.01 7.39
N SER F 49 -26.63 -0.71 7.28
CA SER F 49 -27.92 -0.19 7.72
C SER F 49 -28.65 0.55 6.59
N LEU F 50 -29.98 0.64 6.73
CA LEU F 50 -30.81 1.22 5.69
C LEU F 50 -31.52 2.47 6.21
N VAL F 51 -31.58 3.51 5.39
CA VAL F 51 -32.37 4.70 5.70
C VAL F 51 -33.48 4.86 4.65
N GLN F 52 -34.64 5.31 5.13
CA GLN F 52 -35.82 5.50 4.30
C GLN F 52 -36.55 6.74 4.78
N LEU F 53 -36.65 7.74 3.91
CA LEU F 53 -37.16 9.06 4.29
C LEU F 53 -38.27 9.48 3.35
N THR F 54 -39.42 9.88 3.92
CA THR F 54 -40.57 10.25 3.11
C THR F 54 -41.08 11.62 3.55
N LEU F 55 -41.05 12.60 2.63
CA LEU F 55 -41.73 13.89 2.81
C LEU F 55 -42.88 13.93 1.82
N ARG F 56 -44.10 13.78 2.33
CA ARG F 56 -45.30 13.68 1.50
C ARG F 56 -45.58 15.00 0.79
N SER F 57 -46.36 14.90 -0.29
CA SER F 57 -46.54 16.04 -1.19
C SER F 57 -47.40 17.16 -0.62
N GLU F 58 -48.34 16.83 0.30
CA GLU F 58 -49.28 17.83 0.81
C GLU F 58 -48.59 18.86 1.69
N GLY F 59 -47.71 18.39 2.60
CA GLY F 59 -47.11 19.24 3.62
C GLY F 59 -46.22 20.34 3.07
N PHE F 60 -45.75 20.21 1.84
CA PHE F 60 -45.15 21.34 1.15
C PHE F 60 -46.23 22.33 0.77
N ASP F 61 -46.09 23.56 1.25
CA ASP F 61 -47.19 24.51 1.19
C ASP F 61 -47.29 25.20 -0.17
N THR F 62 -46.30 25.00 -1.05
CA THR F 62 -46.47 25.32 -2.46
C THR F 62 -45.66 24.31 -3.27
N TYR F 63 -46.34 23.35 -3.88
CA TYR F 63 -45.69 22.27 -4.62
C TYR F 63 -45.91 22.47 -6.11
N ARG F 64 -44.91 22.12 -6.92
CA ARG F 64 -45.10 22.03 -8.37
C ARG F 64 -44.02 21.12 -8.95
N CYS F 65 -44.43 19.99 -9.53
CA CYS F 65 -43.51 19.06 -10.18
C CYS F 65 -44.11 18.59 -11.49
N ASP F 66 -43.39 18.81 -12.59
CA ASP F 66 -43.90 18.48 -13.91
C ASP F 66 -43.65 17.02 -14.27
N ARG F 67 -42.43 16.53 -14.00
CA ARG F 67 -41.96 15.25 -14.50
C ARG F 67 -41.08 14.61 -13.43
N ASN F 68 -41.10 13.27 -13.35
CA ASN F 68 -40.33 12.53 -12.36
C ASN F 68 -38.84 12.71 -12.57
N LEU F 69 -38.17 13.26 -11.56
CA LEU F 69 -36.74 13.57 -11.63
C LEU F 69 -35.92 12.57 -10.82
N ALA F 70 -34.61 12.76 -10.86
CA ALA F 70 -33.67 12.01 -10.03
C ALA F 70 -32.41 12.86 -9.91
N MET F 71 -32.15 13.40 -8.72
CA MET F 71 -31.02 14.30 -8.52
C MET F 71 -29.94 13.60 -7.72
N GLY F 72 -28.68 13.89 -8.07
CA GLY F 72 -27.55 13.31 -7.36
C GLY F 72 -26.85 14.36 -6.52
N VAL F 73 -26.89 14.16 -5.21
CA VAL F 73 -26.49 15.18 -4.25
C VAL F 73 -25.38 14.67 -3.36
N ASN F 74 -24.30 15.43 -3.28
CA ASN F 74 -23.28 15.29 -2.26
C ASN F 74 -23.78 15.95 -0.97
N LEU F 75 -23.97 15.15 0.07
CA LEU F 75 -24.70 15.60 1.25
C LEU F 75 -23.88 16.52 2.14
N THR F 76 -22.56 16.51 1.99
CA THR F 76 -21.70 17.37 2.79
C THR F 76 -21.82 18.83 2.36
N SER F 77 -21.77 19.09 1.05
CA SER F 77 -21.92 20.44 0.54
C SER F 77 -23.31 20.99 0.80
N MET F 78 -24.33 20.13 0.71
CA MET F 78 -25.69 20.56 1.02
C MET F 78 -25.86 20.87 2.50
N SER F 79 -25.23 20.07 3.37
CA SER F 79 -25.28 20.34 4.79
C SER F 79 -24.53 21.61 5.15
N LYS F 80 -23.50 21.95 4.38
CA LYS F 80 -22.84 23.23 4.59
C LYS F 80 -23.68 24.38 4.09
N ILE F 81 -24.50 24.17 3.05
CA ILE F 81 -25.33 25.27 2.56
C ILE F 81 -26.52 25.51 3.49
N LEU F 82 -27.14 24.45 4.00
CA LEU F 82 -28.31 24.68 4.85
C LEU F 82 -28.00 25.16 6.26
N LYS F 83 -26.75 25.44 6.59
CA LYS F 83 -26.44 26.14 7.83
C LYS F 83 -26.09 27.59 7.58
N CYS F 84 -26.33 28.10 6.37
CA CYS F 84 -26.34 29.51 6.07
C CYS F 84 -27.76 30.06 6.03
N ALA F 85 -28.62 29.51 6.88
CA ALA F 85 -30.03 29.88 6.92
C ALA F 85 -30.51 29.75 8.35
N GLY F 86 -31.02 30.85 8.91
CA GLY F 86 -31.48 30.84 10.29
C GLY F 86 -32.73 30.00 10.49
N ASN F 87 -33.06 29.78 11.77
CA ASN F 87 -34.07 28.79 12.14
C ASN F 87 -35.51 29.24 11.89
N GLU F 88 -35.74 30.43 11.37
CA GLU F 88 -37.09 30.90 11.12
C GLU F 88 -37.40 31.16 9.65
N ASP F 89 -36.45 30.92 8.76
CA ASP F 89 -36.61 31.28 7.36
C ASP F 89 -37.58 30.34 6.64
N ILE F 90 -37.94 30.73 5.43
CA ILE F 90 -38.89 30.02 4.58
C ILE F 90 -38.13 29.59 3.34
N ILE F 91 -38.11 28.29 3.05
CA ILE F 91 -37.17 27.74 2.08
C ILE F 91 -37.92 27.31 0.82
N THR F 92 -37.43 27.76 -0.35
CA THR F 92 -37.95 27.27 -1.63
C THR F 92 -36.83 26.63 -2.44
N LEU F 93 -37.19 25.56 -3.16
CA LEU F 93 -36.29 24.78 -3.99
C LEU F 93 -36.69 24.93 -5.45
N ARG F 94 -35.71 25.20 -6.31
CA ARG F 94 -35.96 25.50 -7.71
C ARG F 94 -35.04 24.65 -8.58
N ALA F 95 -35.62 23.83 -9.44
CA ALA F 95 -34.83 22.98 -10.33
C ALA F 95 -35.43 22.96 -11.72
N GLU F 96 -34.57 22.85 -12.72
CA GLU F 96 -34.98 22.63 -14.08
C GLU F 96 -35.09 21.14 -14.37
N ASP F 97 -35.76 20.82 -15.47
CA ASP F 97 -35.82 19.44 -15.94
C ASP F 97 -34.78 19.13 -17.00
N ASN F 98 -33.88 20.06 -17.29
CA ASN F 98 -32.80 19.83 -18.23
C ASN F 98 -31.42 20.03 -17.62
N ALA F 99 -31.35 20.43 -16.35
CA ALA F 99 -30.11 20.91 -15.75
C ALA F 99 -29.66 19.97 -14.63
N ASP F 100 -28.40 20.16 -14.24
CA ASP F 100 -27.79 19.42 -13.13
C ASP F 100 -27.34 20.37 -12.02
N THR F 101 -28.11 21.42 -11.77
CA THR F 101 -27.74 22.41 -10.77
C THR F 101 -29.01 22.90 -10.08
N LEU F 102 -29.00 22.89 -8.75
CA LEU F 102 -30.18 23.19 -7.94
C LEU F 102 -30.07 24.59 -7.35
N ALA F 103 -31.22 25.23 -7.15
CA ALA F 103 -31.30 26.56 -6.56
C ALA F 103 -32.06 26.48 -5.25
N LEU F 104 -31.51 27.11 -4.22
CA LEU F 104 -32.16 27.21 -2.92
C LEU F 104 -32.31 28.67 -2.58
N VAL F 105 -33.53 29.11 -2.26
CA VAL F 105 -33.75 30.50 -1.86
C VAL F 105 -34.36 30.52 -0.47
N PHE F 106 -33.69 31.22 0.44
CA PHE F 106 -34.11 31.38 1.83
C PHE F 106 -34.68 32.77 2.01
N GLU F 107 -35.90 32.83 2.55
CA GLU F 107 -36.66 34.05 2.72
C GLU F 107 -36.85 34.31 4.21
N ALA F 108 -36.22 35.35 4.71
CA ALA F 108 -36.35 35.75 6.11
C ALA F 108 -37.77 36.26 6.36
N PRO F 109 -38.29 36.05 7.58
CA PRO F 109 -39.67 36.50 7.85
C PRO F 109 -39.78 38.01 8.11
N ASN F 110 -38.69 38.75 8.03
CA ASN F 110 -38.74 40.19 8.20
C ASN F 110 -38.63 40.89 6.84
N GLU F 112 -36.42 41.98 4.66
CA GLU F 112 -35.36 42.87 4.17
C GLU F 112 -34.13 42.13 3.68
N LYS F 113 -34.09 40.81 3.89
CA LYS F 113 -32.93 40.00 3.54
C LYS F 113 -33.40 38.70 2.90
N VAL F 114 -32.98 38.45 1.66
CA VAL F 114 -33.26 37.20 0.97
C VAL F 114 -31.95 36.66 0.42
N SER F 115 -31.80 35.33 0.41
CA SER F 115 -30.54 34.72 0.01
C SER F 115 -30.80 33.59 -0.99
N ASP F 116 -29.86 33.39 -1.91
CA ASP F 116 -30.05 32.44 -3.00
C ASP F 116 -28.74 31.78 -3.39
N TYR F 117 -28.71 30.44 -3.35
CA TYR F 117 -27.53 29.65 -3.63
C TYR F 117 -27.77 28.67 -4.77
N GLU F 118 -26.73 28.43 -5.55
CA GLU F 118 -26.74 27.45 -6.64
C GLU F 118 -25.70 26.38 -6.36
N MET F 119 -26.08 25.11 -6.53
CA MET F 119 -25.22 24.00 -6.17
C MET F 119 -25.18 22.99 -7.31
N LYS F 120 -23.97 22.61 -7.72
CA LYS F 120 -23.80 21.67 -8.81
C LYS F 120 -24.06 20.24 -8.35
N LEU F 121 -24.92 19.54 -9.07
CA LEU F 121 -25.22 18.15 -8.80
C LEU F 121 -24.22 17.24 -9.51
N MET F 122 -24.36 15.93 -9.24
CA MET F 122 -23.48 14.91 -9.79
C MET F 122 -24.32 13.76 -10.31
N ASP F 123 -23.82 13.07 -11.34
CA ASP F 123 -24.48 11.86 -11.80
C ASP F 123 -23.83 10.63 -11.18
N LEU F 124 -24.68 9.77 -10.61
CA LEU F 124 -24.22 8.60 -9.88
C LEU F 124 -24.95 7.37 -10.39
N ASP F 125 -24.34 6.21 -10.17
CA ASP F 125 -24.81 4.96 -10.74
C ASP F 125 -25.22 3.99 -9.65
N VAL F 126 -26.00 4.47 -8.68
CA VAL F 126 -26.35 3.70 -7.51
C VAL F 126 -27.54 2.81 -7.83
N GLU F 127 -27.80 1.82 -6.98
CA GLU F 127 -28.97 0.96 -7.10
C GLU F 127 -29.85 1.15 -5.88
N GLN F 128 -31.17 1.20 -6.11
CA GLN F 128 -32.14 1.52 -5.07
C GLN F 128 -32.78 0.25 -4.52
N LEU F 129 -32.73 0.09 -3.20
CA LEU F 129 -33.30 -1.07 -2.51
C LEU F 129 -34.42 -0.62 -1.58
N GLY F 130 -35.17 -1.60 -1.05
CA GLY F 130 -36.33 -1.31 -0.23
C GLY F 130 -36.58 -2.27 0.93
N ILE F 131 -37.83 -2.37 1.38
CA ILE F 131 -38.18 -3.29 2.47
C ILE F 131 -39.55 -3.89 2.22
N PRO F 132 -39.80 -5.13 2.63
CA PRO F 132 -41.17 -5.66 2.60
C PRO F 132 -41.89 -5.48 3.93
N GLU F 133 -43.22 -5.38 3.90
CA GLU F 133 -43.98 -5.07 5.10
C GLU F 133 -44.44 -6.35 5.79
N GLN F 134 -43.94 -6.58 7.00
CA GLN F 134 -44.39 -7.67 7.85
C GLN F 134 -44.68 -7.09 9.23
N GLU F 135 -45.33 -7.90 10.06
CA GLU F 135 -45.77 -7.45 11.38
C GLU F 135 -44.71 -7.78 12.42
N TYR F 136 -43.97 -6.78 12.85
CA TYR F 136 -43.06 -6.94 13.96
C TYR F 136 -43.86 -7.10 15.25
N SER F 137 -43.41 -7.99 16.11
CA SER F 137 -44.26 -8.48 17.19
C SER F 137 -44.03 -7.79 18.52
N CYS F 138 -42.91 -7.10 18.69
CA CYS F 138 -42.68 -6.27 19.87
C CYS F 138 -42.68 -4.81 19.44
N VAL F 139 -43.62 -4.04 20.00
CA VAL F 139 -43.87 -2.66 19.58
C VAL F 139 -43.67 -1.75 20.78
N VAL F 140 -42.60 -0.97 20.77
CA VAL F 140 -42.25 -0.07 21.87
C VAL F 140 -42.43 1.36 21.39
N LYS F 141 -43.06 2.19 22.22
CA LYS F 141 -43.12 3.63 21.98
C LYS F 141 -42.61 4.32 23.24
N MET F 142 -41.46 4.97 23.12
CA MET F 142 -40.73 5.42 24.31
C MET F 142 -40.23 6.85 24.10
N PRO F 143 -39.83 7.54 25.17
CA PRO F 143 -39.26 8.88 24.98
C PRO F 143 -37.88 8.82 24.36
N SER F 144 -37.60 9.80 23.51
CA SER F 144 -36.36 9.80 22.72
C SER F 144 -35.17 10.19 23.57
N GLY F 145 -35.38 11.06 24.56
CA GLY F 145 -34.28 11.48 25.42
C GLY F 145 -33.73 10.34 26.27
N GLU F 146 -34.64 9.52 26.81
CA GLU F 146 -34.23 8.37 27.61
C GLU F 146 -33.47 7.35 26.76
N PHE F 147 -33.89 7.15 25.51
CA PHE F 147 -33.20 6.22 24.62
C PHE F 147 -31.81 6.72 24.27
N ALA F 148 -31.68 8.03 24.03
CA ALA F 148 -30.38 8.62 23.76
C ALA F 148 -29.43 8.46 24.96
N ARG F 149 -29.93 8.75 26.17
CA ARG F 149 -29.06 8.60 27.34
C ARG F 149 -28.74 7.15 27.64
N ILE F 150 -29.67 6.23 27.39
CA ILE F 150 -29.44 4.81 27.66
C ILE F 150 -28.35 4.25 26.75
N CYS F 151 -28.45 4.56 25.44
CA CYS F 151 -27.41 4.12 24.50
C CYS F 151 -26.06 4.76 24.83
N ARG F 152 -26.05 6.09 25.09
CA ARG F 152 -24.81 6.79 25.36
C ARG F 152 -24.18 6.34 26.68
N ASP F 153 -24.99 5.91 27.64
CA ASP F 153 -24.45 5.51 28.94
C ASP F 153 -23.94 4.09 28.92
N LEU F 154 -24.64 3.18 28.23
CA LEU F 154 -24.09 1.84 28.05
C LEU F 154 -22.88 1.82 27.14
N SER F 155 -22.67 2.86 26.33
CA SER F 155 -21.60 2.84 25.33
C SER F 155 -20.21 2.80 25.95
N HIS F 156 -20.02 3.36 27.15
CA HIS F 156 -18.68 3.43 27.71
C HIS F 156 -18.21 2.09 28.24
N ILE F 157 -19.13 1.15 28.43
CA ILE F 157 -18.79 -0.11 29.09
C ILE F 157 -18.29 -1.10 28.04
N GLY F 158 -19.15 -1.43 27.08
CA GLY F 158 -18.81 -2.32 25.99
C GLY F 158 -19.52 -1.91 24.73
N ASP F 159 -19.48 -2.72 23.67
CA ASP F 159 -20.00 -2.28 22.39
C ASP F 159 -21.29 -2.96 21.94
N ALA F 160 -21.63 -4.13 22.47
CA ALA F 160 -22.91 -4.73 22.15
C ALA F 160 -23.93 -4.36 23.22
N VAL F 161 -25.21 -4.57 22.90
CA VAL F 161 -26.33 -4.37 23.81
C VAL F 161 -27.37 -5.43 23.48
N VAL F 162 -27.96 -6.02 24.52
CA VAL F 162 -29.04 -6.98 24.34
C VAL F 162 -30.37 -6.34 24.78
N ILE F 163 -31.35 -6.37 23.88
CA ILE F 163 -32.70 -5.88 24.11
C ILE F 163 -33.54 -7.07 24.54
N SER F 164 -34.29 -6.91 25.63
CA SER F 164 -35.01 -8.01 26.27
C SER F 164 -36.44 -7.55 26.54
N CYS F 165 -37.34 -7.82 25.59
CA CYS F 165 -38.73 -7.40 25.70
C CYS F 165 -39.55 -8.53 26.30
N ALA F 166 -40.10 -8.29 27.49
CA ALA F 166 -40.95 -9.16 28.29
C ALA F 166 -42.31 -8.48 28.46
N LYS F 167 -43.14 -9.02 29.37
CA LYS F 167 -44.56 -8.68 29.39
C LYS F 167 -44.81 -7.23 29.83
N ASP F 168 -44.45 -6.89 31.06
CA ASP F 168 -44.77 -5.55 31.55
C ASP F 168 -43.88 -4.50 30.93
N GLY F 169 -42.67 -4.88 30.54
CA GLY F 169 -41.72 -3.91 30.08
C GLY F 169 -40.58 -4.51 29.31
N VAL F 170 -39.62 -3.65 28.99
CA VAL F 170 -38.43 -4.01 28.24
C VAL F 170 -37.24 -3.80 29.17
N LYS F 171 -36.14 -4.47 28.88
CA LYS F 171 -34.93 -4.41 29.69
C LYS F 171 -33.72 -4.47 28.79
N PHE F 172 -32.85 -3.47 28.90
CA PHE F 172 -31.64 -3.37 28.08
C PHE F 172 -30.45 -3.74 28.94
N SER F 173 -29.63 -4.68 28.47
CA SER F 173 -28.43 -5.06 29.23
C SER F 173 -27.19 -4.87 28.37
N ALA F 174 -26.08 -4.57 29.04
CA ALA F 174 -24.80 -4.38 28.36
C ALA F 174 -23.66 -4.67 29.32
N SER F 175 -22.59 -5.24 28.77
CA SER F 175 -21.42 -5.67 29.53
C SER F 175 -20.18 -4.91 29.10
N GLY F 176 -19.05 -5.34 29.66
CA GLY F 176 -17.77 -4.77 29.31
C GLY F 176 -16.77 -5.04 30.41
N GLU F 177 -15.53 -4.58 30.18
CA GLU F 177 -14.41 -4.90 31.08
C GLU F 177 -14.58 -4.26 32.46
N LEU F 178 -15.25 -3.12 32.54
CA LEU F 178 -15.59 -2.50 33.81
C LEU F 178 -16.97 -2.91 34.31
N GLY F 179 -17.44 -4.10 33.93
CA GLY F 179 -18.64 -4.64 34.53
C GLY F 179 -19.84 -4.69 33.61
N ASN F 180 -21.05 -4.74 34.18
CA ASN F 180 -22.26 -4.78 33.35
C ASN F 180 -23.43 -4.12 34.08
N GLY F 181 -24.49 -3.87 33.32
CA GLY F 181 -25.69 -3.27 33.88
C GLY F 181 -26.87 -3.36 32.96
N ASN F 182 -28.06 -3.26 33.55
CA ASN F 182 -29.29 -3.26 32.77
C ASN F 182 -30.12 -2.04 33.16
N ILE F 183 -31.12 -1.75 32.35
CA ILE F 183 -32.13 -0.74 32.66
C ILE F 183 -33.50 -1.33 32.31
N LYS F 184 -34.42 -1.30 33.27
CA LYS F 184 -35.79 -1.76 33.08
C LYS F 184 -36.69 -0.63 32.64
N LEU F 185 -37.86 -1.00 32.12
CA LEU F 185 -38.90 -0.05 31.77
C LEU F 185 -40.21 -0.81 31.73
N SER F 186 -41.26 -0.20 32.30
CA SER F 186 -42.50 -0.91 32.60
C SER F 186 -43.71 -0.15 32.08
N GLN F 187 -44.78 -0.90 31.82
CA GLN F 187 -46.04 -0.31 31.42
C GLN F 187 -46.66 0.45 32.59
N THR F 188 -47.28 1.58 32.31
CA THR F 188 -47.85 2.43 33.36
C THR F 188 -49.34 2.67 33.11
N GLU F 194 -48.64 12.36 28.41
CA GLU F 194 -48.93 11.18 27.59
C GLU F 194 -47.66 10.64 26.93
N GLU F 195 -46.85 11.52 26.36
CA GLU F 195 -45.70 11.09 25.56
C GLU F 195 -44.51 10.64 26.40
N GLU F 196 -44.49 10.94 27.70
CA GLU F 196 -43.46 10.44 28.59
C GLU F 196 -43.73 9.02 29.06
N ALA F 197 -44.87 8.45 28.71
CA ALA F 197 -45.12 7.04 28.96
C ALA F 197 -44.32 6.19 27.99
N VAL F 198 -44.24 4.90 28.29
CA VAL F 198 -43.56 3.92 27.44
C VAL F 198 -44.57 2.84 27.13
N THR F 199 -45.28 2.96 26.01
CA THR F 199 -46.30 2.00 25.63
C THR F 199 -45.67 0.76 25.01
N ILE F 200 -46.04 -0.41 25.52
CA ILE F 200 -45.39 -1.65 25.17
C ILE F 200 -46.44 -2.66 24.75
N GLU F 201 -46.45 -3.02 23.47
CA GLU F 201 -47.28 -4.10 22.95
C GLU F 201 -46.41 -5.32 22.70
N MET F 202 -46.87 -6.48 23.16
CA MET F 202 -46.10 -7.73 23.08
C MET F 202 -47.03 -8.87 22.72
N ASN F 203 -46.62 -9.68 21.74
CA ASN F 203 -47.22 -10.98 21.48
C ASN F 203 -46.25 -12.11 21.84
N GLU F 204 -45.04 -12.10 21.26
CA GLU F 204 -43.97 -13.02 21.62
C GLU F 204 -42.79 -12.25 22.21
N PRO F 205 -42.17 -12.76 23.27
CA PRO F 205 -41.03 -12.05 23.87
C PRO F 205 -39.82 -12.06 22.98
N VAL F 206 -38.95 -11.07 23.15
CA VAL F 206 -37.80 -10.92 22.26
C VAL F 206 -36.55 -10.75 23.11
N GLN F 207 -35.43 -11.33 22.65
CA GLN F 207 -34.12 -11.01 23.19
C GLN F 207 -33.15 -11.03 22.01
N LEU F 208 -32.45 -9.90 21.77
CA LEU F 208 -31.53 -9.81 20.62
C LEU F 208 -30.35 -8.92 20.95
N THR F 209 -29.30 -8.98 20.11
CA THR F 209 -28.04 -8.27 20.34
C THR F 209 -27.72 -7.36 19.15
N PHE F 210 -27.36 -6.10 19.44
CA PHE F 210 -26.99 -5.12 18.42
C PHE F 210 -25.81 -4.27 18.90
N ALA F 211 -24.99 -3.83 17.94
CA ALA F 211 -23.78 -3.05 18.24
C ALA F 211 -24.13 -1.58 18.45
N LEU F 212 -23.30 -0.89 19.26
CA LEU F 212 -23.68 0.42 19.79
C LEU F 212 -23.34 1.59 18.89
N ARG F 213 -22.31 1.47 18.02
CA ARG F 213 -21.92 2.57 17.15
C ARG F 213 -23.05 2.93 16.19
N TYR F 214 -23.76 1.92 15.67
CA TYR F 214 -24.91 2.17 14.83
C TYR F 214 -26.05 2.83 15.61
N LEU F 215 -26.28 2.43 16.85
CA LEU F 215 -27.36 3.04 17.63
C LEU F 215 -27.06 4.47 18.02
N ASN F 216 -25.79 4.76 18.30
CA ASN F 216 -25.38 6.14 18.56
C ASN F 216 -25.30 6.97 17.29
N PHE F 217 -25.29 6.34 16.11
CA PHE F 217 -25.59 7.06 14.88
C PHE F 217 -27.09 7.33 14.74
N PHE F 218 -27.92 6.35 15.10
CA PHE F 218 -29.37 6.47 14.90
C PHE F 218 -29.98 7.53 15.81
N THR F 219 -29.40 7.77 16.99
CA THR F 219 -29.93 8.77 17.90
C THR F 219 -29.36 10.18 17.65
N LYS F 220 -28.93 10.48 16.43
CA LYS F 220 -28.49 11.83 16.07
C LYS F 220 -29.65 12.73 15.67
N ALA F 221 -30.80 12.16 15.29
CA ALA F 221 -31.94 12.94 14.81
C ALA F 221 -32.99 13.13 15.88
N THR F 222 -32.56 13.30 17.13
CA THR F 222 -33.50 13.45 18.24
C THR F 222 -34.38 14.71 18.23
N PRO F 223 -33.97 15.89 17.75
CA PRO F 223 -34.91 17.03 17.74
C PRO F 223 -36.07 16.95 16.75
N LEU F 224 -36.23 15.86 16.00
CA LEU F 224 -37.33 15.81 15.04
C LEU F 224 -38.67 15.53 15.69
N SER F 225 -38.70 14.80 16.81
CA SER F 225 -39.94 14.50 17.49
C SER F 225 -39.67 14.37 18.99
N SER F 226 -40.69 13.93 19.72
CA SER F 226 -40.57 13.70 21.15
C SER F 226 -40.43 12.21 21.48
N THR F 227 -41.20 11.36 20.81
CA THR F 227 -41.20 9.92 21.04
C THR F 227 -40.56 9.20 19.87
N VAL F 228 -40.13 7.97 20.13
CA VAL F 228 -39.49 7.12 19.14
C VAL F 228 -40.11 5.74 19.21
N THR F 229 -40.25 5.09 18.05
CA THR F 229 -40.92 3.80 17.97
C THR F 229 -39.92 2.73 17.57
N LEU F 230 -39.81 1.69 18.39
CA LEU F 230 -38.90 0.59 18.16
C LEU F 230 -39.69 -0.68 17.87
N SER F 231 -39.39 -1.33 16.76
CA SER F 231 -40.13 -2.52 16.37
C SER F 231 -39.18 -3.69 16.18
N MET F 232 -39.53 -4.82 16.83
CA MET F 232 -38.74 -6.03 16.84
C MET F 232 -39.60 -7.23 16.48
N SER F 233 -38.93 -8.26 15.99
CA SER F 233 -39.53 -9.55 15.70
C SER F 233 -38.41 -10.58 15.68
N ALA F 234 -38.76 -11.83 15.42
CA ALA F 234 -37.78 -12.91 15.33
C ALA F 234 -36.88 -12.71 14.12
N ASP F 235 -35.57 -12.60 14.39
CA ASP F 235 -34.45 -12.67 13.42
C ASP F 235 -34.53 -11.64 12.28
N VAL F 236 -35.29 -10.57 12.46
CA VAL F 236 -35.39 -9.55 11.41
C VAL F 236 -34.59 -8.35 11.87
N PRO F 237 -34.18 -7.48 10.94
CA PRO F 237 -33.58 -6.19 11.34
C PRO F 237 -34.53 -5.32 12.14
N LEU F 238 -34.09 -4.99 13.36
CA LEU F 238 -34.69 -3.98 14.22
C LEU F 238 -34.95 -2.68 13.47
N VAL F 239 -36.17 -2.16 13.65
CA VAL F 239 -36.60 -0.94 12.97
C VAL F 239 -36.73 0.17 13.98
N VAL F 240 -36.10 1.31 13.67
CA VAL F 240 -36.24 2.53 14.46
C VAL F 240 -36.99 3.54 13.62
N GLU F 241 -38.12 4.04 14.14
CA GLU F 241 -39.03 4.85 13.36
C GLU F 241 -39.36 6.16 14.07
N TYR F 242 -39.35 7.26 13.29
CA TYR F 242 -39.72 8.59 13.74
C TYR F 242 -40.80 9.11 12.80
N LYS F 243 -41.68 9.97 13.32
CA LYS F 243 -42.69 10.64 12.50
C LYS F 243 -42.46 12.15 12.54
N ILE F 244 -42.64 12.79 11.38
CA ILE F 244 -42.54 14.24 11.24
C ILE F 244 -43.93 14.77 10.89
N ALA F 245 -44.38 15.78 11.64
CA ALA F 245 -45.79 16.17 11.77
C ALA F 245 -46.40 16.66 10.48
N ASP F 246 -47.31 15.86 9.91
CA ASP F 246 -47.98 16.09 8.63
C ASP F 246 -47.02 16.27 7.47
N MET F 247 -45.80 15.76 7.59
CA MET F 247 -44.80 15.79 6.54
C MET F 247 -44.41 14.39 6.10
N GLY F 248 -44.19 13.48 7.05
CA GLY F 248 -43.83 12.14 6.64
C GLY F 248 -43.13 11.37 7.74
N HIS F 249 -42.13 10.58 7.39
CA HIS F 249 -41.45 9.81 8.42
C HIS F 249 -40.00 9.58 8.05
N LEU F 250 -39.28 8.96 9.00
CA LEU F 250 -37.86 8.66 8.84
C LEU F 250 -37.56 7.35 9.56
N LYS F 251 -37.03 6.38 8.83
CA LYS F 251 -36.80 5.04 9.37
C LYS F 251 -35.35 4.63 9.15
N TYR F 252 -34.75 4.07 10.20
CA TYR F 252 -33.50 3.34 10.10
C TYR F 252 -33.74 1.85 10.31
N TYR F 253 -32.88 1.04 9.69
CA TYR F 253 -32.98 -0.41 9.69
C TYR F 253 -31.63 -0.99 10.04
N LEU F 254 -31.58 -1.92 11.02
CA LEU F 254 -30.33 -2.55 11.41
C LEU F 254 -30.55 -4.03 11.72
N ALA F 255 -29.63 -4.91 11.20
CA ALA F 255 -29.74 -6.37 11.29
C ALA F 255 -29.10 -6.88 12.59
N PRO F 256 -29.68 -7.95 13.19
CA PRO F 256 -29.11 -8.48 14.43
C PRO F 256 -27.87 -9.32 14.21
N LYS F 257 -27.10 -9.54 15.27
CA LYS F 257 -25.94 -10.39 15.21
C LYS F 257 -26.34 -11.85 15.40
N ILE F 258 -25.60 -12.75 14.75
CA ILE F 258 -25.89 -14.16 14.81
C ILE F 258 -24.85 -14.86 15.67
N MET G 4 4.26 62.06 35.74
CA MET G 4 3.37 60.98 36.17
C MET G 4 2.05 60.96 35.41
N PHE G 5 1.78 59.84 34.73
CA PHE G 5 0.51 59.62 34.06
C PHE G 5 -0.38 58.71 34.90
N GLU G 6 -1.61 59.16 35.12
CA GLU G 6 -2.61 58.37 35.83
C GLU G 6 -3.93 58.46 35.09
N ALA G 7 -4.71 57.37 35.12
CA ALA G 7 -5.99 57.32 34.44
C ALA G 7 -6.90 56.33 35.15
N ARG G 8 -8.20 56.60 35.10
CA ARG G 8 -9.21 55.73 35.70
C ARG G 8 -10.37 55.57 34.73
N LEU G 9 -10.69 54.32 34.40
CA LEU G 9 -11.86 54.02 33.57
C LEU G 9 -12.73 53.04 34.33
N VAL G 10 -13.93 53.50 34.71
CA VAL G 10 -14.81 52.67 35.53
C VAL G 10 -15.65 51.72 34.70
N GLN G 11 -15.65 51.87 33.38
CA GLN G 11 -16.12 50.82 32.48
C GLN G 11 -14.93 50.04 31.93
N GLY G 12 -14.30 49.26 32.81
CA GLY G 12 -13.12 48.50 32.44
C GLY G 12 -13.39 47.34 31.52
N SER G 13 -14.61 46.77 31.57
CA SER G 13 -15.01 45.66 30.72
C SER G 13 -14.89 46.02 29.24
N ILE G 14 -15.25 47.26 28.90
CA ILE G 14 -15.05 47.84 27.57
C ILE G 14 -13.62 47.64 27.09
N LEU G 15 -12.66 47.97 27.96
CA LEU G 15 -11.25 47.84 27.59
C LEU G 15 -10.85 46.39 27.37
N LYS G 16 -11.46 45.47 28.11
CA LYS G 16 -11.25 44.04 27.86
C LYS G 16 -11.68 43.69 26.45
N LYS G 17 -12.86 44.15 26.06
CA LYS G 17 -13.33 43.93 24.70
C LYS G 17 -12.47 44.68 23.70
N VAL G 18 -11.96 45.85 24.10
CA VAL G 18 -11.01 46.61 23.27
C VAL G 18 -9.77 45.77 23.03
N LEU G 19 -9.29 45.08 24.06
CA LEU G 19 -8.13 44.25 23.86
C LEU G 19 -8.51 42.98 23.13
N GLU G 20 -9.78 42.58 23.23
CA GLU G 20 -10.31 41.51 22.41
C GLU G 20 -10.45 41.93 20.95
N ALA G 21 -10.36 43.22 20.66
CA ALA G 21 -10.23 43.67 19.28
C ALA G 21 -8.86 43.38 18.70
N LEU G 22 -7.83 43.33 19.54
CA LEU G 22 -6.46 43.30 19.04
C LEU G 22 -5.77 41.96 19.22
N LYS G 23 -6.03 41.26 20.33
CA LYS G 23 -5.20 40.13 20.77
C LYS G 23 -5.20 38.94 19.81
N ASP G 24 -6.12 38.88 18.86
CA ASP G 24 -6.01 37.91 17.78
C ASP G 24 -5.58 38.56 16.48
N LEU G 25 -5.68 39.88 16.38
CA LEU G 25 -5.43 40.59 15.14
C LEU G 25 -3.97 41.04 15.03
N ILE G 26 -3.51 41.89 15.96
CA ILE G 26 -2.11 42.33 16.03
C ILE G 26 -1.59 41.98 17.42
N ASN G 27 -0.32 41.54 17.49
CA ASN G 27 0.25 41.08 18.76
C ASN G 27 1.10 42.14 19.47
N GLU G 28 1.80 42.99 18.72
CA GLU G 28 2.70 44.00 19.27
C GLU G 28 2.34 45.35 18.68
N ALA G 29 2.34 46.40 19.51
CA ALA G 29 2.09 47.75 18.99
C ALA G 29 2.72 48.79 19.90
N CYS G 30 2.50 50.05 19.54
CA CYS G 30 2.98 51.21 20.29
C CYS G 30 1.77 52.04 20.71
N TRP G 31 1.77 52.47 21.96
CA TRP G 31 0.67 53.23 22.55
C TRP G 31 1.10 54.68 22.67
N ASP G 32 0.25 55.60 22.18
CA ASP G 32 0.52 57.03 22.32
C ASP G 32 -0.40 57.63 23.37
N ILE G 33 0.19 58.37 24.31
CA ILE G 33 -0.50 59.01 25.42
C ILE G 33 -0.21 60.50 25.36
N SER G 34 -1.26 61.28 25.18
CA SER G 34 -1.19 62.73 25.33
C SER G 34 -2.33 63.13 26.28
N SER G 35 -2.58 64.43 26.39
CA SER G 35 -3.73 64.90 27.16
C SER G 35 -5.05 64.56 26.48
N SER G 36 -5.04 64.39 25.16
CA SER G 36 -6.25 64.06 24.43
C SER G 36 -6.80 62.70 24.80
N GLY G 37 -5.93 61.74 25.10
CA GLY G 37 -6.35 60.43 25.52
C GLY G 37 -5.39 59.38 25.00
N VAL G 38 -5.95 58.20 24.73
CA VAL G 38 -5.16 57.06 24.31
C VAL G 38 -5.33 56.85 22.81
N ASN G 39 -4.21 56.63 22.12
CA ASN G 39 -4.23 56.55 20.66
C ASN G 39 -3.38 55.39 20.18
N LEU G 40 -3.89 54.69 19.16
CA LEU G 40 -3.19 53.57 18.52
C LEU G 40 -3.35 53.65 17.02
N GLN G 41 -2.25 53.62 16.28
CA GLN G 41 -2.28 53.62 14.82
C GLN G 41 -1.25 52.59 14.34
N SER G 42 -1.67 51.35 14.19
CA SER G 42 -0.73 50.24 13.96
C SER G 42 -0.97 49.58 12.61
N MET G 43 0.04 48.84 12.18
CA MET G 43 0.00 47.98 11.01
C MET G 43 0.05 46.52 11.47
N ASP G 44 -0.58 45.64 10.69
CA ASP G 44 -0.61 44.22 11.02
C ASP G 44 0.63 43.52 10.44
N SER G 45 0.60 42.19 10.44
CA SER G 45 1.77 41.39 10.10
C SER G 45 1.84 41.09 8.62
N SER G 46 0.68 40.92 7.97
CA SER G 46 0.63 40.67 6.53
C SER G 46 0.53 41.96 5.72
N HIS G 47 0.74 43.12 6.36
CA HIS G 47 0.96 44.42 5.72
C HIS G 47 -0.26 44.86 4.90
N VAL G 48 -1.45 44.64 5.44
CA VAL G 48 -2.69 45.02 4.78
C VAL G 48 -3.48 46.02 5.61
N SER G 49 -3.84 45.64 6.83
CA SER G 49 -4.80 46.40 7.62
C SER G 49 -4.15 47.58 8.33
N LEU G 50 -4.76 48.75 8.18
CA LEU G 50 -4.45 49.89 9.02
C LEU G 50 -5.42 49.91 10.19
N VAL G 51 -4.91 49.70 11.40
CA VAL G 51 -5.72 49.54 12.60
C VAL G 51 -5.63 50.82 13.42
N GLN G 52 -6.77 51.49 13.62
CA GLN G 52 -6.77 52.76 14.32
C GLN G 52 -7.76 52.69 15.49
N LEU G 53 -7.33 53.18 16.64
CA LEU G 53 -8.13 53.18 17.86
C LEU G 53 -7.95 54.51 18.58
N THR G 54 -9.08 55.14 18.91
CA THR G 54 -9.06 56.41 19.63
C THR G 54 -9.96 56.33 20.85
N LEU G 55 -9.40 56.69 22.01
CA LEU G 55 -10.15 56.96 23.23
C LEU G 55 -9.85 58.39 23.63
N ARG G 56 -10.89 59.23 23.75
CA ARG G 56 -10.68 60.61 24.14
C ARG G 56 -10.93 60.82 25.62
N SER G 57 -10.17 61.73 26.22
CA SER G 57 -10.19 61.93 27.66
C SER G 57 -11.36 62.78 28.14
N GLU G 58 -12.19 63.29 27.24
CA GLU G 58 -13.46 63.86 27.67
C GLU G 58 -14.36 62.79 28.29
N GLY G 59 -14.34 61.58 27.72
CA GLY G 59 -15.06 60.47 28.31
C GLY G 59 -14.35 59.83 29.49
N PHE G 60 -13.07 60.16 29.69
CA PHE G 60 -12.33 59.60 30.83
C PHE G 60 -12.82 60.24 32.12
N ASP G 61 -13.09 59.40 33.13
CA ASP G 61 -13.66 59.93 34.36
C ASP G 61 -12.61 60.58 35.25
N THR G 62 -11.38 60.05 35.26
CA THR G 62 -10.30 60.65 36.05
C THR G 62 -9.02 60.55 35.24
N TYR G 63 -8.35 61.68 35.05
CA TYR G 63 -7.23 61.80 34.12
C TYR G 63 -6.11 62.61 34.74
N ARG G 64 -4.87 62.31 34.33
CA ARG G 64 -3.69 63.11 34.68
C ARG G 64 -2.57 62.78 33.70
N CYS G 65 -2.19 63.74 32.86
CA CYS G 65 -1.11 63.50 31.90
C CYS G 65 -0.30 64.79 31.74
N ASP G 66 0.76 64.91 32.54
CA ASP G 66 1.67 66.05 32.39
C ASP G 66 2.68 65.81 31.26
N ARG G 67 3.51 64.78 31.41
CA ARG G 67 4.48 64.42 30.38
C ARG G 67 3.86 63.41 29.43
N ASN G 68 4.23 63.50 28.15
CA ASN G 68 3.61 62.71 27.11
C ASN G 68 4.37 61.41 26.86
N LEU G 69 3.63 60.33 26.64
CA LEU G 69 4.21 59.00 26.58
C LEU G 69 4.05 58.37 25.21
N ALA G 70 5.07 57.64 24.77
CA ALA G 70 5.02 56.81 23.56
C ALA G 70 5.64 55.46 23.91
N MET G 71 4.81 54.54 24.39
CA MET G 71 5.30 53.27 24.90
C MET G 71 5.11 52.15 23.89
N GLY G 72 5.60 50.96 24.25
CA GLY G 72 5.46 49.80 23.39
C GLY G 72 5.01 48.55 24.14
N VAL G 73 3.91 47.95 23.71
CA VAL G 73 3.23 46.91 24.46
C VAL G 73 3.01 45.69 23.56
N ASN G 74 3.36 44.51 24.09
CA ASN G 74 2.84 43.24 23.58
C ASN G 74 1.35 43.15 23.94
N LEU G 75 0.49 43.35 22.94
CA LEU G 75 -0.96 43.42 23.15
C LEU G 75 -1.54 42.10 23.66
N THR G 76 -0.89 40.98 23.36
CA THR G 76 -1.32 39.65 23.80
C THR G 76 -1.34 39.56 25.32
N SER G 77 -0.17 39.80 25.95
CA SER G 77 -0.08 39.66 27.38
C SER G 77 -0.84 40.75 28.12
N MET G 78 -1.07 41.90 27.48
CA MET G 78 -1.96 42.89 28.07
C MET G 78 -3.40 42.40 28.10
N SER G 79 -3.83 41.73 27.02
CA SER G 79 -5.14 41.07 27.04
C SER G 79 -5.18 39.93 28.05
N LYS G 80 -4.04 39.28 28.26
CA LYS G 80 -3.94 38.21 29.25
C LYS G 80 -4.13 38.76 30.66
N ILE G 81 -3.45 39.85 30.99
CA ILE G 81 -3.53 40.41 32.33
C ILE G 81 -4.80 41.22 32.52
N LEU G 82 -5.52 41.55 31.43
CA LEU G 82 -6.80 42.21 31.58
C LEU G 82 -7.95 41.26 31.89
N LYS G 83 -7.73 39.95 31.78
CA LYS G 83 -8.80 38.98 31.98
C LYS G 83 -8.91 38.50 33.43
N CYS G 84 -8.54 39.33 34.41
CA CYS G 84 -8.57 38.96 35.81
C CYS G 84 -9.52 39.88 36.60
N ALA G 85 -10.67 40.19 35.99
CA ALA G 85 -11.64 41.11 36.58
C ALA G 85 -13.01 40.84 35.99
N GLY G 86 -14.03 40.94 36.84
CA GLY G 86 -15.40 40.72 36.40
C GLY G 86 -15.94 41.85 35.54
N ASN G 87 -17.17 41.69 35.10
CA ASN G 87 -17.76 42.58 34.11
C ASN G 87 -18.52 43.76 34.71
N GLU G 88 -18.16 44.21 35.90
CA GLU G 88 -18.62 45.51 36.41
C GLU G 88 -17.47 46.33 36.98
N ASP G 89 -16.23 45.92 36.75
CA ASP G 89 -15.10 46.43 37.51
C ASP G 89 -14.56 47.73 36.91
N ILE G 90 -13.54 48.25 37.60
CA ILE G 90 -12.86 49.49 37.25
C ILE G 90 -11.41 49.16 36.98
N ILE G 91 -10.84 49.76 35.94
CA ILE G 91 -9.40 49.69 35.70
C ILE G 91 -8.80 51.04 36.09
N THR G 92 -7.70 50.98 36.85
CA THR G 92 -6.88 52.15 37.13
C THR G 92 -5.52 51.94 36.47
N LEU G 93 -5.23 52.75 35.45
CA LEU G 93 -3.94 52.73 34.77
C LEU G 93 -3.04 53.77 35.40
N ARG G 94 -1.75 53.44 35.51
CA ARG G 94 -0.78 54.43 35.99
C ARG G 94 0.59 54.10 35.43
N ALA G 95 1.16 55.03 34.68
CA ALA G 95 2.47 54.83 34.08
C ALA G 95 3.31 56.07 34.32
N GLU G 96 4.59 55.86 34.59
CA GLU G 96 5.49 56.92 35.02
C GLU G 96 6.30 57.45 33.85
N ASP G 97 6.73 58.71 33.96
CA ASP G 97 7.54 59.36 32.94
C ASP G 97 8.99 58.88 32.91
N ASN G 98 9.38 58.01 33.84
CA ASN G 98 10.74 57.51 33.97
C ASN G 98 10.84 56.00 34.13
N ALA G 99 9.72 55.32 34.38
CA ALA G 99 9.69 53.88 34.58
C ALA G 99 9.04 53.18 33.39
N ASP G 100 9.49 51.96 33.11
CA ASP G 100 9.07 51.22 31.91
C ASP G 100 7.94 50.24 32.23
N THR G 101 6.81 50.78 32.67
CA THR G 101 5.76 49.90 33.17
C THR G 101 4.38 50.43 32.84
N LEU G 102 3.42 49.56 33.13
CA LEU G 102 2.05 49.94 33.43
C LEU G 102 1.72 49.33 34.79
N ALA G 103 1.25 50.16 35.72
CA ALA G 103 0.75 49.72 37.00
C ALA G 103 -0.77 49.72 36.90
N LEU G 104 -1.37 48.54 36.99
CA LEU G 104 -2.78 48.37 36.70
C LEU G 104 -3.48 47.88 37.97
N VAL G 105 -4.57 48.54 38.32
CA VAL G 105 -5.34 48.22 39.51
C VAL G 105 -6.75 47.85 39.09
N PHE G 106 -7.06 46.56 39.18
CA PHE G 106 -8.44 46.10 39.11
C PHE G 106 -9.13 46.44 40.42
N GLU G 107 -10.14 47.31 40.34
CA GLU G 107 -10.93 47.72 41.48
C GLU G 107 -12.35 47.23 41.32
N ALA G 108 -12.78 46.35 42.21
CA ALA G 108 -14.17 45.92 42.25
C ALA G 108 -15.04 47.09 42.72
N PRO G 109 -16.33 47.12 42.34
CA PRO G 109 -17.22 48.12 42.96
C PRO G 109 -17.43 47.87 44.43
N ASN G 110 -17.53 46.61 44.82
CA ASN G 110 -17.44 46.22 46.23
C ASN G 110 -15.95 46.04 46.54
N GLN G 111 -15.35 47.09 47.10
CA GLN G 111 -13.90 47.19 47.28
C GLN G 111 -13.39 46.24 48.35
N GLU G 112 -13.47 44.94 48.10
CA GLU G 112 -12.99 43.93 49.03
C GLU G 112 -11.93 43.02 48.41
N LYS G 113 -12.03 42.74 47.11
CA LYS G 113 -11.02 41.98 46.36
C LYS G 113 -10.43 42.89 45.28
N VAL G 114 -9.19 43.34 45.48
CA VAL G 114 -8.57 44.32 44.62
C VAL G 114 -7.29 43.74 44.05
N SER G 115 -7.18 43.73 42.72
CA SER G 115 -6.06 43.06 42.07
C SER G 115 -5.08 44.08 41.51
N ASP G 116 -3.79 43.77 41.59
CA ASP G 116 -2.75 44.73 41.20
C ASP G 116 -1.69 44.02 40.36
N TYR G 117 -1.23 44.71 39.29
CA TYR G 117 -0.25 44.15 38.38
C TYR G 117 0.73 45.21 37.93
N GLU G 118 1.95 44.79 37.59
CA GLU G 118 3.02 45.67 37.13
C GLU G 118 3.63 45.06 35.87
N MET G 119 3.24 45.55 34.70
CA MET G 119 3.68 45.01 33.43
C MET G 119 4.85 45.83 32.88
N LYS G 120 5.86 45.14 32.36
CA LYS G 120 7.04 45.81 31.82
C LYS G 120 6.76 46.40 30.45
N LEU G 121 7.78 47.02 29.87
CA LEU G 121 7.68 47.73 28.60
C LEU G 121 8.76 47.27 27.63
N MET G 122 8.62 47.69 26.38
CA MET G 122 9.61 47.48 25.32
C MET G 122 9.62 48.67 24.38
N ASP G 123 10.73 49.40 24.33
CA ASP G 123 10.91 50.43 23.31
C ASP G 123 11.11 49.79 21.95
N LEU G 124 10.48 50.35 20.93
CA LEU G 124 10.33 49.69 19.64
C LEU G 124 10.46 50.70 18.50
N ASP G 125 10.45 50.18 17.27
CA ASP G 125 10.62 51.00 16.09
C ASP G 125 9.61 50.58 15.02
N VAL G 126 8.35 50.44 15.39
CA VAL G 126 7.32 50.06 14.43
C VAL G 126 7.02 51.24 13.51
N GLU G 127 7.09 50.99 12.20
CA GLU G 127 6.77 52.00 11.20
C GLU G 127 5.32 52.45 11.31
N GLN G 128 5.10 53.74 11.12
CA GLN G 128 3.78 54.31 11.27
C GLN G 128 3.20 54.68 9.91
N LEU G 129 1.88 54.73 9.84
CA LEU G 129 1.15 55.17 8.66
C LEU G 129 -0.13 55.83 9.15
N GLY G 130 -0.43 56.99 8.58
CA GLY G 130 -1.53 57.82 9.04
C GLY G 130 -2.79 57.59 8.23
N ILE G 131 -3.76 58.47 8.43
CA ILE G 131 -5.04 58.33 7.74
C ILE G 131 -5.04 59.18 6.47
N PRO G 132 -5.10 58.58 5.27
CA PRO G 132 -5.28 59.38 4.07
C PRO G 132 -6.70 59.92 3.99
N GLU G 133 -6.88 61.21 4.26
CA GLU G 133 -8.20 61.82 4.31
C GLU G 133 -8.65 62.12 2.88
N GLN G 134 -9.78 61.55 2.49
CA GLN G 134 -10.36 61.78 1.18
C GLN G 134 -11.87 61.86 1.34
N GLU G 135 -12.58 61.78 0.23
CA GLU G 135 -14.01 61.59 0.24
C GLU G 135 -14.32 60.11 0.15
N TYR G 136 -15.58 59.76 0.35
CA TYR G 136 -16.05 58.42 0.13
C TYR G 136 -17.38 58.47 -0.62
N SER G 137 -17.40 57.84 -1.79
CA SER G 137 -18.52 57.92 -2.72
C SER G 137 -19.75 57.16 -2.25
N CYS G 138 -19.59 56.19 -1.36
CA CYS G 138 -20.73 55.44 -0.84
C CYS G 138 -20.51 55.09 0.61
N VAL G 139 -21.45 55.48 1.45
CA VAL G 139 -21.44 55.08 2.85
C VAL G 139 -22.70 54.27 3.12
N VAL G 140 -22.57 53.30 4.03
CA VAL G 140 -23.69 52.45 4.44
C VAL G 140 -23.53 52.17 5.93
N LYS G 141 -24.65 52.20 6.66
CA LYS G 141 -24.66 51.90 8.08
C LYS G 141 -25.69 50.83 8.38
N MET G 142 -25.27 49.76 9.03
CA MET G 142 -26.00 48.50 9.12
C MET G 142 -25.88 47.99 10.54
N PRO G 143 -26.74 47.06 10.96
CA PRO G 143 -26.51 46.39 12.24
C PRO G 143 -25.29 45.48 12.19
N SER G 144 -24.81 45.09 13.38
CA SER G 144 -23.51 44.46 13.51
C SER G 144 -23.56 42.93 13.45
N GLY G 145 -24.50 42.31 14.17
CA GLY G 145 -24.60 40.86 14.16
C GLY G 145 -24.96 40.30 12.79
N GLU G 146 -25.76 41.05 12.03
CA GLU G 146 -26.11 40.63 10.68
C GLU G 146 -24.90 40.65 9.76
N PHE G 147 -24.04 41.66 9.90
CA PHE G 147 -22.80 41.71 9.13
C PHE G 147 -21.83 40.60 9.54
N ALA G 148 -21.79 40.28 10.83
CA ALA G 148 -20.95 39.18 11.30
C ALA G 148 -21.41 37.85 10.70
N ARG G 149 -22.74 37.63 10.69
CA ARG G 149 -23.33 36.46 10.05
C ARG G 149 -23.01 36.43 8.56
N ILE G 150 -23.06 37.59 7.88
CA ILE G 150 -22.82 37.66 6.44
C ILE G 150 -21.37 37.32 6.10
N CYS G 151 -20.43 37.94 6.81
CA CYS G 151 -19.01 37.71 6.51
C CYS G 151 -18.59 36.28 6.84
N ARG G 152 -19.06 35.74 7.98
CA ARG G 152 -18.83 34.34 8.31
C ARG G 152 -19.40 33.41 7.25
N ASP G 153 -20.63 33.69 6.79
CA ASP G 153 -21.30 32.79 5.84
C ASP G 153 -20.65 32.80 4.47
N LEU G 154 -20.33 33.99 3.95
CA LEU G 154 -19.67 34.06 2.65
C LEU G 154 -18.22 33.56 2.72
N SER G 155 -17.61 33.50 3.91
CA SER G 155 -16.36 32.77 4.05
C SER G 155 -16.49 31.25 3.85
N HIS G 156 -17.71 30.70 3.85
CA HIS G 156 -17.88 29.25 3.67
C HIS G 156 -17.96 28.84 2.21
N ILE G 157 -18.42 29.71 1.31
CA ILE G 157 -18.53 29.33 -0.09
C ILE G 157 -17.20 29.48 -0.81
N GLY G 158 -16.64 30.70 -0.81
CA GLY G 158 -15.35 30.96 -1.40
C GLY G 158 -14.49 31.79 -0.48
N ASP G 159 -13.31 32.17 -1.00
CA ASP G 159 -12.30 32.84 -0.21
C ASP G 159 -12.25 34.36 -0.42
N ALA G 160 -13.07 34.89 -1.33
CA ALA G 160 -13.13 36.32 -1.55
C ALA G 160 -14.59 36.75 -1.62
N VAL G 161 -14.81 38.06 -1.62
CA VAL G 161 -16.14 38.65 -1.70
C VAL G 161 -16.11 39.82 -2.66
N VAL G 162 -17.04 39.81 -3.62
CA VAL G 162 -17.24 40.92 -4.54
C VAL G 162 -18.46 41.68 -4.05
N ILE G 163 -18.25 42.90 -3.63
CA ILE G 163 -19.35 43.74 -3.19
C ILE G 163 -19.71 44.69 -4.33
N SER G 164 -20.96 45.17 -4.28
CA SER G 164 -21.52 46.05 -5.30
C SER G 164 -22.61 46.89 -4.67
N CYS G 165 -22.48 48.21 -4.78
CA CYS G 165 -23.49 49.13 -4.28
C CYS G 165 -23.98 49.99 -5.42
N ALA G 166 -25.22 50.46 -5.29
CA ALA G 166 -25.89 51.18 -6.36
C ALA G 166 -26.85 52.19 -5.74
N LYS G 167 -27.80 52.66 -6.55
CA LYS G 167 -28.81 53.61 -6.09
C LYS G 167 -29.70 53.02 -5.00
N ASP G 168 -30.19 51.80 -5.23
CA ASP G 168 -31.29 51.24 -4.45
C ASP G 168 -30.83 50.32 -3.33
N GLY G 169 -29.97 49.36 -3.62
CA GLY G 169 -29.56 48.39 -2.62
C GLY G 169 -28.08 48.11 -2.59
N VAL G 170 -27.69 47.03 -1.91
CA VAL G 170 -26.30 46.62 -1.79
C VAL G 170 -26.27 45.10 -2.00
N LYS G 171 -25.11 44.58 -2.41
CA LYS G 171 -24.99 43.16 -2.71
C LYS G 171 -23.59 42.68 -2.40
N PHE G 172 -23.49 41.52 -1.74
CA PHE G 172 -22.24 40.82 -1.53
C PHE G 172 -22.34 39.45 -2.20
N SER G 173 -21.31 39.09 -2.96
CA SER G 173 -21.30 37.89 -3.76
C SER G 173 -19.98 37.15 -3.57
N ALA G 174 -20.01 35.84 -3.81
CA ALA G 174 -18.81 35.01 -3.73
C ALA G 174 -19.04 33.76 -4.56
N SER G 175 -17.94 33.22 -5.10
CA SER G 175 -17.98 32.00 -5.90
C SER G 175 -16.88 31.05 -5.47
N GLY G 176 -17.28 29.82 -5.18
CA GLY G 176 -16.35 28.83 -4.67
C GLY G 176 -16.59 27.46 -5.25
N GLU G 177 -15.96 26.47 -4.61
CA GLU G 177 -15.82 25.12 -5.16
C GLU G 177 -17.17 24.44 -5.41
N LEU G 178 -18.15 24.71 -4.56
CA LEU G 178 -19.47 24.10 -4.74
C LEU G 178 -20.49 25.03 -5.37
N GLY G 179 -20.05 26.08 -6.04
CA GLY G 179 -20.95 26.92 -6.82
C GLY G 179 -20.77 28.40 -6.50
N ASN G 180 -21.86 29.08 -6.21
CA ASN G 180 -21.78 30.50 -5.92
C ASN G 180 -22.93 30.90 -5.02
N GLY G 181 -22.85 32.11 -4.51
CA GLY G 181 -23.92 32.68 -3.71
C GLY G 181 -23.78 34.18 -3.69
N ASN G 182 -24.90 34.83 -3.38
CA ASN G 182 -24.90 36.27 -3.18
C ASN G 182 -26.10 36.62 -2.31
N ILE G 183 -26.00 37.74 -1.61
CA ILE G 183 -27.07 38.29 -0.78
C ILE G 183 -27.14 39.79 -1.03
N LYS G 184 -28.34 40.28 -1.36
CA LYS G 184 -28.60 41.70 -1.46
C LYS G 184 -29.34 42.19 -0.22
N LEU G 185 -29.20 43.48 0.06
CA LEU G 185 -30.05 44.19 1.01
C LEU G 185 -30.66 45.40 0.31
N SER G 186 -31.75 45.89 0.89
CA SER G 186 -32.55 46.96 0.31
C SER G 186 -32.59 48.16 1.26
N GLN G 187 -32.71 49.34 0.67
CA GLN G 187 -32.74 50.59 1.43
C GLN G 187 -33.99 50.68 2.29
N THR G 188 -33.78 50.91 3.59
CA THR G 188 -34.89 51.02 4.51
C THR G 188 -35.62 52.34 4.29
N SER G 189 -36.90 52.26 3.94
CA SER G 189 -37.73 53.43 3.73
C SER G 189 -38.63 53.67 4.95
N GLU G 196 -31.12 49.20 13.85
CA GLU G 196 -31.82 48.03 13.31
C GLU G 196 -32.01 48.13 11.81
N ALA G 197 -31.99 49.36 11.31
CA ALA G 197 -32.19 49.59 9.90
C ALA G 197 -30.84 49.82 9.23
N VAL G 198 -30.88 50.17 7.95
CA VAL G 198 -29.68 50.37 7.16
C VAL G 198 -29.84 51.71 6.43
N THR G 199 -28.73 52.40 6.20
CA THR G 199 -28.79 53.60 5.37
C THR G 199 -27.66 53.58 4.35
N ILE G 200 -27.94 54.19 3.21
CA ILE G 200 -26.97 54.38 2.13
C ILE G 200 -26.99 55.85 1.74
N GLU G 201 -25.81 56.45 1.64
CA GLU G 201 -25.63 57.72 0.93
C GLU G 201 -24.59 57.52 -0.15
N MET G 202 -25.03 57.65 -1.40
CA MET G 202 -24.32 57.13 -2.56
C MET G 202 -23.93 58.26 -3.51
N ASN G 203 -22.92 58.00 -4.34
CA ASN G 203 -22.57 58.95 -5.39
C ASN G 203 -22.32 58.20 -6.70
N GLU G 204 -21.99 56.91 -6.61
CA GLU G 204 -21.69 56.07 -7.79
C GLU G 204 -21.86 54.59 -7.47
N PRO G 205 -22.51 53.81 -8.34
CA PRO G 205 -22.58 52.34 -8.15
C PRO G 205 -21.23 51.67 -8.36
N VAL G 206 -20.61 51.22 -7.27
CA VAL G 206 -19.23 50.74 -7.27
C VAL G 206 -19.15 49.28 -6.88
N GLN G 207 -18.22 48.56 -7.49
CA GLN G 207 -18.01 47.13 -7.26
C GLN G 207 -16.54 46.88 -6.98
N LEU G 208 -16.24 46.12 -5.91
CA LEU G 208 -14.85 45.77 -5.59
C LEU G 208 -14.76 44.39 -4.97
N THR G 209 -13.52 43.98 -4.65
CA THR G 209 -13.20 42.62 -4.23
C THR G 209 -12.32 42.63 -2.98
N PHE G 210 -12.70 41.82 -1.99
CA PHE G 210 -12.06 41.81 -0.68
C PHE G 210 -11.81 40.37 -0.24
N ALA G 211 -10.89 40.22 0.71
CA ALA G 211 -10.44 38.92 1.18
C ALA G 211 -11.04 38.64 2.55
N LEU G 212 -11.86 37.58 2.63
CA LEU G 212 -12.73 37.36 3.78
C LEU G 212 -11.99 36.93 5.05
N ARG G 213 -10.72 36.52 4.93
CA ARG G 213 -9.91 36.18 6.10
C ARG G 213 -9.78 37.37 7.04
N TYR G 214 -9.50 38.53 6.50
CA TYR G 214 -9.33 39.67 7.38
C TYR G 214 -10.66 40.34 7.71
N LEU G 215 -11.75 40.02 7.00
CA LEU G 215 -13.06 40.40 7.52
C LEU G 215 -13.42 39.56 8.74
N ASN G 216 -13.05 38.27 8.73
CA ASN G 216 -13.20 37.45 9.93
C ASN G 216 -12.28 37.93 11.05
N PHE G 217 -11.15 38.56 10.71
CA PHE G 217 -10.34 39.19 11.76
C PHE G 217 -10.96 40.49 12.29
N PHE G 218 -11.47 41.34 11.41
CA PHE G 218 -12.05 42.63 11.83
C PHE G 218 -13.42 42.46 12.48
N THR G 219 -14.02 41.26 12.40
CA THR G 219 -15.36 41.05 12.94
C THR G 219 -15.42 41.18 14.46
N LYS G 220 -14.36 40.76 15.17
CA LYS G 220 -14.37 40.55 16.61
C LYS G 220 -14.61 41.81 17.45
N ALA G 221 -14.75 42.99 16.86
CA ALA G 221 -15.17 44.19 17.58
C ALA G 221 -16.67 44.39 17.54
N THR G 222 -17.44 43.31 17.43
CA THR G 222 -18.89 43.41 17.39
C THR G 222 -19.53 43.85 18.72
N PRO G 223 -19.18 43.31 19.93
CA PRO G 223 -19.90 43.78 21.12
C PRO G 223 -19.37 45.07 21.74
N LEU G 224 -18.53 45.83 21.04
CA LEU G 224 -18.23 47.20 21.46
C LEU G 224 -19.20 48.24 20.90
N SER G 225 -20.13 47.81 20.05
CA SER G 225 -21.09 48.71 19.45
C SER G 225 -22.37 47.94 19.18
N SER G 226 -23.41 48.67 18.78
CA SER G 226 -24.62 48.01 18.33
C SER G 226 -24.70 47.97 16.81
N THR G 227 -24.19 49.00 16.14
CA THR G 227 -24.22 49.12 14.69
C THR G 227 -22.80 49.19 14.14
N VAL G 228 -22.69 49.24 12.81
CA VAL G 228 -21.40 49.20 12.13
C VAL G 228 -21.51 50.03 10.85
N THR G 229 -20.42 50.69 10.48
CA THR G 229 -20.41 51.59 9.33
C THR G 229 -19.37 51.10 8.33
N LEU G 230 -19.75 51.03 7.06
CA LEU G 230 -18.83 50.72 5.97
C LEU G 230 -18.76 51.92 5.04
N SER G 231 -17.56 52.41 4.80
CA SER G 231 -17.36 53.61 4.00
C SER G 231 -16.34 53.36 2.91
N MET G 232 -16.71 53.67 1.66
CA MET G 232 -15.94 53.14 0.55
C MET G 232 -16.20 53.88 -0.75
N SER G 233 -15.27 53.69 -1.69
CA SER G 233 -15.36 54.14 -3.07
C SER G 233 -14.67 53.08 -3.91
N ALA G 234 -14.28 53.47 -5.14
CA ALA G 234 -13.51 52.57 -5.99
C ALA G 234 -12.04 52.97 -5.99
N ASP G 235 -11.17 51.96 -6.13
CA ASP G 235 -9.71 52.09 -6.28
C ASP G 235 -9.04 52.69 -5.03
N VAL G 236 -9.75 52.70 -3.90
CA VAL G 236 -9.23 53.14 -2.61
C VAL G 236 -9.67 52.12 -1.57
N PRO G 237 -8.98 52.02 -0.43
CA PRO G 237 -9.39 51.05 0.60
C PRO G 237 -10.76 51.32 1.19
N LEU G 238 -11.35 50.27 1.76
CA LEU G 238 -12.61 50.35 2.49
C LEU G 238 -12.34 50.49 3.98
N VAL G 239 -13.24 51.21 4.64
CA VAL G 239 -13.18 51.46 6.07
C VAL G 239 -14.32 50.70 6.74
N VAL G 240 -13.97 49.83 7.70
CA VAL G 240 -14.93 49.22 8.63
C VAL G 240 -14.81 49.95 9.95
N GLU G 241 -15.92 50.52 10.42
CA GLU G 241 -15.90 51.49 11.50
C GLU G 241 -16.87 51.09 12.61
N TYR G 242 -16.37 51.10 13.85
CA TYR G 242 -17.14 50.85 15.06
C TYR G 242 -16.94 52.02 16.02
N LYS G 243 -17.89 52.18 16.93
CA LYS G 243 -17.92 53.31 17.86
C LYS G 243 -17.78 52.83 19.30
N ILE G 244 -16.80 53.35 20.01
CA ILE G 244 -16.66 53.15 21.46
C ILE G 244 -17.41 54.28 22.13
N ALA G 245 -18.39 53.91 22.98
CA ALA G 245 -19.46 54.78 23.42
C ALA G 245 -18.98 56.00 24.19
N ASP G 246 -19.13 57.17 23.57
CA ASP G 246 -18.85 58.50 24.13
C ASP G 246 -17.38 58.72 24.47
N MET G 247 -16.50 57.86 23.96
CA MET G 247 -15.06 58.01 24.18
C MET G 247 -14.28 58.01 22.88
N GLY G 248 -14.63 57.14 21.93
CA GLY G 248 -13.86 57.14 20.71
C GLY G 248 -14.37 56.18 19.65
N HIS G 249 -13.45 55.62 18.88
CA HIS G 249 -13.87 54.75 17.78
C HIS G 249 -12.74 53.80 17.40
N LEU G 250 -13.06 52.91 16.47
CA LEU G 250 -12.20 51.80 16.09
C LEU G 250 -12.37 51.56 14.59
N LYS G 251 -11.29 51.77 13.83
CA LYS G 251 -11.31 51.63 12.39
C LYS G 251 -10.38 50.50 11.96
N TYR G 252 -10.85 49.69 11.02
CA TYR G 252 -10.00 48.74 10.29
C TYR G 252 -10.04 49.12 8.82
N TYR G 253 -8.88 49.40 8.25
CA TYR G 253 -8.76 49.77 6.84
C TYR G 253 -8.21 48.59 6.07
N LEU G 254 -8.94 48.16 5.03
CA LEU G 254 -8.46 47.11 4.14
C LEU G 254 -8.46 47.61 2.71
N ALA G 255 -7.33 47.40 2.03
CA ALA G 255 -7.21 47.78 0.62
C ALA G 255 -7.69 46.65 -0.27
N PRO G 256 -8.63 46.90 -1.18
CA PRO G 256 -9.26 45.82 -1.93
C PRO G 256 -8.33 45.23 -2.99
N LYS G 257 -8.64 43.98 -3.32
CA LYS G 257 -7.87 43.26 -4.34
C LYS G 257 -8.13 43.89 -5.71
N ILE G 258 -7.09 43.92 -6.53
CA ILE G 258 -7.18 44.46 -7.87
C ILE G 258 -7.16 43.30 -8.86
N GLY H 2 31.49 -4.55 43.33
CA GLY H 2 30.34 -4.77 44.24
C GLY H 2 29.83 -6.20 44.24
N ILE H 3 28.52 -6.35 44.44
CA ILE H 3 27.88 -7.65 44.46
C ILE H 3 27.41 -8.12 43.08
N GLN H 4 27.68 -9.39 42.77
CA GLN H 4 27.33 -9.94 41.45
C GLN H 4 25.88 -10.36 41.25
N GLY H 5 25.35 -10.07 40.06
CA GLY H 5 23.99 -10.42 39.71
C GLY H 5 22.93 -9.96 40.68
N LEU H 6 23.29 -9.03 41.56
CA LEU H 6 22.34 -8.55 42.55
C LEU H 6 21.19 -7.76 41.93
N ALA H 7 21.52 -6.74 41.16
CA ALA H 7 20.50 -5.90 40.54
C ALA H 7 19.45 -6.77 39.85
N LYS H 8 19.91 -7.73 39.05
CA LYS H 8 19.00 -8.62 38.34
C LYS H 8 18.14 -9.40 39.32
N LEU H 9 18.76 -9.94 40.35
CA LEU H 9 18.03 -10.71 41.36
C LEU H 9 16.87 -9.92 41.92
N ILE H 10 17.13 -8.68 42.30
CA ILE H 10 16.11 -7.80 42.83
C ILE H 10 15.08 -7.57 41.76
N ALA H 11 15.52 -6.99 40.66
CA ALA H 11 14.66 -6.71 39.53
C ALA H 11 13.75 -7.90 39.28
N ASP H 12 14.29 -9.09 39.44
CA ASP H 12 13.54 -10.32 39.19
C ASP H 12 12.73 -10.88 40.36
N VAL H 13 12.88 -10.31 41.55
CA VAL H 13 12.12 -10.86 42.68
C VAL H 13 11.56 -9.84 43.67
N ALA H 14 11.80 -8.56 43.41
CA ALA H 14 11.32 -7.47 44.27
C ALA H 14 11.49 -6.13 43.57
N PRO H 15 10.84 -5.96 42.41
CA PRO H 15 10.92 -4.73 41.61
C PRO H 15 10.34 -3.52 42.34
N SER H 16 9.58 -3.77 43.39
CA SER H 16 8.97 -2.71 44.16
C SER H 16 10.02 -1.88 44.90
N ALA H 17 11.24 -2.37 44.98
CA ALA H 17 12.30 -1.67 45.67
C ALA H 17 13.19 -0.86 44.73
N ILE H 18 12.87 -0.91 43.44
CA ILE H 18 13.63 -0.18 42.42
C ILE H 18 12.74 0.72 41.58
N ARG H 19 13.16 1.97 41.40
CA ARG H 19 12.38 2.90 40.58
C ARG H 19 13.24 3.58 39.52
N GLU H 20 12.61 3.93 38.41
CA GLU H 20 13.30 4.59 37.30
C GLU H 20 12.81 6.04 37.26
N ASN H 21 13.44 6.90 38.06
CA ASN H 21 13.07 8.31 38.14
C ASN H 21 13.91 9.19 37.23
N ASP H 22 13.42 10.41 37.01
CA ASP H 22 14.13 11.38 36.18
C ASP H 22 15.03 12.25 37.04
N ILE H 23 16.22 12.51 36.54
CA ILE H 23 17.22 13.31 37.23
C ILE H 23 16.65 14.57 37.91
N LYS H 24 15.60 15.13 37.33
CA LYS H 24 14.98 16.32 37.89
C LYS H 24 14.32 16.12 39.25
N SER H 25 13.65 14.99 39.43
CA SER H 25 12.95 14.68 40.68
C SER H 25 13.81 14.64 41.91
N TYR H 26 15.13 14.77 41.71
CA TYR H 26 16.11 14.73 42.79
C TYR H 26 16.52 16.12 43.27
N PHE H 27 15.76 17.12 42.86
CA PHE H 27 16.05 18.51 43.24
C PHE H 27 15.92 18.72 44.74
N GLY H 28 16.98 19.19 45.36
CA GLY H 28 16.99 19.44 46.79
C GLY H 28 17.64 18.33 47.59
N ARG H 29 18.08 17.29 46.90
CA ARG H 29 18.73 16.16 47.58
C ARG H 29 20.24 16.26 47.68
N LYS H 30 20.76 15.89 48.86
CA LYS H 30 22.20 15.87 49.09
C LYS H 30 22.57 14.40 48.90
N VAL H 31 23.51 14.13 48.01
CA VAL H 31 23.94 12.76 47.76
C VAL H 31 25.42 12.51 47.98
N ALA H 32 25.73 11.31 48.44
CA ALA H 32 27.10 10.88 48.69
C ALA H 32 27.56 10.11 47.47
N ILE H 33 28.64 10.55 46.85
CA ILE H 33 29.16 9.88 45.68
C ILE H 33 30.48 9.17 45.96
N ASP H 34 30.82 8.22 45.11
CA ASP H 34 32.08 7.49 45.24
C ASP H 34 33.03 8.09 44.23
N ALA H 35 33.79 9.09 44.66
CA ALA H 35 34.74 9.77 43.79
C ALA H 35 35.61 8.78 43.03
N SER H 36 36.23 7.86 43.76
CA SER H 36 37.08 6.84 43.16
C SER H 36 36.44 6.30 41.89
N MET H 37 35.44 5.45 42.07
CA MET H 37 34.73 4.87 40.94
C MET H 37 34.33 5.95 39.93
N SER H 38 33.82 7.08 40.44
CA SER H 38 33.41 8.17 39.58
C SER H 38 34.57 8.60 38.70
N ILE H 39 35.65 9.04 39.34
CA ILE H 39 36.84 9.48 38.63
C ILE H 39 37.21 8.44 37.58
N TYR H 40 37.12 7.17 37.98
CA TYR H 40 37.43 6.07 37.07
C TYR H 40 36.51 6.07 35.87
N GLN H 41 35.20 6.11 36.13
CA GLN H 41 34.18 6.10 35.08
C GLN H 41 34.50 7.07 33.94
N PHE H 42 34.95 8.27 34.30
CA PHE H 42 35.28 9.30 33.32
C PHE H 42 36.45 8.90 32.43
N LEU H 43 37.46 8.27 33.03
CA LEU H 43 38.61 7.84 32.25
C LEU H 43 38.15 6.81 31.24
N ILE H 44 37.60 5.70 31.74
CA ILE H 44 37.10 4.61 30.89
C ILE H 44 35.76 4.98 30.25
N THR H 60 44.63 13.22 28.90
CA THR H 60 44.03 12.82 30.16
C THR H 60 43.55 14.03 30.98
N THR H 61 42.43 14.60 30.56
CA THR H 61 41.84 15.74 31.24
C THR H 61 40.43 15.32 31.67
N SER H 62 40.07 14.10 31.27
CA SER H 62 38.77 13.52 31.58
C SER H 62 38.49 13.38 33.06
N HIS H 63 39.49 12.93 33.82
CA HIS H 63 39.33 12.75 35.26
C HIS H 63 38.81 14.02 35.93
N LEU H 64 38.81 15.11 35.17
CA LEU H 64 38.33 16.38 35.69
C LEU H 64 37.23 16.98 34.80
N MET H 65 37.29 16.70 33.50
CA MET H 65 36.27 17.22 32.60
C MET H 65 34.92 16.72 33.07
N GLY H 66 34.81 15.40 33.20
CA GLY H 66 33.56 14.82 33.66
C GLY H 66 33.33 15.25 35.09
N MET H 67 34.43 15.32 35.86
CA MET H 67 34.35 15.74 37.25
C MET H 67 33.81 17.16 37.26
N PHE H 68 33.85 17.80 36.09
CA PHE H 68 33.38 19.16 35.93
C PHE H 68 31.93 19.11 35.47
N TYR H 69 31.73 18.98 34.16
CA TYR H 69 30.38 18.92 33.57
C TYR H 69 29.34 18.22 34.46
N ARG H 70 29.51 16.91 34.65
CA ARG H 70 28.60 16.11 35.45
C ARG H 70 28.18 16.79 36.75
N THR H 71 29.15 17.23 37.53
CA THR H 71 28.83 17.89 38.78
C THR H 71 28.03 19.15 38.53
N ILE H 72 28.16 19.71 37.33
CA ILE H 72 27.39 20.90 36.98
C ILE H 72 25.95 20.44 36.76
N ARG H 73 25.79 19.38 35.98
CA ARG H 73 24.46 18.86 35.70
C ARG H 73 23.80 18.42 37.00
N MET H 74 24.57 17.79 37.88
CA MET H 74 24.03 17.35 39.16
C MET H 74 23.58 18.57 39.97
N MET H 75 24.20 19.71 39.72
CA MET H 75 23.86 20.93 40.42
C MET H 75 22.65 21.58 39.76
N GLU H 76 22.70 21.69 38.44
CA GLU H 76 21.64 22.29 37.64
C GLU H 76 20.26 21.72 37.96
N ASN H 77 20.21 20.48 38.43
CA ASN H 77 18.92 19.87 38.74
C ASN H 77 18.56 19.95 40.22
N GLY H 78 19.36 20.69 40.97
CA GLY H 78 19.05 20.85 42.38
C GLY H 78 19.67 19.84 43.31
N ILE H 79 20.42 18.91 42.74
CA ILE H 79 21.08 17.88 43.54
C ILE H 79 22.39 18.42 44.13
N LYS H 80 22.53 18.34 45.45
CA LYS H 80 23.73 18.80 46.14
C LYS H 80 24.69 17.63 46.43
N PRO H 81 25.77 17.51 45.65
CA PRO H 81 26.78 16.45 45.75
C PRO H 81 27.93 16.62 46.76
N VAL H 82 28.43 15.48 47.20
CA VAL H 82 29.53 15.40 48.15
C VAL H 82 30.40 14.23 47.70
N TYR H 83 31.48 14.53 46.97
CA TYR H 83 32.36 13.48 46.51
C TYR H 83 33.13 12.83 47.67
N VAL H 84 33.35 11.53 47.55
CA VAL H 84 34.05 10.80 48.59
C VAL H 84 35.20 9.97 48.04
N PHE H 85 36.30 9.96 48.79
CA PHE H 85 37.49 9.23 48.41
C PHE H 85 37.77 8.11 49.38
N ASP H 86 38.51 7.11 48.91
CA ASP H 86 38.86 5.94 49.73
C ASP H 86 40.16 6.21 50.46
N GLY H 87 40.36 5.53 51.59
CA GLY H 87 41.59 5.71 52.36
C GLY H 87 42.53 4.53 52.21
N LYS H 88 42.70 3.78 53.30
CA LYS H 88 43.55 2.59 53.30
C LYS H 88 42.68 1.37 53.03
N PRO H 89 42.72 0.83 51.81
CA PRO H 89 41.91 -0.34 51.46
C PRO H 89 42.04 -1.52 52.44
N PRO H 90 40.96 -2.33 52.57
CA PRO H 90 40.93 -3.50 53.45
C PRO H 90 41.20 -4.80 52.66
N GLN H 91 40.91 -5.96 53.27
CA GLN H 91 41.15 -7.24 52.61
C GLN H 91 40.14 -7.68 51.54
N LEU H 92 40.27 -7.09 50.34
CA LEU H 92 39.40 -7.39 49.22
C LEU H 92 39.95 -8.60 48.44
N LYS H 93 39.04 -9.49 48.02
CA LYS H 93 39.41 -10.71 47.28
C LYS H 93 40.56 -10.50 46.30
N SER H 94 40.22 -10.19 45.04
CA SER H 94 41.24 -9.98 44.02
C SER H 94 42.22 -8.90 44.47
N GLY H 95 41.82 -8.14 45.47
CA GLY H 95 42.67 -7.08 45.99
C GLY H 95 44.07 -7.59 46.32
N GLU H 96 44.15 -8.39 47.39
CA GLU H 96 45.42 -8.96 47.81
C GLU H 96 45.62 -10.35 47.18
N LEU H 97 45.52 -10.40 45.85
CA LEU H 97 45.69 -11.64 45.11
C LEU H 97 47.08 -11.71 44.50
N ALA H 98 47.56 -10.57 44.00
CA ALA H 98 48.88 -10.49 43.41
C ALA H 98 49.90 -10.63 44.54
N LYS H 99 49.46 -10.34 45.76
CA LYS H 99 50.31 -10.44 46.94
C LYS H 99 50.66 -11.92 47.11
N ARG H 100 49.97 -12.78 46.36
CA ARG H 100 50.21 -14.21 46.39
C ARG H 100 51.27 -14.50 45.34
N SER H 101 51.74 -13.43 44.68
CA SER H 101 52.75 -13.53 43.65
C SER H 101 54.05 -12.90 44.15
N GLU H 102 53.93 -11.88 44.99
CA GLU H 102 55.07 -11.19 45.55
C GLU H 102 55.73 -12.05 46.63
N THR H 134 49.14 7.87 39.89
CA THR H 134 48.49 7.37 41.10
C THR H 134 47.47 8.42 41.56
N LYS H 135 47.52 8.76 42.85
CA LYS H 135 46.60 9.75 43.38
C LYS H 135 46.86 11.09 42.71
N GLN H 136 47.78 11.09 41.76
CA GLN H 136 48.14 12.29 41.01
C GLN H 136 46.91 12.87 40.34
N HIS H 137 46.31 12.13 39.40
CA HIS H 137 45.12 12.60 38.71
C HIS H 137 43.89 12.47 39.62
N ASN H 138 44.13 11.94 40.82
CA ASN H 138 43.08 11.75 41.82
C ASN H 138 42.86 13.04 42.60
N ASP H 139 43.93 13.54 43.23
CA ASP H 139 43.86 14.78 44.00
C ASP H 139 43.67 15.98 43.07
N GLU H 140 44.02 15.79 41.80
CA GLU H 140 43.88 16.85 40.81
C GLU H 140 42.38 17.16 40.71
N CYS H 141 41.58 16.30 41.34
CA CYS H 141 40.13 16.43 41.38
C CYS H 141 39.72 17.03 42.72
N LYS H 142 40.36 16.59 43.80
CA LYS H 142 40.06 17.09 45.15
C LYS H 142 40.33 18.60 45.16
N HIS H 143 40.71 19.11 44.00
CA HIS H 143 40.99 20.53 43.80
C HIS H 143 39.88 21.16 42.97
N LEU H 144 39.63 20.63 41.77
CA LEU H 144 38.58 21.18 40.91
C LEU H 144 37.28 21.28 41.68
N LEU H 145 37.19 20.60 42.82
CA LEU H 145 35.98 20.61 43.64
C LEU H 145 35.87 21.82 44.56
N SER H 146 36.74 21.91 45.55
CA SER H 146 36.71 23.04 46.47
C SER H 146 36.80 24.35 45.69
N LEU H 147 37.26 24.26 44.45
CA LEU H 147 37.39 25.43 43.59
C LEU H 147 36.04 25.70 42.91
N MET H 148 35.06 24.86 43.20
CA MET H 148 33.71 24.98 42.65
C MET H 148 32.76 25.09 43.83
N GLY H 149 33.33 24.96 45.03
CA GLY H 149 32.54 25.04 46.25
C GLY H 149 31.81 23.75 46.51
N ILE H 150 32.46 22.63 46.19
CA ILE H 150 31.87 21.32 46.37
C ILE H 150 32.63 20.52 47.42
N PRO H 151 31.92 20.01 48.43
CA PRO H 151 32.50 19.22 49.51
C PRO H 151 33.32 18.00 49.04
N TYR H 152 34.00 17.36 49.98
CA TYR H 152 34.82 16.18 49.74
C TYR H 152 35.18 15.62 51.11
N LEU H 153 35.30 14.30 51.21
CA LEU H 153 35.64 13.65 52.48
C LEU H 153 36.59 12.47 52.28
N ASP H 154 37.57 12.36 53.17
CA ASP H 154 38.55 11.27 53.10
C ASP H 154 38.08 10.10 53.95
N ALA H 155 37.51 9.09 53.30
CA ALA H 155 37.02 7.92 54.00
C ALA H 155 38.17 7.16 54.64
N PRO H 156 37.95 6.65 55.86
CA PRO H 156 38.95 5.88 56.62
C PRO H 156 39.37 4.62 55.91
N SER H 157 38.61 4.24 54.89
CA SER H 157 38.91 3.05 54.09
C SER H 157 38.08 3.07 52.82
N GLU H 158 37.04 2.26 52.79
CA GLU H 158 36.16 2.18 51.65
C GLU H 158 35.09 3.27 51.70
N ALA H 159 35.10 4.14 50.71
CA ALA H 159 34.13 5.23 50.63
C ALA H 159 32.72 4.66 50.68
N GLU H 160 32.38 3.82 49.71
CA GLU H 160 31.07 3.20 49.62
C GLU H 160 30.48 2.90 50.99
N ALA H 161 31.32 2.39 51.89
CA ALA H 161 30.86 2.07 53.24
C ALA H 161 30.57 3.36 53.97
N SER H 162 31.44 4.36 53.75
CA SER H 162 31.29 5.67 54.36
C SER H 162 30.03 6.32 53.84
N CYS H 163 29.86 6.28 52.52
CA CYS H 163 28.67 6.86 51.91
C CYS H 163 27.48 6.30 52.67
N ALA H 164 27.35 4.98 52.69
CA ALA H 164 26.26 4.36 53.43
C ALA H 164 26.22 4.97 54.83
N ALA H 165 27.38 4.99 55.48
CA ALA H 165 27.48 5.54 56.84
C ALA H 165 26.70 6.84 56.96
N LEU H 166 26.88 7.73 55.98
CA LEU H 166 26.19 9.00 55.97
C LEU H 166 24.71 8.78 55.78
N VAL H 167 24.34 8.31 54.61
CA VAL H 167 22.93 8.05 54.29
C VAL H 167 22.11 7.56 55.48
N LYS H 168 22.67 6.65 56.26
CA LYS H 168 21.97 6.10 57.43
C LYS H 168 22.21 6.98 58.66
N ALA H 169 22.28 8.29 58.44
CA ALA H 169 22.50 9.25 59.51
C ALA H 169 21.78 10.56 59.17
N GLY H 170 21.00 10.53 58.08
CA GLY H 170 20.26 11.70 57.65
C GLY H 170 21.13 12.80 57.06
N LYS H 171 22.44 12.62 57.13
CA LYS H 171 23.40 13.59 56.62
C LYS H 171 23.37 13.73 55.11
N VAL H 172 22.76 12.77 54.44
CA VAL H 172 22.66 12.81 52.98
C VAL H 172 21.46 11.96 52.57
N TYR H 173 20.97 12.14 51.35
CA TYR H 173 19.78 11.39 50.91
C TYR H 173 20.03 9.94 50.52
N ALA H 174 20.83 9.78 49.48
CA ALA H 174 21.18 8.47 48.98
C ALA H 174 22.68 8.46 48.69
N ALA H 175 23.19 7.28 48.33
CA ALA H 175 24.59 7.12 48.00
C ALA H 175 24.57 6.86 46.48
N ALA H 176 25.49 7.50 45.75
CA ALA H 176 25.53 7.29 44.31
C ALA H 176 26.81 6.59 43.83
N THR H 177 26.66 5.31 43.49
CA THR H 177 27.77 4.47 43.01
C THR H 177 27.18 3.59 41.94
N GLU H 178 27.98 2.70 41.40
CA GLU H 178 27.48 1.79 40.38
C GLU H 178 27.49 0.40 40.98
N ASP H 179 28.15 0.26 42.12
CA ASP H 179 28.23 -1.02 42.82
C ASP H 179 27.21 -1.14 43.94
N MET H 180 26.38 -2.17 43.84
CA MET H 180 25.35 -2.42 44.83
C MET H 180 25.87 -2.55 46.28
N ALA H 181 27.18 -2.62 46.44
CA ALA H 181 27.79 -2.74 47.76
C ALA H 181 27.03 -1.90 48.79
N CYS H 182 26.93 -0.60 48.53
CA CYS H 182 26.23 0.30 49.44
C CYS H 182 25.04 -0.32 50.12
N LEU H 183 24.26 -1.08 49.37
CA LEU H 183 23.08 -1.71 49.95
C LEU H 183 23.51 -2.72 51.01
N THR H 184 24.55 -3.46 50.71
CA THR H 184 25.06 -4.45 51.63
C THR H 184 25.50 -3.75 52.91
N PHE H 185 26.23 -2.64 52.76
CA PHE H 185 26.73 -1.87 53.89
C PHE H 185 25.65 -1.25 54.77
N GLY H 186 24.38 -1.50 54.43
CA GLY H 186 23.29 -0.97 55.22
C GLY H 186 22.67 0.33 54.75
N SER H 187 23.14 0.89 53.64
CA SER H 187 22.60 2.14 53.10
C SER H 187 21.13 1.98 52.68
N PRO H 188 20.25 2.89 53.14
CA PRO H 188 18.83 2.82 52.80
C PRO H 188 18.45 3.16 51.37
N VAL H 189 19.20 4.10 50.79
CA VAL H 189 18.91 4.52 49.43
C VAL H 189 20.20 4.57 48.61
N LEU H 190 20.17 3.93 47.43
CA LEU H 190 21.31 3.94 46.52
C LEU H 190 20.82 4.43 45.15
N MET H 191 21.54 5.39 44.56
CA MET H 191 21.16 5.95 43.25
C MET H 191 22.21 5.60 42.22
N ARG H 192 21.79 4.96 41.14
CA ARG H 192 22.73 4.59 40.09
C ARG H 192 22.55 5.40 38.82
N HIS H 193 23.66 5.70 38.16
CA HIS H 193 23.68 6.45 36.90
C HIS H 193 23.70 7.97 37.07
N LEU H 194 23.75 8.44 38.32
CA LEU H 194 23.77 9.89 38.58
C LEU H 194 25.03 10.56 38.06
N THR H 195 25.95 9.77 37.53
CA THR H 195 27.20 10.31 37.02
C THR H 195 27.36 9.99 35.56
N ALA H 196 26.29 9.50 34.94
CA ALA H 196 26.31 9.14 33.52
C ALA H 196 26.40 10.38 32.64
N SER H 197 26.82 10.16 31.40
CA SER H 197 26.96 11.26 30.44
C SER H 197 25.62 11.89 30.10
N GLU H 198 25.65 13.21 29.88
CA GLU H 198 24.47 13.97 29.52
C GLU H 198 23.81 13.30 28.32
N ALA H 199 24.64 12.71 27.46
CA ALA H 199 24.19 12.02 26.27
C ALA H 199 23.35 10.84 26.69
N LYS H 200 24.02 9.75 27.07
CA LYS H 200 23.34 8.53 27.51
C LYS H 200 22.15 8.98 28.32
N LYS H 201 21.00 9.05 27.66
CA LYS H 201 19.77 9.51 28.28
C LYS H 201 19.21 8.60 29.36
N LEU H 202 20.09 7.85 30.00
CA LEU H 202 19.71 6.94 31.06
C LEU H 202 19.19 7.67 32.30
N PRO H 203 18.03 7.25 32.82
CA PRO H 203 17.41 7.85 34.01
C PRO H 203 18.19 7.30 35.19
N ILE H 204 18.03 7.89 36.37
CA ILE H 204 18.76 7.35 37.51
C ILE H 204 17.94 6.17 38.09
N GLN H 205 18.64 5.17 38.60
CA GLN H 205 18.00 4.00 39.16
C GLN H 205 18.06 4.01 40.69
N GLU H 206 16.93 4.12 41.36
CA GLU H 206 16.94 4.14 42.82
C GLU H 206 16.69 2.76 43.41
N PHE H 207 17.26 2.53 44.59
CA PHE H 207 17.12 1.27 45.29
C PHE H 207 16.84 1.56 46.75
N HIS H 208 15.84 0.88 47.28
CA HIS H 208 15.48 1.05 48.68
C HIS H 208 15.75 -0.23 49.43
N LEU H 209 16.76 -0.17 50.29
CA LEU H 209 17.19 -1.28 51.11
C LEU H 209 16.02 -1.84 51.93
N SER H 210 15.31 -0.94 52.60
CA SER H 210 14.18 -1.29 53.47
C SER H 210 13.01 -1.92 52.71
N ARG H 211 13.10 -1.98 51.39
CA ARG H 211 12.05 -2.59 50.58
C ARG H 211 12.60 -3.95 50.15
N ILE H 212 13.90 -3.98 49.94
CA ILE H 212 14.59 -5.21 49.58
C ILE H 212 14.40 -6.13 50.78
N LEU H 213 14.88 -5.68 51.93
CA LEU H 213 14.76 -6.44 53.17
C LEU H 213 13.31 -6.89 53.33
N GLN H 214 12.39 -6.02 52.95
CA GLN H 214 10.96 -6.30 53.06
C GLN H 214 10.57 -7.59 52.34
N GLU H 215 10.74 -7.60 51.01
CA GLU H 215 10.39 -8.77 50.21
C GLU H 215 11.17 -10.03 50.60
N LEU H 216 12.49 -9.96 50.52
CA LEU H 216 13.32 -11.10 50.86
C LEU H 216 13.12 -11.58 52.29
N GLY H 217 12.19 -10.95 53.00
CA GLY H 217 11.91 -11.33 54.38
C GLY H 217 13.13 -11.66 55.22
N LEU H 218 14.13 -10.78 55.21
CA LEU H 218 15.34 -11.04 55.97
C LEU H 218 16.05 -9.77 56.44
N ASN H 219 16.55 -9.80 57.67
CA ASN H 219 17.26 -8.67 58.24
C ASN H 219 18.46 -8.31 57.36
N GLN H 220 19.05 -7.15 57.65
CA GLN H 220 20.22 -6.69 56.93
C GLN H 220 21.26 -7.79 56.90
N GLU H 221 21.64 -8.25 58.09
CA GLU H 221 22.63 -9.31 58.22
C GLU H 221 22.24 -10.48 57.33
N GLN H 222 21.00 -10.92 57.45
CA GLN H 222 20.52 -12.02 56.64
C GLN H 222 20.71 -11.69 55.15
N PHE H 223 20.61 -10.41 54.83
CA PHE H 223 20.80 -9.92 53.47
C PHE H 223 22.27 -9.99 53.14
N VAL H 224 23.12 -9.66 54.11
CA VAL H 224 24.57 -9.70 53.90
C VAL H 224 24.99 -11.07 53.36
N ASP H 225 24.66 -12.12 54.10
CA ASP H 225 25.02 -13.45 53.63
C ASP H 225 24.60 -13.67 52.18
N LEU H 226 23.40 -13.21 51.81
CA LEU H 226 22.93 -13.37 50.44
C LEU H 226 23.90 -12.76 49.46
N CYS H 227 24.32 -11.51 49.72
CA CYS H 227 25.25 -10.83 48.84
C CYS H 227 26.53 -11.63 48.69
N ILE H 228 27.00 -12.20 49.79
CA ILE H 228 28.23 -12.99 49.78
C ILE H 228 28.05 -14.19 48.86
N LEU H 229 27.02 -14.97 49.09
CA LEU H 229 26.76 -16.15 48.28
C LEU H 229 26.34 -15.76 46.87
N LEU H 230 26.10 -14.47 46.64
CA LEU H 230 25.71 -14.01 45.32
C LEU H 230 26.96 -13.67 44.52
N GLY H 231 28.02 -13.28 45.24
CA GLY H 231 29.26 -12.93 44.57
C GLY H 231 29.88 -11.66 45.09
N SER H 232 30.42 -11.71 46.30
CA SER H 232 31.06 -10.55 46.91
C SER H 232 32.44 -10.33 46.31
N ASP H 233 32.88 -9.08 46.33
CA ASP H 233 34.20 -8.76 45.80
C ASP H 233 35.22 -8.80 46.95
N TYR H 234 34.81 -9.36 48.07
CA TYR H 234 35.68 -9.48 49.24
C TYR H 234 36.14 -10.92 49.41
N CYS H 235 35.24 -11.87 49.18
CA CYS H 235 35.58 -13.28 49.29
C CYS H 235 34.89 -14.12 48.22
N GLU H 236 35.48 -15.27 47.93
CA GLU H 236 34.99 -16.22 46.94
C GLU H 236 33.60 -16.74 47.32
N SER H 237 32.68 -16.78 46.37
CA SER H 237 31.33 -17.26 46.65
C SER H 237 31.39 -18.77 46.65
N ILE H 238 30.23 -19.43 46.69
CA ILE H 238 30.20 -20.89 46.69
C ILE H 238 29.63 -21.45 45.38
N ARG H 239 30.52 -22.04 44.58
CA ARG H 239 30.16 -22.63 43.29
C ARG H 239 28.80 -23.30 43.26
N GLY H 240 28.34 -23.74 44.42
CA GLY H 240 27.05 -24.40 44.51
C GLY H 240 25.87 -23.53 44.11
N ILE H 241 25.28 -22.86 45.09
CA ILE H 241 24.11 -22.01 44.90
C ILE H 241 24.07 -21.03 43.72
N GLY H 242 22.88 -20.88 43.15
CA GLY H 242 22.71 -19.96 42.03
C GLY H 242 22.10 -18.67 42.53
N PRO H 243 21.99 -17.64 41.67
CA PRO H 243 21.42 -16.34 42.07
C PRO H 243 20.14 -16.51 42.87
N LYS H 244 19.12 -17.04 42.20
CA LYS H 244 17.82 -17.25 42.81
C LYS H 244 17.88 -18.32 43.89
N ARG H 245 18.72 -19.32 43.65
CA ARG H 245 18.88 -20.41 44.60
C ARG H 245 19.41 -19.89 45.92
N ALA H 246 20.49 -19.11 45.86
CA ALA H 246 21.13 -18.53 47.04
C ALA H 246 20.15 -17.80 47.95
N VAL H 247 19.14 -17.19 47.36
CA VAL H 247 18.14 -16.48 48.16
C VAL H 247 17.44 -17.49 49.05
N ASP H 248 16.64 -18.36 48.42
CA ASP H 248 15.87 -19.38 49.10
C ASP H 248 16.58 -19.98 50.32
N LEU H 249 17.79 -20.50 50.12
CA LEU H 249 18.53 -21.08 51.24
C LEU H 249 18.56 -20.12 52.41
N ILE H 250 19.02 -18.91 52.16
CA ILE H 250 19.09 -17.89 53.20
C ILE H 250 17.73 -17.66 53.86
N GLN H 251 16.66 -17.88 53.08
CA GLN H 251 15.31 -17.67 53.58
C GLN H 251 14.89 -18.59 54.71
N LYS H 252 15.40 -19.82 54.72
CA LYS H 252 15.05 -20.76 55.78
C LYS H 252 16.29 -21.19 56.55
N HIS H 253 17.36 -20.41 56.37
CA HIS H 253 18.65 -20.62 57.03
C HIS H 253 19.22 -19.21 57.16
N LYS H 254 18.89 -18.53 58.25
CA LYS H 254 19.33 -17.15 58.47
C LYS H 254 20.84 -16.96 58.59
N SER H 255 21.60 -17.72 57.81
CA SER H 255 23.06 -17.62 57.82
C SER H 255 23.69 -18.69 56.93
N ILE H 256 24.87 -18.40 56.41
CA ILE H 256 25.57 -19.36 55.58
C ILE H 256 26.07 -20.46 56.51
N GLU H 257 26.44 -20.06 57.73
CA GLU H 257 26.94 -21.00 58.73
C GLU H 257 25.98 -22.17 58.92
N GLU H 258 24.70 -21.91 58.68
CA GLU H 258 23.68 -22.95 58.81
C GLU H 258 23.40 -23.58 57.45
N ILE H 259 23.67 -22.82 56.39
CA ILE H 259 23.46 -23.30 55.04
C ILE H 259 24.50 -24.36 54.70
N VAL H 260 25.73 -24.14 55.16
CA VAL H 260 26.81 -25.09 54.90
C VAL H 260 26.57 -26.45 55.54
N ARG H 261 26.48 -26.46 56.86
CA ARG H 261 26.27 -27.72 57.57
C ARG H 261 25.11 -28.54 57.00
N ARG H 262 24.19 -27.90 56.30
CA ARG H 262 23.07 -28.63 55.70
C ARG H 262 23.59 -29.30 54.43
N LEU H 263 23.45 -28.66 53.27
CA LEU H 263 23.96 -29.24 52.02
C LEU H 263 25.44 -29.45 52.26
N ASP H 264 25.92 -30.68 52.07
CA ASP H 264 27.32 -30.97 52.32
C ASP H 264 28.03 -31.91 51.35
N PRO H 265 27.28 -32.58 50.45
CA PRO H 265 27.98 -33.48 49.52
C PRO H 265 29.12 -32.84 48.75
N ASN H 266 29.93 -33.69 48.12
CA ASN H 266 31.05 -33.21 47.31
C ASN H 266 30.44 -32.71 46.00
N LYS H 267 29.13 -32.47 46.05
CA LYS H 267 28.36 -31.97 44.90
C LYS H 267 28.15 -30.45 45.04
N TYR H 268 28.42 -29.94 46.25
CA TYR H 268 28.30 -28.52 46.56
C TYR H 268 29.31 -28.19 47.65
N PRO H 269 30.62 -28.28 47.31
CA PRO H 269 31.73 -28.00 48.24
C PRO H 269 31.88 -26.51 48.58
N VAL H 270 32.31 -26.24 49.80
CA VAL H 270 32.52 -24.86 50.25
C VAL H 270 33.96 -24.43 49.97
N PRO H 271 34.14 -23.22 49.42
CA PRO H 271 35.42 -22.62 49.07
C PRO H 271 36.64 -22.99 49.87
N GLU H 272 37.79 -22.68 49.29
CA GLU H 272 39.11 -22.92 49.86
C GLU H 272 39.22 -22.20 51.20
N ASN H 273 39.85 -21.03 51.17
CA ASN H 273 40.00 -20.20 52.36
C ASN H 273 38.78 -19.29 52.38
N TRP H 274 37.65 -19.84 52.81
CA TRP H 274 36.41 -19.08 52.85
C TRP H 274 36.30 -18.22 54.09
N LEU H 275 36.35 -16.91 53.88
CA LEU H 275 36.24 -15.96 54.98
C LEU H 275 34.79 -15.47 55.02
N HIS H 276 33.86 -16.40 54.80
CA HIS H 276 32.44 -16.06 54.80
C HIS H 276 32.09 -15.32 56.08
N LYS H 277 33.04 -15.28 57.00
CA LYS H 277 32.84 -14.61 58.28
C LYS H 277 33.41 -13.18 58.22
N GLU H 278 34.73 -13.07 58.09
CA GLU H 278 35.41 -11.78 58.03
C GLU H 278 34.61 -10.78 57.21
N ALA H 279 34.14 -11.22 56.06
CA ALA H 279 33.36 -10.40 55.14
C ALA H 279 32.05 -9.96 55.76
N HIS H 280 31.24 -10.94 56.15
CA HIS H 280 29.95 -10.67 56.78
C HIS H 280 30.10 -9.55 57.81
N GLN H 281 31.31 -9.41 58.35
CA GLN H 281 31.58 -8.39 59.35
C GLN H 281 31.74 -7.04 58.71
N LEU H 282 32.65 -6.94 57.75
CA LEU H 282 32.88 -5.69 57.04
C LEU H 282 31.57 -5.06 56.60
N PHE H 283 30.74 -5.82 55.90
CA PHE H 283 29.45 -5.32 55.41
C PHE H 283 28.62 -4.77 56.56
N LEU H 284 28.94 -5.20 57.78
CA LEU H 284 28.23 -4.74 58.96
C LEU H 284 28.91 -3.55 59.57
N GLU H 285 30.01 -3.77 60.27
CA GLU H 285 30.72 -2.66 60.88
C GLU H 285 31.97 -2.32 60.10
N PRO H 286 31.85 -1.45 59.08
CA PRO H 286 33.05 -1.12 58.31
C PRO H 286 33.90 -0.06 59.01
N GLU H 287 34.81 0.51 58.24
CA GLU H 287 35.70 1.56 58.70
C GLU H 287 35.21 2.82 58.00
N VAL H 288 34.51 3.65 58.76
CA VAL H 288 33.95 4.87 58.18
C VAL H 288 34.00 6.07 59.11
N LEU H 289 34.29 7.23 58.53
CA LEU H 289 34.35 8.48 59.28
C LEU H 289 32.97 8.74 59.86
N ASP H 290 32.91 9.05 61.15
CA ASP H 290 31.63 9.31 61.78
C ASP H 290 30.80 10.28 60.95
N PRO H 291 29.48 10.05 60.89
CA PRO H 291 28.62 10.94 60.11
C PRO H 291 28.66 12.37 60.64
N GLU H 292 28.27 12.55 61.90
CA GLU H 292 28.25 13.86 62.55
C GLU H 292 29.59 14.58 62.56
N SER H 293 30.68 13.83 62.44
CA SER H 293 32.03 14.40 62.46
C SER H 293 32.17 15.74 61.75
N VAL H 294 31.40 15.95 60.68
CA VAL H 294 31.49 17.19 59.93
C VAL H 294 30.17 17.60 59.24
N GLU H 295 30.10 18.86 58.84
CA GLU H 295 28.93 19.40 58.15
C GLU H 295 29.37 19.94 56.80
N LEU H 296 28.88 19.32 55.72
CA LEU H 296 29.24 19.74 54.36
C LEU H 296 28.55 21.05 54.01
N LYS H 297 29.28 21.96 53.36
CA LYS H 297 28.72 23.24 52.98
C LYS H 297 29.13 23.61 51.56
N TRP H 298 28.16 23.68 50.67
CA TRP H 298 28.40 24.02 49.27
C TRP H 298 28.72 25.51 49.15
N SER H 299 29.96 25.80 48.73
CA SER H 299 30.44 27.17 48.58
C SER H 299 30.17 27.70 47.19
N GLU H 300 30.55 28.95 47.00
CA GLU H 300 30.38 29.61 45.71
C GLU H 300 31.61 29.35 44.85
N PRO H 301 31.41 29.03 43.57
CA PRO H 301 32.53 28.76 42.66
C PRO H 301 33.36 30.01 42.38
N ASN H 302 34.67 29.85 42.36
CA ASN H 302 35.58 30.96 42.10
C ASN H 302 36.01 30.98 40.63
N GLU H 303 35.22 31.64 39.80
CA GLU H 303 35.47 31.75 38.35
C GLU H 303 36.93 31.85 37.94
N GLU H 304 37.60 32.94 38.33
CA GLU H 304 39.01 33.15 37.98
C GLU H 304 39.93 32.06 38.50
N GLU H 305 40.22 32.12 39.79
CA GLU H 305 41.10 31.14 40.44
C GLU H 305 41.00 29.76 39.83
N LEU H 306 39.79 29.37 39.44
CA LEU H 306 39.55 28.06 38.84
C LEU H 306 39.83 28.06 37.34
N ILE H 307 39.24 29.01 36.61
CA ILE H 307 39.44 29.10 35.17
C ILE H 307 40.89 29.40 34.86
N LYS H 308 41.61 29.84 35.89
CA LYS H 308 43.03 30.16 35.76
C LYS H 308 43.82 28.93 36.22
N PHE H 309 43.10 27.82 36.40
CA PHE H 309 43.66 26.56 36.81
C PHE H 309 42.98 25.45 36.02
N MET H 310 42.38 25.81 34.90
CA MET H 310 41.68 24.86 34.03
C MET H 310 42.01 25.14 32.57
N CYS H 311 41.27 26.06 31.95
CA CYS H 311 41.49 26.41 30.54
C CYS H 311 42.93 26.86 30.31
N GLY H 312 43.60 27.28 31.38
CA GLY H 312 44.97 27.72 31.25
C GLY H 312 45.94 26.60 31.56
N GLU H 313 46.09 26.30 32.85
CA GLU H 313 47.02 25.26 33.29
C GLU H 313 46.76 23.86 32.72
N LYS H 314 45.56 23.61 32.21
CA LYS H 314 45.25 22.29 31.65
C LYS H 314 44.69 22.37 30.23
N GLN H 315 44.73 23.58 29.66
CA GLN H 315 44.26 23.85 28.30
C GLN H 315 42.97 23.17 27.85
N PHE H 316 41.94 23.98 27.65
CA PHE H 316 40.65 23.49 27.18
C PHE H 316 39.74 24.66 26.84
N SER H 317 38.97 24.50 25.76
CA SER H 317 38.04 25.52 25.27
C SER H 317 37.55 26.48 26.36
N GLU H 318 38.02 27.71 26.31
CA GLU H 318 37.65 28.71 27.30
C GLU H 318 36.16 29.03 27.28
N GLU H 319 35.66 29.44 26.13
CA GLU H 319 34.25 29.79 25.99
C GLU H 319 33.33 28.91 26.84
N ARG H 320 33.56 27.60 26.81
CA ARG H 320 32.74 26.64 27.55
C ARG H 320 32.92 26.66 29.06
N ILE H 321 34.11 26.32 29.54
CA ILE H 321 34.39 26.29 30.98
C ILE H 321 34.06 27.61 31.66
N ARG H 322 33.73 28.63 30.87
CA ARG H 322 33.36 29.94 31.40
C ARG H 322 31.84 29.92 31.60
N SER H 323 31.11 29.60 30.53
CA SER H 323 29.66 29.51 30.60
C SER H 323 29.31 28.44 31.62
N GLY H 324 30.23 27.49 31.77
CA GLY H 324 30.03 26.43 32.73
C GLY H 324 30.04 26.99 34.13
N VAL H 325 31.18 27.52 34.56
CA VAL H 325 31.29 28.11 35.89
C VAL H 325 30.13 29.06 36.12
N LYS H 326 29.64 29.65 35.03
CA LYS H 326 28.51 30.56 35.10
C LYS H 326 27.26 29.81 35.54
N ARG H 327 26.97 28.72 34.84
CA ARG H 327 25.80 27.90 35.16
C ARG H 327 25.85 27.34 36.57
N LEU H 328 27.01 26.80 36.97
CA LEU H 328 27.16 26.27 38.31
C LEU H 328 26.78 27.34 39.33
N SER H 329 27.27 28.55 39.11
CA SER H 329 26.99 29.67 40.00
C SER H 329 25.49 30.00 40.07
N LYS H 330 24.78 29.75 38.97
CA LYS H 330 23.34 30.03 38.93
C LYS H 330 22.56 29.05 39.79
N SER H 331 22.72 27.76 39.52
CA SER H 331 22.03 26.72 40.26
C SER H 331 22.60 26.56 41.67
N ARG H 332 22.39 27.56 42.52
CA ARG H 332 22.88 27.52 43.89
C ARG H 332 21.80 27.10 44.89
N GLN H 333 21.40 25.83 44.85
CA GLN H 333 20.38 25.30 45.74
C GLN H 333 19.71 24.08 45.12
N GLY H 334 18.83 23.44 45.88
CA GLY H 334 18.12 22.27 45.40
C GLY H 334 16.95 21.87 46.27
N SER H 335 17.19 21.73 47.57
CA SER H 335 16.15 21.34 48.51
C SER H 335 14.85 22.09 48.25
N THR H 336 13.73 21.37 48.30
CA THR H 336 12.43 21.97 48.07
C THR H 336 11.29 21.03 48.48
N GLN H 337 10.07 21.54 48.43
CA GLN H 337 8.88 20.75 48.80
C GLN H 337 9.06 19.55 49.72
N GLY H 338 8.47 19.66 50.91
CA GLY H 338 8.51 18.67 51.85
C GLY H 338 7.56 17.51 51.63
N ARG H 339 7.75 16.44 52.39
CA ARG H 339 6.89 15.27 52.26
C ARG H 339 5.96 15.21 53.45
N LEU H 340 4.89 14.43 53.34
CA LEU H 340 3.97 14.32 54.46
C LEU H 340 4.68 13.53 55.56
N ASP H 341 5.53 12.61 55.15
CA ASP H 341 6.33 11.81 56.08
C ASP H 341 6.96 12.78 57.07
N ASP H 342 7.53 13.85 56.53
CA ASP H 342 8.20 14.89 57.31
C ASP H 342 7.38 15.39 58.51
N PHE H 343 6.08 15.08 58.53
CA PHE H 343 5.25 15.56 59.63
C PHE H 343 4.31 14.54 60.26
N PHE H 344 3.98 13.47 59.52
CA PHE H 344 3.04 12.45 60.06
C PHE H 344 3.69 11.06 60.02
N LYS H 345 3.63 10.35 61.15
CA LYS H 345 4.18 9.00 61.26
C LYS H 345 3.39 8.08 60.35
N VAL H 346 4.07 7.17 59.65
CA VAL H 346 3.37 6.26 58.76
C VAL H 346 2.65 5.16 59.54
N THR H 347 1.33 5.16 59.45
CA THR H 347 0.47 4.20 60.11
C THR H 347 0.64 2.73 59.66
N GLY H 348 0.77 2.51 58.36
CA GLY H 348 0.90 1.15 57.88
C GLY H 348 0.32 0.97 56.49
N SER H 349 -0.57 0.00 56.32
CA SER H 349 -1.16 -0.22 55.01
C SER H 349 -2.50 -0.93 55.08
N LEU H 350 -3.47 -0.36 54.39
CA LEU H 350 -4.82 -0.90 54.32
C LEU H 350 -4.82 -1.76 53.07
N SER H 351 -5.13 -3.05 53.20
CA SER H 351 -5.13 -3.90 52.03
C SER H 351 -6.52 -4.39 51.70
N SER H 352 -6.93 -4.21 50.45
CA SER H 352 -8.26 -4.62 50.02
C SER H 352 -8.52 -6.08 50.40
N ALA H 353 -9.75 -6.38 50.74
CA ALA H 353 -10.14 -7.72 51.13
C ALA H 353 -9.97 -8.66 49.94
N1 DOC I 25 25.81 7.00 -2.65
C2 DOC I 25 26.17 6.45 -1.33
N3 DOC I 25 25.73 5.09 -0.94
C4 DOC I 25 24.94 4.30 -1.85
C5 DOC I 25 24.57 4.85 -3.16
C6 DOC I 25 25.02 6.21 -3.57
O2 DOC I 25 26.81 7.10 -0.59
N4 DOC I 25 24.51 2.96 -1.47
C1' DOC I 25 26.19 8.23 -3.01
C2' DOC I 25 27.50 8.16 -3.76
C3' DOC I 25 27.29 8.72 -4.92
C4' DOC I 25 25.91 9.54 -4.80
O4' DOC I 25 25.18 8.81 -4.03
C5' DOC I 25 25.25 9.71 -6.17
O5' DOC I 25 24.15 8.83 -6.33
P DOC I 25 22.75 9.39 -6.99
OP1 DOC I 25 23.04 10.67 -7.76
OP2 DOC I 25 22.22 8.39 -7.97
ZN ZN K . -37.27 8.01 -18.45
FE1 SF4 L . -2.75 -18.70 -14.64
FE2 SF4 L . -2.59 -16.18 -15.74
FE3 SF4 L . -4.12 -18.04 -16.93
FE4 SF4 L . -1.39 -18.33 -16.99
S1 SF4 L . -2.64 -16.67 -17.95
S2 SF4 L . -2.90 -19.96 -16.54
S3 SF4 L . -0.87 -17.47 -14.95
S4 SF4 L . -4.43 -17.17 -14.85
PA TTP M . 29.70 5.52 -6.67
O1A TTP M . 28.37 4.84 -6.62
O2A TTP M . 29.69 6.51 -7.81
O3A TTP M . 30.87 4.38 -6.92
PB TTP M . 32.38 4.66 -7.56
O1B TTP M . 32.57 6.12 -7.87
O2B TTP M . 33.40 4.27 -6.53
O3B TTP M . 32.58 3.75 -8.91
PG TTP M . 31.99 4.11 -10.42
O1G TTP M . 32.17 5.57 -10.71
O2G TTP M . 32.76 3.34 -11.46
O3G TTP M . 30.54 3.70 -10.46
O5' TTP M . 29.95 6.34 -5.25
C5' TTP M . 31.08 7.16 -5.08
C4' TTP M . 31.60 7.02 -3.65
O4' TTP M . 30.61 6.73 -2.91
C3' TTP M . 32.59 5.71 -3.58
O3' TTP M . 34.01 6.07 -3.86
C2' TTP M . 32.49 5.27 -2.45
C1' TTP M . 31.09 5.74 -1.89
N1 TTP M . 30.28 4.67 -1.81
C2 TTP M . 30.38 3.78 -0.63
O2 TTP M . 31.14 4.03 0.22
N3 TTP M . 29.51 2.57 -0.52
C4 TTP M . 28.57 2.26 -1.58
O4 TTP M . 27.89 1.31 -1.49
C5 TTP M . 28.48 3.16 -2.75
C5M TTP M . 27.50 2.85 -3.88
C6 TTP M . 29.35 4.35 -2.85
#